data_1Y7Q
#
_entry.id   1Y7Q
#
_entity_poly.entity_id   1
_entity_poly.type   'polypeptide(L)'
_entity_poly.pdbx_seq_one_letter_code
;GSKNCPDPELCRQSFRRFCYQEVSGPQEALSQLRQLCRQWLQPELHTKEQILELLVMEQFLTILPEEIQARVRHRCLMSS
KEIVTLVEDFHRASKKPK
;
_entity_poly.pdbx_strand_id   A,B
#
# COMPACT_ATOMS: atom_id res chain seq x y z
N GLY A 1 26.05 1.75 -18.30
CA GLY A 1 25.73 0.44 -17.76
C GLY A 1 24.70 0.56 -16.62
N SER A 2 24.26 -0.59 -16.15
CA SER A 2 23.29 -0.64 -15.07
C SER A 2 22.95 -2.09 -14.73
N LYS A 3 22.99 -2.38 -13.43
CA LYS A 3 22.70 -3.71 -12.96
C LYS A 3 22.59 -3.70 -11.43
N ASN A 4 21.79 -4.62 -10.91
CA ASN A 4 21.60 -4.73 -9.47
C ASN A 4 21.09 -3.39 -8.93
N CYS A 5 20.61 -3.43 -7.70
CA CYS A 5 20.08 -2.23 -7.07
C CYS A 5 19.58 -2.62 -5.67
N PRO A 6 20.50 -2.50 -4.67
CA PRO A 6 20.15 -2.84 -3.30
C PRO A 6 19.28 -1.74 -2.67
N ASP A 7 18.01 -2.06 -2.51
CA ASP A 7 17.07 -1.12 -1.93
C ASP A 7 15.75 -1.85 -1.64
N PRO A 8 14.92 -1.22 -0.76
CA PRO A 8 13.64 -1.79 -0.40
C PRO A 8 12.62 -1.60 -1.52
N GLU A 9 12.10 -2.72 -2.00
CA GLU A 9 11.12 -2.70 -3.07
C GLU A 9 10.59 -4.11 -3.35
N LEU A 10 11.51 -5.06 -3.31
CA LEU A 10 11.15 -6.44 -3.56
C LEU A 10 10.37 -6.98 -2.36
N CYS A 11 10.94 -6.81 -1.18
CA CYS A 11 10.31 -7.28 0.03
C CYS A 11 9.00 -6.51 0.22
N ARG A 12 8.96 -5.32 -0.37
CA ARG A 12 7.78 -4.48 -0.28
C ARG A 12 6.62 -5.12 -1.04
N GLN A 13 6.83 -5.31 -2.34
CA GLN A 13 5.82 -5.92 -3.19
C GLN A 13 5.60 -7.37 -2.80
N SER A 14 6.61 -7.95 -2.16
CA SER A 14 6.53 -9.33 -1.72
C SER A 14 5.45 -9.49 -0.65
N PHE A 15 5.68 -8.81 0.47
CA PHE A 15 4.73 -8.87 1.57
C PHE A 15 3.42 -8.17 1.21
N ARG A 16 3.50 -7.31 0.20
CA ARG A 16 2.33 -6.57 -0.25
C ARG A 16 1.37 -7.51 -0.99
N ARG A 17 1.95 -8.51 -1.64
CA ARG A 17 1.16 -9.47 -2.39
C ARG A 17 1.40 -10.89 -1.84
N PHE A 18 1.53 -10.97 -0.53
CA PHE A 18 1.78 -12.25 0.11
C PHE A 18 0.68 -13.26 -0.24
N CYS A 19 -0.57 -12.81 -0.08
CA CYS A 19 -1.72 -13.65 -0.38
C CYS A 19 -1.66 -14.88 0.53
N TYR A 20 -2.75 -15.07 1.26
CA TYR A 20 -2.84 -16.20 2.18
C TYR A 20 -2.09 -17.42 1.63
N GLN A 21 -1.06 -17.82 2.37
CA GLN A 21 -0.26 -18.97 1.97
C GLN A 21 0.84 -19.23 3.00
N GLU A 22 1.92 -18.47 2.87
CA GLU A 22 3.04 -18.62 3.79
C GLU A 22 2.55 -19.10 5.16
N VAL A 23 1.73 -18.28 5.78
CA VAL A 23 1.19 -18.60 7.09
C VAL A 23 -0.20 -19.22 6.92
N SER A 24 -0.41 -20.32 7.62
CA SER A 24 -1.70 -21.01 7.56
C SER A 24 -2.52 -20.70 8.81
N GLY A 25 -2.16 -19.60 9.46
CA GLY A 25 -2.85 -19.17 10.66
C GLY A 25 -3.43 -17.77 10.49
N PRO A 26 -4.25 -17.36 11.50
CA PRO A 26 -4.88 -16.06 11.48
C PRO A 26 -3.87 -14.96 11.82
N GLN A 27 -3.55 -14.87 13.11
CA GLN A 27 -2.60 -13.88 13.57
C GLN A 27 -1.26 -14.04 12.86
N GLU A 28 -1.12 -15.17 12.18
CA GLU A 28 0.10 -15.46 11.45
C GLU A 28 0.15 -14.63 10.16
N ALA A 29 -1.02 -14.18 9.74
CA ALA A 29 -1.12 -13.37 8.53
C ALA A 29 -0.32 -12.09 8.71
N LEU A 30 -0.76 -11.28 9.66
CA LEU A 30 -0.08 -10.01 9.94
C LEU A 30 1.29 -10.30 10.56
N SER A 31 1.41 -11.50 11.10
CA SER A 31 2.66 -11.90 11.72
C SER A 31 3.82 -11.80 10.72
N GLN A 32 3.69 -12.57 9.65
CA GLN A 32 4.71 -12.57 8.61
C GLN A 32 4.75 -11.22 7.90
N LEU A 33 3.57 -10.71 7.60
CA LEU A 33 3.46 -9.42 6.93
C LEU A 33 4.05 -8.33 7.82
N ARG A 34 3.94 -8.56 9.12
CA ARG A 34 4.47 -7.61 10.10
C ARG A 34 5.99 -7.51 9.99
N GLN A 35 6.62 -8.68 9.89
CA GLN A 35 8.06 -8.74 9.78
C GLN A 35 8.53 -8.03 8.51
N LEU A 36 7.74 -8.19 7.45
CA LEU A 36 8.06 -7.57 6.17
C LEU A 36 7.75 -6.07 6.25
N CYS A 37 6.63 -5.76 6.89
CA CYS A 37 6.21 -4.38 7.03
C CYS A 37 7.35 -3.60 7.69
N ARG A 38 7.86 -4.16 8.77
CA ARG A 38 8.95 -3.53 9.50
C ARG A 38 10.20 -3.44 8.61
N GLN A 39 10.37 -4.46 7.79
CA GLN A 39 11.52 -4.50 6.89
C GLN A 39 11.23 -3.68 5.64
N TRP A 40 9.98 -3.26 5.51
CA TRP A 40 9.57 -2.47 4.36
C TRP A 40 10.08 -1.04 4.57
N LEU A 41 9.69 -0.46 5.70
CA LEU A 41 10.10 0.89 6.01
C LEU A 41 11.25 0.85 7.02
N GLN A 42 11.08 0.01 8.03
CA GLN A 42 12.10 -0.14 9.07
C GLN A 42 12.73 1.22 9.39
N PRO A 43 11.86 2.15 9.87
CA PRO A 43 12.32 3.48 10.22
C PRO A 43 13.10 3.47 11.54
N GLU A 44 14.29 4.02 11.49
CA GLU A 44 15.14 4.08 12.68
C GLU A 44 15.13 5.49 13.27
N LEU A 45 14.35 6.36 12.65
CA LEU A 45 14.26 7.74 13.09
C LEU A 45 13.32 8.51 12.15
N HIS A 46 13.39 8.14 10.88
CA HIS A 46 12.56 8.78 9.87
C HIS A 46 11.10 8.79 10.33
N THR A 47 10.60 10.00 10.57
CA THR A 47 9.22 10.15 11.01
C THR A 47 8.26 9.61 9.95
N LYS A 48 7.01 10.07 10.03
CA LYS A 48 6.00 9.64 9.10
C LYS A 48 6.31 10.23 7.71
N GLU A 49 7.34 11.05 7.67
CA GLU A 49 7.75 11.68 6.43
C GLU A 49 8.16 10.63 5.40
N GLN A 50 9.12 9.80 5.80
CA GLN A 50 9.60 8.74 4.92
C GLN A 50 8.48 7.73 4.64
N ILE A 51 7.78 7.36 5.70
CA ILE A 51 6.69 6.41 5.58
C ILE A 51 5.66 6.94 4.57
N LEU A 52 5.32 8.21 4.74
CA LEU A 52 4.35 8.83 3.85
C LEU A 52 4.80 8.66 2.40
N GLU A 53 6.07 8.95 2.17
CA GLU A 53 6.64 8.83 0.84
C GLU A 53 6.75 7.35 0.44
N LEU A 54 6.60 6.49 1.44
CA LEU A 54 6.67 5.06 1.21
C LEU A 54 5.41 4.61 0.48
N LEU A 55 4.28 4.74 1.15
CA LEU A 55 3.00 4.34 0.58
C LEU A 55 2.68 5.25 -0.60
N VAL A 56 3.08 6.52 -0.46
CA VAL A 56 2.84 7.49 -1.51
C VAL A 56 3.56 7.06 -2.79
N MET A 57 4.78 6.57 -2.61
CA MET A 57 5.59 6.13 -3.72
C MET A 57 4.96 4.90 -4.39
N GLU A 58 4.97 3.80 -3.66
CA GLU A 58 4.41 2.56 -4.16
C GLU A 58 3.13 2.83 -4.96
N GLN A 59 2.34 3.75 -4.44
CA GLN A 59 1.09 4.12 -5.08
C GLN A 59 1.35 5.12 -6.21
N PHE A 60 2.43 5.87 -6.05
CA PHE A 60 2.80 6.86 -7.05
C PHE A 60 2.87 6.23 -8.44
N LEU A 61 3.49 5.07 -8.50
CA LEU A 61 3.63 4.36 -9.77
C LEU A 61 2.42 3.46 -9.98
N THR A 62 1.90 2.94 -8.88
CA THR A 62 0.74 2.07 -8.92
C THR A 62 -0.38 2.72 -9.73
N ILE A 63 -0.46 4.04 -9.63
CA ILE A 63 -1.47 4.80 -10.35
C ILE A 63 -1.07 4.91 -11.82
N LEU A 64 0.23 5.01 -12.04
CA LEU A 64 0.74 5.14 -13.40
C LEU A 64 0.53 3.81 -14.14
N PRO A 65 0.58 3.89 -15.49
CA PRO A 65 0.39 2.72 -16.33
C PRO A 65 1.63 1.82 -16.29
N GLU A 66 1.71 0.94 -17.29
CA GLU A 66 2.83 0.02 -17.38
C GLU A 66 4.05 0.74 -17.97
N GLU A 67 3.87 2.02 -18.25
CA GLU A 67 4.94 2.83 -18.80
C GLU A 67 6.16 2.79 -17.88
N ILE A 68 5.92 3.13 -16.62
CA ILE A 68 6.99 3.13 -15.63
C ILE A 68 7.54 1.72 -15.46
N GLN A 69 6.65 0.75 -15.64
CA GLN A 69 7.03 -0.64 -15.51
C GLN A 69 7.89 -1.08 -16.70
N ALA A 70 7.74 -0.34 -17.79
CA ALA A 70 8.49 -0.64 -19.00
C ALA A 70 9.90 -0.05 -18.87
N ARG A 71 9.95 1.16 -18.34
CA ARG A 71 11.22 1.85 -18.16
C ARG A 71 12.06 1.15 -17.09
N VAL A 72 11.35 0.66 -16.07
CA VAL A 72 12.02 -0.04 -14.98
C VAL A 72 12.43 -1.44 -15.43
N ARG A 73 11.54 -2.06 -16.20
CA ARG A 73 11.78 -3.39 -16.71
C ARG A 73 13.07 -3.41 -17.53
N HIS A 74 13.19 -2.43 -18.41
CA HIS A 74 14.36 -2.33 -19.26
C HIS A 74 15.46 -1.54 -18.54
N ARG A 75 15.18 -1.22 -17.28
CA ARG A 75 16.12 -0.48 -16.47
C ARG A 75 16.31 0.93 -17.03
N CYS A 76 16.03 1.92 -16.19
CA CYS A 76 16.17 3.31 -16.59
C CYS A 76 15.78 4.18 -15.40
N LEU A 77 14.73 3.76 -14.71
CA LEU A 77 14.25 4.50 -13.56
C LEU A 77 15.41 4.73 -12.58
N MET A 78 15.22 5.71 -11.70
CA MET A 78 16.23 6.04 -10.72
C MET A 78 15.72 7.08 -9.72
N SER A 79 14.96 8.04 -10.26
CA SER A 79 14.41 9.09 -9.43
C SER A 79 12.89 9.18 -9.65
N SER A 80 12.17 9.21 -8.54
CA SER A 80 10.72 9.30 -8.59
C SER A 80 10.29 10.39 -9.58
N LYS A 81 10.97 11.53 -9.49
CA LYS A 81 10.68 12.65 -10.35
C LYS A 81 10.87 12.22 -11.81
N GLU A 82 11.90 11.42 -12.04
CA GLU A 82 12.20 10.93 -13.37
C GLU A 82 11.07 10.03 -13.87
N ILE A 83 10.64 9.13 -12.99
CA ILE A 83 9.56 8.21 -13.33
C ILE A 83 8.34 9.00 -13.78
N VAL A 84 7.81 9.79 -12.86
CA VAL A 84 6.64 10.60 -13.14
C VAL A 84 6.91 11.46 -14.38
N THR A 85 8.19 11.76 -14.58
CA THR A 85 8.59 12.57 -15.72
C THR A 85 8.23 11.87 -17.03
N LEU A 86 8.61 10.60 -17.11
CA LEU A 86 8.34 9.81 -18.29
C LEU A 86 6.82 9.69 -18.48
N VAL A 87 6.15 9.35 -17.38
CA VAL A 87 4.70 9.19 -17.42
C VAL A 87 4.07 10.51 -17.88
N GLU A 88 4.75 11.60 -17.59
CA GLU A 88 4.28 12.92 -17.97
C GLU A 88 4.39 13.11 -19.48
N ASP A 89 5.62 13.04 -19.96
CA ASP A 89 5.87 13.21 -21.39
C ASP A 89 5.17 12.09 -22.16
N PHE A 90 4.67 11.12 -21.41
CA PHE A 90 3.97 9.99 -22.01
C PHE A 90 2.49 10.32 -22.22
N HIS A 91 1.78 10.42 -21.12
CA HIS A 91 0.36 10.72 -21.16
C HIS A 91 0.16 12.18 -21.59
N ARG A 92 1.27 12.88 -21.71
CA ARG A 92 1.23 14.28 -22.10
C ARG A 92 1.80 14.44 -23.51
N ALA A 93 2.91 13.77 -23.76
CA ALA A 93 3.56 13.82 -25.05
C ALA A 93 3.42 12.47 -25.76
N SER A 94 4.20 12.30 -26.80
CA SER A 94 4.18 11.05 -27.57
C SER A 94 5.45 10.93 -28.42
N LYS A 95 6.55 10.64 -27.73
CA LYS A 95 7.83 10.50 -28.42
C LYS A 95 8.79 9.72 -27.52
N LYS A 96 9.97 9.46 -28.07
CA LYS A 96 10.99 8.73 -27.32
C LYS A 96 11.05 9.25 -25.89
N PRO A 97 10.81 8.32 -24.93
CA PRO A 97 10.83 8.67 -23.52
C PRO A 97 12.28 8.87 -23.03
N LYS A 98 12.62 10.12 -22.78
CA LYS A 98 13.95 10.45 -22.31
C LYS A 98 13.85 11.19 -20.97
N GLY B 1 -23.38 17.60 21.15
CA GLY B 1 -23.53 16.64 20.07
C GLY B 1 -22.40 15.60 20.12
N SER B 2 -22.79 14.35 20.23
CA SER B 2 -21.82 13.26 20.28
C SER B 2 -21.87 12.47 18.97
N LYS B 3 -21.01 12.89 18.04
CA LYS B 3 -20.93 12.23 16.75
C LYS B 3 -20.03 11.00 16.85
N ASN B 4 -20.00 10.23 15.78
CA ASN B 4 -19.17 9.03 15.73
C ASN B 4 -18.22 9.11 14.55
N CYS B 5 -18.78 9.45 13.39
CA CYS B 5 -18.00 9.57 12.19
C CYS B 5 -17.10 8.34 12.08
N PRO B 6 -17.72 7.21 11.62
CA PRO B 6 -16.98 5.97 11.46
C PRO B 6 -16.07 6.01 10.24
N ASP B 7 -14.79 5.79 10.48
CA ASP B 7 -13.81 5.81 9.40
C ASP B 7 -12.50 5.20 9.90
N PRO B 8 -12.42 3.85 9.79
CA PRO B 8 -11.24 3.12 10.23
C PRO B 8 -10.08 3.30 9.24
N GLU B 9 -10.33 2.85 8.01
CA GLU B 9 -9.32 2.96 6.96
C GLU B 9 -9.99 2.91 5.59
N LEU B 10 -11.00 3.76 5.43
CA LEU B 10 -11.73 3.81 4.18
C LEU B 10 -10.91 4.63 3.16
N CYS B 11 -10.57 5.85 3.56
CA CYS B 11 -9.81 6.73 2.70
C CYS B 11 -8.55 5.98 2.26
N ARG B 12 -8.16 5.00 3.07
CA ARG B 12 -6.97 4.20 2.77
C ARG B 12 -7.29 3.17 1.70
N GLN B 13 -8.25 2.31 2.01
CA GLN B 13 -8.65 1.26 1.08
C GLN B 13 -9.20 1.88 -0.21
N SER B 14 -9.42 3.20 -0.16
CA SER B 14 -9.94 3.92 -1.30
C SER B 14 -8.78 4.50 -2.12
N PHE B 15 -7.83 5.09 -1.42
CA PHE B 15 -6.68 5.69 -2.06
C PHE B 15 -5.89 4.64 -2.85
N ARG B 16 -5.78 3.46 -2.25
CA ARG B 16 -5.07 2.37 -2.89
C ARG B 16 -5.34 2.35 -4.39
N ARG B 17 -4.42 2.96 -5.14
CA ARG B 17 -4.55 3.01 -6.58
C ARG B 17 -5.48 4.16 -6.98
N PHE B 18 -5.20 5.34 -6.46
CA PHE B 18 -6.01 6.51 -6.76
C PHE B 18 -6.34 6.59 -8.24
N CYS B 19 -5.39 6.14 -9.06
CA CYS B 19 -5.57 6.15 -10.50
C CYS B 19 -4.99 7.45 -11.05
N TYR B 20 -3.99 7.31 -11.91
CA TYR B 20 -3.36 8.47 -12.51
C TYR B 20 -4.39 9.46 -13.02
N GLN B 21 -5.14 9.02 -14.02
CA GLN B 21 -6.16 9.87 -14.61
C GLN B 21 -5.66 11.31 -14.73
N GLU B 22 -4.35 11.44 -14.85
CA GLU B 22 -3.74 12.75 -14.98
C GLU B 22 -4.49 13.77 -14.13
N VAL B 23 -3.98 13.96 -12.91
CA VAL B 23 -4.60 14.91 -11.99
C VAL B 23 -4.11 16.32 -12.31
N SER B 24 -4.21 16.68 -13.57
CA SER B 24 -3.78 18.00 -14.02
C SER B 24 -2.31 17.95 -14.44
N GLY B 25 -1.57 17.04 -13.80
CA GLY B 25 -0.16 16.89 -14.10
C GLY B 25 0.40 15.62 -13.46
N PRO B 26 1.75 15.47 -13.55
CA PRO B 26 2.41 14.31 -12.98
C PRO B 26 2.51 14.44 -11.45
N GLN B 27 3.32 15.39 -11.01
CA GLN B 27 3.49 15.61 -9.59
C GLN B 27 2.14 15.60 -8.87
N GLU B 28 1.12 16.02 -9.60
CA GLU B 28 -0.23 16.05 -9.05
C GLU B 28 -0.62 14.68 -8.51
N ALA B 29 -0.02 13.65 -9.09
CA ALA B 29 -0.29 12.29 -8.67
C ALA B 29 -0.05 12.15 -7.17
N LEU B 30 1.21 12.39 -6.79
CA LEU B 30 1.59 12.30 -5.39
C LEU B 30 0.67 13.20 -4.55
N SER B 31 0.47 14.41 -5.07
CA SER B 31 -0.38 15.38 -4.39
C SER B 31 -1.59 14.66 -3.77
N GLN B 32 -2.33 13.99 -4.64
CA GLN B 32 -3.52 13.27 -4.19
C GLN B 32 -3.14 12.19 -3.18
N LEU B 33 -2.21 11.34 -3.59
CA LEU B 33 -1.75 10.26 -2.73
C LEU B 33 -1.26 10.85 -1.40
N ARG B 34 -0.14 11.56 -1.50
CA ARG B 34 0.44 12.18 -0.32
C ARG B 34 -0.65 12.65 0.64
N GLN B 35 -1.76 13.07 0.07
CA GLN B 35 -2.89 13.54 0.85
C GLN B 35 -3.55 12.37 1.59
N LEU B 36 -3.89 11.35 0.82
CA LEU B 36 -4.52 10.16 1.37
C LEU B 36 -3.52 9.45 2.28
N CYS B 37 -2.35 9.18 1.73
CA CYS B 37 -1.30 8.49 2.48
C CYS B 37 -1.07 9.26 3.79
N ARG B 38 -0.84 10.56 3.65
CA ARG B 38 -0.61 11.41 4.80
C ARG B 38 -1.67 11.14 5.87
N GLN B 39 -2.91 11.10 5.43
CA GLN B 39 -4.02 10.86 6.34
C GLN B 39 -4.16 9.36 6.62
N TRP B 40 -3.42 8.58 5.86
CA TRP B 40 -3.45 7.13 6.02
C TRP B 40 -2.77 6.78 7.34
N LEU B 41 -1.54 7.25 7.49
CA LEU B 41 -0.78 6.99 8.70
C LEU B 41 -0.95 8.17 9.67
N GLN B 42 -0.62 9.36 9.16
CA GLN B 42 -0.73 10.56 9.96
C GLN B 42 0.09 10.42 11.24
N PRO B 43 0.97 11.43 11.47
CA PRO B 43 1.82 11.44 12.65
C PRO B 43 1.02 11.81 13.90
N GLU B 44 1.42 11.24 15.02
CA GLU B 44 0.77 11.50 16.29
C GLU B 44 1.45 10.74 17.42
N LEU B 45 2.76 10.92 17.50
CA LEU B 45 3.55 10.25 18.53
C LEU B 45 3.56 8.75 18.26
N HIS B 46 3.03 8.38 17.10
CA HIS B 46 2.98 6.98 16.72
C HIS B 46 4.24 6.61 15.96
N THR B 47 5.17 5.99 16.68
CA THR B 47 6.43 5.59 16.08
C THR B 47 6.18 4.57 14.96
N LYS B 48 7.21 3.76 14.70
CA LYS B 48 7.11 2.75 13.67
C LYS B 48 6.06 1.72 14.05
N GLU B 49 5.53 1.89 15.26
CA GLU B 49 4.51 0.97 15.77
C GLU B 49 3.27 1.03 14.87
N GLN B 50 2.73 2.22 14.74
CA GLN B 50 1.53 2.43 13.92
C GLN B 50 1.87 2.22 12.45
N ILE B 51 3.00 2.77 12.04
CA ILE B 51 3.44 2.67 10.66
C ILE B 51 3.50 1.18 10.27
N LEU B 52 4.13 0.40 11.15
CA LEU B 52 4.27 -1.02 10.91
C LEU B 52 2.88 -1.65 10.79
N GLU B 53 2.13 -1.57 11.88
CA GLU B 53 0.79 -2.14 11.91
C GLU B 53 -0.04 -1.59 10.74
N LEU B 54 0.45 -0.49 10.18
CA LEU B 54 -0.23 0.14 9.06
C LEU B 54 -0.12 -0.75 7.83
N LEU B 55 1.11 -1.03 7.44
CA LEU B 55 1.36 -1.88 6.28
C LEU B 55 0.88 -3.30 6.59
N VAL B 56 0.99 -3.68 7.85
CA VAL B 56 0.57 -5.00 8.28
C VAL B 56 -0.90 -5.20 7.92
N MET B 57 -1.70 -4.20 8.25
CA MET B 57 -3.12 -4.25 7.98
C MET B 57 -3.40 -4.23 6.47
N GLU B 58 -3.11 -3.10 5.86
CA GLU B 58 -3.31 -2.94 4.43
C GLU B 58 -3.00 -4.25 3.70
N GLN B 59 -1.99 -4.94 4.20
CA GLN B 59 -1.58 -6.21 3.61
C GLN B 59 -2.52 -7.33 4.07
N PHE B 60 -2.70 -7.40 5.38
CA PHE B 60 -3.56 -8.41 5.96
C PHE B 60 -4.95 -8.41 5.30
N LEU B 61 -5.24 -7.30 4.64
CA LEU B 61 -6.52 -7.15 3.96
C LEU B 61 -6.36 -7.52 2.48
N THR B 62 -5.25 -7.09 1.91
CA THR B 62 -4.96 -7.36 0.51
C THR B 62 -4.69 -8.87 0.31
N ILE B 63 -4.30 -9.51 1.41
CA ILE B 63 -4.01 -10.93 1.36
C ILE B 63 -5.29 -11.72 1.64
N LEU B 64 -6.12 -11.16 2.50
CA LEU B 64 -7.38 -11.79 2.86
C LEU B 64 -8.45 -11.38 1.85
N PRO B 65 -9.44 -12.30 1.65
CA PRO B 65 -10.52 -12.04 0.72
C PRO B 65 -11.53 -11.04 1.31
N GLU B 66 -11.89 -10.07 0.49
CA GLU B 66 -12.84 -9.05 0.91
C GLU B 66 -13.88 -9.66 1.85
N GLU B 67 -14.22 -10.90 1.58
CA GLU B 67 -15.20 -11.61 2.39
C GLU B 67 -14.96 -11.34 3.88
N ILE B 68 -13.70 -11.10 4.21
CA ILE B 68 -13.32 -10.82 5.59
C ILE B 68 -13.79 -9.41 5.96
N GLN B 69 -13.42 -8.47 5.10
CA GLN B 69 -13.79 -7.08 5.33
C GLN B 69 -15.32 -6.92 5.33
N ALA B 70 -15.98 -7.94 4.79
CA ALA B 70 -17.43 -7.93 4.73
C ALA B 70 -18.00 -8.59 5.98
N ARG B 71 -17.42 -9.72 6.33
CA ARG B 71 -17.86 -10.47 7.50
C ARG B 71 -17.58 -9.66 8.78
N VAL B 72 -16.81 -8.59 8.61
CA VAL B 72 -16.47 -7.73 9.73
C VAL B 72 -17.27 -6.42 9.62
N ARG B 73 -17.05 -5.72 8.53
CA ARG B 73 -17.74 -4.46 8.29
C ARG B 73 -18.94 -4.68 7.38
N HIS B 74 -18.76 -5.59 6.43
CA HIS B 74 -19.82 -5.89 5.47
C HIS B 74 -19.73 -4.95 4.28
N ARG B 75 -18.61 -4.23 4.21
CA ARG B 75 -18.39 -3.30 3.12
C ARG B 75 -17.29 -2.30 3.51
N CYS B 76 -16.26 -2.82 4.15
CA CYS B 76 -15.15 -1.98 4.57
C CYS B 76 -14.37 -2.74 5.65
N LEU B 77 -13.44 -2.02 6.27
CA LEU B 77 -12.62 -2.61 7.32
C LEU B 77 -13.03 -2.03 8.67
N MET B 78 -12.64 -2.74 9.72
CA MET B 78 -12.96 -2.31 11.07
C MET B 78 -11.81 -2.61 12.03
N SER B 79 -11.73 -3.88 12.42
CA SER B 79 -10.68 -4.32 13.33
C SER B 79 -9.98 -5.56 12.77
N SER B 80 -8.65 -5.48 12.75
CA SER B 80 -7.86 -6.57 12.23
C SER B 80 -8.14 -7.85 13.03
N LYS B 81 -8.60 -7.65 14.26
CA LYS B 81 -8.93 -8.78 15.12
C LYS B 81 -10.21 -9.45 14.62
N GLU B 82 -11.19 -8.61 14.30
CA GLU B 82 -12.47 -9.11 13.82
C GLU B 82 -12.28 -9.84 12.48
N ILE B 83 -11.38 -9.29 11.67
CA ILE B 83 -11.10 -9.87 10.37
C ILE B 83 -10.52 -11.27 10.55
N VAL B 84 -9.32 -11.30 11.12
CA VAL B 84 -8.63 -12.56 11.35
C VAL B 84 -9.53 -13.47 12.19
N THR B 85 -10.49 -12.85 12.86
CA THR B 85 -11.42 -13.59 13.70
C THR B 85 -12.34 -14.47 12.83
N LEU B 86 -13.00 -13.83 11.90
CA LEU B 86 -13.90 -14.53 11.00
C LEU B 86 -13.13 -15.60 10.22
N VAL B 87 -11.91 -15.23 9.84
CA VAL B 87 -11.05 -16.14 9.10
C VAL B 87 -10.79 -17.39 9.94
N GLU B 88 -10.53 -17.15 11.22
CA GLU B 88 -10.25 -18.24 12.14
C GLU B 88 -11.47 -19.16 12.25
N ASP B 89 -12.65 -18.55 12.23
CA ASP B 89 -13.88 -19.31 12.32
C ASP B 89 -14.00 -20.23 11.11
N PHE B 90 -13.62 -19.70 9.96
CA PHE B 90 -13.68 -20.46 8.73
C PHE B 90 -12.64 -21.58 8.73
N HIS B 91 -11.52 -21.31 9.38
CA HIS B 91 -10.44 -22.29 9.46
C HIS B 91 -10.84 -23.40 10.43
N ARG B 92 -11.48 -22.99 11.51
CA ARG B 92 -11.92 -23.94 12.53
C ARG B 92 -12.52 -23.20 13.72
N ALA B 93 -13.70 -22.65 13.50
CA ALA B 93 -14.39 -21.91 14.55
C ALA B 93 -14.59 -22.83 15.76
N SER B 94 -15.43 -22.37 16.67
CA SER B 94 -15.73 -23.13 17.87
C SER B 94 -16.89 -22.49 18.63
N LYS B 95 -16.88 -21.16 18.66
CA LYS B 95 -17.93 -20.42 19.33
C LYS B 95 -18.31 -19.20 18.50
N LYS B 96 -19.60 -18.90 18.51
CA LYS B 96 -20.11 -17.76 17.76
C LYS B 96 -19.23 -16.54 18.04
N PRO B 97 -19.15 -15.64 17.02
CA PRO B 97 -18.36 -14.44 17.16
C PRO B 97 -19.07 -13.41 18.06
N LYS B 98 -18.27 -12.47 18.55
CA LYS B 98 -18.81 -11.44 19.43
C LYS B 98 -19.98 -10.74 18.73
N GLY A 1 27.71 4.80 -13.48
CA GLY A 1 27.53 3.53 -14.16
C GLY A 1 26.08 3.03 -14.01
N SER A 2 25.92 1.74 -14.22
CA SER A 2 24.60 1.13 -14.11
C SER A 2 24.28 0.85 -12.64
N LYS A 3 23.30 1.58 -12.14
CA LYS A 3 22.89 1.43 -10.75
C LYS A 3 21.42 1.84 -10.62
N ASN A 4 20.86 1.54 -9.44
CA ASN A 4 19.47 1.88 -9.17
C ASN A 4 19.21 1.76 -7.67
N CYS A 5 18.32 2.62 -7.19
CA CYS A 5 17.97 2.63 -5.78
C CYS A 5 17.83 1.18 -5.31
N PRO A 6 18.54 0.86 -4.20
CA PRO A 6 18.51 -0.48 -3.64
C PRO A 6 17.19 -0.72 -2.89
N ASP A 7 16.10 -0.60 -3.64
CA ASP A 7 14.78 -0.80 -3.05
C ASP A 7 13.78 -1.10 -4.18
N PRO A 8 13.72 -2.40 -4.57
CA PRO A 8 12.82 -2.83 -5.62
C PRO A 8 11.37 -2.88 -5.11
N GLU A 9 10.48 -3.27 -6.01
CA GLU A 9 9.07 -3.37 -5.67
C GLU A 9 8.62 -4.84 -5.76
N LEU A 10 9.58 -5.72 -5.83
CA LEU A 10 9.30 -7.15 -5.90
C LEU A 10 8.83 -7.65 -4.54
N CYS A 11 9.73 -7.55 -3.58
CA CYS A 11 9.43 -7.99 -2.22
C CYS A 11 8.15 -7.29 -1.76
N ARG A 12 7.98 -6.06 -2.24
CA ARG A 12 6.80 -5.29 -1.89
C ARG A 12 5.54 -5.98 -2.38
N GLN A 13 5.39 -6.06 -3.69
CA GLN A 13 4.24 -6.70 -4.29
C GLN A 13 4.16 -8.16 -3.86
N SER A 14 5.29 -8.66 -3.40
CA SER A 14 5.37 -10.05 -2.95
C SER A 14 4.50 -10.25 -1.71
N PHE A 15 4.75 -9.40 -0.72
CA PHE A 15 3.99 -9.47 0.53
C PHE A 15 2.66 -8.73 0.41
N ARG A 16 2.57 -7.92 -0.63
CA ARG A 16 1.35 -7.14 -0.87
C ARG A 16 0.29 -8.02 -1.53
N ARG A 17 0.76 -9.07 -2.20
CA ARG A 17 -0.14 -9.98 -2.87
C ARG A 17 -0.07 -11.37 -2.22
N PHE A 18 0.04 -11.36 -0.90
CA PHE A 18 0.12 -12.60 -0.15
C PHE A 18 -0.98 -13.56 -0.57
N CYS A 19 -2.21 -13.22 -0.18
CA CYS A 19 -3.35 -14.05 -0.52
C CYS A 19 -3.27 -15.34 0.30
N TYR A 20 -3.35 -15.17 1.62
CA TYR A 20 -3.29 -16.31 2.52
C TYR A 20 -2.36 -17.40 1.97
N GLN A 21 -2.65 -18.63 2.36
CA GLN A 21 -1.84 -19.76 1.91
C GLN A 21 -0.47 -19.74 2.58
N GLU A 22 0.26 -18.66 2.32
CA GLU A 22 1.59 -18.51 2.89
C GLU A 22 1.59 -18.91 4.36
N VAL A 23 0.85 -18.14 5.16
CA VAL A 23 0.75 -18.40 6.58
C VAL A 23 -0.40 -19.38 6.84
N SER A 24 -1.36 -19.38 5.92
CA SER A 24 -2.51 -20.25 6.04
C SER A 24 -2.99 -20.30 7.49
N GLY A 25 -2.70 -19.23 8.21
CA GLY A 25 -3.09 -19.13 9.61
C GLY A 25 -3.76 -17.78 9.90
N PRO A 26 -4.27 -17.65 11.16
CA PRO A 26 -4.93 -16.43 11.57
C PRO A 26 -3.92 -15.32 11.83
N GLN A 27 -3.46 -15.27 13.08
CA GLN A 27 -2.48 -14.27 13.48
C GLN A 27 -1.19 -14.42 12.65
N GLU A 28 -1.13 -15.52 11.92
CA GLU A 28 0.04 -15.80 11.09
C GLU A 28 0.02 -14.91 9.86
N ALA A 29 -1.15 -14.39 9.55
CA ALA A 29 -1.32 -13.52 8.40
C ALA A 29 -0.45 -12.27 8.58
N LEU A 30 -0.83 -11.46 9.54
CA LEU A 30 -0.11 -10.23 9.82
C LEU A 30 1.29 -10.58 10.34
N SER A 31 1.41 -11.81 10.83
CA SER A 31 2.68 -12.28 11.36
C SER A 31 3.77 -12.13 10.29
N GLN A 32 3.59 -12.87 9.20
CA GLN A 32 4.55 -12.83 8.11
C GLN A 32 4.58 -11.44 7.47
N LEU A 33 3.38 -10.90 7.26
CA LEU A 33 3.25 -9.58 6.66
C LEU A 33 3.87 -8.54 7.60
N ARG A 34 3.90 -8.89 8.88
CA ARG A 34 4.45 -7.99 9.88
C ARG A 34 5.96 -7.81 9.65
N GLN A 35 6.64 -8.94 9.48
CA GLN A 35 8.07 -8.92 9.26
C GLN A 35 8.39 -8.25 7.92
N LEU A 36 7.49 -8.44 6.96
CA LEU A 36 7.66 -7.87 5.65
C LEU A 36 7.43 -6.36 5.71
N CYS A 37 6.33 -5.98 6.35
CA CYS A 37 6.00 -4.58 6.49
C CYS A 37 7.20 -3.85 7.08
N ARG A 38 7.74 -4.43 8.15
CA ARG A 38 8.89 -3.84 8.82
C ARG A 38 10.07 -3.76 7.85
N GLN A 39 10.19 -4.80 7.03
CA GLN A 39 11.28 -4.86 6.07
C GLN A 39 10.95 -4.01 4.84
N TRP A 40 9.71 -3.54 4.80
CA TRP A 40 9.24 -2.72 3.70
C TRP A 40 9.76 -1.29 3.91
N LEU A 41 9.43 -0.75 5.08
CA LEU A 41 9.85 0.59 5.42
C LEU A 41 11.13 0.52 6.26
N GLN A 42 11.06 -0.24 7.34
CA GLN A 42 12.20 -0.41 8.23
C GLN A 42 12.97 0.91 8.34
N PRO A 43 12.27 1.95 8.88
CA PRO A 43 12.87 3.26 9.05
C PRO A 43 13.85 3.25 10.23
N GLU A 44 14.92 4.02 10.07
CA GLU A 44 15.93 4.12 11.11
C GLU A 44 15.95 5.53 11.69
N LEU A 45 15.13 6.40 11.12
CA LEU A 45 15.04 7.77 11.57
C LEU A 45 13.94 8.50 10.78
N HIS A 46 13.88 8.19 9.49
CA HIS A 46 12.90 8.80 8.63
C HIS A 46 11.52 8.68 9.26
N THR A 47 10.97 9.82 9.65
CA THR A 47 9.66 9.86 10.27
C THR A 47 8.60 9.32 9.31
N LYS A 48 7.36 9.70 9.57
CA LYS A 48 6.25 9.25 8.75
C LYS A 48 6.39 9.86 7.34
N GLU A 49 7.39 10.71 7.20
CA GLU A 49 7.65 11.37 5.93
C GLU A 49 8.01 10.33 4.86
N GLN A 50 8.98 9.49 5.19
CA GLN A 50 9.43 8.45 4.29
C GLN A 50 8.32 7.43 4.07
N ILE A 51 7.71 7.03 5.18
CA ILE A 51 6.64 6.05 5.12
C ILE A 51 5.55 6.54 4.16
N LEU A 52 5.07 7.75 4.43
CA LEU A 52 4.04 8.35 3.61
C LEU A 52 4.46 8.27 2.13
N GLU A 53 5.71 8.62 1.90
CA GLU A 53 6.24 8.59 0.54
C GLU A 53 6.50 7.15 0.10
N LEU A 54 6.38 6.24 1.05
CA LEU A 54 6.60 4.82 0.78
C LEU A 54 5.41 4.28 -0.02
N LEU A 55 4.24 4.36 0.60
CA LEU A 55 3.02 3.89 -0.03
C LEU A 55 2.68 4.79 -1.22
N VAL A 56 3.01 6.06 -1.07
CA VAL A 56 2.76 7.03 -2.11
C VAL A 56 3.58 6.67 -3.36
N MET A 57 4.82 6.28 -3.11
CA MET A 57 5.72 5.89 -4.19
C MET A 57 5.31 4.55 -4.79
N GLU A 58 5.56 3.49 -4.01
CA GLU A 58 5.23 2.16 -4.46
C GLU A 58 3.92 2.16 -5.24
N GLN A 59 2.99 3.00 -4.79
CA GLN A 59 1.70 3.11 -5.43
C GLN A 59 1.79 4.02 -6.66
N PHE A 60 2.51 5.12 -6.48
CA PHE A 60 2.68 6.08 -7.56
C PHE A 60 3.04 5.37 -8.87
N LEU A 61 3.87 4.36 -8.75
CA LEU A 61 4.29 3.60 -9.92
C LEU A 61 3.24 2.53 -10.23
N THR A 62 2.80 1.85 -9.17
CA THR A 62 1.80 0.81 -9.32
C THR A 62 0.74 1.24 -10.34
N ILE A 63 0.53 2.53 -10.44
CA ILE A 63 -0.44 3.08 -11.37
C ILE A 63 0.22 3.31 -12.73
N LEU A 64 1.47 3.73 -12.68
CA LEU A 64 2.23 3.99 -13.88
C LEU A 64 2.49 2.66 -14.61
N PRO A 65 2.62 2.78 -15.97
CA PRO A 65 2.86 1.61 -16.80
C PRO A 65 4.31 1.13 -16.65
N GLU A 66 4.73 0.37 -17.65
CA GLU A 66 6.09 -0.15 -17.66
C GLU A 66 7.07 0.90 -18.20
N GLU A 67 6.50 2.01 -18.65
CA GLU A 67 7.30 3.09 -19.21
C GLU A 67 8.40 3.48 -18.22
N ILE A 68 7.99 3.73 -16.98
CA ILE A 68 8.92 4.12 -15.94
C ILE A 68 9.97 3.00 -15.76
N GLN A 69 9.51 1.77 -15.94
CA GLN A 69 10.38 0.62 -15.80
C GLN A 69 11.44 0.62 -16.91
N ALA A 70 11.05 1.17 -18.05
CA ALA A 70 11.94 1.23 -19.20
C ALA A 70 13.02 2.28 -18.93
N ARG A 71 12.57 3.47 -18.56
CA ARG A 71 13.48 4.56 -18.27
C ARG A 71 14.31 4.25 -17.01
N VAL A 72 13.70 3.48 -16.13
CA VAL A 72 14.36 3.11 -14.88
C VAL A 72 15.50 2.14 -15.19
N ARG A 73 15.19 1.16 -16.03
CA ARG A 73 16.17 0.16 -16.41
C ARG A 73 17.36 0.82 -17.12
N HIS A 74 17.03 1.76 -18.00
CA HIS A 74 18.05 2.48 -18.74
C HIS A 74 18.95 3.24 -17.77
N ARG A 75 18.47 4.39 -17.33
CA ARG A 75 19.22 5.22 -16.41
C ARG A 75 18.55 6.59 -16.26
N CYS A 76 17.58 6.63 -15.34
CA CYS A 76 16.86 7.87 -15.09
C CYS A 76 16.28 7.80 -13.68
N LEU A 77 17.13 7.44 -12.74
CA LEU A 77 16.71 7.33 -11.34
C LEU A 77 17.33 8.48 -10.55
N MET A 78 16.49 9.45 -10.21
CA MET A 78 16.94 10.60 -9.44
C MET A 78 15.89 11.01 -8.41
N SER A 79 14.90 11.74 -8.88
CA SER A 79 13.82 12.20 -8.01
C SER A 79 12.46 11.82 -8.60
N SER A 80 11.54 11.49 -7.71
CA SER A 80 10.20 11.11 -8.14
C SER A 80 9.71 12.06 -9.23
N LYS A 81 10.25 13.27 -9.21
CA LYS A 81 9.87 14.28 -10.19
C LYS A 81 10.27 13.80 -11.58
N GLU A 82 11.50 13.32 -11.69
CA GLU A 82 12.00 12.82 -12.95
C GLU A 82 11.14 11.67 -13.46
N ILE A 83 10.78 10.79 -12.54
CA ILE A 83 9.95 9.64 -12.88
C ILE A 83 8.64 10.14 -13.51
N VAL A 84 7.80 10.72 -12.66
CA VAL A 84 6.52 11.23 -13.11
C VAL A 84 6.71 11.97 -14.44
N THR A 85 7.91 12.52 -14.62
CA THR A 85 8.22 13.24 -15.83
C THR A 85 8.23 12.30 -17.03
N LEU A 86 9.01 11.24 -16.91
CA LEU A 86 9.11 10.24 -17.96
C LEU A 86 7.70 9.75 -18.34
N VAL A 87 6.85 9.71 -17.32
CA VAL A 87 5.48 9.25 -17.53
C VAL A 87 4.75 10.26 -18.42
N GLU A 88 4.88 11.53 -18.05
CA GLU A 88 4.24 12.60 -18.79
C GLU A 88 4.86 12.73 -20.18
N ASP A 89 6.08 12.24 -20.29
CA ASP A 89 6.80 12.31 -21.55
C ASP A 89 6.25 11.24 -22.49
N PHE A 90 6.02 10.06 -21.93
CA PHE A 90 5.50 8.94 -22.71
C PHE A 90 4.02 9.16 -23.03
N HIS A 91 3.30 9.68 -22.04
CA HIS A 91 1.88 9.93 -22.20
C HIS A 91 1.67 11.00 -23.27
N ARG A 92 2.44 12.07 -23.15
CA ARG A 92 2.34 13.17 -24.10
C ARG A 92 3.32 14.29 -23.71
N ALA A 93 4.59 14.00 -23.85
CA ALA A 93 5.63 14.96 -23.52
C ALA A 93 5.27 16.31 -24.14
N SER A 94 5.95 17.35 -23.65
CA SER A 94 5.70 18.69 -24.13
C SER A 94 6.98 19.26 -24.76
N LYS A 95 8.07 19.14 -24.01
CA LYS A 95 9.36 19.64 -24.47
C LYS A 95 9.90 18.69 -25.54
N LYS A 96 11.03 19.08 -26.11
CA LYS A 96 11.67 18.28 -27.15
C LYS A 96 11.57 16.81 -26.77
N PRO A 97 10.63 16.10 -27.47
CA PRO A 97 10.44 14.68 -27.22
C PRO A 97 11.56 13.85 -27.83
N LYS A 98 11.93 12.79 -27.12
CA LYS A 98 12.99 11.91 -27.58
C LYS A 98 12.41 10.54 -27.92
N GLY B 1 -32.68 2.38 -2.99
CA GLY B 1 -31.38 2.74 -3.51
C GLY B 1 -30.77 3.90 -2.72
N SER B 2 -29.82 3.55 -1.86
CA SER B 2 -29.15 4.54 -1.04
C SER B 2 -28.15 3.85 -0.10
N LYS B 3 -26.93 4.36 -0.13
CA LYS B 3 -25.88 3.81 0.72
C LYS B 3 -24.70 4.79 0.78
N ASN B 4 -24.22 5.00 2.00
CA ASN B 4 -23.09 5.91 2.20
C ASN B 4 -22.80 6.01 3.70
N CYS B 5 -21.58 5.66 4.05
CA CYS B 5 -21.15 5.70 5.44
C CYS B 5 -19.63 5.56 5.49
N PRO B 6 -19.01 6.26 6.48
CA PRO B 6 -17.57 6.22 6.64
C PRO B 6 -17.13 4.89 7.25
N ASP B 7 -15.95 4.45 6.82
CA ASP B 7 -15.40 3.20 7.31
C ASP B 7 -13.89 3.36 7.54
N PRO B 8 -13.36 2.52 8.46
CA PRO B 8 -11.93 2.56 8.77
C PRO B 8 -11.10 1.93 7.65
N GLU B 9 -10.03 2.62 7.30
CA GLU B 9 -9.14 2.13 6.25
C GLU B 9 -9.87 2.14 4.90
N LEU B 10 -10.83 3.04 4.79
CA LEU B 10 -11.61 3.16 3.56
C LEU B 10 -10.80 3.97 2.54
N CYS B 11 -10.47 5.18 2.92
CA CYS B 11 -9.71 6.06 2.04
C CYS B 11 -8.46 5.30 1.56
N ARG B 12 -8.02 4.38 2.41
CA ARG B 12 -6.85 3.58 2.09
C ARG B 12 -7.22 2.44 1.14
N GLN B 13 -8.30 1.75 1.48
CA GLN B 13 -8.76 0.64 0.67
C GLN B 13 -9.24 1.15 -0.69
N SER B 14 -9.38 2.47 -0.79
CA SER B 14 -9.83 3.09 -2.01
C SER B 14 -8.63 3.53 -2.86
N PHE B 15 -7.79 4.34 -2.25
CA PHE B 15 -6.60 4.84 -2.93
C PHE B 15 -5.75 3.69 -3.47
N ARG B 16 -5.77 2.59 -2.73
CA ARG B 16 -5.02 1.41 -3.11
C ARG B 16 -5.18 1.14 -4.62
N ARG B 17 -4.25 1.69 -5.38
CA ARG B 17 -4.28 1.51 -6.83
C ARG B 17 -5.28 2.49 -7.46
N PHE B 18 -5.04 3.77 -7.23
CA PHE B 18 -5.90 4.80 -7.77
C PHE B 18 -5.96 4.73 -9.29
N CYS B 19 -4.95 4.10 -9.87
CA CYS B 19 -4.87 3.96 -11.31
C CYS B 19 -4.75 5.36 -11.92
N TYR B 20 -3.73 5.52 -12.75
CA TYR B 20 -3.50 6.78 -13.41
C TYR B 20 -4.69 7.20 -14.27
N GLN B 21 -5.67 7.81 -13.61
CA GLN B 21 -6.87 8.25 -14.29
C GLN B 21 -7.49 9.44 -13.56
N GLU B 22 -7.86 9.21 -12.31
CA GLU B 22 -8.46 10.24 -11.50
C GLU B 22 -7.80 11.59 -11.79
N VAL B 23 -6.49 11.62 -11.64
CA VAL B 23 -5.73 12.83 -11.88
C VAL B 23 -5.27 12.86 -13.34
N SER B 24 -5.64 13.92 -14.03
CA SER B 24 -5.27 14.08 -15.42
C SER B 24 -3.92 14.79 -15.53
N GLY B 25 -3.20 14.79 -14.43
CA GLY B 25 -1.89 15.44 -14.39
C GLY B 25 -0.79 14.41 -14.14
N PRO B 26 0.48 14.89 -14.29
CA PRO B 26 1.63 14.03 -14.09
C PRO B 26 1.86 13.76 -12.60
N GLN B 27 2.60 14.65 -11.97
CA GLN B 27 2.90 14.52 -10.56
C GLN B 27 1.61 14.40 -9.75
N GLU B 28 0.51 14.79 -10.38
CA GLU B 28 -0.78 14.73 -9.74
C GLU B 28 -1.08 13.30 -9.29
N ALA B 29 -0.32 12.37 -9.84
CA ALA B 29 -0.50 10.96 -9.50
C ALA B 29 -0.22 10.76 -8.02
N LEU B 30 0.99 11.12 -7.62
CA LEU B 30 1.40 10.99 -6.22
C LEU B 30 0.65 12.03 -5.38
N SER B 31 0.18 13.07 -6.06
CA SER B 31 -0.54 14.13 -5.39
C SER B 31 -1.76 13.56 -4.67
N GLN B 32 -2.60 12.89 -5.43
CA GLN B 32 -3.80 12.28 -4.87
C GLN B 32 -3.44 11.11 -3.96
N LEU B 33 -2.43 10.37 -4.37
CA LEU B 33 -1.97 9.22 -3.61
C LEU B 33 -1.37 9.70 -2.29
N ARG B 34 -0.69 10.84 -2.36
CA ARG B 34 -0.06 11.42 -1.19
C ARG B 34 -1.12 11.81 -0.15
N GLN B 35 -2.24 12.32 -0.65
CA GLN B 35 -3.33 12.72 0.21
C GLN B 35 -3.97 11.50 0.87
N LEU B 36 -4.22 10.48 0.06
CA LEU B 36 -4.82 9.26 0.55
C LEU B 36 -3.82 8.54 1.46
N CYS B 37 -2.57 8.56 1.03
CA CYS B 37 -1.51 7.91 1.79
C CYS B 37 -1.43 8.57 3.17
N ARG B 38 -1.10 9.85 3.15
CA ARG B 38 -0.98 10.61 4.39
C ARG B 38 -2.20 10.36 5.27
N GLN B 39 -3.34 10.23 4.62
CA GLN B 39 -4.60 10.00 5.34
C GLN B 39 -4.72 8.53 5.71
N TRP B 40 -3.93 7.70 5.04
CA TRP B 40 -3.94 6.27 5.30
C TRP B 40 -3.12 6.01 6.56
N LEU B 41 -1.89 6.50 6.54
CA LEU B 41 -0.99 6.33 7.67
C LEU B 41 -1.34 7.36 8.75
N GLN B 42 -1.21 8.62 8.38
CA GLN B 42 -1.50 9.70 9.30
C GLN B 42 -1.25 9.25 10.74
N PRO B 43 0.06 9.22 11.11
CA PRO B 43 0.44 8.82 12.46
C PRO B 43 0.14 9.93 13.46
N GLU B 44 0.82 9.84 14.60
CA GLU B 44 0.65 10.83 15.65
C GLU B 44 1.54 10.49 16.85
N LEU B 45 2.85 10.65 16.65
CA LEU B 45 3.80 10.36 17.70
C LEU B 45 4.04 8.86 17.78
N HIS B 46 3.45 8.14 16.82
CA HIS B 46 3.59 6.70 16.76
C HIS B 46 4.80 6.34 15.90
N THR B 47 5.72 5.62 16.51
CA THR B 47 6.93 5.19 15.81
C THR B 47 6.57 4.33 14.60
N LYS B 48 7.54 3.54 14.17
CA LYS B 48 7.34 2.67 13.03
C LYS B 48 6.39 1.53 13.41
N GLU B 49 6.01 1.53 14.69
CA GLU B 49 5.11 0.52 15.20
C GLU B 49 3.75 0.60 14.49
N GLN B 50 3.15 1.78 14.57
CA GLN B 50 1.87 2.01 13.94
C GLN B 50 1.97 1.84 12.43
N ILE B 51 3.09 2.30 11.88
CA ILE B 51 3.32 2.20 10.46
C ILE B 51 3.39 0.72 10.05
N LEU B 52 4.19 -0.02 10.80
CA LEU B 52 4.36 -1.44 10.53
C LEU B 52 2.98 -2.11 10.50
N GLU B 53 2.13 -1.69 11.42
CA GLU B 53 0.79 -2.23 11.51
C GLU B 53 -0.11 -1.64 10.42
N LEU B 54 0.34 -0.50 9.90
CA LEU B 54 -0.41 0.18 8.85
C LEU B 54 -0.38 -0.66 7.58
N LEU B 55 0.83 -1.03 7.18
CA LEU B 55 1.01 -1.84 5.98
C LEU B 55 0.48 -3.25 6.24
N VAL B 56 0.70 -3.72 7.46
CA VAL B 56 0.24 -5.04 7.85
C VAL B 56 -1.29 -5.08 7.81
N MET B 57 -1.89 -3.95 8.18
CA MET B 57 -3.33 -3.85 8.19
C MET B 57 -3.90 -3.94 6.78
N GLU B 58 -3.66 -2.89 6.00
CA GLU B 58 -4.13 -2.84 4.63
C GLU B 58 -3.75 -4.12 3.88
N GLN B 59 -2.66 -4.72 4.33
CA GLN B 59 -2.17 -5.95 3.71
C GLN B 59 -2.99 -7.15 4.22
N PHE B 60 -2.87 -7.39 5.52
CA PHE B 60 -3.58 -8.49 6.14
C PHE B 60 -5.02 -8.57 5.65
N LEU B 61 -5.52 -7.43 5.20
CA LEU B 61 -6.88 -7.35 4.71
C LEU B 61 -6.89 -7.76 3.23
N THR B 62 -5.93 -7.23 2.49
CA THR B 62 -5.82 -7.53 1.08
C THR B 62 -5.60 -9.03 0.86
N ILE B 63 -5.08 -9.67 1.89
CA ILE B 63 -4.82 -11.10 1.83
C ILE B 63 -6.11 -11.87 2.12
N LEU B 64 -6.93 -11.28 2.98
CA LEU B 64 -8.19 -11.89 3.34
C LEU B 64 -9.25 -11.55 2.29
N PRO B 65 -10.35 -12.36 2.28
CA PRO B 65 -11.43 -12.15 1.34
C PRO B 65 -12.28 -10.94 1.75
N GLU B 66 -13.50 -10.92 1.23
CA GLU B 66 -14.42 -9.85 1.53
C GLU B 66 -15.08 -10.08 2.89
N GLU B 67 -14.76 -11.22 3.48
CA GLU B 67 -15.31 -11.56 4.79
C GLU B 67 -15.04 -10.45 5.80
N ILE B 68 -13.76 -10.08 5.89
CA ILE B 68 -13.35 -9.04 6.81
C ILE B 68 -13.92 -7.70 6.34
N GLN B 69 -13.95 -7.54 5.02
CA GLN B 69 -14.46 -6.31 4.44
C GLN B 69 -15.93 -6.13 4.79
N ALA B 70 -16.59 -7.25 5.05
CA ALA B 70 -18.00 -7.23 5.40
C ALA B 70 -18.16 -6.88 6.89
N ARG B 71 -17.37 -7.57 7.70
CA ARG B 71 -17.41 -7.34 9.14
C ARG B 71 -16.87 -5.95 9.47
N VAL B 72 -16.01 -5.45 8.59
CA VAL B 72 -15.42 -4.14 8.78
C VAL B 72 -16.36 -3.08 8.20
N ARG B 73 -16.99 -3.43 7.09
CA ARG B 73 -17.91 -2.52 6.43
C ARG B 73 -19.06 -2.16 7.37
N HIS B 74 -19.59 -3.17 8.03
CA HIS B 74 -20.69 -2.98 8.96
C HIS B 74 -20.15 -2.83 10.38
N ARG B 75 -21.06 -2.76 11.33
CA ARG B 75 -20.68 -2.61 12.72
C ARG B 75 -19.80 -1.37 12.91
N CYS B 76 -19.32 -1.20 14.13
CA CYS B 76 -18.47 -0.07 14.46
C CYS B 76 -17.07 -0.59 14.79
N LEU B 77 -16.96 -1.18 15.97
CA LEU B 77 -15.68 -1.73 16.41
C LEU B 77 -15.21 -2.78 15.40
N MET B 78 -13.91 -3.00 15.41
CA MET B 78 -13.31 -3.98 14.50
C MET B 78 -11.78 -4.01 14.66
N SER B 79 -11.35 -4.60 15.77
CA SER B 79 -9.93 -4.70 16.05
C SER B 79 -9.28 -5.75 15.13
N SER B 80 -8.07 -5.45 14.70
CA SER B 80 -7.34 -6.35 13.83
C SER B 80 -7.50 -7.79 14.32
N LYS B 81 -7.20 -7.98 15.61
CA LYS B 81 -7.30 -9.30 16.20
C LYS B 81 -8.71 -9.86 15.97
N GLU B 82 -9.67 -8.95 15.91
CA GLU B 82 -11.05 -9.35 15.69
C GLU B 82 -11.23 -9.87 14.27
N ILE B 83 -10.48 -9.28 13.35
CA ILE B 83 -10.55 -9.67 11.95
C ILE B 83 -10.00 -11.09 11.80
N VAL B 84 -8.78 -11.27 12.27
CA VAL B 84 -8.12 -12.56 12.19
C VAL B 84 -9.01 -13.61 12.87
N THR B 85 -9.65 -13.19 13.95
CA THR B 85 -10.51 -14.08 14.70
C THR B 85 -11.69 -14.54 13.83
N LEU B 86 -12.29 -13.57 13.15
CA LEU B 86 -13.42 -13.86 12.28
C LEU B 86 -12.97 -14.84 11.18
N VAL B 87 -11.81 -14.55 10.62
CA VAL B 87 -11.27 -15.38 9.56
C VAL B 87 -11.16 -16.83 10.07
N GLU B 88 -10.76 -16.95 11.33
CA GLU B 88 -10.60 -18.25 11.94
C GLU B 88 -11.98 -18.87 12.21
N ASP B 89 -12.88 -18.04 12.71
CA ASP B 89 -14.23 -18.49 13.02
C ASP B 89 -14.93 -18.90 11.72
N PHE B 90 -14.46 -18.33 10.63
CA PHE B 90 -15.04 -18.63 9.32
C PHE B 90 -14.38 -19.86 8.70
N HIS B 91 -13.09 -20.00 8.95
CA HIS B 91 -12.34 -21.13 8.43
C HIS B 91 -12.56 -22.35 9.32
N ARG B 92 -13.13 -22.09 10.48
CA ARG B 92 -13.40 -23.16 11.44
C ARG B 92 -14.89 -23.49 11.45
N ALA B 93 -15.69 -22.49 11.80
CA ALA B 93 -17.13 -22.67 11.86
C ALA B 93 -17.47 -23.78 12.85
N SER B 94 -18.68 -23.70 13.39
CA SER B 94 -19.13 -24.69 14.34
C SER B 94 -20.55 -24.35 14.82
N LYS B 95 -21.41 -24.11 13.86
CA LYS B 95 -22.79 -23.76 14.15
C LYS B 95 -23.60 -23.70 12.85
N LYS B 96 -24.66 -22.90 12.88
CA LYS B 96 -25.51 -22.74 11.71
C LYS B 96 -26.69 -21.84 12.07
N PRO B 97 -27.46 -22.28 13.11
CA PRO B 97 -28.61 -21.53 13.55
C PRO B 97 -28.19 -20.29 14.35
N LYS B 98 -28.82 -19.18 14.03
CA LYS B 98 -28.52 -17.93 14.71
C LYS B 98 -29.50 -17.74 15.87
N GLY A 1 30.19 4.44 -2.86
CA GLY A 1 28.98 4.63 -2.09
C GLY A 1 27.92 3.58 -2.45
N SER A 2 27.54 2.82 -1.43
CA SER A 2 26.55 1.78 -1.62
C SER A 2 25.14 2.34 -1.35
N LYS A 3 24.15 1.58 -1.75
CA LYS A 3 22.77 1.98 -1.56
C LYS A 3 21.93 0.77 -1.14
N ASN A 4 20.96 1.02 -0.27
CA ASN A 4 20.09 -0.04 0.21
C ASN A 4 18.70 0.54 0.50
N CYS A 5 17.70 -0.32 0.37
CA CYS A 5 16.33 0.09 0.62
C CYS A 5 15.48 -1.17 0.84
N PRO A 6 14.92 -1.26 2.08
CA PRO A 6 14.09 -2.41 2.43
C PRO A 6 12.72 -2.32 1.77
N ASP A 7 12.33 -3.40 1.12
CA ASP A 7 11.04 -3.46 0.45
C ASP A 7 10.91 -2.25 -0.49
N PRO A 8 11.79 -2.23 -1.51
CA PRO A 8 11.79 -1.13 -2.48
C PRO A 8 10.60 -1.27 -3.45
N GLU A 9 10.33 -2.51 -3.84
CA GLU A 9 9.24 -2.78 -4.75
C GLU A 9 9.06 -4.30 -4.92
N LEU A 10 10.18 -4.98 -5.07
CA LEU A 10 10.15 -6.42 -5.23
C LEU A 10 9.76 -7.08 -3.90
N CYS A 11 10.52 -6.75 -2.88
CA CYS A 11 10.27 -7.29 -1.56
C CYS A 11 8.90 -6.79 -1.08
N ARG A 12 8.52 -5.64 -1.61
CA ARG A 12 7.24 -5.04 -1.25
C ARG A 12 6.08 -5.91 -1.75
N GLN A 13 6.16 -6.25 -3.03
CA GLN A 13 5.13 -7.07 -3.64
C GLN A 13 5.28 -8.53 -3.21
N SER A 14 6.51 -8.87 -2.81
CA SER A 14 6.80 -10.22 -2.37
C SER A 14 6.06 -10.52 -1.07
N PHE A 15 6.26 -9.66 -0.10
CA PHE A 15 5.60 -9.83 1.19
C PHE A 15 4.11 -9.50 1.11
N ARG A 16 3.82 -8.40 0.43
CA ARG A 16 2.44 -7.97 0.26
C ARG A 16 1.61 -9.09 -0.37
N ARG A 17 2.27 -9.84 -1.24
CA ARG A 17 1.60 -10.95 -1.92
C ARG A 17 1.76 -12.24 -1.12
N PHE A 18 1.96 -12.06 0.17
CA PHE A 18 2.13 -13.21 1.06
C PHE A 18 1.05 -14.27 0.80
N CYS A 19 -0.16 -13.78 0.57
CA CYS A 19 -1.27 -14.67 0.31
C CYS A 19 -1.08 -15.95 1.12
N TYR A 20 -1.34 -15.85 2.42
CA TYR A 20 -1.19 -16.99 3.30
C TYR A 20 -0.19 -18.00 2.74
N GLN A 21 0.96 -17.47 2.34
CA GLN A 21 2.01 -18.31 1.78
C GLN A 21 2.93 -18.82 2.90
N GLU A 22 3.84 -17.95 3.32
CA GLU A 22 4.78 -18.30 4.37
C GLU A 22 4.09 -19.15 5.44
N VAL A 23 3.30 -18.48 6.27
CA VAL A 23 2.58 -19.18 7.33
C VAL A 23 1.14 -19.43 6.88
N SER A 24 0.54 -20.44 7.49
CA SER A 24 -0.83 -20.80 7.16
C SER A 24 -1.72 -20.59 8.38
N GLY A 25 -1.16 -19.94 9.39
CA GLY A 25 -1.89 -19.67 10.61
C GLY A 25 -2.62 -18.33 10.53
N PRO A 26 -3.34 -17.98 11.64
CA PRO A 26 -4.08 -16.74 11.70
C PRO A 26 -3.14 -15.54 11.88
N GLN A 27 -2.88 -15.23 13.15
CA GLN A 27 -2.01 -14.12 13.47
C GLN A 27 -0.65 -14.29 12.79
N GLU A 28 -0.38 -15.52 12.39
CA GLU A 28 0.87 -15.83 11.71
C GLU A 28 1.02 -14.98 10.45
N ALA A 29 -0.11 -14.67 9.84
CA ALA A 29 -0.12 -13.87 8.63
C ALA A 29 0.50 -12.50 8.93
N LEU A 30 -0.04 -11.84 9.94
CA LEU A 30 0.44 -10.52 10.33
C LEU A 30 1.88 -10.66 10.85
N SER A 31 2.18 -11.85 11.35
CA SER A 31 3.51 -12.13 11.89
C SER A 31 4.57 -11.90 10.80
N GLN A 32 4.41 -12.62 9.70
CA GLN A 32 5.34 -12.51 8.59
C GLN A 32 5.30 -11.10 8.01
N LEU A 33 4.09 -10.61 7.81
CA LEU A 33 3.91 -9.28 7.26
C LEU A 33 4.48 -8.25 8.23
N ARG A 34 3.83 -8.13 9.38
CA ARG A 34 4.27 -7.19 10.40
C ARG A 34 5.79 -7.18 10.50
N GLN A 35 6.39 -8.32 10.16
CA GLN A 35 7.83 -8.45 10.20
C GLN A 35 8.47 -7.64 9.07
N LEU A 36 8.17 -8.04 7.85
CA LEU A 36 8.71 -7.37 6.68
C LEU A 36 8.21 -5.92 6.66
N CYS A 37 7.03 -5.72 7.24
CA CYS A 37 6.44 -4.40 7.30
C CYS A 37 7.31 -3.51 8.18
N ARG A 38 7.45 -3.93 9.43
CA ARG A 38 8.25 -3.19 10.38
C ARG A 38 9.61 -2.83 9.78
N GLN A 39 10.15 -3.78 9.01
CA GLN A 39 11.43 -3.58 8.37
C GLN A 39 11.25 -2.79 7.06
N TRP A 40 10.01 -2.71 6.62
CA TRP A 40 9.69 -1.99 5.40
C TRP A 40 9.95 -0.51 5.65
N LEU A 41 9.31 0.01 6.68
CA LEU A 41 9.46 1.41 7.03
C LEU A 41 10.44 1.54 8.20
N GLN A 42 10.15 0.79 9.25
CA GLN A 42 11.00 0.81 10.43
C GLN A 42 11.36 2.25 10.81
N PRO A 43 10.79 2.71 11.95
CA PRO A 43 11.04 4.06 12.43
C PRO A 43 12.44 4.17 13.04
N GLU A 44 13.43 3.78 12.25
CA GLU A 44 14.81 3.83 12.69
C GLU A 44 15.65 4.69 11.75
N LEU A 45 14.98 5.21 10.72
CA LEU A 45 15.65 6.03 9.74
C LEU A 45 14.60 6.63 8.80
N HIS A 46 13.68 5.79 8.36
CA HIS A 46 12.63 6.22 7.46
C HIS A 46 11.51 6.89 8.26
N THR A 47 11.61 8.21 8.37
CA THR A 47 10.62 8.97 9.11
C THR A 47 9.40 9.23 8.23
N LYS A 48 8.46 9.98 8.79
CA LYS A 48 7.23 10.32 8.07
C LYS A 48 7.58 10.71 6.64
N GLU A 49 8.82 11.16 6.46
CA GLU A 49 9.30 11.56 5.15
C GLU A 49 9.23 10.39 4.18
N GLN A 50 9.93 9.33 4.54
CA GLN A 50 9.97 8.13 3.70
C GLN A 50 8.62 7.42 3.75
N ILE A 51 8.06 7.34 4.95
CA ILE A 51 6.79 6.68 5.15
C ILE A 51 5.73 7.33 4.24
N LEU A 52 5.65 8.65 4.34
CA LEU A 52 4.70 9.40 3.54
C LEU A 52 4.91 9.07 2.06
N GLU A 53 6.15 9.22 1.63
CA GLU A 53 6.50 8.93 0.24
C GLU A 53 6.30 7.45 -0.06
N LEU A 54 6.13 6.68 1.01
CA LEU A 54 5.94 5.24 0.87
C LEU A 54 4.59 4.98 0.19
N LEU A 55 3.53 5.38 0.88
CA LEU A 55 2.18 5.19 0.36
C LEU A 55 2.02 6.02 -0.92
N VAL A 56 2.60 7.20 -0.90
CA VAL A 56 2.53 8.10 -2.04
C VAL A 56 3.03 7.35 -3.29
N MET A 57 4.14 6.64 -3.10
CA MET A 57 4.73 5.89 -4.19
C MET A 57 3.79 4.78 -4.67
N GLU A 58 3.58 3.81 -3.78
CA GLU A 58 2.72 2.68 -4.10
C GLU A 58 1.49 3.16 -4.87
N GLN A 59 1.01 4.33 -4.50
CA GLN A 59 -0.15 4.91 -5.15
C GLN A 59 0.22 5.47 -6.52
N PHE A 60 1.23 6.33 -6.52
CA PHE A 60 1.70 6.94 -7.76
C PHE A 60 1.78 5.90 -8.87
N LEU A 61 2.07 4.68 -8.49
CA LEU A 61 2.19 3.58 -9.44
C LEU A 61 0.79 3.06 -9.78
N THR A 62 -0.02 2.92 -8.74
CA THR A 62 -1.38 2.43 -8.91
C THR A 62 -2.20 3.42 -9.73
N ILE A 63 -1.76 4.68 -9.71
CA ILE A 63 -2.45 5.72 -10.44
C ILE A 63 -1.83 5.86 -11.83
N LEU A 64 -0.50 5.79 -11.86
CA LEU A 64 0.23 5.91 -13.11
C LEU A 64 -0.25 4.82 -14.07
N PRO A 65 0.07 5.02 -15.38
CA PRO A 65 -0.31 4.07 -16.41
C PRO A 65 0.55 2.80 -16.34
N GLU A 66 0.55 2.07 -17.45
CA GLU A 66 1.32 0.85 -17.53
C GLU A 66 2.77 1.15 -17.94
N GLU A 67 2.97 2.39 -18.36
CA GLU A 67 4.29 2.83 -18.78
C GLU A 67 5.34 2.47 -17.72
N ILE A 68 4.96 2.70 -16.46
CA ILE A 68 5.84 2.40 -15.36
C ILE A 68 6.09 0.89 -15.28
N GLN A 69 5.02 0.14 -15.52
CA GLN A 69 5.09 -1.31 -15.49
C GLN A 69 6.09 -1.81 -16.54
N ALA A 70 6.24 -1.01 -17.59
CA ALA A 70 7.15 -1.37 -18.66
C ALA A 70 8.58 -1.01 -18.25
N ARG A 71 8.71 0.15 -17.61
CA ARG A 71 10.00 0.61 -17.16
C ARG A 71 10.58 -0.34 -16.12
N VAL A 72 9.70 -0.82 -15.24
CA VAL A 72 10.11 -1.74 -14.20
C VAL A 72 10.43 -3.10 -14.82
N ARG A 73 9.53 -3.53 -15.70
CA ARG A 73 9.69 -4.81 -16.36
C ARG A 73 11.09 -4.92 -16.97
N HIS A 74 11.49 -3.87 -17.65
CA HIS A 74 12.80 -3.83 -18.28
C HIS A 74 13.87 -3.54 -17.22
N ARG A 75 14.09 -2.26 -16.99
CA ARG A 75 15.08 -1.84 -16.01
C ARG A 75 15.39 -0.35 -16.17
N CYS A 76 15.28 0.37 -15.07
CA CYS A 76 15.53 1.80 -15.07
C CYS A 76 14.91 2.41 -13.81
N LEU A 77 15.16 1.74 -12.69
CA LEU A 77 14.63 2.20 -11.41
C LEU A 77 15.76 2.84 -10.60
N MET A 78 15.37 3.79 -9.77
CA MET A 78 16.34 4.47 -8.92
C MET A 78 15.68 5.63 -8.16
N SER A 79 15.09 6.54 -8.93
CA SER A 79 14.43 7.69 -8.35
C SER A 79 13.00 7.80 -8.89
N SER A 80 12.11 8.28 -8.03
CA SER A 80 10.71 8.45 -8.42
C SER A 80 10.58 9.55 -9.47
N LYS A 81 11.46 10.53 -9.37
CA LYS A 81 11.46 11.64 -10.30
C LYS A 81 11.56 11.10 -11.73
N GLU A 82 12.22 9.96 -11.86
CA GLU A 82 12.40 9.33 -13.15
C GLU A 82 11.05 8.84 -13.69
N ILE A 83 10.40 8.00 -12.89
CA ILE A 83 9.10 7.46 -13.28
C ILE A 83 8.19 8.60 -13.73
N VAL A 84 8.08 9.60 -12.87
CA VAL A 84 7.25 10.75 -13.18
C VAL A 84 7.70 11.38 -14.49
N THR A 85 9.02 11.41 -14.67
CA THR A 85 9.60 11.98 -15.88
C THR A 85 9.14 11.19 -17.11
N LEU A 86 9.21 9.87 -16.99
CA LEU A 86 8.81 9.00 -18.08
C LEU A 86 7.36 9.30 -18.46
N VAL A 87 6.52 9.38 -17.43
CA VAL A 87 5.11 9.66 -17.63
C VAL A 87 4.96 10.97 -18.40
N GLU A 88 5.73 11.96 -17.99
CA GLU A 88 5.70 13.26 -18.63
C GLU A 88 6.32 13.19 -20.02
N ASP A 89 7.10 12.13 -20.24
CA ASP A 89 7.74 11.94 -21.52
C ASP A 89 6.74 11.35 -22.51
N PHE A 90 5.98 10.38 -22.04
CA PHE A 90 4.98 9.72 -22.87
C PHE A 90 3.77 10.62 -23.06
N HIS A 91 3.54 11.48 -22.09
CA HIS A 91 2.42 12.40 -22.13
C HIS A 91 2.77 13.58 -23.04
N ARG A 92 3.98 14.09 -22.87
CA ARG A 92 4.44 15.21 -23.66
C ARG A 92 5.87 15.60 -23.25
N ALA A 93 6.79 14.69 -23.51
CA ALA A 93 8.18 14.91 -23.18
C ALA A 93 8.58 16.33 -23.60
N SER A 94 9.13 17.07 -22.66
CA SER A 94 9.56 18.44 -22.92
C SER A 94 10.52 18.90 -21.83
N LYS A 95 11.30 17.97 -21.33
CA LYS A 95 12.26 18.27 -20.28
C LYS A 95 11.52 18.65 -19.01
N LYS A 96 12.13 18.34 -17.88
CA LYS A 96 11.53 18.63 -16.59
C LYS A 96 12.64 18.88 -15.56
N PRO A 97 12.30 19.71 -14.53
CA PRO A 97 13.26 20.03 -13.49
C PRO A 97 13.45 18.85 -12.53
N LYS A 98 14.59 18.84 -11.87
CA LYS A 98 14.91 17.78 -10.93
C LYS A 98 13.66 17.47 -10.08
N GLY B 1 -30.60 4.49 -4.32
CA GLY B 1 -29.14 4.57 -4.28
C GLY B 1 -28.64 4.65 -2.84
N SER B 2 -27.31 4.61 -2.72
CA SER B 2 -26.70 4.68 -1.40
C SER B 2 -25.63 5.78 -1.39
N LYS B 3 -25.16 6.08 -0.19
CA LYS B 3 -24.14 7.11 -0.02
C LYS B 3 -23.18 6.70 1.09
N ASN B 4 -21.90 6.91 0.83
CA ASN B 4 -20.87 6.57 1.81
C ASN B 4 -20.65 7.74 2.75
N CYS B 5 -19.91 7.48 3.82
CA CYS B 5 -19.62 8.51 4.80
C CYS B 5 -19.03 7.83 6.04
N PRO B 6 -19.78 6.83 6.57
CA PRO B 6 -19.34 6.10 7.74
C PRO B 6 -18.24 5.12 7.40
N ASP B 7 -17.05 5.40 7.91
CA ASP B 7 -15.90 4.55 7.66
C ASP B 7 -14.62 5.31 8.02
N PRO B 8 -13.91 4.78 9.05
CA PRO B 8 -12.67 5.40 9.50
C PRO B 8 -11.53 5.10 8.53
N GLU B 9 -11.74 5.48 7.27
CA GLU B 9 -10.75 5.27 6.25
C GLU B 9 -11.35 5.55 4.86
N LEU B 10 -12.10 6.63 4.79
CA LEU B 10 -12.74 7.02 3.54
C LEU B 10 -11.70 7.73 2.64
N CYS B 11 -11.10 8.77 3.20
CA CYS B 11 -10.09 9.52 2.47
C CYS B 11 -8.99 8.57 2.03
N ARG B 12 -8.85 7.49 2.80
CA ARG B 12 -7.83 6.50 2.51
C ARG B 12 -8.26 5.63 1.32
N GLN B 13 -9.42 5.02 1.46
CA GLN B 13 -9.95 4.16 0.41
C GLN B 13 -10.31 5.00 -0.82
N SER B 14 -10.30 6.32 -0.62
CA SER B 14 -10.62 7.23 -1.71
C SER B 14 -9.35 7.53 -2.52
N PHE B 15 -8.35 8.06 -1.83
CA PHE B 15 -7.09 8.40 -2.47
C PHE B 15 -6.42 7.15 -3.05
N ARG B 16 -6.70 6.02 -2.42
CA ARG B 16 -6.13 4.76 -2.86
C ARG B 16 -6.45 4.52 -4.33
N ARG B 17 -5.59 5.05 -5.19
CA ARG B 17 -5.78 4.89 -6.62
C ARG B 17 -6.74 5.96 -7.16
N PHE B 18 -6.29 7.21 -7.06
CA PHE B 18 -7.09 8.33 -7.52
C PHE B 18 -7.19 8.34 -9.05
N CYS B 19 -6.42 7.46 -9.67
CA CYS B 19 -6.41 7.35 -11.12
C CYS B 19 -5.92 8.69 -11.69
N TYR B 20 -4.92 8.59 -12.54
CA TYR B 20 -4.35 9.78 -13.18
C TYR B 20 -5.42 10.54 -13.94
N GLN B 21 -5.86 11.65 -13.34
CA GLN B 21 -6.88 12.48 -13.95
C GLN B 21 -7.13 13.72 -13.11
N GLU B 22 -7.06 13.54 -11.80
CA GLU B 22 -7.27 14.64 -10.88
C GLU B 22 -6.16 15.68 -11.02
N VAL B 23 -4.94 15.22 -10.83
CA VAL B 23 -3.78 16.09 -10.94
C VAL B 23 -3.44 16.31 -12.42
N SER B 24 -3.32 15.19 -13.13
CA SER B 24 -3.00 15.25 -14.54
C SER B 24 -1.49 15.44 -14.73
N GLY B 25 -0.98 16.48 -14.08
CA GLY B 25 0.43 16.79 -14.16
C GLY B 25 1.29 15.57 -13.80
N PRO B 26 2.62 15.73 -14.00
CA PRO B 26 3.56 14.66 -13.70
C PRO B 26 3.75 14.52 -12.19
N GLN B 27 4.54 15.43 -11.64
CA GLN B 27 4.82 15.41 -10.22
C GLN B 27 3.55 15.70 -9.42
N GLU B 28 2.50 16.07 -10.15
CA GLU B 28 1.23 16.38 -9.53
C GLU B 28 0.58 15.10 -8.98
N ALA B 29 1.09 13.97 -9.46
CA ALA B 29 0.57 12.69 -9.03
C ALA B 29 0.87 12.49 -7.55
N LEU B 30 2.16 12.32 -7.26
CA LEU B 30 2.59 12.12 -5.88
C LEU B 30 2.25 13.37 -5.05
N SER B 31 2.06 14.47 -5.76
CA SER B 31 1.73 15.73 -5.11
C SER B 31 0.43 15.57 -4.31
N GLN B 32 -0.64 15.23 -5.03
CA GLN B 32 -1.94 15.04 -4.40
C GLN B 32 -1.90 13.85 -3.45
N LEU B 33 -1.23 12.80 -3.89
CA LEU B 33 -1.12 11.60 -3.08
C LEU B 33 -0.26 11.88 -1.85
N ARG B 34 0.61 12.87 -2.00
CA ARG B 34 1.49 13.26 -0.90
C ARG B 34 0.68 13.89 0.22
N GLN B 35 -0.26 14.75 -0.17
CA GLN B 35 -1.10 15.43 0.80
C GLN B 35 -2.03 14.43 1.49
N LEU B 36 -2.63 13.58 0.68
CA LEU B 36 -3.54 12.56 1.19
C LEU B 36 -2.76 11.56 2.04
N CYS B 37 -1.60 11.19 1.54
CA CYS B 37 -0.75 10.24 2.24
C CYS B 37 -0.42 10.82 3.62
N ARG B 38 0.15 12.01 3.60
CA ARG B 38 0.52 12.68 4.83
C ARG B 38 -0.65 12.66 5.82
N GLN B 39 -1.83 12.94 5.31
CA GLN B 39 -3.02 12.96 6.13
C GLN B 39 -3.55 11.53 6.33
N TRP B 40 -2.94 10.61 5.58
CA TRP B 40 -3.34 9.22 5.66
C TRP B 40 -2.82 8.66 7.00
N LEU B 41 -1.52 8.79 7.20
CA LEU B 41 -0.90 8.30 8.42
C LEU B 41 -0.82 9.45 9.43
N GLN B 42 -0.11 10.50 9.03
CA GLN B 42 0.06 11.67 9.88
C GLN B 42 0.43 11.23 11.30
N PRO B 43 1.73 11.42 11.64
CA PRO B 43 2.22 11.05 12.96
C PRO B 43 1.77 12.06 14.01
N GLU B 44 0.46 12.13 14.18
CA GLU B 44 -0.12 13.05 15.16
C GLU B 44 -1.17 12.33 16.01
N LEU B 45 -1.33 11.04 15.73
CA LEU B 45 -2.30 10.23 16.46
C LEU B 45 -1.76 8.80 16.59
N HIS B 46 -0.47 8.66 16.34
CA HIS B 46 0.17 7.37 16.43
C HIS B 46 1.52 7.41 15.69
N THR B 47 2.54 6.89 16.36
CA THR B 47 3.87 6.86 15.79
C THR B 47 3.88 6.01 14.52
N LYS B 48 5.07 5.52 14.19
CA LYS B 48 5.24 4.69 13.01
C LYS B 48 4.45 3.39 13.19
N GLU B 49 3.90 3.23 14.39
CA GLU B 49 3.13 2.04 14.70
C GLU B 49 1.89 1.95 13.79
N GLN B 50 1.24 3.09 13.63
CA GLN B 50 0.04 3.15 12.79
C GLN B 50 0.41 2.85 11.33
N ILE B 51 1.51 3.44 10.89
CA ILE B 51 1.96 3.24 9.52
C ILE B 51 2.29 1.76 9.32
N LEU B 52 3.16 1.25 10.17
CA LEU B 52 3.57 -0.15 10.10
C LEU B 52 2.33 -1.02 9.95
N GLU B 53 1.42 -0.88 10.91
CA GLU B 53 0.19 -1.66 10.90
C GLU B 53 -0.63 -1.32 9.66
N LEU B 54 -0.32 -0.17 9.07
CA LEU B 54 -1.03 0.27 7.88
C LEU B 54 -0.78 -0.72 6.74
N LEU B 55 0.48 -0.76 6.31
CA LEU B 55 0.87 -1.66 5.24
C LEU B 55 0.62 -3.10 5.66
N VAL B 56 0.75 -3.33 6.97
CA VAL B 56 0.54 -4.66 7.52
C VAL B 56 -0.92 -5.07 7.31
N MET B 57 -1.81 -4.14 7.59
CA MET B 57 -3.23 -4.39 7.44
C MET B 57 -3.60 -4.58 5.98
N GLU B 58 -3.52 -3.48 5.23
CA GLU B 58 -3.84 -3.51 3.81
C GLU B 58 -3.35 -4.82 3.19
N GLN B 59 -2.21 -5.28 3.66
CA GLN B 59 -1.64 -6.52 3.16
C GLN B 59 -2.37 -7.73 3.75
N PHE B 60 -2.47 -7.73 5.07
CA PHE B 60 -3.15 -8.81 5.76
C PHE B 60 -4.54 -9.07 5.16
N LEU B 61 -5.03 -8.07 4.45
CA LEU B 61 -6.34 -8.17 3.82
C LEU B 61 -6.18 -8.78 2.42
N THR B 62 -5.19 -8.28 1.70
CA THR B 62 -4.93 -8.77 0.36
C THR B 62 -4.61 -10.26 0.39
N ILE B 63 -3.96 -10.68 1.46
CA ILE B 63 -3.60 -12.08 1.62
C ILE B 63 -4.87 -12.92 1.77
N LEU B 64 -5.81 -12.38 2.54
CA LEU B 64 -7.07 -13.07 2.77
C LEU B 64 -8.03 -12.77 1.61
N PRO B 65 -9.05 -13.65 1.47
CA PRO B 65 -10.04 -13.49 0.41
C PRO B 65 -11.02 -12.36 0.74
N GLU B 66 -12.16 -12.40 0.08
CA GLU B 66 -13.18 -11.38 0.30
C GLU B 66 -13.91 -11.64 1.62
N GLU B 67 -13.50 -12.70 2.28
CA GLU B 67 -14.11 -13.06 3.56
C GLU B 67 -14.06 -11.88 4.53
N ILE B 68 -12.85 -11.37 4.73
CA ILE B 68 -12.65 -10.25 5.63
C ILE B 68 -13.36 -9.02 5.05
N GLN B 69 -13.42 -8.97 3.73
CA GLN B 69 -14.08 -7.86 3.05
C GLN B 69 -15.59 -7.90 3.29
N ALA B 70 -16.07 -9.10 3.60
CA ALA B 70 -17.50 -9.29 3.85
C ALA B 70 -17.81 -8.89 5.29
N ARG B 71 -16.98 -9.39 6.21
CA ARG B 71 -17.17 -9.08 7.62
C ARG B 71 -16.80 -7.62 7.90
N VAL B 72 -16.01 -7.06 7.01
CA VAL B 72 -15.57 -5.68 7.14
C VAL B 72 -16.67 -4.76 6.61
N ARG B 73 -17.08 -5.02 5.37
CA ARG B 73 -18.12 -4.22 4.75
C ARG B 73 -19.40 -4.26 5.59
N HIS B 74 -19.63 -5.41 6.19
CA HIS B 74 -20.81 -5.60 7.02
C HIS B 74 -20.92 -4.45 8.04
N ARG B 75 -19.78 -3.83 8.29
CA ARG B 75 -19.73 -2.72 9.22
C ARG B 75 -19.82 -3.24 10.66
N CYS B 76 -19.41 -2.38 11.59
CA CYS B 76 -19.44 -2.75 12.99
C CYS B 76 -18.07 -3.33 13.36
N LEU B 77 -17.06 -2.89 12.63
CA LEU B 77 -15.71 -3.37 12.87
C LEU B 77 -15.41 -3.33 14.37
N MET B 78 -14.38 -4.07 14.76
CA MET B 78 -13.99 -4.13 16.15
C MET B 78 -12.48 -4.31 16.30
N SER B 79 -12.04 -5.55 16.18
CA SER B 79 -10.63 -5.86 16.29
C SER B 79 -10.19 -6.70 15.09
N SER B 80 -8.91 -6.59 14.77
CA SER B 80 -8.35 -7.33 13.66
C SER B 80 -8.24 -8.81 14.01
N LYS B 81 -8.05 -9.06 15.30
CA LYS B 81 -7.94 -10.43 15.78
C LYS B 81 -9.16 -11.23 15.34
N GLU B 82 -10.29 -10.55 15.31
CA GLU B 82 -11.54 -11.18 14.91
C GLU B 82 -11.50 -11.55 13.42
N ILE B 83 -10.88 -10.66 12.65
CA ILE B 83 -10.76 -10.88 11.21
C ILE B 83 -9.99 -12.17 10.95
N VAL B 84 -8.76 -12.19 11.46
CA VAL B 84 -7.91 -13.35 11.29
C VAL B 84 -8.63 -14.60 11.81
N THR B 85 -9.41 -14.38 12.87
CA THR B 85 -10.16 -15.47 13.47
C THR B 85 -11.18 -16.05 12.48
N LEU B 86 -11.88 -15.14 11.82
CA LEU B 86 -12.88 -15.54 10.84
C LEU B 86 -12.21 -16.36 9.73
N VAL B 87 -11.02 -15.90 9.34
CA VAL B 87 -10.27 -16.57 8.31
C VAL B 87 -9.91 -17.98 8.77
N GLU B 88 -9.46 -18.07 10.02
CA GLU B 88 -9.08 -19.35 10.59
C GLU B 88 -10.31 -20.22 10.80
N ASP B 89 -11.45 -19.56 10.98
CA ASP B 89 -12.71 -20.27 11.18
C ASP B 89 -13.19 -20.85 9.85
N PHE B 90 -12.89 -20.12 8.78
CA PHE B 90 -13.29 -20.55 7.45
C PHE B 90 -12.36 -21.64 6.94
N HIS B 91 -11.09 -21.51 7.27
CA HIS B 91 -10.09 -22.47 6.84
C HIS B 91 -10.33 -23.80 7.57
N ARG B 92 -10.60 -23.70 8.86
CA ARG B 92 -10.85 -24.88 9.67
C ARG B 92 -11.02 -24.48 11.13
N ALA B 93 -12.08 -23.75 11.40
CA ALA B 93 -12.37 -23.31 12.75
C ALA B 93 -12.10 -24.45 13.74
N SER B 94 -11.57 -24.08 14.89
CA SER B 94 -11.25 -25.08 15.92
C SER B 94 -11.09 -24.38 17.27
N LYS B 95 -12.15 -23.70 17.68
CA LYS B 95 -12.14 -22.99 18.95
C LYS B 95 -13.50 -22.33 19.17
N LYS B 96 -13.66 -21.77 20.36
CA LYS B 96 -14.91 -21.11 20.71
C LYS B 96 -14.94 -19.71 20.08
N PRO B 97 -15.91 -19.53 19.14
CA PRO B 97 -16.05 -18.26 18.44
C PRO B 97 -16.68 -17.20 19.37
N LYS B 98 -16.41 -15.95 19.05
CA LYS B 98 -16.93 -14.85 19.83
C LYS B 98 -18.46 -14.89 19.78
N GLY A 1 18.64 11.04 -11.49
CA GLY A 1 18.28 10.02 -10.51
C GLY A 1 19.44 9.07 -10.24
N SER A 2 19.73 8.25 -11.24
CA SER A 2 20.81 7.28 -11.14
C SER A 2 20.74 6.56 -9.79
N LYS A 3 19.90 5.54 -9.74
CA LYS A 3 19.73 4.77 -8.54
C LYS A 3 19.59 3.29 -8.89
N ASN A 4 20.72 2.58 -8.83
CA ASN A 4 20.74 1.17 -9.15
C ASN A 4 21.53 0.42 -8.07
N CYS A 5 20.79 -0.23 -7.19
CA CYS A 5 21.40 -0.99 -6.11
C CYS A 5 20.32 -1.30 -5.06
N PRO A 6 19.63 -0.23 -4.61
CA PRO A 6 18.57 -0.38 -3.63
C PRO A 6 17.31 -0.98 -4.26
N ASP A 7 16.26 -1.03 -3.46
CA ASP A 7 14.99 -1.58 -3.92
C ASP A 7 13.88 -0.55 -3.68
N PRO A 8 13.10 -0.28 -4.77
CA PRO A 8 12.01 0.68 -4.67
C PRO A 8 10.82 0.08 -3.93
N GLU A 9 10.34 -1.05 -4.45
CA GLU A 9 9.21 -1.73 -3.85
C GLU A 9 9.34 -3.25 -4.03
N LEU A 10 10.58 -3.69 -4.11
CA LEU A 10 10.86 -5.10 -4.28
C LEU A 10 10.52 -5.85 -2.99
N CYS A 11 11.01 -5.31 -1.89
CA CYS A 11 10.77 -5.92 -0.59
C CYS A 11 9.30 -5.67 -0.21
N ARG A 12 8.76 -4.61 -0.78
CA ARG A 12 7.37 -4.25 -0.51
C ARG A 12 6.43 -5.34 -1.05
N GLN A 13 6.60 -5.65 -2.33
CA GLN A 13 5.78 -6.66 -2.97
C GLN A 13 6.20 -8.06 -2.50
N SER A 14 7.47 -8.17 -2.15
CA SER A 14 8.01 -9.45 -1.69
C SER A 14 7.23 -9.92 -0.45
N PHE A 15 7.26 -9.09 0.58
CA PHE A 15 6.56 -9.40 1.82
C PHE A 15 5.04 -9.29 1.64
N ARG A 16 4.64 -8.20 1.01
CA ARG A 16 3.22 -7.96 0.78
C ARG A 16 2.57 -9.21 0.18
N ARG A 17 3.36 -9.95 -0.59
CA ARG A 17 2.88 -11.16 -1.21
C ARG A 17 3.20 -12.39 -0.35
N PHE A 18 3.21 -12.15 0.95
CA PHE A 18 3.50 -13.22 1.91
C PHE A 18 2.83 -14.52 1.47
N CYS A 19 1.54 -14.44 1.21
CA CYS A 19 0.77 -15.60 0.79
C CYS A 19 0.50 -16.46 2.03
N TYR A 20 -0.71 -16.32 2.55
CA TYR A 20 -1.11 -17.07 3.72
C TYR A 20 -0.67 -18.54 3.61
N GLN A 21 0.50 -18.80 4.16
CA GLN A 21 1.04 -20.15 4.13
C GLN A 21 2.21 -20.28 5.11
N GLU A 22 3.23 -19.48 4.87
CA GLU A 22 4.41 -19.49 5.74
C GLU A 22 4.00 -19.69 7.19
N VAL A 23 3.11 -18.81 7.64
CA VAL A 23 2.62 -18.88 9.02
C VAL A 23 1.52 -19.92 9.12
N SER A 24 0.58 -19.85 8.18
CA SER A 24 -0.53 -20.78 8.15
C SER A 24 -1.60 -20.35 9.16
N GLY A 25 -1.15 -20.11 10.38
CA GLY A 25 -2.06 -19.70 11.44
C GLY A 25 -2.79 -18.41 11.07
N PRO A 26 -3.74 -18.00 11.96
CA PRO A 26 -4.51 -16.79 11.73
C PRO A 26 -3.67 -15.54 11.99
N GLN A 27 -3.74 -15.06 13.22
CA GLN A 27 -3.00 -13.88 13.61
C GLN A 27 -1.53 -14.02 13.19
N GLU A 28 -1.09 -15.26 13.08
CA GLU A 28 0.27 -15.54 12.70
C GLU A 28 0.62 -14.82 11.38
N ALA A 29 -0.43 -14.54 10.61
CA ALA A 29 -0.26 -13.87 9.33
C ALA A 29 0.35 -12.48 9.58
N LEU A 30 -0.36 -11.69 10.37
CA LEU A 30 0.09 -10.35 10.69
C LEU A 30 1.47 -10.42 11.35
N SER A 31 1.71 -11.54 12.01
CA SER A 31 2.98 -11.76 12.70
C SER A 31 4.14 -11.65 11.69
N GLN A 32 4.04 -12.46 10.65
CA GLN A 32 5.07 -12.47 9.62
C GLN A 32 5.18 -11.09 8.97
N LEU A 33 4.03 -10.56 8.58
CA LEU A 33 3.98 -9.26 7.94
C LEU A 33 4.45 -8.19 8.93
N ARG A 34 3.70 -8.08 10.03
CA ARG A 34 4.03 -7.11 11.06
C ARG A 34 5.54 -6.96 11.18
N GLN A 35 6.23 -8.09 11.07
CA GLN A 35 7.68 -8.11 11.17
C GLN A 35 8.30 -7.43 9.95
N LEU A 36 7.86 -7.89 8.78
CA LEU A 36 8.37 -7.35 7.53
C LEU A 36 8.05 -5.85 7.46
N CYS A 37 6.79 -5.54 7.70
CA CYS A 37 6.34 -4.15 7.67
C CYS A 37 7.29 -3.33 8.55
N ARG A 38 7.35 -3.71 9.81
CA ARG A 38 8.21 -3.01 10.76
C ARG A 38 9.60 -2.79 10.16
N GLN A 39 10.07 -3.81 9.46
CA GLN A 39 11.38 -3.75 8.83
C GLN A 39 11.29 -3.01 7.49
N TRP A 40 10.05 -2.81 7.05
CA TRP A 40 9.82 -2.12 5.79
C TRP A 40 10.06 -0.63 6.02
N LEU A 41 9.35 -0.10 7.00
CA LEU A 41 9.46 1.31 7.33
C LEU A 41 10.58 1.50 8.37
N GLN A 42 10.42 0.81 9.49
CA GLN A 42 11.40 0.90 10.56
C GLN A 42 11.72 2.36 10.87
N PRO A 43 11.24 2.81 12.07
CA PRO A 43 11.47 4.17 12.49
C PRO A 43 12.90 4.37 12.97
N GLU A 44 13.77 4.73 12.03
CA GLU A 44 15.17 4.95 12.34
C GLU A 44 15.95 5.27 11.07
N LEU A 45 15.30 6.01 10.18
CA LEU A 45 15.93 6.39 8.92
C LEU A 45 14.87 6.39 7.82
N HIS A 46 13.67 5.98 8.20
CA HIS A 46 12.57 5.92 7.25
C HIS A 46 11.26 6.26 7.96
N THR A 47 11.36 7.18 8.91
CA THR A 47 10.19 7.59 9.68
C THR A 47 9.12 8.16 8.74
N LYS A 48 8.24 8.97 9.32
CA LYS A 48 7.17 9.58 8.55
C LYS A 48 7.71 10.04 7.19
N GLU A 49 9.00 10.32 7.19
CA GLU A 49 9.66 10.78 5.97
C GLU A 49 9.54 9.71 4.87
N GLN A 50 10.11 8.55 5.16
CA GLN A 50 10.07 7.44 4.21
C GLN A 50 8.64 6.90 4.09
N ILE A 51 8.00 6.75 5.24
CA ILE A 51 6.63 6.25 5.27
C ILE A 51 5.75 7.10 4.36
N LEU A 52 5.83 8.41 4.57
CA LEU A 52 5.04 9.34 3.78
C LEU A 52 5.29 9.08 2.29
N GLU A 53 6.57 9.03 1.94
CA GLU A 53 6.96 8.79 0.56
C GLU A 53 6.55 7.38 0.13
N LEU A 54 6.27 6.55 1.13
CA LEU A 54 5.88 5.19 0.87
C LEU A 54 4.49 5.17 0.22
N LEU A 55 3.55 5.79 0.89
CA LEU A 55 2.19 5.86 0.39
C LEU A 55 2.16 6.72 -0.88
N VAL A 56 3.07 7.69 -0.92
CA VAL A 56 3.15 8.57 -2.06
C VAL A 56 3.41 7.75 -3.33
N MET A 57 4.43 6.93 -3.27
CA MET A 57 4.79 6.08 -4.39
C MET A 57 3.74 5.00 -4.62
N GLU A 58 3.63 4.11 -3.65
CA GLU A 58 2.67 3.02 -3.73
C GLU A 58 1.43 3.48 -4.50
N GLN A 59 0.99 4.69 -4.20
CA GLN A 59 -0.18 5.25 -4.85
C GLN A 59 0.21 5.88 -6.20
N PHE A 60 1.37 6.53 -6.19
CA PHE A 60 1.86 7.18 -7.39
C PHE A 60 1.66 6.29 -8.62
N LEU A 61 2.02 5.02 -8.46
CA LEU A 61 1.89 4.06 -9.54
C LEU A 61 0.45 3.55 -9.59
N THR A 62 -0.07 3.25 -8.41
CA THR A 62 -1.43 2.74 -8.29
C THR A 62 -2.39 3.59 -9.14
N ILE A 63 -1.97 4.82 -9.39
CA ILE A 63 -2.77 5.73 -10.19
C ILE A 63 -2.35 5.63 -11.66
N LEU A 64 -1.06 5.42 -11.85
CA LEU A 64 -0.52 5.30 -13.20
C LEU A 64 -0.86 3.92 -13.76
N PRO A 65 -0.86 3.84 -15.12
CA PRO A 65 -1.15 2.59 -15.79
C PRO A 65 0.01 1.61 -15.68
N GLU A 66 -0.02 0.60 -16.55
CA GLU A 66 1.03 -0.40 -16.56
C GLU A 66 2.18 0.03 -17.45
N GLU A 67 1.93 1.08 -18.23
CA GLU A 67 2.93 1.61 -19.13
C GLU A 67 4.17 2.04 -18.35
N ILE A 68 3.93 2.59 -17.17
CA ILE A 68 5.02 3.05 -16.32
C ILE A 68 5.76 1.83 -15.76
N GLN A 69 4.99 0.86 -15.28
CA GLN A 69 5.56 -0.35 -14.72
C GLN A 69 6.31 -1.13 -15.80
N ALA A 70 5.93 -0.85 -17.04
CA ALA A 70 6.56 -1.53 -18.18
C ALA A 70 7.86 -0.79 -18.54
N ARG A 71 7.81 0.52 -18.43
CA ARG A 71 8.96 1.35 -18.74
C ARG A 71 10.03 1.18 -17.67
N VAL A 72 9.59 0.88 -16.46
CA VAL A 72 10.49 0.69 -15.34
C VAL A 72 11.01 -0.74 -15.35
N ARG A 73 10.09 -1.68 -15.56
CA ARG A 73 10.45 -3.09 -15.59
C ARG A 73 11.42 -3.36 -16.74
N HIS A 74 11.11 -2.79 -17.89
CA HIS A 74 11.94 -2.96 -19.06
C HIS A 74 13.31 -2.33 -18.81
N ARG A 75 13.33 -1.02 -18.79
CA ARG A 75 14.56 -0.28 -18.56
C ARG A 75 15.18 -0.69 -17.22
N CYS A 76 14.67 -0.09 -16.16
CA CYS A 76 15.16 -0.37 -14.82
C CYS A 76 14.48 0.59 -13.84
N LEU A 77 14.71 0.33 -12.56
CA LEU A 77 14.13 1.16 -11.53
C LEU A 77 15.19 2.11 -10.98
N MET A 78 14.81 3.38 -10.92
CA MET A 78 15.72 4.41 -10.43
C MET A 78 15.06 5.27 -9.35
N SER A 79 14.33 6.28 -9.80
CA SER A 79 13.64 7.17 -8.89
C SER A 79 12.17 7.30 -9.29
N SER A 80 11.48 8.20 -8.62
CA SER A 80 10.07 8.43 -8.89
C SER A 80 9.92 9.48 -9.99
N LYS A 81 10.92 10.34 -10.08
CA LYS A 81 10.90 11.40 -11.08
C LYS A 81 10.96 10.77 -12.48
N GLU A 82 11.68 9.67 -12.57
CA GLU A 82 11.82 8.96 -13.83
C GLU A 82 10.46 8.45 -14.31
N ILE A 83 9.72 7.86 -13.38
CA ILE A 83 8.40 7.34 -13.69
C ILE A 83 7.51 8.47 -14.20
N VAL A 84 7.30 9.45 -13.34
CA VAL A 84 6.47 10.60 -13.68
C VAL A 84 6.98 11.21 -15.00
N THR A 85 8.26 11.00 -15.24
CA THR A 85 8.88 11.52 -16.46
C THR A 85 8.30 10.83 -17.70
N LEU A 86 8.31 9.50 -17.64
CA LEU A 86 7.80 8.71 -18.75
C LEU A 86 6.34 9.07 -18.99
N VAL A 87 5.62 9.27 -17.90
CA VAL A 87 4.21 9.63 -17.97
C VAL A 87 4.06 10.93 -18.75
N GLU A 88 4.89 11.90 -18.39
CA GLU A 88 4.86 13.20 -19.05
C GLU A 88 5.37 13.08 -20.49
N ASP A 89 6.26 12.12 -20.69
CA ASP A 89 6.84 11.90 -22.00
C ASP A 89 5.75 11.35 -22.93
N PHE A 90 4.83 10.59 -22.34
CA PHE A 90 3.75 10.00 -23.11
C PHE A 90 2.49 10.87 -23.02
N HIS A 91 2.52 11.81 -22.09
CA HIS A 91 1.40 12.71 -21.91
C HIS A 91 1.65 14.03 -22.65
N ARG A 92 2.90 14.19 -23.08
CA ARG A 92 3.29 15.38 -23.80
C ARG A 92 4.81 15.48 -23.88
N ALA A 93 5.43 14.36 -24.20
CA ALA A 93 6.87 14.30 -24.31
C ALA A 93 7.51 15.07 -23.14
N SER A 94 8.78 15.39 -23.31
CA SER A 94 9.50 16.12 -22.29
C SER A 94 10.53 17.06 -22.93
N LYS A 95 10.03 18.21 -23.34
CA LYS A 95 10.90 19.20 -23.98
C LYS A 95 12.07 19.52 -23.05
N LYS A 96 12.98 20.33 -23.57
CA LYS A 96 14.16 20.72 -22.81
C LYS A 96 13.75 20.98 -21.35
N PRO A 97 14.01 19.97 -20.48
CA PRO A 97 13.68 20.09 -19.08
C PRO A 97 14.66 21.02 -18.35
N LYS A 98 14.14 21.72 -17.35
CA LYS A 98 14.95 22.64 -16.58
C LYS A 98 14.10 23.24 -15.45
N GLY B 1 -11.97 24.81 -0.60
CA GLY B 1 -13.40 24.76 -0.30
C GLY B 1 -13.65 24.98 1.19
N SER B 2 -14.81 24.51 1.64
CA SER B 2 -15.17 24.64 3.03
C SER B 2 -15.57 23.27 3.60
N LYS B 3 -14.56 22.54 4.06
CA LYS B 3 -14.80 21.23 4.63
C LYS B 3 -13.47 20.65 5.14
N ASN B 4 -13.59 19.80 6.14
CA ASN B 4 -12.41 19.17 6.74
C ASN B 4 -12.85 18.03 7.66
N CYS B 5 -12.22 16.88 7.47
CA CYS B 5 -12.54 15.71 8.27
C CYS B 5 -11.25 14.92 8.48
N PRO B 6 -10.47 15.33 9.51
CA PRO B 6 -9.22 14.68 9.82
C PRO B 6 -9.47 13.33 10.52
N ASP B 7 -9.61 12.30 9.70
CA ASP B 7 -9.85 10.96 10.22
C ASP B 7 -8.86 9.98 9.59
N PRO B 8 -8.08 9.31 10.46
CA PRO B 8 -7.09 8.34 10.00
C PRO B 8 -7.76 7.04 9.56
N GLU B 9 -8.50 7.14 8.46
CA GLU B 9 -9.19 5.99 7.92
C GLU B 9 -9.99 6.38 6.67
N LEU B 10 -10.73 7.46 6.81
CA LEU B 10 -11.54 7.95 5.71
C LEU B 10 -10.64 8.58 4.65
N CYS B 11 -9.81 9.50 5.11
CA CYS B 11 -8.88 10.19 4.21
C CYS B 11 -8.00 9.13 3.54
N ARG B 12 -7.85 8.01 4.22
CA ARG B 12 -7.04 6.92 3.70
C ARG B 12 -7.81 6.12 2.66
N GLN B 13 -9.04 5.76 3.03
CA GLN B 13 -9.89 5.00 2.13
C GLN B 13 -10.33 5.87 0.95
N SER B 14 -10.05 7.15 1.07
CA SER B 14 -10.40 8.10 0.02
C SER B 14 -9.23 8.27 -0.95
N PHE B 15 -8.14 8.81 -0.43
CA PHE B 15 -6.96 9.03 -1.24
C PHE B 15 -6.54 7.74 -1.96
N ARG B 16 -6.70 6.62 -1.27
CA ARG B 16 -6.35 5.33 -1.83
C ARG B 16 -7.14 5.08 -3.11
N ARG B 17 -6.40 4.84 -4.18
CA ARG B 17 -7.01 4.58 -5.47
C ARG B 17 -7.57 5.88 -6.06
N PHE B 18 -6.74 6.91 -6.04
CA PHE B 18 -7.14 8.20 -6.57
C PHE B 18 -7.60 8.09 -8.02
N CYS B 19 -6.72 7.52 -8.84
CA CYS B 19 -7.03 7.35 -10.25
C CYS B 19 -6.54 8.59 -11.00
N TYR B 20 -5.39 8.45 -11.65
CA TYR B 20 -4.81 9.55 -12.40
C TYR B 20 -5.91 10.37 -13.10
N GLN B 21 -6.33 11.42 -12.43
CA GLN B 21 -7.36 12.28 -12.98
C GLN B 21 -6.73 13.50 -13.65
N GLU B 22 -5.45 13.36 -13.96
CA GLU B 22 -4.72 14.44 -14.61
C GLU B 22 -4.54 15.62 -13.64
N VAL B 23 -3.74 15.37 -12.61
CA VAL B 23 -3.47 16.39 -11.60
C VAL B 23 -2.94 17.65 -12.29
N SER B 24 -2.46 18.58 -11.47
CA SER B 24 -1.92 19.82 -11.99
C SER B 24 -0.54 19.59 -12.59
N GLY B 25 -0.41 18.51 -13.34
CA GLY B 25 0.85 18.16 -13.96
C GLY B 25 1.19 16.69 -13.73
N PRO B 26 2.42 16.31 -14.17
CA PRO B 26 2.87 14.93 -14.02
C PRO B 26 3.27 14.64 -12.57
N GLN B 27 4.40 15.22 -12.17
CA GLN B 27 4.89 15.02 -10.81
C GLN B 27 3.78 15.28 -9.80
N GLU B 28 2.78 16.04 -10.24
CA GLU B 28 1.65 16.36 -9.39
C GLU B 28 0.90 15.09 -9.00
N ALA B 29 1.25 14.00 -9.67
CA ALA B 29 0.61 12.72 -9.40
C ALA B 29 0.85 12.33 -7.94
N LEU B 30 2.12 12.08 -7.64
CA LEU B 30 2.49 11.69 -6.28
C LEU B 30 2.39 12.91 -5.37
N SER B 31 2.44 14.09 -5.98
CA SER B 31 2.36 15.33 -5.22
C SER B 31 1.06 15.36 -4.42
N GLN B 32 -0.05 15.16 -5.13
CA GLN B 32 -1.36 15.17 -4.50
C GLN B 32 -1.49 13.97 -3.55
N LEU B 33 -1.07 12.82 -4.05
CA LEU B 33 -1.14 11.60 -3.25
C LEU B 33 -0.25 11.75 -2.01
N ARG B 34 0.79 12.56 -2.17
CA ARG B 34 1.73 12.79 -1.09
C ARG B 34 1.04 13.53 0.06
N GLN B 35 0.39 14.62 -0.30
CA GLN B 35 -0.32 15.42 0.70
C GLN B 35 -1.29 14.54 1.49
N LEU B 36 -1.93 13.62 0.79
CA LEU B 36 -2.87 12.72 1.42
C LEU B 36 -2.11 11.61 2.15
N CYS B 37 -0.89 11.37 1.69
CA CYS B 37 -0.05 10.35 2.29
C CYS B 37 0.26 10.77 3.73
N ARG B 38 0.78 11.99 3.86
CA ARG B 38 1.12 12.51 5.17
C ARG B 38 -0.14 12.70 6.02
N GLN B 39 -1.22 13.03 5.34
CA GLN B 39 -2.50 13.24 6.01
C GLN B 39 -3.15 11.90 6.33
N TRP B 40 -2.65 10.86 5.68
CA TRP B 40 -3.18 9.51 5.88
C TRP B 40 -2.70 9.03 7.25
N LEU B 41 -1.38 9.05 7.42
CA LEU B 41 -0.79 8.61 8.68
C LEU B 41 -0.66 9.81 9.62
N GLN B 42 0.06 10.82 9.14
CA GLN B 42 0.27 12.02 9.92
C GLN B 42 0.61 11.66 11.38
N PRO B 43 1.92 11.81 11.71
CA PRO B 43 2.38 11.49 13.05
C PRO B 43 1.97 12.59 14.03
N GLU B 44 2.57 12.54 15.22
CA GLU B 44 2.28 13.51 16.25
C GLU B 44 1.14 13.00 17.16
N LEU B 45 1.02 11.68 17.19
CA LEU B 45 -0.02 11.06 18.01
C LEU B 45 -0.02 9.55 17.75
N HIS B 46 0.32 9.19 16.52
CA HIS B 46 0.36 7.79 16.15
C HIS B 46 1.75 7.44 15.60
N THR B 47 2.53 6.78 16.44
CA THR B 47 3.88 6.39 16.06
C THR B 47 3.84 5.45 14.85
N LYS B 48 4.96 4.78 14.64
CA LYS B 48 5.06 3.85 13.52
C LYS B 48 4.14 2.66 13.75
N GLU B 49 3.52 2.66 14.92
CA GLU B 49 2.60 1.60 15.29
C GLU B 49 1.40 1.59 14.34
N GLN B 50 0.84 2.77 14.11
CA GLN B 50 -0.30 2.91 13.23
C GLN B 50 0.10 2.63 11.78
N ILE B 51 1.19 3.26 11.37
CA ILE B 51 1.70 3.09 10.02
C ILE B 51 2.03 1.60 9.79
N LEU B 52 2.75 1.04 10.75
CA LEU B 52 3.14 -0.36 10.66
C LEU B 52 1.90 -1.22 10.44
N GLU B 53 0.85 -0.89 11.19
CA GLU B 53 -0.40 -1.61 11.09
C GLU B 53 -1.12 -1.26 9.78
N LEU B 54 -0.65 -0.19 9.16
CA LEU B 54 -1.24 0.26 7.91
C LEU B 54 -0.87 -0.72 6.80
N LEU B 55 0.43 -0.86 6.58
CA LEU B 55 0.93 -1.76 5.55
C LEU B 55 0.66 -3.20 5.97
N VAL B 56 0.78 -3.44 7.26
CA VAL B 56 0.55 -4.78 7.81
C VAL B 56 -0.90 -5.19 7.54
N MET B 57 -1.80 -4.24 7.71
CA MET B 57 -3.21 -4.49 7.49
C MET B 57 -3.49 -4.75 6.01
N GLU B 58 -3.40 -3.68 5.23
CA GLU B 58 -3.65 -3.79 3.80
C GLU B 58 -3.10 -5.10 3.25
N GLN B 59 -1.94 -5.49 3.77
CA GLN B 59 -1.30 -6.72 3.35
C GLN B 59 -2.05 -7.93 3.94
N PHE B 60 -2.19 -7.92 5.25
CA PHE B 60 -2.87 -9.01 5.94
C PHE B 60 -4.15 -9.39 5.20
N LEU B 61 -4.71 -8.42 4.50
CA LEU B 61 -5.94 -8.66 3.75
C LEU B 61 -5.59 -9.31 2.41
N THR B 62 -4.54 -8.80 1.79
CA THR B 62 -4.09 -9.32 0.51
C THR B 62 -3.84 -10.83 0.61
N ILE B 63 -3.44 -11.24 1.81
CA ILE B 63 -3.16 -12.65 2.04
C ILE B 63 -4.47 -13.41 2.25
N LEU B 64 -5.36 -12.79 3.03
CA LEU B 64 -6.66 -13.39 3.30
C LEU B 64 -7.47 -13.45 2.01
N PRO B 65 -8.48 -14.37 2.01
CA PRO B 65 -9.34 -14.54 0.85
C PRO B 65 -10.34 -13.39 0.74
N GLU B 66 -11.39 -13.64 -0.02
CA GLU B 66 -12.43 -12.64 -0.22
C GLU B 66 -13.38 -12.62 0.99
N GLU B 67 -13.35 -13.71 1.75
CA GLU B 67 -14.21 -13.83 2.92
C GLU B 67 -14.13 -12.55 3.76
N ILE B 68 -12.90 -12.12 4.02
CA ILE B 68 -12.69 -10.92 4.80
C ILE B 68 -13.23 -9.71 4.04
N GLN B 69 -13.01 -9.73 2.74
CA GLN B 69 -13.47 -8.64 1.88
C GLN B 69 -15.00 -8.56 1.92
N ALA B 70 -15.62 -9.70 2.18
CA ALA B 70 -17.07 -9.76 2.26
C ALA B 70 -17.54 -9.20 3.60
N ARG B 71 -16.75 -9.49 4.63
CA ARG B 71 -17.07 -9.01 5.97
C ARG B 71 -16.86 -7.51 6.07
N VAL B 72 -15.73 -7.06 5.52
CA VAL B 72 -15.39 -5.64 5.55
C VAL B 72 -16.44 -4.87 4.74
N ARG B 73 -16.59 -5.28 3.49
CA ARG B 73 -17.55 -4.63 2.61
C ARG B 73 -18.94 -4.64 3.22
N HIS B 74 -19.24 -5.73 3.92
CA HIS B 74 -20.53 -5.88 4.57
C HIS B 74 -20.89 -4.58 5.29
N ARG B 75 -20.21 -4.35 6.40
CA ARG B 75 -20.44 -3.16 7.20
C ARG B 75 -19.11 -2.46 7.52
N CYS B 76 -18.22 -3.22 8.15
CA CYS B 76 -16.93 -2.69 8.51
C CYS B 76 -16.23 -3.71 9.42
N LEU B 77 -14.91 -3.60 9.50
CA LEU B 77 -14.12 -4.50 10.32
C LEU B 77 -13.84 -3.83 11.66
N MET B 78 -13.50 -4.66 12.64
CA MET B 78 -13.20 -4.17 13.97
C MET B 78 -11.69 -4.17 14.23
N SER B 79 -11.19 -5.36 14.58
CA SER B 79 -9.77 -5.51 14.86
C SER B 79 -9.21 -6.68 14.06
N SER B 80 -7.98 -6.51 13.60
CA SER B 80 -7.32 -7.53 12.82
C SER B 80 -7.53 -8.90 13.48
N LYS B 81 -7.75 -8.87 14.78
CA LYS B 81 -7.97 -10.09 15.53
C LYS B 81 -9.26 -10.75 15.07
N GLU B 82 -10.29 -9.93 14.91
CA GLU B 82 -11.58 -10.41 14.48
C GLU B 82 -11.49 -10.94 13.04
N ILE B 83 -11.02 -10.08 12.15
CA ILE B 83 -10.88 -10.45 10.75
C ILE B 83 -10.24 -11.83 10.65
N VAL B 84 -9.03 -11.93 11.19
CA VAL B 84 -8.30 -13.18 11.17
C VAL B 84 -9.16 -14.28 11.79
N THR B 85 -9.91 -13.89 12.82
CA THR B 85 -10.78 -14.83 13.50
C THR B 85 -11.79 -15.44 12.53
N LEU B 86 -12.34 -14.58 11.68
CA LEU B 86 -13.30 -15.03 10.69
C LEU B 86 -12.64 -16.03 9.74
N VAL B 87 -11.48 -15.65 9.24
CA VAL B 87 -10.74 -16.49 8.33
C VAL B 87 -10.44 -17.83 9.01
N GLU B 88 -10.23 -17.75 10.32
CA GLU B 88 -9.93 -18.95 11.09
C GLU B 88 -11.13 -19.90 11.09
N ASP B 89 -12.30 -19.33 11.36
CA ASP B 89 -13.52 -20.12 11.38
C ASP B 89 -13.78 -20.69 9.98
N PHE B 90 -13.33 -19.95 8.99
CA PHE B 90 -13.51 -20.36 7.61
C PHE B 90 -12.57 -21.51 7.25
N HIS B 91 -11.31 -21.35 7.63
CA HIS B 91 -10.31 -22.36 7.36
C HIS B 91 -10.64 -23.63 8.14
N ARG B 92 -11.33 -23.44 9.26
CA ARG B 92 -11.72 -24.55 10.11
C ARG B 92 -12.98 -25.22 9.56
N ALA B 93 -13.94 -24.39 9.21
CA ALA B 93 -15.20 -24.90 8.68
C ALA B 93 -14.92 -25.93 7.60
N SER B 94 -15.96 -26.64 7.19
CA SER B 94 -15.83 -27.66 6.17
C SER B 94 -15.77 -27.01 4.79
N LYS B 95 -14.77 -26.14 4.63
CA LYS B 95 -14.59 -25.45 3.36
C LYS B 95 -13.13 -25.58 2.92
N LYS B 96 -12.91 -25.41 1.63
CA LYS B 96 -11.57 -25.49 1.07
C LYS B 96 -11.20 -24.16 0.44
N PRO B 97 -9.85 -23.96 0.27
CA PRO B 97 -9.36 -22.72 -0.32
C PRO B 97 -9.58 -22.72 -1.83
N LYS B 98 -9.60 -21.51 -2.38
CA LYS B 98 -9.80 -21.34 -3.81
C LYS B 98 -8.99 -22.41 -4.57
N GLY A 1 23.88 -14.59 -17.56
CA GLY A 1 22.71 -14.43 -16.71
C GLY A 1 21.83 -13.28 -17.21
N SER A 2 20.63 -13.19 -16.63
CA SER A 2 19.69 -12.15 -17.01
C SER A 2 18.44 -12.25 -16.14
N LYS A 3 17.57 -11.26 -16.30
CA LYS A 3 16.33 -11.21 -15.53
C LYS A 3 15.28 -12.06 -16.24
N ASN A 4 14.10 -12.10 -15.64
CA ASN A 4 12.99 -12.87 -16.20
C ASN A 4 11.68 -12.23 -15.76
N CYS A 5 11.06 -11.50 -16.69
CA CYS A 5 9.81 -10.84 -16.41
C CYS A 5 9.87 -10.23 -15.02
N PRO A 6 10.79 -9.22 -14.87
CA PRO A 6 10.96 -8.55 -13.59
C PRO A 6 9.81 -7.59 -13.32
N ASP A 7 9.03 -7.92 -12.29
CA ASP A 7 7.90 -7.10 -11.92
C ASP A 7 8.25 -6.29 -10.66
N PRO A 8 8.10 -4.94 -10.79
CA PRO A 8 8.40 -4.05 -9.68
C PRO A 8 7.30 -4.11 -8.62
N GLU A 9 7.01 -5.33 -8.18
CA GLU A 9 5.99 -5.54 -7.17
C GLU A 9 5.66 -7.03 -7.05
N LEU A 10 6.70 -7.84 -7.14
CA LEU A 10 6.53 -9.28 -7.05
C LEU A 10 6.42 -9.68 -5.57
N CYS A 11 7.47 -9.38 -4.83
CA CYS A 11 7.51 -9.70 -3.40
C CYS A 11 6.33 -9.00 -2.73
N ARG A 12 5.93 -7.88 -3.32
CA ARG A 12 4.82 -7.11 -2.79
C ARG A 12 3.50 -7.88 -2.97
N GLN A 13 3.17 -8.12 -4.22
CA GLN A 13 1.94 -8.84 -4.54
C GLN A 13 2.00 -10.26 -3.97
N SER A 14 3.22 -10.71 -3.71
CA SER A 14 3.43 -12.04 -3.17
C SER A 14 2.94 -12.10 -1.72
N PHE A 15 3.49 -11.21 -0.91
CA PHE A 15 3.12 -11.16 0.50
C PHE A 15 1.69 -10.63 0.66
N ARG A 16 1.34 -9.69 -0.20
CA ARG A 16 0.02 -9.09 -0.15
C ARG A 16 -1.05 -10.14 -0.49
N ARG A 17 -0.65 -11.11 -1.31
CA ARG A 17 -1.55 -12.17 -1.71
C ARG A 17 -1.31 -13.42 -0.87
N PHE A 18 -0.79 -13.20 0.32
CA PHE A 18 -0.50 -14.30 1.23
C PHE A 18 -1.69 -15.26 1.33
N CYS A 19 -2.87 -14.67 1.48
CA CYS A 19 -4.08 -15.46 1.58
C CYS A 19 -3.77 -16.72 2.39
N TYR A 20 -3.89 -16.59 3.70
CA TYR A 20 -3.62 -17.72 4.58
C TYR A 20 -2.81 -18.81 3.87
N GLN A 21 -1.66 -18.40 3.37
CA GLN A 21 -0.79 -19.32 2.66
C GLN A 21 0.25 -19.91 3.62
N GLU A 22 1.43 -19.31 3.62
CA GLU A 22 2.50 -19.77 4.49
C GLU A 22 1.94 -20.36 5.78
N VAL A 23 1.44 -19.47 6.62
CA VAL A 23 0.87 -19.88 7.90
C VAL A 23 -0.65 -19.96 7.76
N SER A 24 -1.26 -20.70 8.68
CA SER A 24 -2.71 -20.86 8.67
C SER A 24 -3.27 -20.57 10.07
N GLY A 25 -2.44 -19.93 10.89
CA GLY A 25 -2.84 -19.60 12.24
C GLY A 25 -3.59 -18.27 12.27
N PRO A 26 -3.87 -17.81 13.52
CA PRO A 26 -4.58 -16.55 13.71
C PRO A 26 -3.67 -15.36 13.44
N GLN A 27 -2.95 -14.94 14.47
CA GLN A 27 -2.04 -13.82 14.35
C GLN A 27 -0.85 -14.19 13.48
N GLU A 28 -0.75 -15.48 13.19
CA GLU A 28 0.33 -15.98 12.36
C GLU A 28 0.36 -15.26 11.01
N ALA A 29 -0.82 -14.99 10.49
CA ALA A 29 -0.95 -14.30 9.22
C ALA A 29 -0.19 -12.98 9.29
N LEU A 30 -0.61 -12.14 10.23
CA LEU A 30 0.01 -10.84 10.40
C LEU A 30 1.50 -11.03 10.74
N SER A 31 1.81 -12.21 11.26
CA SER A 31 3.17 -12.54 11.63
C SER A 31 4.08 -12.45 10.40
N GLN A 32 3.72 -13.20 9.38
CA GLN A 32 4.49 -13.22 8.14
C GLN A 32 4.38 -11.87 7.43
N LEU A 33 3.14 -11.41 7.30
CA LEU A 33 2.88 -10.13 6.65
C LEU A 33 3.65 -9.03 7.38
N ARG A 34 3.54 -9.04 8.69
CA ARG A 34 4.21 -8.05 9.52
C ARG A 34 5.73 -8.13 9.30
N GLN A 35 6.18 -9.31 8.93
CA GLN A 35 7.60 -9.54 8.69
C GLN A 35 8.04 -8.81 7.41
N LEU A 36 7.35 -9.11 6.32
CA LEU A 36 7.67 -8.49 5.04
C LEU A 36 7.25 -7.02 5.08
N CYS A 37 6.26 -6.74 5.91
CA CYS A 37 5.76 -5.38 6.05
C CYS A 37 6.85 -4.53 6.70
N ARG A 38 7.16 -4.88 7.94
CA ARG A 38 8.18 -4.16 8.69
C ARG A 38 9.45 -4.01 7.84
N GLN A 39 9.74 -5.05 7.07
CA GLN A 39 10.91 -5.05 6.21
C GLN A 39 10.61 -4.31 4.90
N TRP A 40 9.32 -4.16 4.63
CA TRP A 40 8.89 -3.48 3.42
C TRP A 40 9.33 -2.02 3.51
N LEU A 41 8.92 -1.38 4.60
CA LEU A 41 9.26 0.01 4.83
C LEU A 41 10.50 0.10 5.73
N GLN A 42 10.38 -0.54 6.90
CA GLN A 42 11.46 -0.55 7.85
C GLN A 42 11.87 0.89 8.21
N PRO A 43 11.86 1.17 9.54
CA PRO A 43 12.23 2.49 10.03
C PRO A 43 13.74 2.70 9.96
N GLU A 44 14.12 3.96 9.77
CA GLU A 44 15.53 4.31 9.68
C GLU A 44 15.68 5.82 9.44
N LEU A 45 15.21 6.59 10.40
CA LEU A 45 15.30 8.04 10.31
C LEU A 45 14.22 8.55 9.34
N HIS A 46 13.01 8.01 9.53
CA HIS A 46 11.90 8.40 8.69
C HIS A 46 10.59 7.96 9.35
N THR A 47 9.54 8.76 9.13
CA THR A 47 8.25 8.47 9.71
C THR A 47 7.27 8.05 8.60
N LYS A 48 5.99 8.26 8.88
CA LYS A 48 4.95 7.92 7.93
C LYS A 48 5.19 8.66 6.61
N GLU A 49 6.16 9.57 6.66
CA GLU A 49 6.51 10.34 5.48
C GLU A 49 6.96 9.42 4.35
N GLN A 50 7.98 8.63 4.65
CA GLN A 50 8.51 7.70 3.66
C GLN A 50 7.45 6.67 3.28
N ILE A 51 6.78 6.14 4.29
CA ILE A 51 5.75 5.14 4.07
C ILE A 51 4.69 5.72 3.13
N LEU A 52 4.28 6.94 3.43
CA LEU A 52 3.27 7.61 2.63
C LEU A 52 3.74 7.66 1.16
N GLU A 53 5.01 7.99 1.00
CA GLU A 53 5.59 8.07 -0.33
C GLU A 53 5.81 6.67 -0.90
N LEU A 54 5.71 5.68 -0.02
CA LEU A 54 5.89 4.30 -0.43
C LEU A 54 4.74 3.89 -1.35
N LEU A 55 3.54 3.93 -0.81
CA LEU A 55 2.36 3.56 -1.56
C LEU A 55 2.11 4.61 -2.65
N VAL A 56 2.50 5.83 -2.34
CA VAL A 56 2.32 6.93 -3.27
C VAL A 56 3.21 6.70 -4.50
N MET A 57 4.39 6.17 -4.23
CA MET A 57 5.36 5.90 -5.29
C MET A 57 4.87 4.76 -6.19
N GLU A 58 4.82 3.57 -5.61
CA GLU A 58 4.38 2.39 -6.35
C GLU A 58 3.17 2.74 -7.23
N GLN A 59 2.27 3.53 -6.66
CA GLN A 59 1.09 3.95 -7.39
C GLN A 59 1.44 5.02 -8.41
N PHE A 60 2.18 6.02 -7.95
CA PHE A 60 2.59 7.12 -8.82
C PHE A 60 3.04 6.59 -10.18
N LEU A 61 3.68 5.43 -10.15
CA LEU A 61 4.17 4.81 -11.36
C LEU A 61 3.01 4.15 -12.11
N THR A 62 2.22 3.40 -11.36
CA THR A 62 1.08 2.72 -11.93
C THR A 62 0.25 3.69 -12.78
N ILE A 63 0.33 4.96 -12.41
CA ILE A 63 -0.41 6.00 -13.12
C ILE A 63 0.41 6.45 -14.33
N LEU A 64 1.72 6.50 -14.14
CA LEU A 64 2.62 6.91 -15.21
C LEU A 64 2.64 5.83 -16.30
N PRO A 65 3.09 6.26 -17.51
CA PRO A 65 3.17 5.34 -18.64
C PRO A 65 4.36 4.40 -18.49
N GLU A 66 4.75 3.81 -19.61
CA GLU A 66 5.86 2.88 -19.62
C GLU A 66 7.19 3.64 -19.67
N GLU A 67 7.13 4.85 -20.22
CA GLU A 67 8.30 5.69 -20.33
C GLU A 67 9.12 5.64 -19.04
N ILE A 68 8.40 5.74 -17.92
CA ILE A 68 9.03 5.71 -16.62
C ILE A 68 9.55 4.31 -16.35
N GLN A 69 8.79 3.33 -16.80
CA GLN A 69 9.16 1.94 -16.60
C GLN A 69 10.46 1.62 -17.35
N ALA A 70 10.72 2.40 -18.38
CA ALA A 70 11.92 2.22 -19.18
C ALA A 70 13.10 2.90 -18.48
N ARG A 71 12.87 4.15 -18.09
CA ARG A 71 13.90 4.91 -17.41
C ARG A 71 14.18 4.31 -16.02
N VAL A 72 13.22 3.55 -15.55
CA VAL A 72 13.34 2.91 -14.25
C VAL A 72 14.12 1.60 -14.39
N ARG A 73 13.57 0.71 -15.20
CA ARG A 73 14.19 -0.58 -15.43
C ARG A 73 15.66 -0.40 -15.78
N HIS A 74 15.94 0.63 -16.57
CA HIS A 74 17.31 0.93 -16.97
C HIS A 74 18.01 1.70 -15.86
N ARG A 75 19.32 1.47 -15.75
CA ARG A 75 20.12 2.14 -14.75
C ARG A 75 20.31 3.62 -15.11
N CYS A 76 19.36 4.43 -14.68
CA CYS A 76 19.41 5.85 -14.95
C CYS A 76 18.34 6.55 -14.11
N LEU A 77 18.10 6.00 -12.93
CA LEU A 77 17.10 6.55 -12.03
C LEU A 77 17.79 7.45 -11.00
N MET A 78 17.01 8.36 -10.44
CA MET A 78 17.53 9.29 -9.45
C MET A 78 16.50 9.52 -8.34
N SER A 79 15.62 10.47 -8.57
CA SER A 79 14.59 10.79 -7.60
C SER A 79 13.21 10.82 -8.27
N SER A 80 12.19 10.48 -7.49
CA SER A 80 10.84 10.46 -8.00
C SER A 80 10.56 11.73 -8.82
N LYS A 81 11.15 12.83 -8.35
CA LYS A 81 10.97 14.10 -9.02
C LYS A 81 11.44 13.97 -10.47
N GLU A 82 12.57 13.30 -10.65
CA GLU A 82 13.13 13.11 -11.96
C GLU A 82 12.16 12.31 -12.84
N ILE A 83 11.53 11.32 -12.22
CA ILE A 83 10.57 10.48 -12.94
C ILE A 83 9.47 11.36 -13.51
N VAL A 84 8.74 12.01 -12.63
CA VAL A 84 7.65 12.88 -13.05
C VAL A 84 8.19 13.93 -14.02
N THR A 85 9.47 14.23 -13.87
CA THR A 85 10.11 15.21 -14.73
C THR A 85 10.18 14.70 -16.17
N LEU A 86 10.56 13.43 -16.30
CA LEU A 86 10.67 12.82 -17.61
C LEU A 86 9.29 12.81 -18.28
N VAL A 87 8.30 12.38 -17.52
CA VAL A 87 6.94 12.32 -18.02
C VAL A 87 6.42 13.75 -18.24
N GLU A 88 7.00 14.68 -17.51
CA GLU A 88 6.61 16.07 -17.62
C GLU A 88 6.98 16.62 -19.00
N ASP A 89 8.25 16.45 -19.34
CA ASP A 89 8.75 16.92 -20.63
C ASP A 89 8.28 15.98 -21.73
N PHE A 90 7.74 14.84 -21.31
CA PHE A 90 7.24 13.85 -22.25
C PHE A 90 5.92 14.30 -22.87
N HIS A 91 4.90 14.35 -22.03
CA HIS A 91 3.58 14.76 -22.49
C HIS A 91 3.59 16.26 -22.79
N ARG A 92 4.61 16.93 -22.28
CA ARG A 92 4.74 18.36 -22.49
C ARG A 92 5.39 18.65 -23.84
N ALA A 93 6.52 17.97 -24.07
CA ALA A 93 7.25 18.14 -25.32
C ALA A 93 7.33 19.63 -25.65
N SER A 94 7.30 19.92 -26.95
CA SER A 94 7.38 21.29 -27.41
C SER A 94 6.24 22.12 -26.80
N LYS A 95 5.08 22.02 -27.42
CA LYS A 95 3.91 22.75 -26.96
C LYS A 95 4.13 24.25 -27.17
N LYS A 96 3.32 25.03 -26.48
CA LYS A 96 3.41 26.48 -26.59
C LYS A 96 3.40 27.09 -25.19
N PRO A 97 4.62 27.15 -24.58
CA PRO A 97 4.77 27.71 -23.24
C PRO A 97 4.67 29.24 -23.27
N LYS A 98 4.34 29.80 -22.12
CA LYS A 98 4.21 31.24 -22.00
C LYS A 98 4.53 31.66 -20.56
N GLY B 1 -0.47 -7.14 -10.28
CA GLY B 1 0.85 -6.58 -10.48
C GLY B 1 1.77 -7.56 -11.21
N SER B 2 1.39 -7.89 -12.43
CA SER B 2 2.16 -8.82 -13.24
C SER B 2 1.37 -9.21 -14.50
N LYS B 3 1.89 -10.20 -15.20
CA LYS B 3 1.25 -10.67 -16.42
C LYS B 3 0.56 -12.00 -16.14
N ASN B 4 0.29 -12.23 -14.86
CA ASN B 4 -0.36 -13.46 -14.45
C ASN B 4 -1.59 -13.12 -13.60
N CYS B 5 -1.95 -11.84 -13.63
CA CYS B 5 -3.09 -11.37 -12.87
C CYS B 5 -3.59 -10.08 -13.50
N PRO B 6 -4.94 -9.99 -13.68
CA PRO B 6 -5.54 -8.80 -14.27
C PRO B 6 -5.57 -7.65 -13.27
N ASP B 7 -4.37 -7.15 -12.96
CA ASP B 7 -4.25 -6.04 -12.02
C ASP B 7 -4.59 -6.53 -10.62
N PRO B 8 -4.19 -5.71 -9.61
CA PRO B 8 -4.45 -6.05 -8.22
C PRO B 8 -5.92 -5.81 -7.86
N GLU B 9 -6.19 -5.82 -6.56
CA GLU B 9 -7.54 -5.61 -6.08
C GLU B 9 -7.53 -4.75 -4.82
N LEU B 10 -6.60 -5.08 -3.93
CA LEU B 10 -6.47 -4.35 -2.69
C LEU B 10 -5.99 -2.93 -2.98
N CYS B 11 -4.87 -2.85 -3.68
CA CYS B 11 -4.30 -1.56 -4.03
C CYS B 11 -5.13 -0.95 -5.15
N ARG B 12 -5.63 -1.83 -6.02
CA ARG B 12 -6.44 -1.38 -7.14
C ARG B 12 -7.71 -0.68 -6.63
N GLN B 13 -8.19 -1.15 -5.49
CA GLN B 13 -9.39 -0.59 -4.89
C GLN B 13 -9.03 0.64 -4.05
N SER B 14 -7.89 0.54 -3.38
CA SER B 14 -7.42 1.64 -2.53
C SER B 14 -7.43 2.94 -3.32
N PHE B 15 -6.79 2.90 -4.49
CA PHE B 15 -6.72 4.08 -5.34
C PHE B 15 -7.87 4.09 -6.35
N ARG B 16 -8.05 2.96 -7.02
CA ARG B 16 -9.09 2.83 -8.01
C ARG B 16 -8.56 3.14 -9.41
N ARG B 17 -7.26 3.37 -9.46
CA ARG B 17 -6.61 3.68 -10.72
C ARG B 17 -6.67 5.19 -10.99
N PHE B 18 -5.78 5.92 -10.32
CA PHE B 18 -5.73 7.36 -10.48
C PHE B 18 -5.71 7.75 -11.96
N CYS B 19 -4.86 7.06 -12.70
CA CYS B 19 -4.73 7.33 -14.13
C CYS B 19 -4.25 8.77 -14.31
N TYR B 20 -3.07 8.90 -14.88
CA TYR B 20 -2.48 10.21 -15.12
C TYR B 20 -3.54 11.20 -15.60
N GLN B 21 -4.52 10.67 -16.31
CA GLN B 21 -5.60 11.49 -16.84
C GLN B 21 -6.23 12.32 -15.71
N GLU B 22 -6.19 11.75 -14.51
CA GLU B 22 -6.75 12.42 -13.35
C GLU B 22 -6.34 13.90 -13.34
N VAL B 23 -5.20 14.16 -12.72
CA VAL B 23 -4.70 15.52 -12.63
C VAL B 23 -4.05 15.90 -13.96
N SER B 24 -3.31 14.96 -14.52
CA SER B 24 -2.64 15.18 -15.79
C SER B 24 -1.25 15.77 -15.55
N GLY B 25 -1.17 16.63 -14.54
CA GLY B 25 0.08 17.27 -14.19
C GLY B 25 1.12 16.23 -13.75
N PRO B 26 2.38 16.71 -13.56
CA PRO B 26 3.47 15.85 -13.14
C PRO B 26 3.34 15.49 -11.65
N GLN B 27 3.98 16.30 -10.83
CA GLN B 27 3.95 16.09 -9.39
C GLN B 27 2.50 15.98 -8.90
N GLU B 28 1.61 16.57 -9.68
CA GLU B 28 0.19 16.55 -9.34
C GLU B 28 -0.29 15.11 -9.14
N ALA B 29 0.39 14.20 -9.81
CA ALA B 29 0.05 12.78 -9.72
C ALA B 29 0.17 12.34 -8.26
N LEU B 30 1.35 12.55 -7.70
CA LEU B 30 1.61 12.18 -6.34
C LEU B 30 0.73 13.01 -5.40
N SER B 31 0.31 14.16 -5.91
CA SER B 31 -0.54 15.06 -5.14
C SER B 31 -1.82 14.34 -4.74
N GLN B 32 -2.56 13.89 -5.74
CA GLN B 32 -3.81 13.20 -5.51
C GLN B 32 -3.55 11.88 -4.80
N LEU B 33 -2.62 11.11 -5.35
CA LEU B 33 -2.27 9.82 -4.77
C LEU B 33 -1.86 10.02 -3.31
N ARG B 34 -0.98 10.99 -3.10
CA ARG B 34 -0.49 11.28 -1.77
C ARG B 34 -1.66 11.61 -0.84
N GLN B 35 -2.72 12.12 -1.44
CA GLN B 35 -3.91 12.48 -0.69
C GLN B 35 -4.60 11.23 -0.15
N LEU B 36 -4.91 10.33 -1.07
CA LEU B 36 -5.57 9.08 -0.69
C LEU B 36 -4.59 8.21 0.08
N CYS B 37 -3.33 8.30 -0.30
CA CYS B 37 -2.29 7.52 0.35
C CYS B 37 -2.27 7.88 1.83
N ARG B 38 -1.87 9.12 2.10
CA ARG B 38 -1.82 9.61 3.47
C ARG B 38 -3.13 9.32 4.20
N GLN B 39 -4.22 9.38 3.44
CA GLN B 39 -5.53 9.14 4.00
C GLN B 39 -5.74 7.63 4.21
N TRP B 40 -4.90 6.85 3.55
CA TRP B 40 -4.98 5.41 3.65
C TRP B 40 -4.22 4.98 4.91
N LEU B 41 -2.97 5.40 4.99
CA LEU B 41 -2.13 5.07 6.12
C LEU B 41 -2.56 5.91 7.33
N GLN B 42 -2.38 7.21 7.19
CA GLN B 42 -2.74 8.13 8.26
C GLN B 42 -2.67 7.43 9.62
N PRO B 43 -1.42 7.21 10.09
CA PRO B 43 -1.21 6.55 11.36
C PRO B 43 -1.53 7.49 12.53
N GLU B 44 -1.48 6.92 13.73
CA GLU B 44 -1.76 7.70 14.93
C GLU B 44 -0.48 7.96 15.71
N LEU B 45 0.41 6.97 15.68
CA LEU B 45 1.68 7.08 16.37
C LEU B 45 2.76 7.55 15.39
N HIS B 46 2.60 7.14 14.15
CA HIS B 46 3.53 7.52 13.11
C HIS B 46 4.69 6.51 13.07
N THR B 47 4.93 5.91 14.22
CA THR B 47 6.00 4.92 14.33
C THR B 47 5.71 3.71 13.43
N LYS B 48 6.72 2.88 13.28
CA LYS B 48 6.59 1.69 12.46
C LYS B 48 5.48 0.81 13.02
N GLU B 49 4.99 1.19 14.18
CA GLU B 49 3.92 0.44 14.84
C GLU B 49 2.65 0.49 13.99
N GLN B 50 2.17 1.70 13.76
CA GLN B 50 0.97 1.88 12.96
C GLN B 50 1.25 1.60 11.50
N ILE B 51 2.38 2.11 11.03
CA ILE B 51 2.78 1.92 9.65
C ILE B 51 2.73 0.42 9.31
N LEU B 52 3.44 -0.36 10.09
CA LEU B 52 3.48 -1.79 9.88
C LEU B 52 2.06 -2.35 9.89
N GLU B 53 1.35 -2.06 10.98
CA GLU B 53 -0.02 -2.52 11.11
C GLU B 53 -0.90 -1.93 10.01
N LEU B 54 -0.34 -0.96 9.31
CA LEU B 54 -1.04 -0.30 8.23
C LEU B 54 -1.13 -1.26 7.03
N LEU B 55 0.01 -1.50 6.43
CA LEU B 55 0.08 -2.40 5.28
C LEU B 55 -0.21 -3.83 5.73
N VAL B 56 0.16 -4.11 6.98
CA VAL B 56 -0.03 -5.43 7.54
C VAL B 56 -1.53 -5.69 7.70
N MET B 57 -2.25 -4.63 8.08
CA MET B 57 -3.68 -4.72 8.27
C MET B 57 -4.40 -4.90 6.93
N GLU B 58 -4.44 -3.81 6.16
CA GLU B 58 -5.09 -3.83 4.87
C GLU B 58 -4.81 -5.15 4.15
N GLN B 59 -3.57 -5.61 4.28
CA GLN B 59 -3.17 -6.85 3.65
C GLN B 59 -3.80 -8.04 4.37
N PHE B 60 -3.55 -8.12 5.66
CA PHE B 60 -4.09 -9.20 6.47
C PHE B 60 -5.57 -9.43 6.14
N LEU B 61 -6.26 -8.35 5.83
CA LEU B 61 -7.67 -8.43 5.49
C LEU B 61 -7.83 -9.14 4.14
N THR B 62 -6.99 -8.73 3.19
CA THR B 62 -7.02 -9.32 1.87
C THR B 62 -6.75 -10.82 1.93
N ILE B 63 -5.99 -11.20 2.96
CA ILE B 63 -5.65 -12.60 3.14
C ILE B 63 -6.80 -13.32 3.83
N LEU B 64 -7.46 -12.61 4.72
CA LEU B 64 -8.59 -13.16 5.45
C LEU B 64 -9.78 -13.30 4.50
N PRO B 65 -10.78 -14.12 4.95
CA PRO B 65 -11.97 -14.35 4.15
C PRO B 65 -12.90 -13.13 4.21
N GLU B 66 -14.16 -13.38 3.89
CA GLU B 66 -15.16 -12.32 3.91
C GLU B 66 -15.73 -12.16 5.31
N GLU B 67 -15.74 -13.26 6.05
CA GLU B 67 -16.25 -13.25 7.41
C GLU B 67 -15.76 -12.01 8.15
N ILE B 68 -14.49 -11.69 7.94
CA ILE B 68 -13.89 -10.54 8.58
C ILE B 68 -14.44 -9.27 7.95
N GLN B 69 -14.55 -9.30 6.63
CA GLN B 69 -15.05 -8.15 5.89
C GLN B 69 -16.44 -7.75 6.42
N ALA B 70 -17.12 -8.74 6.97
CA ALA B 70 -18.46 -8.51 7.52
C ALA B 70 -18.33 -7.97 8.94
N ARG B 71 -17.44 -8.60 9.71
CA ARG B 71 -17.23 -8.20 11.08
C ARG B 71 -16.67 -6.77 11.14
N VAL B 72 -15.99 -6.39 10.07
CA VAL B 72 -15.41 -5.06 9.99
C VAL B 72 -16.42 -4.12 9.34
N ARG B 73 -17.18 -4.65 8.40
CA ARG B 73 -18.18 -3.87 7.71
C ARG B 73 -19.14 -3.23 8.71
N HIS B 74 -19.66 -4.07 9.61
CA HIS B 74 -20.59 -3.59 10.62
C HIS B 74 -19.84 -2.78 11.67
N ARG B 75 -20.06 -1.47 11.62
CA ARG B 75 -19.41 -0.57 12.56
C ARG B 75 -19.29 -1.23 13.94
N CYS B 76 -18.11 -1.77 14.21
CA CYS B 76 -17.87 -2.43 15.47
C CYS B 76 -16.46 -3.04 15.43
N LEU B 77 -15.52 -2.25 14.96
CA LEU B 77 -14.14 -2.70 14.85
C LEU B 77 -13.36 -2.21 16.08
N MET B 78 -12.21 -2.83 16.28
CA MET B 78 -11.35 -2.48 17.41
C MET B 78 -9.88 -2.47 17.00
N SER B 79 -9.28 -3.65 17.06
CA SER B 79 -7.88 -3.79 16.70
C SER B 79 -7.71 -4.94 15.70
N SER B 80 -6.45 -5.20 15.36
CA SER B 80 -6.15 -6.26 14.42
C SER B 80 -6.26 -7.63 15.11
N LYS B 81 -5.78 -7.66 16.35
CA LYS B 81 -5.84 -8.89 17.13
C LYS B 81 -7.28 -9.39 17.21
N GLU B 82 -8.20 -8.45 17.07
CA GLU B 82 -9.61 -8.78 17.13
C GLU B 82 -10.03 -9.57 15.89
N ILE B 83 -9.76 -8.98 14.73
CA ILE B 83 -10.09 -9.62 13.47
C ILE B 83 -9.50 -11.03 13.43
N VAL B 84 -8.25 -11.11 13.89
CA VAL B 84 -7.57 -12.39 13.92
C VAL B 84 -8.32 -13.35 14.84
N THR B 85 -8.73 -12.82 15.99
CA THR B 85 -9.44 -13.61 16.96
C THR B 85 -10.71 -14.21 16.34
N LEU B 86 -11.35 -13.41 15.50
CA LEU B 86 -12.57 -13.84 14.83
C LEU B 86 -12.24 -15.02 13.89
N VAL B 87 -11.21 -14.81 13.08
CA VAL B 87 -10.79 -15.84 12.15
C VAL B 87 -10.45 -17.12 12.91
N GLU B 88 -9.92 -16.93 14.11
CA GLU B 88 -9.55 -18.05 14.95
C GLU B 88 -10.79 -18.68 15.58
N ASP B 89 -11.75 -17.82 15.91
CA ASP B 89 -12.99 -18.28 16.51
C ASP B 89 -13.74 -19.16 15.52
N PHE B 90 -13.56 -18.86 14.24
CA PHE B 90 -14.21 -19.60 13.18
C PHE B 90 -13.43 -20.88 12.86
N HIS B 91 -12.12 -20.72 12.77
CA HIS B 91 -11.24 -21.84 12.46
C HIS B 91 -11.19 -22.79 13.67
N ARG B 92 -11.63 -22.28 14.80
CA ARG B 92 -11.64 -23.08 16.03
C ARG B 92 -13.03 -23.68 16.26
N ALA B 93 -14.04 -22.85 16.02
CA ALA B 93 -15.41 -23.28 16.20
C ALA B 93 -15.81 -24.20 15.04
N SER B 94 -17.05 -24.03 14.60
CA SER B 94 -17.57 -24.84 13.50
C SER B 94 -17.70 -26.30 13.94
N LYS B 95 -18.27 -26.48 15.13
CA LYS B 95 -18.48 -27.80 15.67
C LYS B 95 -17.13 -28.35 16.17
N LYS B 96 -16.22 -28.54 15.24
CA LYS B 96 -14.90 -29.06 15.57
C LYS B 96 -13.85 -28.05 15.12
N PRO B 97 -12.73 -28.00 15.91
CA PRO B 97 -11.64 -27.09 15.60
C PRO B 97 -10.82 -27.60 14.43
N LYS B 98 -10.38 -26.66 13.60
CA LYS B 98 -9.58 -26.99 12.43
C LYS B 98 -10.14 -28.25 11.78
N GLY A 1 23.69 -4.08 -11.05
CA GLY A 1 22.28 -4.16 -10.70
C GLY A 1 21.80 -2.86 -10.03
N SER A 2 20.61 -2.91 -9.48
CA SER A 2 20.03 -1.76 -8.81
C SER A 2 20.07 -1.95 -7.30
N LYS A 3 19.74 -0.88 -6.58
CA LYS A 3 19.74 -0.92 -5.14
C LYS A 3 18.40 -0.39 -4.62
N ASN A 4 17.37 -0.55 -5.44
CA ASN A 4 16.04 -0.10 -5.08
C ASN A 4 15.07 -1.27 -5.19
N CYS A 5 13.79 -0.93 -5.22
CA CYS A 5 12.74 -1.93 -5.32
C CYS A 5 11.71 -1.45 -6.33
N PRO A 6 12.16 -1.36 -7.62
CA PRO A 6 11.28 -0.91 -8.69
C PRO A 6 10.29 -2.02 -9.08
N ASP A 7 9.02 -1.70 -8.92
CA ASP A 7 7.96 -2.65 -9.24
C ASP A 7 6.62 -2.12 -8.71
N PRO A 8 5.53 -2.77 -9.21
CA PRO A 8 4.19 -2.37 -8.79
C PRO A 8 3.89 -2.85 -7.37
N GLU A 9 3.51 -4.12 -7.27
CA GLU A 9 3.19 -4.71 -5.98
C GLU A 9 4.13 -5.87 -5.68
N LEU A 10 5.28 -5.85 -6.34
CA LEU A 10 6.27 -6.91 -6.15
C LEU A 10 6.98 -6.71 -4.82
N CYS A 11 7.44 -5.48 -4.60
CA CYS A 11 8.12 -5.15 -3.37
C CYS A 11 7.20 -5.50 -2.20
N ARG A 12 5.91 -5.35 -2.45
CA ARG A 12 4.91 -5.64 -1.43
C ARG A 12 4.87 -7.15 -1.13
N GLN A 13 4.32 -7.88 -2.07
CA GLN A 13 4.21 -9.33 -1.92
C GLN A 13 5.58 -9.93 -1.61
N SER A 14 6.62 -9.20 -2.00
CA SER A 14 7.98 -9.65 -1.77
C SER A 14 8.27 -9.68 -0.27
N PHE A 15 8.26 -8.50 0.33
CA PHE A 15 8.52 -8.37 1.75
C PHE A 15 7.71 -9.40 2.55
N ARG A 16 6.57 -9.78 1.98
CA ARG A 16 5.70 -10.75 2.62
C ARG A 16 5.65 -12.04 1.81
N ARG A 17 4.65 -12.10 0.94
CA ARG A 17 4.48 -13.27 0.09
C ARG A 17 4.15 -14.50 0.95
N PHE A 18 3.22 -14.31 1.86
CA PHE A 18 2.81 -15.39 2.75
C PHE A 18 1.89 -16.38 2.02
N CYS A 19 0.63 -16.01 1.92
CA CYS A 19 -0.36 -16.84 1.27
C CYS A 19 -0.96 -17.78 2.29
N TYR A 20 -0.82 -17.40 3.56
CA TYR A 20 -1.34 -18.21 4.65
C TYR A 20 -0.71 -19.60 4.66
N GLN A 21 0.37 -19.73 3.90
CA GLN A 21 1.07 -21.01 3.80
C GLN A 21 2.20 -21.05 4.83
N GLU A 22 2.50 -19.90 5.40
CA GLU A 22 3.55 -19.80 6.40
C GLU A 22 3.01 -20.20 7.77
N VAL A 23 2.27 -19.28 8.38
CA VAL A 23 1.70 -19.52 9.70
C VAL A 23 0.29 -20.10 9.53
N SER A 24 0.01 -21.13 10.30
CA SER A 24 -1.29 -21.77 10.26
C SER A 24 -2.22 -21.14 11.29
N GLY A 25 -1.70 -20.14 11.98
CA GLY A 25 -2.47 -19.46 13.00
C GLY A 25 -3.12 -18.18 12.43
N PRO A 26 -4.07 -17.61 13.23
CA PRO A 26 -4.76 -16.41 12.81
C PRO A 26 -3.86 -15.18 12.95
N GLN A 27 -3.73 -14.72 14.19
CA GLN A 27 -2.91 -13.55 14.47
C GLN A 27 -1.47 -13.80 14.01
N GLU A 28 -1.13 -15.08 13.90
CA GLU A 28 0.21 -15.46 13.47
C GLU A 28 0.55 -14.80 12.14
N ALA A 29 -0.49 -14.54 11.36
CA ALA A 29 -0.31 -13.91 10.06
C ALA A 29 0.41 -12.57 10.24
N LEU A 30 -0.22 -11.69 11.01
CA LEU A 30 0.34 -10.37 11.26
C LEU A 30 1.67 -10.53 12.04
N SER A 31 1.75 -11.63 12.78
CA SER A 31 2.94 -11.92 13.56
C SER A 31 4.18 -11.80 12.68
N GLN A 32 4.26 -12.70 11.70
CA GLN A 32 5.39 -12.71 10.79
C GLN A 32 5.46 -11.39 10.01
N LEU A 33 4.32 -11.01 9.46
CA LEU A 33 4.23 -9.78 8.69
C LEU A 33 4.77 -8.62 9.53
N ARG A 34 4.05 -8.32 10.60
CA ARG A 34 4.44 -7.23 11.49
C ARG A 34 5.96 -7.24 11.70
N GLN A 35 6.51 -8.45 11.67
CA GLN A 35 7.95 -8.61 11.86
C GLN A 35 8.71 -7.97 10.69
N LEU A 36 8.45 -8.50 9.50
CA LEU A 36 9.11 -7.99 8.30
C LEU A 36 8.75 -6.51 8.13
N CYS A 37 7.45 -6.25 8.00
CA CYS A 37 6.97 -4.89 7.82
C CYS A 37 7.72 -3.99 8.80
N ARG A 38 7.64 -4.36 10.07
CA ARG A 38 8.30 -3.58 11.11
C ARG A 38 9.74 -3.26 10.71
N GLN A 39 10.37 -4.25 10.08
CA GLN A 39 11.75 -4.08 9.63
C GLN A 39 11.79 -3.35 8.29
N TRP A 40 10.63 -3.28 7.65
CA TRP A 40 10.51 -2.61 6.37
C TRP A 40 10.71 -1.12 6.60
N LEU A 41 9.87 -0.57 7.46
CA LEU A 41 9.94 0.85 7.78
C LEU A 41 10.74 1.05 9.06
N GLN A 42 10.30 0.35 10.11
CA GLN A 42 10.96 0.44 11.40
C GLN A 42 11.15 1.90 11.81
N PRO A 43 10.47 2.28 12.92
CA PRO A 43 10.55 3.64 13.42
C PRO A 43 11.90 3.89 14.11
N GLU A 44 12.96 3.68 13.35
CA GLU A 44 14.30 3.87 13.87
C GLU A 44 15.05 4.90 13.02
N LEU A 45 14.39 5.36 11.98
CA LEU A 45 14.98 6.33 11.08
C LEU A 45 13.96 6.74 10.02
N HIS A 46 13.29 5.74 9.47
CA HIS A 46 12.28 5.98 8.44
C HIS A 46 11.06 6.65 9.09
N THR A 47 11.08 7.96 9.08
CA THR A 47 9.99 8.73 9.64
C THR A 47 8.83 8.82 8.66
N LYS A 48 7.93 9.75 8.92
CA LYS A 48 6.77 9.95 8.07
C LYS A 48 7.23 10.20 6.64
N GLU A 49 8.52 10.53 6.52
CA GLU A 49 9.09 10.81 5.21
C GLU A 49 9.03 9.57 4.33
N GLN A 50 9.68 8.51 4.81
CA GLN A 50 9.71 7.25 4.08
C GLN A 50 8.32 6.62 4.04
N ILE A 51 7.65 6.70 5.19
CA ILE A 51 6.30 6.13 5.30
C ILE A 51 5.41 6.76 4.23
N LEU A 52 5.29 8.07 4.29
CA LEU A 52 4.47 8.80 3.34
C LEU A 52 4.85 8.38 1.92
N GLU A 53 6.14 8.44 1.64
CA GLU A 53 6.64 8.06 0.33
C GLU A 53 6.35 6.59 0.06
N LEU A 54 6.12 5.85 1.14
CA LEU A 54 5.84 4.43 1.02
C LEU A 54 4.52 4.24 0.25
N LEU A 55 3.45 4.72 0.86
CA LEU A 55 2.14 4.61 0.25
C LEU A 55 2.03 5.58 -0.93
N VAL A 56 2.61 6.76 -0.73
CA VAL A 56 2.60 7.77 -1.77
C VAL A 56 3.19 7.20 -3.06
N MET A 57 4.23 6.40 -2.90
CA MET A 57 4.88 5.78 -4.03
C MET A 57 4.03 4.65 -4.61
N GLU A 58 3.90 3.59 -3.83
CA GLU A 58 3.11 2.44 -4.25
C GLU A 58 1.89 2.90 -5.04
N GLN A 59 1.34 4.03 -4.64
CA GLN A 59 0.17 4.59 -5.30
C GLN A 59 0.58 5.24 -6.62
N PHE A 60 1.59 6.09 -6.54
CA PHE A 60 2.08 6.80 -7.72
C PHE A 60 2.40 5.80 -8.85
N LEU A 61 2.58 4.55 -8.46
CA LEU A 61 2.88 3.51 -9.42
C LEU A 61 1.58 2.90 -9.94
N THR A 62 0.67 2.65 -9.02
CA THR A 62 -0.62 2.07 -9.37
C THR A 62 -1.45 3.07 -10.17
N ILE A 63 -1.19 4.34 -9.91
CA ILE A 63 -1.91 5.41 -10.60
C ILE A 63 -1.45 5.47 -12.05
N LEU A 64 -0.13 5.40 -12.23
CA LEU A 64 0.45 5.45 -13.55
C LEU A 64 0.40 4.06 -14.19
N PRO A 65 0.19 4.03 -15.53
CA PRO A 65 0.12 2.78 -16.26
C PRO A 65 1.51 2.17 -16.43
N GLU A 66 1.61 1.25 -17.38
CA GLU A 66 2.87 0.58 -17.65
C GLU A 66 3.63 1.32 -18.75
N GLU A 67 3.02 2.38 -19.24
CA GLU A 67 3.63 3.18 -20.29
C GLU A 67 4.90 3.86 -19.78
N ILE A 68 4.89 4.16 -18.49
CA ILE A 68 6.03 4.81 -17.86
C ILE A 68 7.17 3.80 -17.71
N GLN A 69 6.80 2.63 -17.20
CA GLN A 69 7.78 1.57 -16.99
C GLN A 69 8.36 1.12 -18.33
N ALA A 70 7.56 1.30 -19.38
CA ALA A 70 7.98 0.91 -20.72
C ALA A 70 8.96 1.95 -21.26
N ARG A 71 8.48 3.19 -21.33
CA ARG A 71 9.31 4.27 -21.82
C ARG A 71 10.55 4.46 -20.94
N VAL A 72 10.52 3.78 -19.80
CA VAL A 72 11.63 3.85 -18.87
C VAL A 72 12.59 2.69 -19.14
N ARG A 73 12.20 1.52 -18.67
CA ARG A 73 13.01 0.33 -18.85
C ARG A 73 12.46 -0.53 -19.98
N HIS A 74 11.20 -0.27 -20.32
CA HIS A 74 10.55 -1.00 -21.38
C HIS A 74 9.68 -2.11 -20.78
N ARG A 75 9.79 -2.27 -19.47
CA ARG A 75 9.04 -3.28 -18.76
C ARG A 75 9.57 -3.46 -17.34
N CYS A 76 9.83 -2.33 -16.70
CA CYS A 76 10.34 -2.34 -15.34
C CYS A 76 10.50 -0.88 -14.87
N LEU A 77 10.70 -0.73 -13.58
CA LEU A 77 10.88 0.59 -13.00
C LEU A 77 12.33 0.77 -12.56
N MET A 78 12.69 2.01 -12.31
CA MET A 78 14.05 2.32 -11.88
C MET A 78 14.05 3.45 -10.85
N SER A 79 13.68 4.64 -11.31
CA SER A 79 13.63 5.80 -10.44
C SER A 79 12.27 6.50 -10.57
N SER A 80 11.68 6.79 -9.42
CA SER A 80 10.40 7.46 -9.38
C SER A 80 10.45 8.75 -10.21
N LYS A 81 11.54 9.48 -10.03
CA LYS A 81 11.72 10.74 -10.75
C LYS A 81 11.67 10.46 -12.25
N GLU A 82 12.30 9.37 -12.64
CA GLU A 82 12.34 8.98 -14.05
C GLU A 82 10.92 8.72 -14.57
N ILE A 83 10.09 8.18 -13.67
CA ILE A 83 8.72 7.87 -14.03
C ILE A 83 7.97 9.18 -14.31
N VAL A 84 7.77 9.96 -13.25
CA VAL A 84 7.08 11.23 -13.38
C VAL A 84 7.78 12.09 -14.43
N THR A 85 9.01 11.71 -14.73
CA THR A 85 9.80 12.44 -15.71
C THR A 85 9.23 12.23 -17.12
N LEU A 86 9.24 10.97 -17.54
CA LEU A 86 8.74 10.62 -18.86
C LEU A 86 7.28 11.10 -18.97
N VAL A 87 6.52 10.82 -17.93
CA VAL A 87 5.12 11.22 -17.92
C VAL A 87 5.02 12.74 -18.01
N GLU A 88 5.95 13.41 -17.35
CA GLU A 88 5.98 14.86 -17.36
C GLU A 88 6.17 15.38 -18.79
N ASP A 89 7.08 14.73 -19.51
CA ASP A 89 7.37 15.11 -20.88
C ASP A 89 6.14 14.85 -21.74
N PHE A 90 5.39 13.82 -21.36
CA PHE A 90 4.18 13.46 -22.10
C PHE A 90 3.11 14.53 -21.95
N HIS A 91 2.99 15.04 -20.73
CA HIS A 91 2.01 16.07 -20.44
C HIS A 91 2.36 17.35 -21.20
N ARG A 92 3.63 17.75 -21.07
CA ARG A 92 4.12 18.94 -21.73
C ARG A 92 5.57 19.21 -21.35
N ALA A 93 6.44 18.34 -21.84
CA ALA A 93 7.87 18.46 -21.56
C ALA A 93 8.28 19.93 -21.71
N SER A 94 8.90 20.44 -20.66
CA SER A 94 9.36 21.82 -20.66
C SER A 94 10.41 22.03 -19.58
N LYS A 95 11.12 20.94 -19.28
CA LYS A 95 12.16 21.00 -18.26
C LYS A 95 11.54 21.44 -16.93
N LYS A 96 11.31 20.46 -16.06
CA LYS A 96 10.73 20.74 -14.76
C LYS A 96 11.10 19.61 -13.80
N PRO A 97 12.13 19.88 -12.95
CA PRO A 97 12.58 18.91 -11.98
C PRO A 97 11.61 18.79 -10.81
N LYS A 98 11.71 17.68 -10.10
CA LYS A 98 10.84 17.44 -8.95
C LYS A 98 11.59 16.61 -7.91
N GLY B 1 -35.00 7.10 0.28
CA GLY B 1 -34.05 6.01 0.20
C GLY B 1 -32.62 6.54 0.02
N SER B 2 -31.83 6.34 1.07
CA SER B 2 -30.45 6.79 1.04
C SER B 2 -29.75 6.42 2.36
N LYS B 3 -28.47 6.13 2.25
CA LYS B 3 -27.68 5.76 3.41
C LYS B 3 -26.24 6.27 3.24
N ASN B 4 -25.60 6.52 4.37
CA ASN B 4 -24.23 7.01 4.35
C ASN B 4 -23.71 7.09 5.79
N CYS B 5 -22.57 6.44 6.01
CA CYS B 5 -21.97 6.43 7.33
C CYS B 5 -20.46 6.64 7.17
N PRO B 6 -19.91 7.56 8.01
CA PRO B 6 -18.49 7.86 7.95
C PRO B 6 -17.67 6.73 8.60
N ASP B 7 -16.54 6.44 7.98
CA ASP B 7 -15.66 5.39 8.47
C ASP B 7 -14.29 6.00 8.80
N PRO B 8 -13.66 5.44 9.86
CA PRO B 8 -12.35 5.91 10.29
C PRO B 8 -11.26 5.43 9.34
N GLU B 9 -11.45 5.72 8.07
CA GLU B 9 -10.49 5.32 7.05
C GLU B 9 -11.13 5.37 5.67
N LEU B 10 -11.93 6.41 5.44
CA LEU B 10 -12.60 6.58 4.17
C LEU B 10 -11.62 7.17 3.15
N CYS B 11 -11.08 8.32 3.50
CA CYS B 11 -10.12 8.99 2.62
C CYS B 11 -8.98 8.01 2.31
N ARG B 12 -8.82 7.05 3.21
CA ARG B 12 -7.77 6.05 3.04
C ARG B 12 -8.19 5.01 2.01
N GLN B 13 -9.26 4.29 2.33
CA GLN B 13 -9.77 3.26 1.45
C GLN B 13 -10.24 3.88 0.13
N SER B 14 -10.29 5.21 0.12
CA SER B 14 -10.73 5.93 -1.06
C SER B 14 -9.53 6.22 -1.96
N PHE B 15 -8.52 6.84 -1.37
CA PHE B 15 -7.31 7.18 -2.10
C PHE B 15 -6.67 5.94 -2.72
N ARG B 16 -6.83 4.83 -2.02
CA ARG B 16 -6.27 3.57 -2.48
C ARG B 16 -6.43 3.44 -3.99
N ARG B 17 -5.36 3.78 -4.70
CA ARG B 17 -5.36 3.72 -6.15
C ARG B 17 -6.02 4.97 -6.73
N PHE B 18 -5.43 6.11 -6.42
CA PHE B 18 -5.94 7.38 -6.91
C PHE B 18 -6.28 7.29 -8.40
N CYS B 19 -5.34 6.76 -9.15
CA CYS B 19 -5.52 6.63 -10.58
C CYS B 19 -5.57 8.03 -11.21
N TYR B 20 -4.62 8.28 -12.09
CA TYR B 20 -4.53 9.58 -12.75
C TYR B 20 -5.92 10.15 -12.99
N GLN B 21 -6.04 11.46 -12.78
CA GLN B 21 -7.31 12.15 -12.96
C GLN B 21 -7.29 13.49 -12.24
N GLU B 22 -7.54 13.45 -10.95
CA GLU B 22 -7.55 14.65 -10.14
C GLU B 22 -6.51 15.65 -10.66
N VAL B 23 -5.26 15.22 -10.65
CA VAL B 23 -4.17 16.05 -11.11
C VAL B 23 -3.93 15.81 -12.61
N SER B 24 -3.63 16.88 -13.31
CA SER B 24 -3.38 16.79 -14.74
C SER B 24 -1.91 17.08 -15.04
N GLY B 25 -1.08 16.86 -14.03
CA GLY B 25 0.35 17.09 -14.16
C GLY B 25 1.14 15.85 -13.77
N PRO B 26 2.49 15.97 -13.87
CA PRO B 26 3.37 14.87 -13.53
C PRO B 26 3.46 14.69 -12.01
N GLN B 27 4.43 15.38 -11.43
CA GLN B 27 4.64 15.30 -9.99
C GLN B 27 3.33 15.58 -9.25
N GLU B 28 2.42 16.24 -9.95
CA GLU B 28 1.13 16.57 -9.38
C GLU B 28 0.45 15.32 -8.83
N ALA B 29 0.81 14.19 -9.41
CA ALA B 29 0.25 12.92 -8.97
C ALA B 29 0.59 12.68 -7.51
N LEU B 30 1.88 12.73 -7.23
CA LEU B 30 2.37 12.51 -5.87
C LEU B 30 1.80 13.61 -4.97
N SER B 31 1.54 14.76 -5.58
CA SER B 31 1.00 15.89 -4.83
C SER B 31 -0.30 15.49 -4.15
N GLN B 32 -1.25 15.06 -4.97
CA GLN B 32 -2.55 14.66 -4.45
C GLN B 32 -2.39 13.51 -3.45
N LEU B 33 -1.55 12.56 -3.82
CA LEU B 33 -1.30 11.41 -2.96
C LEU B 33 -0.64 11.88 -1.67
N ARG B 34 0.60 12.35 -1.81
CA ARG B 34 1.35 12.84 -0.66
C ARG B 34 0.41 13.49 0.36
N GLN B 35 -0.60 14.15 -0.17
CA GLN B 35 -1.58 14.82 0.68
C GLN B 35 -2.48 13.79 1.36
N LEU B 36 -3.06 12.92 0.55
CA LEU B 36 -3.94 11.89 1.06
C LEU B 36 -3.14 10.93 1.95
N CYS B 37 -1.99 10.52 1.43
CA CYS B 37 -1.13 9.61 2.16
C CYS B 37 -0.86 10.22 3.54
N ARG B 38 -0.27 11.40 3.53
CA ARG B 38 0.06 12.10 4.77
C ARG B 38 -1.14 12.07 5.72
N GLN B 39 -2.33 12.23 5.13
CA GLN B 39 -3.55 12.23 5.92
C GLN B 39 -4.02 10.80 6.16
N TRP B 40 -3.42 9.87 5.41
CA TRP B 40 -3.77 8.47 5.54
C TRP B 40 -3.26 7.97 6.89
N LEU B 41 -1.97 8.16 7.09
CA LEU B 41 -1.33 7.74 8.34
C LEU B 41 -1.24 8.93 9.28
N GLN B 42 -0.68 10.01 8.76
CA GLN B 42 -0.53 11.23 9.56
C GLN B 42 -0.11 10.88 10.98
N PRO B 43 1.23 10.92 11.21
CA PRO B 43 1.77 10.61 12.53
C PRO B 43 1.53 11.76 13.50
N GLU B 44 0.26 12.04 13.75
CA GLU B 44 -0.12 13.11 14.66
C GLU B 44 -0.66 12.52 15.97
N LEU B 45 -0.56 11.21 16.08
CA LEU B 45 -1.03 10.52 17.27
C LEU B 45 -0.61 9.05 17.21
N HIS B 46 -0.69 8.50 16.01
CA HIS B 46 -0.32 7.11 15.80
C HIS B 46 1.09 7.04 15.22
N THR B 47 1.99 6.46 16.00
CA THR B 47 3.38 6.33 15.57
C THR B 47 3.46 5.48 14.30
N LYS B 48 4.65 4.98 14.04
CA LYS B 48 4.88 4.15 12.87
C LYS B 48 4.13 2.82 13.03
N GLU B 49 3.53 2.66 14.20
CA GLU B 49 2.78 1.45 14.49
C GLU B 49 1.64 1.27 13.47
N GLN B 50 0.91 2.34 13.27
CA GLN B 50 -0.21 2.32 12.33
C GLN B 50 0.29 1.99 10.92
N ILE B 51 1.41 2.61 10.56
CA ILE B 51 2.00 2.39 9.26
C ILE B 51 2.45 0.94 9.14
N LEU B 52 3.19 0.50 10.15
CA LEU B 52 3.70 -0.86 10.17
C LEU B 52 2.53 -1.84 10.00
N GLU B 53 1.39 -1.44 10.54
CA GLU B 53 0.20 -2.26 10.46
C GLU B 53 -0.48 -2.08 9.09
N LEU B 54 -0.14 -0.98 8.45
CA LEU B 54 -0.70 -0.67 7.14
C LEU B 54 -0.25 -1.73 6.14
N LEU B 55 1.05 -1.87 6.02
CA LEU B 55 1.63 -2.84 5.10
C LEU B 55 1.30 -4.26 5.60
N VAL B 56 1.41 -4.42 6.91
CA VAL B 56 1.13 -5.71 7.52
C VAL B 56 -0.30 -6.13 7.20
N MET B 57 -1.18 -5.14 7.18
CA MET B 57 -2.59 -5.38 6.89
C MET B 57 -2.79 -5.77 5.43
N GLU B 58 -2.68 -4.77 4.57
CA GLU B 58 -2.85 -4.99 3.14
C GLU B 58 -2.37 -6.39 2.77
N GLN B 59 -1.24 -6.77 3.33
CA GLN B 59 -0.67 -8.08 3.05
C GLN B 59 -1.40 -9.15 3.88
N PHE B 60 -1.44 -8.92 5.19
CA PHE B 60 -2.10 -9.85 6.09
C PHE B 60 -3.43 -10.33 5.51
N LEU B 61 -3.97 -9.53 4.60
CA LEU B 61 -5.23 -9.84 3.97
C LEU B 61 -4.97 -10.65 2.70
N THR B 62 -4.06 -10.14 1.89
CA THR B 62 -3.70 -10.80 0.64
C THR B 62 -3.34 -12.26 0.89
N ILE B 63 -2.75 -12.50 2.06
CA ILE B 63 -2.36 -13.85 2.42
C ILE B 63 -3.61 -14.71 2.63
N LEU B 64 -4.67 -14.06 3.05
CA LEU B 64 -5.93 -14.75 3.28
C LEU B 64 -6.75 -14.75 1.99
N PRO B 65 -7.97 -15.34 2.09
CA PRO B 65 -8.86 -15.42 0.94
C PRO B 65 -9.50 -14.06 0.65
N GLU B 66 -10.60 -14.10 -0.08
CA GLU B 66 -11.32 -12.89 -0.43
C GLU B 66 -12.36 -12.56 0.65
N GLU B 67 -12.80 -13.60 1.33
CA GLU B 67 -13.78 -13.43 2.39
C GLU B 67 -13.39 -12.26 3.30
N ILE B 68 -12.09 -12.12 3.51
CA ILE B 68 -11.57 -11.05 4.34
C ILE B 68 -11.86 -9.71 3.68
N GLN B 69 -11.76 -9.70 2.36
CA GLN B 69 -12.00 -8.48 1.60
C GLN B 69 -13.48 -8.12 1.64
N ALA B 70 -14.31 -9.14 1.73
CA ALA B 70 -15.75 -8.95 1.78
C ALA B 70 -16.12 -8.27 3.11
N ARG B 71 -15.63 -8.85 4.19
CA ARG B 71 -15.90 -8.32 5.52
C ARG B 71 -15.13 -7.01 5.73
N VAL B 72 -14.00 -6.92 5.06
CA VAL B 72 -13.16 -5.73 5.17
C VAL B 72 -13.90 -4.54 4.57
N ARG B 73 -14.53 -4.77 3.43
CA ARG B 73 -15.28 -3.73 2.75
C ARG B 73 -16.55 -3.39 3.54
N HIS B 74 -17.44 -4.36 3.60
CA HIS B 74 -18.69 -4.17 4.32
C HIS B 74 -19.12 -2.71 4.23
N ARG B 75 -19.22 -2.08 5.40
CA ARG B 75 -19.63 -0.69 5.46
C ARG B 75 -20.08 -0.33 6.87
N CYS B 76 -19.10 -0.21 7.76
CA CYS B 76 -19.38 0.12 9.15
C CYS B 76 -18.11 -0.12 9.96
N LEU B 77 -17.84 -1.40 10.21
CA LEU B 77 -16.67 -1.78 10.97
C LEU B 77 -15.52 -2.12 10.02
N MET B 78 -14.32 -2.17 10.57
CA MET B 78 -13.14 -2.48 9.78
C MET B 78 -11.90 -2.62 10.66
N SER B 79 -11.88 -3.71 11.43
CA SER B 79 -10.77 -3.97 12.32
C SER B 79 -10.00 -5.21 11.86
N SER B 80 -8.69 -5.08 11.83
CA SER B 80 -7.84 -6.18 11.42
C SER B 80 -8.15 -7.43 12.25
N LYS B 81 -8.32 -7.21 13.54
CA LYS B 81 -8.62 -8.30 14.46
C LYS B 81 -9.89 -9.02 13.99
N GLU B 82 -10.84 -8.21 13.50
CA GLU B 82 -12.10 -8.75 13.01
C GLU B 82 -11.85 -9.65 11.80
N ILE B 83 -10.85 -9.28 11.01
CA ILE B 83 -10.51 -10.04 9.82
C ILE B 83 -10.02 -11.43 10.23
N VAL B 84 -8.94 -11.43 10.99
CA VAL B 84 -8.36 -12.68 11.46
C VAL B 84 -9.42 -13.47 12.25
N THR B 85 -10.36 -12.72 12.81
CA THR B 85 -11.43 -13.33 13.60
C THR B 85 -12.32 -14.19 12.70
N LEU B 86 -12.73 -13.60 11.59
CA LEU B 86 -13.59 -14.30 10.64
C LEU B 86 -12.86 -15.53 10.12
N VAL B 87 -11.59 -15.34 9.81
CA VAL B 87 -10.77 -16.43 9.30
C VAL B 87 -10.67 -17.52 10.37
N GLU B 88 -10.52 -17.09 11.61
CA GLU B 88 -10.41 -18.01 12.73
C GLU B 88 -11.69 -18.83 12.87
N ASP B 89 -12.81 -18.16 12.63
CA ASP B 89 -14.10 -18.81 12.74
C ASP B 89 -14.20 -19.92 11.69
N PHE B 90 -13.87 -19.57 10.46
CA PHE B 90 -13.90 -20.53 9.37
C PHE B 90 -13.08 -21.77 9.70
N HIS B 91 -11.86 -21.53 10.17
CA HIS B 91 -10.97 -22.62 10.52
C HIS B 91 -11.66 -23.55 11.52
N ARG B 92 -12.15 -22.95 12.60
CA ARG B 92 -12.84 -23.71 13.63
C ARG B 92 -12.99 -22.86 14.90
N ALA B 93 -13.29 -21.58 14.69
CA ALA B 93 -13.47 -20.66 15.79
C ALA B 93 -12.47 -21.01 16.90
N SER B 94 -12.86 -20.65 18.12
CA SER B 94 -12.01 -20.92 19.28
C SER B 94 -12.82 -20.78 20.57
N LYS B 95 -14.07 -21.18 20.48
CA LYS B 95 -14.97 -21.10 21.61
C LYS B 95 -15.25 -19.63 21.96
N LYS B 96 -16.05 -19.01 21.10
CA LYS B 96 -16.40 -17.62 21.30
C LYS B 96 -17.77 -17.52 21.96
N PRO B 97 -17.78 -16.95 23.19
CA PRO B 97 -19.02 -16.79 23.94
C PRO B 97 -19.87 -15.66 23.36
N LYS B 98 -21.14 -15.67 23.74
CA LYS B 98 -22.07 -14.65 23.26
C LYS B 98 -21.38 -13.29 23.29
N GLY A 1 22.91 -5.11 -16.09
CA GLY A 1 24.10 -4.38 -15.70
C GLY A 1 23.94 -3.71 -14.34
N SER A 2 25.06 -3.28 -13.77
CA SER A 2 25.04 -2.63 -12.47
C SER A 2 24.60 -1.17 -12.63
N LYS A 3 23.71 -0.76 -11.73
CA LYS A 3 23.20 0.60 -11.75
C LYS A 3 22.34 0.83 -10.51
N ASN A 4 22.85 1.69 -9.63
CA ASN A 4 22.14 2.01 -8.40
C ASN A 4 20.64 2.17 -8.71
N CYS A 5 19.84 2.05 -7.67
CA CYS A 5 18.40 2.19 -7.81
C CYS A 5 17.84 2.76 -6.52
N PRO A 6 17.01 3.82 -6.65
CA PRO A 6 16.40 4.47 -5.51
C PRO A 6 15.26 3.62 -4.95
N ASP A 7 15.61 2.79 -3.97
CA ASP A 7 14.62 1.92 -3.35
C ASP A 7 14.13 0.90 -4.36
N PRO A 8 14.78 -0.31 -4.33
CA PRO A 8 14.42 -1.38 -5.23
C PRO A 8 13.10 -2.03 -4.81
N GLU A 9 12.83 -1.98 -3.52
CA GLU A 9 11.61 -2.55 -2.99
C GLU A 9 11.62 -4.07 -3.15
N LEU A 10 12.82 -4.64 -3.02
CA LEU A 10 12.99 -6.07 -3.15
C LEU A 10 12.42 -6.77 -1.91
N CYS A 11 12.93 -6.36 -0.77
CA CYS A 11 12.50 -6.92 0.50
C CYS A 11 11.02 -6.56 0.70
N ARG A 12 10.64 -5.43 0.12
CA ARG A 12 9.27 -4.95 0.24
C ARG A 12 8.32 -5.92 -0.47
N GLN A 13 8.69 -6.27 -1.69
CA GLN A 13 7.88 -7.19 -2.47
C GLN A 13 8.05 -8.62 -1.97
N SER A 14 9.21 -8.88 -1.40
CA SER A 14 9.52 -10.20 -0.88
C SER A 14 8.53 -10.56 0.23
N PHE A 15 8.54 -9.75 1.28
CA PHE A 15 7.65 -9.96 2.40
C PHE A 15 6.19 -9.69 2.01
N ARG A 16 6.01 -8.61 1.27
CA ARG A 16 4.68 -8.22 0.82
C ARG A 16 3.97 -9.40 0.17
N ARG A 17 4.77 -10.23 -0.51
CA ARG A 17 4.24 -11.40 -1.19
C ARG A 17 4.39 -12.64 -0.30
N PHE A 18 4.38 -12.41 1.00
CA PHE A 18 4.52 -13.49 1.96
C PHE A 18 3.64 -14.68 1.57
N CYS A 19 2.41 -14.36 1.18
CA CYS A 19 1.46 -15.39 0.78
C CYS A 19 1.07 -16.19 2.03
N TYR A 20 -0.23 -16.34 2.20
CA TYR A 20 -0.74 -17.09 3.35
C TYR A 20 -0.25 -18.53 3.33
N GLN A 21 1.01 -18.70 3.74
CA GLN A 21 1.62 -20.02 3.78
C GLN A 21 1.37 -20.67 5.13
N GLU A 22 0.37 -20.16 5.83
CA GLU A 22 0.01 -20.69 7.14
C GLU A 22 1.18 -20.53 8.11
N VAL A 23 1.20 -19.39 8.78
CA VAL A 23 2.26 -19.11 9.74
C VAL A 23 1.82 -19.57 11.13
N SER A 24 1.21 -20.75 11.16
CA SER A 24 0.74 -21.32 12.42
C SER A 24 -0.71 -20.91 12.66
N GLY A 25 -1.15 -19.91 11.91
CA GLY A 25 -2.50 -19.41 12.03
C GLY A 25 -2.68 -18.08 11.29
N PRO A 26 -3.88 -17.47 11.47
CA PRO A 26 -4.18 -16.21 10.83
C PRO A 26 -3.45 -15.05 11.51
N GLN A 27 -3.65 -14.95 12.81
CA GLN A 27 -3.01 -13.90 13.59
C GLN A 27 -1.51 -13.89 13.35
N GLU A 28 -1.02 -15.04 12.89
CA GLU A 28 0.41 -15.18 12.62
C GLU A 28 0.76 -14.52 11.28
N ALA A 29 -0.29 -14.23 10.51
CA ALA A 29 -0.10 -13.60 9.22
C ALA A 29 0.52 -12.22 9.40
N LEU A 30 -0.28 -11.33 9.97
CA LEU A 30 0.17 -9.97 10.22
C LEU A 30 1.34 -9.99 11.21
N SER A 31 1.42 -11.09 11.96
CA SER A 31 2.48 -11.25 12.94
C SER A 31 3.84 -11.17 12.26
N GLN A 32 4.05 -12.09 11.34
CA GLN A 32 5.30 -12.13 10.60
C GLN A 32 5.49 -10.86 9.77
N LEU A 33 4.39 -10.43 9.17
CA LEU A 33 4.41 -9.23 8.34
C LEU A 33 4.59 -8.00 9.23
N ARG A 34 4.20 -8.16 10.48
CA ARG A 34 4.31 -7.08 11.45
C ARG A 34 5.79 -6.76 11.72
N GLN A 35 6.57 -7.82 11.88
CA GLN A 35 7.99 -7.68 12.14
C GLN A 35 8.71 -7.18 10.89
N LEU A 36 8.36 -7.80 9.77
CA LEU A 36 8.96 -7.44 8.49
C LEU A 36 8.70 -5.96 8.21
N CYS A 37 7.44 -5.58 8.36
CA CYS A 37 7.04 -4.20 8.13
C CYS A 37 7.89 -3.30 9.01
N ARG A 38 7.84 -3.56 10.31
CA ARG A 38 8.60 -2.78 11.26
C ARG A 38 10.03 -2.58 10.77
N GLN A 39 10.57 -3.61 10.14
CA GLN A 39 11.92 -3.56 9.61
C GLN A 39 11.92 -2.91 8.23
N TRP A 40 10.73 -2.82 7.64
CA TRP A 40 10.58 -2.23 6.33
C TRP A 40 10.82 -0.72 6.46
N LEU A 41 10.05 -0.11 7.35
CA LEU A 41 10.15 1.32 7.59
C LEU A 41 11.21 1.57 8.67
N GLN A 42 10.99 0.96 9.82
CA GLN A 42 11.91 1.11 10.94
C GLN A 42 12.49 2.53 10.96
N PRO A 43 11.81 3.41 11.73
CA PRO A 43 12.24 4.80 11.84
C PRO A 43 13.48 4.92 12.74
N GLU A 44 14.60 4.45 12.21
CA GLU A 44 15.85 4.50 12.95
C GLU A 44 16.74 5.63 12.44
N LEU A 45 16.12 6.50 11.64
CA LEU A 45 16.84 7.64 11.08
C LEU A 45 15.93 8.36 10.09
N HIS A 46 15.08 7.59 9.43
CA HIS A 46 14.16 8.15 8.46
C HIS A 46 12.83 8.46 9.14
N THR A 47 12.59 9.75 9.34
CA THR A 47 11.36 10.19 9.98
C THR A 47 10.15 9.78 9.14
N LYS A 48 9.05 10.48 9.36
CA LYS A 48 7.82 10.19 8.64
C LYS A 48 8.02 10.52 7.16
N GLU A 49 9.19 11.06 6.85
CA GLU A 49 9.51 11.42 5.48
C GLU A 49 9.57 10.17 4.60
N GLN A 50 10.26 9.17 5.10
CA GLN A 50 10.41 7.92 4.38
C GLN A 50 9.05 7.21 4.26
N ILE A 51 8.34 7.17 5.39
CA ILE A 51 7.05 6.53 5.43
C ILE A 51 6.09 7.27 4.48
N LEU A 52 6.11 8.59 4.59
CA LEU A 52 5.24 9.41 3.75
C LEU A 52 5.46 9.03 2.29
N GLU A 53 6.72 8.93 1.91
CA GLU A 53 7.07 8.57 0.55
C GLU A 53 6.66 7.13 0.25
N LEU A 54 6.56 6.34 1.31
CA LEU A 54 6.17 4.95 1.17
C LEU A 54 4.76 4.87 0.58
N LEU A 55 3.83 5.51 1.27
CA LEU A 55 2.44 5.53 0.82
C LEU A 55 2.35 6.26 -0.52
N VAL A 56 3.08 7.36 -0.61
CA VAL A 56 3.10 8.14 -1.83
C VAL A 56 3.59 7.28 -3.00
N MET A 57 4.54 6.42 -2.68
CA MET A 57 5.11 5.53 -3.68
C MET A 57 4.08 4.47 -4.12
N GLU A 58 3.83 3.53 -3.22
CA GLU A 58 2.88 2.47 -3.50
C GLU A 58 1.62 3.03 -4.16
N GLN A 59 1.27 4.25 -3.76
CA GLN A 59 0.10 4.91 -4.30
C GLN A 59 0.42 5.50 -5.68
N PHE A 60 1.37 6.42 -5.68
CA PHE A 60 1.77 7.07 -6.92
C PHE A 60 1.93 6.05 -8.05
N LEU A 61 2.15 4.80 -7.65
CA LEU A 61 2.32 3.73 -8.60
C LEU A 61 0.96 3.12 -8.94
N THR A 62 0.14 2.98 -7.91
CA THR A 62 -1.19 2.42 -8.08
C THR A 62 -2.06 3.36 -8.92
N ILE A 63 -1.82 4.65 -8.75
CA ILE A 63 -2.57 5.65 -9.48
C ILE A 63 -2.21 5.58 -10.96
N LEU A 64 -0.93 5.41 -11.23
CA LEU A 64 -0.44 5.31 -12.59
C LEU A 64 -0.64 3.88 -13.10
N PRO A 65 -0.93 3.77 -14.42
CA PRO A 65 -1.15 2.48 -15.03
C PRO A 65 0.19 1.74 -15.23
N GLU A 66 0.15 0.44 -15.02
CA GLU A 66 1.34 -0.38 -15.16
C GLU A 66 2.19 0.13 -16.33
N GLU A 67 1.50 0.62 -17.36
CA GLU A 67 2.18 1.14 -18.54
C GLU A 67 3.39 1.99 -18.11
N ILE A 68 3.23 2.64 -16.97
CA ILE A 68 4.30 3.49 -16.46
C ILE A 68 5.48 2.61 -16.02
N GLN A 69 5.15 1.55 -15.30
CA GLN A 69 6.17 0.64 -14.81
C GLN A 69 6.84 -0.07 -15.99
N ALA A 70 6.15 -0.09 -17.11
CA ALA A 70 6.67 -0.72 -18.31
C ALA A 70 7.61 0.25 -19.02
N ARG A 71 7.05 1.39 -19.41
CA ARG A 71 7.84 2.40 -20.11
C ARG A 71 9.03 2.82 -19.25
N VAL A 72 8.96 2.46 -17.98
CA VAL A 72 10.04 2.80 -17.05
C VAL A 72 11.04 1.64 -17.02
N ARG A 73 10.64 0.57 -16.36
CA ARG A 73 11.49 -0.60 -16.24
C ARG A 73 11.15 -1.62 -17.34
N HIS A 74 9.87 -1.66 -17.69
CA HIS A 74 9.40 -2.58 -18.71
C HIS A 74 8.87 -3.85 -18.05
N ARG A 75 8.97 -3.88 -16.73
CA ARG A 75 8.50 -5.02 -15.97
C ARG A 75 8.90 -4.89 -14.49
N CYS A 76 8.76 -3.67 -13.99
CA CYS A 76 9.11 -3.39 -12.61
C CYS A 76 9.26 -1.88 -12.44
N LEU A 77 9.63 -1.48 -11.24
CA LEU A 77 9.82 -0.07 -10.94
C LEU A 77 11.32 0.22 -10.79
N MET A 78 11.65 1.50 -10.86
CA MET A 78 13.03 1.92 -10.72
C MET A 78 13.14 3.18 -9.87
N SER A 79 12.86 4.32 -10.50
CA SER A 79 12.92 5.59 -9.80
C SER A 79 11.60 6.34 -9.96
N SER A 80 11.09 6.82 -8.83
CA SER A 80 9.84 7.56 -8.84
C SER A 80 9.85 8.62 -9.94
N LYS A 81 10.99 9.30 -10.04
CA LYS A 81 11.15 10.35 -11.04
C LYS A 81 10.91 9.75 -12.43
N GLU A 82 11.51 8.59 -12.66
CA GLU A 82 11.37 7.91 -13.93
C GLU A 82 9.90 7.59 -14.21
N ILE A 83 9.18 7.27 -13.13
CA ILE A 83 7.77 6.94 -13.25
C ILE A 83 7.02 8.16 -13.77
N VAL A 84 6.92 9.17 -12.93
CA VAL A 84 6.23 10.39 -13.29
C VAL A 84 6.76 10.90 -14.64
N THR A 85 7.96 10.44 -14.97
CA THR A 85 8.59 10.83 -16.22
C THR A 85 7.80 10.27 -17.41
N LEU A 86 7.83 8.95 -17.52
CA LEU A 86 7.13 8.28 -18.61
C LEU A 86 5.65 8.64 -18.56
N VAL A 87 5.22 9.12 -17.39
CA VAL A 87 3.84 9.50 -17.20
C VAL A 87 3.54 10.75 -18.03
N GLU A 88 4.45 11.71 -17.93
CA GLU A 88 4.30 12.96 -18.67
C GLU A 88 4.59 12.74 -20.16
N ASP A 89 5.48 11.78 -20.41
CA ASP A 89 5.87 11.47 -21.78
C ASP A 89 4.69 10.79 -22.48
N PHE A 90 3.97 9.98 -21.72
CA PHE A 90 2.82 9.27 -22.25
C PHE A 90 1.59 10.18 -22.34
N HIS A 91 1.53 11.11 -21.39
CA HIS A 91 0.41 12.04 -21.34
C HIS A 91 0.68 13.21 -22.30
N ARG A 92 1.95 13.34 -22.66
CA ARG A 92 2.34 14.41 -23.58
C ARG A 92 2.18 13.96 -25.03
N ALA A 93 2.74 12.79 -25.32
CA ALA A 93 2.66 12.24 -26.67
C ALA A 93 1.20 12.23 -27.13
N SER A 94 1.02 12.16 -28.43
CA SER A 94 -0.31 12.15 -29.01
C SER A 94 -1.23 11.25 -28.18
N LYS A 95 -0.71 10.08 -27.84
CA LYS A 95 -1.47 9.12 -27.04
C LYS A 95 -1.96 9.81 -25.77
N LYS A 96 -2.97 9.20 -25.17
CA LYS A 96 -3.53 9.72 -23.94
C LYS A 96 -4.58 8.75 -23.40
N PRO A 97 -4.37 8.33 -22.12
CA PRO A 97 -5.27 7.40 -21.47
C PRO A 97 -6.58 8.10 -21.07
N LYS A 98 -7.61 7.28 -20.88
CA LYS A 98 -8.92 7.79 -20.50
C LYS A 98 -8.80 8.49 -19.14
N GLY B 1 -4.28 20.83 10.11
CA GLY B 1 -5.03 20.24 9.02
C GLY B 1 -6.53 20.38 9.24
N SER B 2 -7.15 19.28 9.65
CA SER B 2 -8.58 19.27 9.90
C SER B 2 -8.85 19.06 11.39
N LYS B 3 -8.32 17.96 11.91
CA LYS B 3 -8.50 17.64 13.32
C LYS B 3 -9.98 17.43 13.60
N ASN B 4 -10.26 17.03 14.83
CA ASN B 4 -11.64 16.79 15.25
C ASN B 4 -12.26 15.72 14.35
N CYS B 5 -13.33 15.12 14.85
CA CYS B 5 -14.03 14.09 14.10
C CYS B 5 -12.99 13.23 13.38
N PRO B 6 -12.27 12.40 14.18
CA PRO B 6 -11.25 11.53 13.63
C PRO B 6 -11.87 10.34 12.90
N ASP B 7 -11.01 9.54 12.28
CA ASP B 7 -11.47 8.38 11.54
C ASP B 7 -10.47 7.24 11.74
N PRO B 8 -11.01 5.99 11.65
CA PRO B 8 -10.18 4.80 11.83
C PRO B 8 -9.31 4.57 10.58
N GLU B 9 -9.87 4.88 9.43
CA GLU B 9 -9.16 4.71 8.17
C GLU B 9 -10.01 5.20 7.01
N LEU B 10 -10.62 6.37 7.20
CA LEU B 10 -11.47 6.96 6.18
C LEU B 10 -10.59 7.58 5.09
N CYS B 11 -9.76 8.52 5.52
CA CYS B 11 -8.85 9.20 4.61
C CYS B 11 -8.03 8.16 3.86
N ARG B 12 -7.89 7.00 4.51
CA ARG B 12 -7.13 5.91 3.91
C ARG B 12 -7.92 5.27 2.78
N GLN B 13 -9.08 4.72 3.14
CA GLN B 13 -9.94 4.07 2.17
C GLN B 13 -10.42 5.09 1.12
N SER B 14 -10.20 6.36 1.43
CA SER B 14 -10.59 7.42 0.53
C SER B 14 -9.52 7.64 -0.54
N PHE B 15 -8.36 8.09 -0.10
CA PHE B 15 -7.26 8.32 -1.01
C PHE B 15 -6.78 7.03 -1.66
N ARG B 16 -6.90 5.95 -0.89
CA ARG B 16 -6.48 4.64 -1.38
C ARG B 16 -6.95 4.44 -2.82
N ARG B 17 -5.98 4.49 -3.73
CA ARG B 17 -6.27 4.31 -5.14
C ARG B 17 -6.79 5.62 -5.75
N PHE B 18 -5.94 6.63 -5.72
CA PHE B 18 -6.29 7.93 -6.25
C PHE B 18 -6.87 7.80 -7.67
N CYS B 19 -6.02 7.34 -8.58
CA CYS B 19 -6.44 7.17 -9.96
C CYS B 19 -6.39 8.53 -10.65
N TYR B 20 -5.22 9.16 -10.57
CA TYR B 20 -5.02 10.46 -11.17
C TYR B 20 -6.31 11.29 -11.12
N GLN B 21 -6.48 11.97 -9.98
CA GLN B 21 -7.66 12.81 -9.80
C GLN B 21 -7.29 14.28 -9.91
N GLU B 22 -7.04 14.89 -8.76
CA GLU B 22 -6.67 16.29 -8.72
C GLU B 22 -5.44 16.54 -9.58
N VAL B 23 -4.59 15.52 -9.67
CA VAL B 23 -3.38 15.62 -10.46
C VAL B 23 -3.60 16.59 -11.62
N SER B 24 -2.77 17.62 -11.66
CA SER B 24 -2.87 18.63 -12.70
C SER B 24 -1.56 18.67 -13.50
N GLY B 25 -0.71 17.69 -13.24
CA GLY B 25 0.57 17.62 -13.92
C GLY B 25 1.23 16.26 -13.69
N PRO B 26 2.60 16.26 -13.80
CA PRO B 26 3.36 15.04 -13.60
C PRO B 26 3.43 14.68 -12.11
N GLN B 27 4.42 15.28 -11.44
CA GLN B 27 4.61 15.04 -10.02
C GLN B 27 3.34 15.39 -9.25
N GLU B 28 2.45 16.10 -9.91
CA GLU B 28 1.20 16.51 -9.30
C GLU B 28 0.58 15.34 -8.53
N ALA B 29 0.90 14.14 -8.99
CA ALA B 29 0.38 12.94 -8.35
C ALA B 29 0.89 12.87 -6.91
N LEU B 30 2.20 12.77 -6.78
CA LEU B 30 2.82 12.70 -5.47
C LEU B 30 2.41 13.91 -4.65
N SER B 31 2.05 14.97 -5.36
CA SER B 31 1.64 16.21 -4.70
C SER B 31 0.41 15.95 -3.83
N GLN B 32 -0.67 15.55 -4.48
CA GLN B 32 -1.91 15.26 -3.78
C GLN B 32 -1.70 14.14 -2.77
N LEU B 33 -1.09 13.07 -3.25
CA LEU B 33 -0.82 11.92 -2.40
C LEU B 33 0.02 12.35 -1.20
N ARG B 34 1.20 12.88 -1.50
CA ARG B 34 2.10 13.34 -0.46
C ARG B 34 1.31 14.01 0.67
N GLN B 35 0.35 14.82 0.27
CA GLN B 35 -0.49 15.52 1.24
C GLN B 35 -1.37 14.52 2.00
N LEU B 36 -1.89 13.56 1.26
CA LEU B 36 -2.75 12.54 1.86
C LEU B 36 -1.89 11.59 2.69
N CYS B 37 -0.95 10.94 2.02
CA CYS B 37 -0.07 9.99 2.68
C CYS B 37 0.30 10.56 4.05
N ARG B 38 0.75 11.81 4.04
CA ARG B 38 1.13 12.48 5.26
C ARG B 38 -0.03 12.51 6.24
N GLN B 39 -1.17 12.97 5.74
CA GLN B 39 -2.37 13.06 6.56
C GLN B 39 -3.02 11.68 6.69
N TRP B 40 -2.34 10.68 6.14
CA TRP B 40 -2.84 9.32 6.20
C TRP B 40 -2.39 8.71 7.52
N LEU B 41 -1.10 8.77 7.76
CA LEU B 41 -0.53 8.23 8.98
C LEU B 41 -0.32 9.36 9.99
N GLN B 42 0.46 10.34 9.58
CA GLN B 42 0.75 11.48 10.43
C GLN B 42 1.28 11.01 11.78
N PRO B 43 2.52 11.47 12.10
CA PRO B 43 3.16 11.10 13.35
C PRO B 43 2.54 11.86 14.53
N GLU B 44 1.64 11.19 15.22
CA GLU B 44 0.97 11.80 16.36
C GLU B 44 -0.33 11.04 16.68
N LEU B 45 -0.16 9.93 17.37
CA LEU B 45 -1.30 9.10 17.75
C LEU B 45 -1.42 7.93 16.76
N HIS B 46 -0.52 7.92 15.79
CA HIS B 46 -0.53 6.88 14.78
C HIS B 46 0.81 6.85 14.07
N THR B 47 1.87 7.10 14.84
CA THR B 47 3.22 7.11 14.29
C THR B 47 3.57 5.72 13.74
N LYS B 48 4.87 5.46 13.71
CA LYS B 48 5.36 4.18 13.21
C LYS B 48 4.39 3.07 13.63
N GLU B 49 3.72 3.31 14.75
CA GLU B 49 2.77 2.34 15.26
C GLU B 49 1.68 2.06 14.23
N GLN B 50 0.98 3.12 13.86
CA GLN B 50 -0.10 3.00 12.88
C GLN B 50 0.48 2.64 11.51
N ILE B 51 1.54 3.34 11.15
CA ILE B 51 2.19 3.10 9.87
C ILE B 51 2.51 1.62 9.73
N LEU B 52 3.25 1.11 10.70
CA LEU B 52 3.63 -0.29 10.70
C LEU B 52 2.40 -1.16 10.39
N GLU B 53 1.35 -0.93 11.17
CA GLU B 53 0.12 -1.66 11.00
C GLU B 53 -0.50 -1.35 9.63
N LEU B 54 -0.02 -0.27 9.03
CA LEU B 54 -0.50 0.14 7.73
C LEU B 54 -0.09 -0.88 6.67
N LEU B 55 1.22 -0.95 6.46
CA LEU B 55 1.76 -1.88 5.49
C LEU B 55 1.44 -3.32 5.92
N VAL B 56 1.59 -3.55 7.22
CA VAL B 56 1.32 -4.87 7.77
C VAL B 56 -0.09 -5.30 7.37
N MET B 57 -1.02 -4.36 7.43
CA MET B 57 -2.39 -4.63 7.08
C MET B 57 -2.53 -4.96 5.60
N GLU B 58 -2.37 -3.93 4.77
CA GLU B 58 -2.46 -4.10 3.33
C GLU B 58 -1.79 -5.41 2.91
N GLN B 59 -0.82 -5.83 3.70
CA GLN B 59 -0.09 -7.05 3.42
C GLN B 59 -0.91 -8.27 3.85
N PHE B 60 -1.15 -8.35 5.14
CA PHE B 60 -1.93 -9.45 5.69
C PHE B 60 -3.11 -9.79 4.80
N LEU B 61 -3.67 -8.75 4.18
CA LEU B 61 -4.81 -8.93 3.29
C LEU B 61 -4.32 -9.46 1.94
N THR B 62 -3.25 -8.84 1.45
CA THR B 62 -2.68 -9.24 0.17
C THR B 62 -2.49 -10.76 0.13
N ILE B 63 -2.34 -11.35 1.30
CA ILE B 63 -2.15 -12.78 1.41
C ILE B 63 -3.51 -13.46 1.56
N LEU B 64 -4.36 -12.84 2.36
CA LEU B 64 -5.69 -13.37 2.59
C LEU B 64 -6.39 -13.62 1.25
N PRO B 65 -7.43 -14.48 1.29
CA PRO B 65 -8.18 -14.81 0.09
C PRO B 65 -9.11 -13.66 -0.30
N GLU B 66 -10.10 -13.99 -1.12
CA GLU B 66 -11.06 -13.01 -1.57
C GLU B 66 -12.14 -12.79 -0.52
N GLU B 67 -12.36 -13.84 0.28
CA GLU B 67 -13.36 -13.77 1.33
C GLU B 67 -13.26 -12.44 2.08
N ILE B 68 -12.03 -12.05 2.39
CA ILE B 68 -11.79 -10.80 3.09
C ILE B 68 -12.01 -9.63 2.13
N GLN B 69 -11.47 -9.77 0.93
CA GLN B 69 -11.60 -8.73 -0.07
C GLN B 69 -13.09 -8.36 -0.26
N ALA B 70 -13.94 -9.31 0.07
CA ALA B 70 -15.38 -9.10 -0.06
C ALA B 70 -15.90 -8.44 1.22
N ARG B 71 -15.49 -8.99 2.35
CA ARG B 71 -15.91 -8.47 3.64
C ARG B 71 -15.36 -7.05 3.84
N VAL B 72 -14.34 -6.74 3.06
CA VAL B 72 -13.72 -5.42 3.13
C VAL B 72 -14.35 -4.50 2.08
N ARG B 73 -14.40 -4.99 0.86
CA ARG B 73 -14.97 -4.23 -0.23
C ARG B 73 -16.33 -3.66 0.17
N HIS B 74 -17.10 -4.48 0.86
CA HIS B 74 -18.42 -4.08 1.31
C HIS B 74 -18.29 -3.17 2.53
N ARG B 75 -19.43 -2.85 3.12
CA ARG B 75 -19.46 -2.00 4.30
C ARG B 75 -19.64 -2.84 5.57
N CYS B 76 -18.55 -3.46 5.99
CA CYS B 76 -18.58 -4.30 7.17
C CYS B 76 -17.18 -4.29 7.80
N LEU B 77 -16.44 -3.24 7.50
CA LEU B 77 -15.09 -3.10 8.02
C LEU B 77 -15.15 -2.57 9.46
N MET B 78 -14.11 -2.90 10.22
CA MET B 78 -14.05 -2.48 11.60
C MET B 78 -12.60 -2.50 12.11
N SER B 79 -12.14 -3.70 12.44
CA SER B 79 -10.78 -3.87 12.93
C SER B 79 -10.05 -4.93 12.10
N SER B 80 -8.85 -5.28 12.56
CA SER B 80 -8.05 -6.27 11.88
C SER B 80 -8.29 -7.65 12.51
N LYS B 81 -8.61 -7.63 13.79
CA LYS B 81 -8.88 -8.86 14.52
C LYS B 81 -10.08 -9.58 13.89
N GLU B 82 -11.00 -8.77 13.38
CA GLU B 82 -12.20 -9.32 12.76
C GLU B 82 -11.85 -9.99 11.43
N ILE B 83 -11.00 -9.32 10.66
CA ILE B 83 -10.58 -9.84 9.38
C ILE B 83 -9.97 -11.24 9.57
N VAL B 84 -9.01 -11.29 10.48
CA VAL B 84 -8.34 -12.55 10.77
C VAL B 84 -9.37 -13.58 11.26
N THR B 85 -10.30 -13.09 12.06
CA THR B 85 -11.35 -13.95 12.60
C THR B 85 -12.17 -14.56 11.47
N LEU B 86 -12.53 -13.71 10.51
CA LEU B 86 -13.31 -14.15 9.38
C LEU B 86 -12.56 -15.27 8.65
N VAL B 87 -11.30 -15.01 8.35
CA VAL B 87 -10.47 -15.98 7.67
C VAL B 87 -10.50 -17.30 8.43
N GLU B 88 -10.45 -17.18 9.75
CA GLU B 88 -10.47 -18.35 10.61
C GLU B 88 -11.81 -19.07 10.49
N ASP B 89 -12.87 -18.28 10.52
CA ASP B 89 -14.22 -18.82 10.42
C ASP B 89 -14.39 -19.50 9.06
N PHE B 90 -13.61 -19.04 8.10
CA PHE B 90 -13.67 -19.59 6.76
C PHE B 90 -13.03 -20.99 6.71
N HIS B 91 -11.84 -21.07 7.27
CA HIS B 91 -11.11 -22.33 7.30
C HIS B 91 -11.78 -23.29 8.28
N ARG B 92 -12.58 -22.71 9.17
CA ARG B 92 -13.29 -23.50 10.16
C ARG B 92 -14.59 -24.06 9.57
N ALA B 93 -15.24 -23.23 8.78
CA ALA B 93 -16.49 -23.63 8.15
C ALA B 93 -16.25 -24.87 7.29
N SER B 94 -15.57 -24.65 6.17
CA SER B 94 -15.27 -25.75 5.26
C SER B 94 -13.96 -25.47 4.53
N LYS B 95 -14.00 -24.50 3.63
CA LYS B 95 -12.84 -24.12 2.85
C LYS B 95 -12.11 -25.39 2.39
N LYS B 96 -12.88 -26.29 1.79
CA LYS B 96 -12.32 -27.54 1.30
C LYS B 96 -11.10 -27.24 0.42
N PRO B 97 -11.35 -26.40 -0.63
CA PRO B 97 -10.29 -26.03 -1.55
C PRO B 97 -9.34 -25.01 -0.91
N LYS B 98 -8.06 -25.18 -1.22
CA LYS B 98 -7.04 -24.29 -0.68
C LYS B 98 -5.89 -24.18 -1.68
N GLY A 1 17.02 6.41 -5.87
CA GLY A 1 17.86 7.58 -6.09
C GLY A 1 19.06 7.22 -6.99
N SER A 2 20.14 6.82 -6.34
CA SER A 2 21.35 6.45 -7.07
C SER A 2 21.05 5.30 -8.03
N LYS A 3 20.72 4.15 -7.45
CA LYS A 3 20.41 2.98 -8.25
C LYS A 3 19.33 2.15 -7.54
N ASN A 4 18.76 1.22 -8.29
CA ASN A 4 17.72 0.37 -7.75
C ASN A 4 18.24 -0.33 -6.49
N CYS A 5 17.45 -0.24 -5.43
CA CYS A 5 17.83 -0.87 -4.17
C CYS A 5 16.90 -0.33 -3.08
N PRO A 6 16.87 1.02 -2.95
CA PRO A 6 16.03 1.67 -1.96
C PRO A 6 14.56 1.65 -2.39
N ASP A 7 13.70 1.39 -1.42
CA ASP A 7 12.27 1.35 -1.69
C ASP A 7 11.99 0.32 -2.79
N PRO A 8 12.19 -0.97 -2.45
CA PRO A 8 11.95 -2.04 -3.40
C PRO A 8 10.46 -2.28 -3.61
N GLU A 9 9.95 -1.70 -4.69
CA GLU A 9 8.54 -1.84 -5.01
C GLU A 9 8.23 -3.29 -5.40
N LEU A 10 9.28 -4.01 -5.76
CA LEU A 10 9.13 -5.40 -6.15
C LEU A 10 8.80 -6.24 -4.92
N CYS A 11 9.63 -6.08 -3.90
CA CYS A 11 9.44 -6.81 -2.66
C CYS A 11 8.13 -6.35 -2.03
N ARG A 12 7.77 -5.11 -2.33
CA ARG A 12 6.54 -4.54 -1.79
C ARG A 12 5.32 -5.15 -2.47
N GLN A 13 5.49 -5.48 -3.75
CA GLN A 13 4.41 -6.07 -4.52
C GLN A 13 4.33 -7.57 -4.23
N SER A 14 5.46 -8.14 -3.87
CA SER A 14 5.52 -9.56 -3.56
C SER A 14 4.84 -9.83 -2.22
N PHE A 15 5.18 -9.00 -1.24
CA PHE A 15 4.61 -9.15 0.09
C PHE A 15 3.15 -8.69 0.12
N ARG A 16 2.92 -7.50 -0.40
CA ARG A 16 1.58 -6.94 -0.44
C ARG A 16 0.64 -7.86 -1.21
N ARG A 17 1.22 -8.57 -2.18
CA ARG A 17 0.46 -9.49 -3.00
C ARG A 17 0.59 -10.92 -2.45
N PHE A 18 0.83 -10.99 -1.15
CA PHE A 18 0.99 -12.28 -0.50
C PHE A 18 -0.15 -13.23 -0.89
N CYS A 19 -1.37 -12.81 -0.57
CA CYS A 19 -2.54 -13.61 -0.88
C CYS A 19 -2.36 -15.00 -0.26
N TYR A 20 -2.33 -15.02 1.07
CA TYR A 20 -2.16 -16.27 1.79
C TYR A 20 -1.22 -17.21 1.05
N GLN A 21 -1.33 -18.49 1.36
CA GLN A 21 -0.49 -19.49 0.73
C GLN A 21 0.82 -19.64 1.50
N GLU A 22 1.73 -18.71 1.25
CA GLU A 22 3.02 -18.73 1.91
C GLU A 22 2.89 -19.22 3.35
N VAL A 23 2.27 -18.38 4.17
CA VAL A 23 2.06 -18.73 5.57
C VAL A 23 0.86 -19.67 5.69
N SER A 24 -0.19 -19.34 4.95
CA SER A 24 -1.39 -20.15 4.96
C SER A 24 -2.18 -19.89 6.25
N GLY A 25 -1.50 -20.04 7.37
CA GLY A 25 -2.11 -19.83 8.67
C GLY A 25 -2.89 -18.50 8.70
N PRO A 26 -3.61 -18.28 9.82
CA PRO A 26 -4.39 -17.06 9.99
C PRO A 26 -3.48 -15.87 10.30
N GLN A 27 -3.25 -15.65 11.58
CA GLN A 27 -2.41 -14.56 12.01
C GLN A 27 -1.04 -14.63 11.34
N GLU A 28 -0.70 -15.84 10.92
CA GLU A 28 0.58 -16.07 10.27
C GLU A 28 0.75 -15.11 9.09
N ALA A 29 -0.39 -14.63 8.60
CA ALA A 29 -0.37 -13.70 7.47
C ALA A 29 0.41 -12.44 7.86
N LEU A 30 -0.06 -11.80 8.92
CA LEU A 30 0.58 -10.59 9.40
C LEU A 30 2.04 -10.91 9.78
N SER A 31 2.25 -12.15 10.19
CA SER A 31 3.57 -12.60 10.59
C SER A 31 4.58 -12.29 9.47
N GLN A 32 4.31 -12.85 8.31
CA GLN A 32 5.18 -12.64 7.16
C GLN A 32 5.21 -11.16 6.78
N LEU A 33 4.02 -10.60 6.59
CA LEU A 33 3.90 -9.21 6.21
C LEU A 33 4.61 -8.34 7.25
N ARG A 34 4.07 -8.38 8.47
CA ARG A 34 4.63 -7.60 9.56
C ARG A 34 6.16 -7.57 9.45
N GLN A 35 6.72 -8.69 9.02
CA GLN A 35 8.16 -8.80 8.87
C GLN A 35 8.63 -7.95 7.68
N LEU A 36 7.95 -8.13 6.56
CA LEU A 36 8.30 -7.40 5.35
C LEU A 36 8.05 -5.90 5.58
N CYS A 37 6.81 -5.59 5.93
CA CYS A 37 6.43 -4.22 6.19
C CYS A 37 7.50 -3.58 7.06
N ARG A 38 7.75 -4.20 8.20
CA ARG A 38 8.74 -3.70 9.13
C ARG A 38 10.04 -3.37 8.39
N GLN A 39 10.40 -4.26 7.48
CA GLN A 39 11.62 -4.08 6.71
C GLN A 39 11.36 -3.11 5.55
N TRP A 40 10.09 -2.82 5.33
CA TRP A 40 9.71 -1.91 4.26
C TRP A 40 10.06 -0.49 4.71
N LEU A 41 9.54 -0.12 5.87
CA LEU A 41 9.79 1.20 6.42
C LEU A 41 10.88 1.11 7.49
N GLN A 42 10.62 0.26 8.48
CA GLN A 42 11.56 0.06 9.56
C GLN A 42 11.85 1.40 10.26
N PRO A 43 11.64 1.42 11.60
CA PRO A 43 11.87 2.61 12.38
C PRO A 43 13.38 2.85 12.58
N GLU A 44 13.77 4.09 12.35
CA GLU A 44 15.18 4.46 12.50
C GLU A 44 15.36 5.96 12.24
N LEU A 45 14.69 6.75 13.06
CA LEU A 45 14.77 8.20 12.94
C LEU A 45 14.00 8.63 11.69
N HIS A 46 13.29 7.68 11.11
CA HIS A 46 12.49 7.95 9.92
C HIS A 46 11.16 8.60 10.32
N THR A 47 11.10 9.90 10.15
CA THR A 47 9.88 10.64 10.49
C THR A 47 8.72 10.19 9.60
N LYS A 48 7.65 10.98 9.64
CA LYS A 48 6.48 10.68 8.85
C LYS A 48 6.77 10.98 7.38
N GLU A 49 7.94 11.54 7.14
CA GLU A 49 8.35 11.87 5.79
C GLU A 49 8.42 10.61 4.93
N GLN A 50 9.27 9.69 5.35
CA GLN A 50 9.44 8.44 4.63
C GLN A 50 8.11 7.69 4.55
N ILE A 51 7.37 7.72 5.65
CA ILE A 51 6.09 7.05 5.71
C ILE A 51 5.19 7.58 4.60
N LEU A 52 5.05 8.90 4.58
CA LEU A 52 4.23 9.55 3.58
C LEU A 52 4.63 9.07 2.19
N GLU A 53 5.93 9.09 1.95
CA GLU A 53 6.46 8.65 0.66
C GLU A 53 6.27 7.14 0.50
N LEU A 54 5.96 6.49 1.62
CA LEU A 54 5.76 5.05 1.61
C LEU A 54 4.51 4.72 0.79
N LEU A 55 3.41 5.35 1.17
CA LEU A 55 2.15 5.13 0.47
C LEU A 55 2.10 6.02 -0.77
N VAL A 56 2.56 7.25 -0.61
CA VAL A 56 2.57 8.19 -1.71
C VAL A 56 3.30 7.57 -2.91
N MET A 57 4.32 6.79 -2.59
CA MET A 57 5.10 6.14 -3.63
C MET A 57 4.40 4.87 -4.12
N GLU A 58 4.36 3.88 -3.24
CA GLU A 58 3.74 2.61 -3.57
C GLU A 58 2.45 2.84 -4.36
N GLN A 59 1.77 3.92 -4.00
CA GLN A 59 0.52 4.27 -4.67
C GLN A 59 0.81 4.91 -6.03
N PHE A 60 1.61 5.97 -6.00
CA PHE A 60 1.97 6.67 -7.21
C PHE A 60 2.23 5.70 -8.36
N LEU A 61 2.62 4.49 -7.99
CA LEU A 61 2.90 3.45 -8.97
C LEU A 61 1.62 2.67 -9.27
N THR A 62 0.92 2.32 -8.19
CA THR A 62 -0.32 1.57 -8.32
C THR A 62 -1.25 2.25 -9.33
N ILE A 63 -1.21 3.58 -9.34
CA ILE A 63 -2.04 4.35 -10.25
C ILE A 63 -1.49 4.20 -11.68
N LEU A 64 -0.17 4.20 -11.77
CA LEU A 64 0.48 4.06 -13.06
C LEU A 64 0.57 2.59 -13.43
N PRO A 65 0.72 2.33 -14.76
CA PRO A 65 0.82 0.97 -15.26
C PRO A 65 2.20 0.39 -14.97
N GLU A 66 2.53 -0.68 -15.68
CA GLU A 66 3.81 -1.33 -15.52
C GLU A 66 4.91 -0.55 -16.23
N GLU A 67 4.49 0.50 -16.91
CA GLU A 67 5.43 1.35 -17.64
C GLU A 67 6.59 1.75 -16.73
N ILE A 68 6.24 2.35 -15.60
CA ILE A 68 7.23 2.80 -14.65
C ILE A 68 8.00 1.58 -14.11
N GLN A 69 7.28 0.49 -13.98
CA GLN A 69 7.86 -0.74 -13.47
C GLN A 69 8.92 -1.26 -14.45
N ALA A 70 8.76 -0.87 -15.71
CA ALA A 70 9.69 -1.28 -16.75
C ALA A 70 10.91 -0.37 -16.73
N ARG A 71 10.63 0.92 -16.56
CA ARG A 71 11.70 1.91 -16.52
C ARG A 71 12.62 1.66 -15.33
N VAL A 72 12.02 1.15 -14.26
CA VAL A 72 12.76 0.86 -13.05
C VAL A 72 13.47 -0.48 -13.20
N ARG A 73 12.75 -1.44 -13.76
CA ARG A 73 13.30 -2.78 -13.95
C ARG A 73 14.64 -2.68 -14.69
N HIS A 74 14.65 -1.88 -15.74
CA HIS A 74 15.87 -1.70 -16.53
C HIS A 74 17.08 -1.65 -15.60
N ARG A 75 16.86 -1.11 -14.41
CA ARG A 75 17.93 -1.00 -13.43
C ARG A 75 18.91 0.10 -13.83
N CYS A 76 18.71 1.27 -13.22
CA CYS A 76 19.57 2.41 -13.50
C CYS A 76 19.08 3.60 -12.66
N LEU A 77 17.91 4.10 -13.03
CA LEU A 77 17.32 5.23 -12.33
C LEU A 77 16.18 4.74 -11.45
N MET A 78 15.78 5.58 -10.51
CA MET A 78 14.69 5.24 -9.60
C MET A 78 14.33 6.43 -8.72
N SER A 79 13.73 7.43 -9.35
CA SER A 79 13.31 8.62 -8.63
C SER A 79 11.84 8.93 -8.92
N SER A 80 11.10 9.19 -7.84
CA SER A 80 9.69 9.49 -7.96
C SER A 80 9.46 10.48 -9.11
N LYS A 81 10.31 11.49 -9.15
CA LYS A 81 10.21 12.51 -10.18
C LYS A 81 10.59 11.90 -11.53
N GLU A 82 11.52 10.96 -11.47
CA GLU A 82 11.98 10.29 -12.68
C GLU A 82 10.87 9.40 -13.26
N ILE A 83 10.13 8.78 -12.36
CA ILE A 83 9.03 7.92 -12.77
C ILE A 83 7.95 8.75 -13.46
N VAL A 84 7.49 9.77 -12.73
CA VAL A 84 6.46 10.66 -13.25
C VAL A 84 6.97 11.32 -14.54
N THR A 85 8.28 11.47 -14.61
CA THR A 85 8.91 12.08 -15.77
C THR A 85 8.72 11.21 -17.01
N LEU A 86 8.97 9.92 -16.82
CA LEU A 86 8.84 8.97 -17.91
C LEU A 86 7.38 8.93 -18.36
N VAL A 87 6.49 8.93 -17.39
CA VAL A 87 5.06 8.88 -17.66
C VAL A 87 4.66 10.15 -18.42
N GLU A 88 5.20 11.27 -17.97
CA GLU A 88 4.91 12.55 -18.59
C GLU A 88 5.59 12.64 -19.96
N ASP A 89 6.63 11.85 -20.12
CA ASP A 89 7.37 11.82 -21.37
C ASP A 89 6.57 11.06 -22.42
N PHE A 90 6.02 9.94 -22.00
CA PHE A 90 5.23 9.10 -22.90
C PHE A 90 3.91 9.80 -23.27
N HIS A 91 3.35 10.48 -22.29
CA HIS A 91 2.09 11.19 -22.49
C HIS A 91 2.31 12.33 -23.48
N ARG A 92 3.36 13.10 -23.22
CA ARG A 92 3.69 14.23 -24.08
C ARG A 92 4.89 14.98 -23.53
N ALA A 93 6.05 14.34 -23.61
CA ALA A 93 7.28 14.93 -23.13
C ALA A 93 7.43 16.34 -23.72
N SER A 94 7.64 17.30 -22.84
CA SER A 94 7.82 18.69 -23.26
C SER A 94 8.29 19.54 -22.08
N LYS A 95 9.07 18.90 -21.22
CA LYS A 95 9.60 19.59 -20.05
C LYS A 95 10.76 18.77 -19.46
N LYS A 96 11.58 19.44 -18.68
CA LYS A 96 12.72 18.80 -18.05
C LYS A 96 12.84 19.28 -16.61
N PRO A 97 11.90 18.78 -15.76
CA PRO A 97 11.89 19.15 -14.35
C PRO A 97 13.00 18.43 -13.59
N LYS A 98 13.41 19.03 -12.48
CA LYS A 98 14.45 18.45 -11.65
C LYS A 98 13.89 17.25 -10.90
N GLY B 1 -19.04 22.40 8.50
CA GLY B 1 -19.11 20.96 8.34
C GLY B 1 -20.05 20.34 9.38
N SER B 2 -21.03 19.60 8.86
CA SER B 2 -22.01 18.96 9.73
C SER B 2 -21.85 17.43 9.64
N LYS B 3 -20.73 16.96 10.16
CA LYS B 3 -20.45 15.53 10.14
C LYS B 3 -19.80 15.13 11.47
N ASN B 4 -19.55 13.84 11.60
CA ASN B 4 -18.93 13.32 12.82
C ASN B 4 -18.78 11.80 12.69
N CYS B 5 -17.58 11.40 12.28
CA CYS B 5 -17.29 9.98 12.11
C CYS B 5 -15.88 9.84 11.55
N PRO B 6 -14.88 10.19 12.40
CA PRO B 6 -13.48 10.10 11.99
C PRO B 6 -13.01 8.65 11.97
N ASP B 7 -12.67 8.19 10.77
CA ASP B 7 -12.20 6.83 10.59
C ASP B 7 -11.51 6.71 9.23
N PRO B 8 -10.14 6.74 9.28
CA PRO B 8 -9.36 6.63 8.07
C PRO B 8 -9.34 5.20 7.54
N GLU B 9 -10.29 4.91 6.66
CA GLU B 9 -10.40 3.59 6.07
C GLU B 9 -11.05 3.67 4.69
N LEU B 10 -12.10 4.47 4.61
CA LEU B 10 -12.82 4.64 3.36
C LEU B 10 -11.97 5.48 2.40
N CYS B 11 -11.55 6.63 2.89
CA CYS B 11 -10.73 7.53 2.10
C CYS B 11 -9.51 6.76 1.59
N ARG B 12 -9.13 5.75 2.37
CA ARG B 12 -7.99 4.92 2.01
C ARG B 12 -8.39 3.92 0.91
N GLN B 13 -9.51 3.26 1.12
CA GLN B 13 -10.00 2.29 0.17
C GLN B 13 -10.39 2.98 -1.14
N SER B 14 -10.46 4.30 -1.08
CA SER B 14 -10.81 5.08 -2.25
C SER B 14 -9.54 5.54 -2.98
N PHE B 15 -8.58 6.00 -2.19
CA PHE B 15 -7.32 6.47 -2.76
C PHE B 15 -6.38 5.31 -3.03
N ARG B 16 -6.81 4.12 -2.62
CA ARG B 16 -6.02 2.92 -2.83
C ARG B 16 -5.96 2.57 -4.32
N ARG B 17 -5.34 3.46 -5.07
CA ARG B 17 -5.20 3.26 -6.50
C ARG B 17 -6.38 3.91 -7.24
N PHE B 18 -6.36 5.23 -7.29
CA PHE B 18 -7.40 5.98 -7.96
C PHE B 18 -7.63 5.45 -9.38
N CYS B 19 -6.53 5.17 -10.05
CA CYS B 19 -6.59 4.66 -11.41
C CYS B 19 -6.32 5.82 -12.37
N TYR B 20 -5.39 6.68 -11.98
CA TYR B 20 -5.02 7.82 -12.79
C TYR B 20 -6.27 8.52 -13.33
N GLN B 21 -7.36 8.37 -12.61
CA GLN B 21 -8.62 8.98 -13.02
C GLN B 21 -9.07 10.00 -11.97
N GLU B 22 -8.10 10.73 -11.44
CA GLU B 22 -8.38 11.75 -10.44
C GLU B 22 -7.77 13.09 -10.85
N VAL B 23 -6.45 13.12 -10.86
CA VAL B 23 -5.72 14.32 -11.22
C VAL B 23 -5.62 14.40 -12.75
N SER B 24 -5.17 13.31 -13.34
CA SER B 24 -5.03 13.25 -14.78
C SER B 24 -3.64 13.74 -15.19
N GLY B 25 -3.07 14.57 -14.33
CA GLY B 25 -1.74 15.12 -14.58
C GLY B 25 -0.66 14.10 -14.26
N PRO B 26 0.61 14.49 -14.57
CA PRO B 26 1.74 13.61 -14.32
C PRO B 26 2.08 13.59 -12.82
N GLN B 27 2.96 14.49 -12.43
CA GLN B 27 3.38 14.58 -11.04
C GLN B 27 2.17 14.74 -10.12
N GLU B 28 1.08 15.24 -10.72
CA GLU B 28 -0.14 15.45 -9.97
C GLU B 28 -0.69 14.11 -9.46
N ALA B 29 -0.09 13.04 -9.96
CA ALA B 29 -0.51 11.70 -9.57
C ALA B 29 -0.19 11.49 -8.10
N LEU B 30 1.09 11.30 -7.81
CA LEU B 30 1.55 11.10 -6.45
C LEU B 30 1.26 12.34 -5.62
N SER B 31 1.00 13.43 -6.33
CA SER B 31 0.71 14.70 -5.67
C SER B 31 -0.57 14.58 -4.84
N GLN B 32 -1.65 14.24 -5.54
CA GLN B 32 -2.94 14.09 -4.89
C GLN B 32 -2.85 13.05 -3.77
N LEU B 33 -2.16 11.96 -4.06
CA LEU B 33 -2.00 10.90 -3.09
C LEU B 33 -1.08 11.38 -1.97
N ARG B 34 -0.32 12.43 -2.27
CA ARG B 34 0.61 12.98 -1.31
C ARG B 34 -0.16 13.61 -0.14
N GLN B 35 -1.16 14.40 -0.48
CA GLN B 35 -1.98 15.06 0.53
C GLN B 35 -2.87 14.04 1.23
N LEU B 36 -3.43 13.13 0.44
CA LEU B 36 -4.30 12.10 0.98
C LEU B 36 -3.48 11.14 1.84
N CYS B 37 -2.23 10.95 1.44
CA CYS B 37 -1.33 10.07 2.18
C CYS B 37 -1.06 10.70 3.54
N ARG B 38 -0.44 11.88 3.51
CA ARG B 38 -0.11 12.58 4.73
C ARG B 38 -1.33 12.62 5.66
N GLN B 39 -2.49 12.73 5.05
CA GLN B 39 -3.73 12.78 5.80
C GLN B 39 -4.21 11.37 6.15
N TRP B 40 -3.68 10.40 5.41
CA TRP B 40 -4.04 9.01 5.63
C TRP B 40 -3.51 8.59 7.00
N LEU B 41 -2.21 8.77 7.18
CA LEU B 41 -1.58 8.41 8.44
C LEU B 41 -1.57 9.62 9.36
N GLN B 42 -1.03 10.71 8.84
CA GLN B 42 -0.96 11.95 9.60
C GLN B 42 -0.63 11.65 11.07
N PRO B 43 0.55 11.02 11.29
CA PRO B 43 0.97 10.66 12.63
C PRO B 43 1.45 11.90 13.40
N GLU B 44 1.11 11.94 14.67
CA GLU B 44 1.49 13.05 15.52
C GLU B 44 2.40 12.57 16.66
N LEU B 45 2.68 11.28 16.63
CA LEU B 45 3.53 10.68 17.64
C LEU B 45 3.77 9.21 17.30
N HIS B 46 2.70 8.56 16.86
CA HIS B 46 2.78 7.15 16.50
C HIS B 46 3.99 6.92 15.60
N THR B 47 4.99 6.24 16.15
CA THR B 47 6.21 5.94 15.42
C THR B 47 5.89 5.10 14.18
N LYS B 48 6.91 4.43 13.69
CA LYS B 48 6.76 3.59 12.51
C LYS B 48 5.93 2.35 12.88
N GLU B 49 5.61 2.26 14.16
CA GLU B 49 4.82 1.13 14.65
C GLU B 49 3.43 1.15 14.02
N GLN B 50 2.75 2.28 14.17
CA GLN B 50 1.42 2.43 13.63
C GLN B 50 1.44 2.26 12.10
N ILE B 51 2.40 2.92 11.48
CA ILE B 51 2.54 2.85 10.03
C ILE B 51 2.80 1.40 9.63
N LEU B 52 3.72 0.77 10.33
CA LEU B 52 4.07 -0.61 10.05
C LEU B 52 2.80 -1.46 10.04
N GLU B 53 1.89 -1.13 10.95
CA GLU B 53 0.63 -1.85 11.05
C GLU B 53 -0.32 -1.40 9.94
N LEU B 54 -0.01 -0.26 9.36
CA LEU B 54 -0.82 0.29 8.29
C LEU B 54 -0.70 -0.60 7.05
N LEU B 55 0.52 -0.73 6.56
CA LEU B 55 0.79 -1.54 5.39
C LEU B 55 0.55 -3.01 5.73
N VAL B 56 0.90 -3.37 6.96
CA VAL B 56 0.73 -4.73 7.44
C VAL B 56 -0.76 -5.09 7.40
N MET B 57 -1.58 -4.16 7.89
CA MET B 57 -3.01 -4.38 7.92
C MET B 57 -3.61 -4.29 6.51
N GLU B 58 -3.62 -3.09 5.97
CA GLU B 58 -4.15 -2.88 4.64
C GLU B 58 -3.86 -4.09 3.74
N GLN B 59 -2.62 -4.55 3.82
CA GLN B 59 -2.20 -5.69 3.03
C GLN B 59 -2.78 -6.99 3.62
N PHE B 60 -2.56 -7.16 4.91
CA PHE B 60 -3.05 -8.34 5.61
C PHE B 60 -4.48 -8.65 5.20
N LEU B 61 -5.18 -7.63 4.74
CA LEU B 61 -6.56 -7.78 4.31
C LEU B 61 -6.60 -8.16 2.83
N THR B 62 -5.78 -7.47 2.05
CA THR B 62 -5.71 -7.71 0.63
C THR B 62 -5.33 -9.17 0.36
N ILE B 63 -4.52 -9.71 1.25
CA ILE B 63 -4.08 -11.10 1.12
C ILE B 63 -5.29 -12.02 1.31
N LEU B 64 -6.26 -11.54 2.07
CA LEU B 64 -7.46 -12.31 2.33
C LEU B 64 -8.54 -11.91 1.33
N PRO B 65 -9.68 -12.66 1.39
CA PRO B 65 -10.80 -12.38 0.51
C PRO B 65 -11.56 -11.12 0.95
N GLU B 66 -12.80 -11.02 0.48
CA GLU B 66 -13.63 -9.89 0.82
C GLU B 66 -14.32 -10.11 2.16
N GLU B 67 -14.08 -11.28 2.73
CA GLU B 67 -14.66 -11.64 4.01
C GLU B 67 -14.32 -10.58 5.06
N ILE B 68 -13.02 -10.33 5.20
CA ILE B 68 -12.54 -9.35 6.16
C ILE B 68 -13.10 -7.97 5.78
N GLN B 69 -13.27 -7.76 4.48
CA GLN B 69 -13.78 -6.50 3.99
C GLN B 69 -15.26 -6.36 4.32
N ALA B 70 -15.91 -7.50 4.50
CA ALA B 70 -17.33 -7.52 4.82
C ALA B 70 -17.51 -7.17 6.30
N ARG B 71 -16.72 -7.82 7.14
CA ARG B 71 -16.77 -7.59 8.57
C ARG B 71 -16.25 -6.19 8.90
N VAL B 72 -15.37 -5.70 8.04
CA VAL B 72 -14.79 -4.39 8.24
C VAL B 72 -15.80 -3.32 7.78
N ARG B 73 -16.49 -3.64 6.70
CA ARG B 73 -17.48 -2.72 6.15
C ARG B 73 -18.61 -2.49 7.16
N HIS B 74 -19.16 -3.60 7.65
CA HIS B 74 -20.24 -3.53 8.62
C HIS B 74 -19.70 -3.02 9.96
N ARG B 75 -20.08 -1.81 10.29
CA ARG B 75 -19.65 -1.19 11.53
C ARG B 75 -19.60 -2.24 12.65
N CYS B 76 -18.39 -2.70 12.92
CA CYS B 76 -18.18 -3.71 13.96
C CYS B 76 -16.72 -4.16 13.92
N LEU B 77 -15.84 -3.18 13.75
CA LEU B 77 -14.42 -3.47 13.68
C LEU B 77 -13.76 -3.01 14.98
N MET B 78 -12.55 -3.52 15.20
CA MET B 78 -11.81 -3.18 16.40
C MET B 78 -10.32 -3.53 16.25
N SER B 79 -10.05 -4.82 16.32
CA SER B 79 -8.69 -5.31 16.19
C SER B 79 -8.58 -6.24 14.98
N SER B 80 -7.35 -6.43 14.54
CA SER B 80 -7.10 -7.29 13.39
C SER B 80 -7.15 -8.75 13.81
N LYS B 81 -7.02 -8.97 15.12
CA LYS B 81 -7.05 -10.32 15.66
C LYS B 81 -8.39 -10.97 15.31
N GLU B 82 -9.46 -10.20 15.51
CA GLU B 82 -10.80 -10.69 15.22
C GLU B 82 -10.97 -10.92 13.73
N ILE B 83 -10.29 -10.09 12.94
CA ILE B 83 -10.36 -10.20 11.50
C ILE B 83 -9.85 -11.57 11.06
N VAL B 84 -8.57 -11.81 11.33
CA VAL B 84 -7.96 -13.08 10.97
C VAL B 84 -8.80 -14.22 11.55
N THR B 85 -9.34 -13.99 12.73
CA THR B 85 -10.17 -14.99 13.39
C THR B 85 -11.40 -15.30 12.55
N LEU B 86 -11.97 -14.25 11.98
CA LEU B 86 -13.15 -14.39 11.15
C LEU B 86 -12.81 -15.23 9.92
N VAL B 87 -11.66 -14.93 9.33
CA VAL B 87 -11.21 -15.65 8.15
C VAL B 87 -10.94 -17.11 8.53
N GLU B 88 -10.35 -17.28 9.70
CA GLU B 88 -10.02 -18.62 10.19
C GLU B 88 -11.29 -19.46 10.32
N ASP B 89 -12.32 -18.84 10.89
CA ASP B 89 -13.59 -19.52 11.07
C ASP B 89 -14.17 -19.89 9.70
N PHE B 90 -14.05 -18.96 8.77
CA PHE B 90 -14.55 -19.18 7.42
C PHE B 90 -13.81 -20.34 6.74
N HIS B 91 -12.50 -20.38 6.97
CA HIS B 91 -11.68 -21.42 6.39
C HIS B 91 -12.04 -22.78 7.02
N ARG B 92 -12.26 -22.74 8.33
CA ARG B 92 -12.62 -23.94 9.06
C ARG B 92 -12.29 -23.77 10.54
N ALA B 93 -13.06 -22.90 11.18
CA ALA B 93 -12.87 -22.64 12.60
C ALA B 93 -14.17 -22.10 13.19
N SER B 94 -14.29 -22.25 14.51
CA SER B 94 -15.48 -21.79 15.21
C SER B 94 -15.26 -20.36 15.70
N LYS B 95 -14.11 -20.14 16.32
CA LYS B 95 -13.77 -18.83 16.85
C LYS B 95 -14.22 -17.76 15.85
N LYS B 96 -15.38 -17.20 16.11
CA LYS B 96 -15.93 -16.17 15.25
C LYS B 96 -16.32 -14.95 16.09
N PRO B 97 -16.39 -13.77 15.41
CA PRO B 97 -16.75 -12.54 16.09
C PRO B 97 -18.25 -12.50 16.40
N LYS B 98 -18.61 -11.61 17.30
CA LYS B 98 -20.00 -11.45 17.69
C LYS B 98 -20.89 -11.52 16.44
N GLY A 1 24.36 2.38 -16.09
CA GLY A 1 25.24 1.53 -15.30
C GLY A 1 25.03 1.77 -13.80
N SER A 2 25.45 0.79 -13.01
CA SER A 2 25.31 0.89 -11.57
C SER A 2 25.87 -0.37 -10.91
N LYS A 3 26.14 -0.27 -9.62
CA LYS A 3 26.67 -1.38 -8.86
C LYS A 3 25.72 -1.71 -7.71
N ASN A 4 24.62 -2.38 -8.05
CA ASN A 4 23.65 -2.74 -7.05
C ASN A 4 22.44 -3.39 -7.74
N CYS A 5 21.57 -3.96 -6.94
CA CYS A 5 20.37 -4.61 -7.46
C CYS A 5 19.25 -4.48 -6.43
N PRO A 6 18.79 -3.20 -6.25
CA PRO A 6 17.72 -2.93 -5.30
C PRO A 6 16.37 -3.39 -5.83
N ASP A 7 15.39 -3.39 -4.95
CA ASP A 7 14.04 -3.82 -5.31
C ASP A 7 13.06 -3.37 -4.22
N PRO A 8 12.93 -2.03 -4.08
CA PRO A 8 12.03 -1.46 -3.09
C PRO A 8 10.58 -1.59 -3.54
N GLU A 9 10.32 -1.09 -4.73
CA GLU A 9 8.98 -1.13 -5.29
C GLU A 9 8.59 -2.58 -5.63
N LEU A 10 9.61 -3.38 -5.88
CA LEU A 10 9.40 -4.78 -6.22
C LEU A 10 9.03 -5.56 -4.95
N CYS A 11 9.86 -5.38 -3.93
CA CYS A 11 9.63 -6.05 -2.67
C CYS A 11 8.35 -5.48 -2.03
N ARG A 12 8.08 -4.23 -2.38
CA ARG A 12 6.90 -3.56 -1.86
C ARG A 12 5.63 -4.23 -2.39
N GLN A 13 5.54 -4.28 -3.71
CA GLN A 13 4.39 -4.89 -4.36
C GLN A 13 4.42 -6.42 -4.19
N SER A 14 5.62 -6.92 -3.94
CA SER A 14 5.80 -8.35 -3.76
C SER A 14 5.09 -8.81 -2.49
N PHE A 15 5.46 -8.20 -1.38
CA PHE A 15 4.85 -8.53 -0.10
C PHE A 15 3.42 -8.01 -0.01
N ARG A 16 3.27 -6.74 -0.36
CA ARG A 16 1.96 -6.11 -0.32
C ARG A 16 0.92 -6.99 -1.01
N ARG A 17 1.29 -7.49 -2.19
CA ARG A 17 0.40 -8.35 -2.94
C ARG A 17 0.69 -9.82 -2.63
N PHE A 18 1.23 -10.04 -1.43
CA PHE A 18 1.55 -11.39 -1.00
C PHE A 18 0.40 -12.35 -1.31
N CYS A 19 -0.82 -11.87 -1.11
CA CYS A 19 -2.00 -12.67 -1.37
C CYS A 19 -1.98 -13.86 -0.41
N TYR A 20 -2.89 -13.83 0.55
CA TYR A 20 -2.98 -14.90 1.53
C TYR A 20 -2.67 -16.25 0.89
N GLN A 21 -1.40 -16.63 0.96
CA GLN A 21 -0.96 -17.89 0.39
C GLN A 21 -0.97 -18.99 1.46
N GLU A 22 -1.78 -18.76 2.49
CA GLU A 22 -1.89 -19.71 3.58
C GLU A 22 -0.53 -19.99 4.19
N VAL A 23 -0.09 -19.07 5.03
CA VAL A 23 1.21 -19.20 5.69
C VAL A 23 1.09 -20.21 6.84
N SER A 24 0.54 -21.37 6.51
CA SER A 24 0.37 -22.42 7.49
C SER A 24 -0.21 -21.83 8.79
N GLY A 25 -0.88 -20.70 8.64
CA GLY A 25 -1.47 -20.03 9.78
C GLY A 25 -2.30 -18.83 9.34
N PRO A 26 -3.29 -18.46 10.20
CA PRO A 26 -4.16 -17.33 9.92
C PRO A 26 -3.43 -16.00 10.12
N GLN A 27 -3.21 -15.68 11.39
CA GLN A 27 -2.53 -14.45 11.74
C GLN A 27 -1.14 -14.40 11.09
N GLU A 28 -0.69 -15.57 10.67
CA GLU A 28 0.61 -15.68 10.04
C GLU A 28 0.70 -14.73 8.84
N ALA A 29 -0.47 -14.28 8.39
CA ALA A 29 -0.54 -13.38 7.27
C ALA A 29 0.19 -12.09 7.61
N LEU A 30 -0.27 -11.44 8.67
CA LEU A 30 0.33 -10.19 9.11
C LEU A 30 1.75 -10.47 9.62
N SER A 31 1.98 -11.71 10.01
CA SER A 31 3.28 -12.11 10.51
C SER A 31 4.34 -11.89 9.43
N GLN A 32 4.12 -12.51 8.28
CA GLN A 32 5.04 -12.39 7.16
C GLN A 32 5.10 -10.94 6.69
N LEU A 33 3.92 -10.36 6.50
CA LEU A 33 3.82 -9.00 6.04
C LEU A 33 4.49 -8.06 7.06
N ARG A 34 4.01 -8.15 8.30
CA ARG A 34 4.55 -7.33 9.37
C ARG A 34 6.07 -7.28 9.28
N GLN A 35 6.65 -8.41 8.87
CA GLN A 35 8.09 -8.51 8.74
C GLN A 35 8.58 -7.69 7.55
N LEU A 36 7.92 -7.90 6.42
CA LEU A 36 8.27 -7.18 5.21
C LEU A 36 7.97 -5.69 5.39
N CYS A 37 6.95 -5.42 6.19
CA CYS A 37 6.55 -4.05 6.46
C CYS A 37 7.66 -3.37 7.26
N ARG A 38 7.90 -3.91 8.45
CA ARG A 38 8.93 -3.36 9.32
C ARG A 38 10.22 -3.12 8.53
N GLN A 39 10.51 -4.04 7.62
CA GLN A 39 11.70 -3.93 6.80
C GLN A 39 11.44 -3.03 5.59
N TRP A 40 10.15 -2.80 5.33
CA TRP A 40 9.75 -1.97 4.21
C TRP A 40 10.21 -0.53 4.51
N LEU A 41 9.81 -0.05 5.67
CA LEU A 41 10.18 1.30 6.08
C LEU A 41 11.41 1.23 7.00
N GLN A 42 11.27 0.47 8.07
CA GLN A 42 12.35 0.31 9.03
C GLN A 42 12.87 1.69 9.45
N PRO A 43 12.87 1.90 10.81
CA PRO A 43 13.33 3.16 11.36
C PRO A 43 14.86 3.24 11.32
N GLU A 44 15.35 4.46 11.12
CA GLU A 44 16.79 4.68 11.06
C GLU A 44 17.09 5.98 10.29
N LEU A 45 16.92 7.10 10.99
CA LEU A 45 17.16 8.40 10.39
C LEU A 45 16.06 8.69 9.36
N HIS A 46 14.85 8.28 9.69
CA HIS A 46 13.72 8.49 8.81
C HIS A 46 12.45 8.73 9.64
N THR A 47 11.58 9.55 9.09
CA THR A 47 10.33 9.88 9.76
C THR A 47 9.13 9.51 8.89
N LYS A 48 7.95 9.64 9.47
CA LYS A 48 6.72 9.33 8.75
C LYS A 48 6.81 9.88 7.33
N GLU A 49 7.58 10.96 7.19
CA GLU A 49 7.75 11.59 5.90
C GLU A 49 7.96 10.54 4.82
N GLN A 50 8.95 9.68 5.04
CA GLN A 50 9.26 8.63 4.10
C GLN A 50 8.09 7.64 4.00
N ILE A 51 7.43 7.45 5.13
CA ILE A 51 6.30 6.54 5.19
C ILE A 51 5.16 7.08 4.32
N LEU A 52 4.72 8.29 4.65
CA LEU A 52 3.65 8.92 3.91
C LEU A 52 3.99 8.91 2.42
N GLU A 53 5.28 8.99 2.13
CA GLU A 53 5.75 8.98 0.76
C GLU A 53 5.88 7.55 0.25
N LEU A 54 5.84 6.61 1.20
CA LEU A 54 5.96 5.20 0.86
C LEU A 54 4.68 4.73 0.19
N LEU A 55 3.57 4.94 0.89
CA LEU A 55 2.27 4.54 0.37
C LEU A 55 1.95 5.36 -0.88
N VAL A 56 2.37 6.62 -0.84
CA VAL A 56 2.13 7.52 -1.96
C VAL A 56 2.78 6.94 -3.22
N MET A 57 4.01 6.48 -3.06
CA MET A 57 4.74 5.90 -4.17
C MET A 57 4.04 4.65 -4.70
N GLU A 58 4.06 3.60 -3.88
CA GLU A 58 3.44 2.35 -4.26
C GLU A 58 2.07 2.61 -4.90
N GLN A 59 1.46 3.71 -4.49
CA GLN A 59 0.16 4.08 -5.01
C GLN A 59 0.29 4.62 -6.45
N PHE A 60 1.00 5.73 -6.56
CA PHE A 60 1.21 6.35 -7.86
C PHE A 60 1.58 5.30 -8.92
N LEU A 61 2.32 4.30 -8.48
CA LEU A 61 2.75 3.23 -9.36
C LEU A 61 1.55 2.33 -9.68
N THR A 62 0.80 2.03 -8.65
CA THR A 62 -0.37 1.18 -8.80
C THR A 62 -1.31 1.76 -9.86
N ILE A 63 -1.25 3.07 -9.99
CA ILE A 63 -2.09 3.76 -10.97
C ILE A 63 -1.36 3.83 -12.31
N LEU A 64 -0.08 4.18 -12.23
CA LEU A 64 0.74 4.29 -13.43
C LEU A 64 0.60 3.01 -14.25
N PRO A 65 0.97 3.12 -15.56
CA PRO A 65 0.89 1.98 -16.45
C PRO A 65 2.02 0.99 -16.18
N GLU A 66 2.28 0.14 -17.17
CA GLU A 66 3.32 -0.86 -17.05
C GLU A 66 4.68 -0.24 -17.41
N GLU A 67 4.63 0.81 -18.21
CA GLU A 67 5.84 1.49 -18.64
C GLU A 67 6.76 1.73 -17.44
N ILE A 68 6.16 2.19 -16.35
CA ILE A 68 6.91 2.47 -15.14
C ILE A 68 7.41 1.14 -14.54
N GLN A 69 6.54 0.14 -14.62
CA GLN A 69 6.87 -1.17 -14.09
C GLN A 69 8.13 -1.72 -14.79
N ALA A 70 8.30 -1.33 -16.03
CA ALA A 70 9.44 -1.77 -16.81
C ALA A 70 10.67 -0.98 -16.38
N ARG A 71 10.52 0.34 -16.36
CA ARG A 71 11.60 1.22 -15.98
C ARG A 71 12.02 0.96 -14.53
N VAL A 72 11.06 0.46 -13.76
CA VAL A 72 11.30 0.15 -12.36
C VAL A 72 12.12 -1.13 -12.25
N ARG A 73 11.63 -2.16 -12.94
CA ARG A 73 12.31 -3.45 -12.94
C ARG A 73 13.78 -3.28 -13.32
N HIS A 74 14.01 -2.39 -14.28
CA HIS A 74 15.36 -2.13 -14.74
C HIS A 74 16.06 -1.17 -13.79
N ARG A 75 16.75 -1.74 -12.82
CA ARG A 75 17.46 -0.94 -11.84
C ARG A 75 18.02 0.34 -12.48
N CYS A 76 17.39 1.45 -12.15
CA CYS A 76 17.80 2.74 -12.69
C CYS A 76 16.92 3.82 -12.09
N LEU A 77 16.59 3.64 -10.82
CA LEU A 77 15.75 4.59 -10.12
C LEU A 77 16.59 5.34 -9.09
N MET A 78 16.09 6.52 -8.70
CA MET A 78 16.79 7.34 -7.73
C MET A 78 15.80 8.23 -6.97
N SER A 79 14.87 8.80 -7.72
CA SER A 79 13.87 9.66 -7.12
C SER A 79 12.47 9.27 -7.63
N SER A 80 11.48 10.03 -7.17
CA SER A 80 10.10 9.78 -7.57
C SER A 80 9.75 10.61 -8.80
N LYS A 81 10.29 11.82 -8.83
CA LYS A 81 10.05 12.73 -9.94
C LYS A 81 10.47 12.06 -11.25
N GLU A 82 11.44 11.16 -11.13
CA GLU A 82 11.94 10.44 -12.29
C GLU A 82 10.84 9.55 -12.88
N ILE A 83 10.14 8.86 -11.99
CA ILE A 83 9.07 7.97 -12.41
C ILE A 83 7.97 8.80 -13.08
N VAL A 84 7.59 9.87 -12.42
CA VAL A 84 6.55 10.75 -12.94
C VAL A 84 7.00 11.31 -14.30
N THR A 85 8.26 11.72 -14.34
CA THR A 85 8.83 12.28 -15.56
C THR A 85 8.71 11.27 -16.71
N LEU A 86 8.99 10.01 -16.38
CA LEU A 86 8.93 8.95 -17.38
C LEU A 86 7.51 8.89 -17.95
N VAL A 87 6.55 8.77 -17.05
CA VAL A 87 5.16 8.70 -17.45
C VAL A 87 4.80 9.94 -18.26
N GLU A 88 5.31 11.07 -17.81
CA GLU A 88 5.05 12.33 -18.49
C GLU A 88 5.64 12.30 -19.91
N ASP A 89 6.75 11.62 -20.04
CA ASP A 89 7.42 11.51 -21.33
C ASP A 89 6.52 10.74 -22.29
N PHE A 90 5.98 9.63 -21.80
CA PHE A 90 5.10 8.80 -22.61
C PHE A 90 3.88 9.59 -23.07
N HIS A 91 3.31 10.35 -22.15
CA HIS A 91 2.14 11.16 -22.45
C HIS A 91 2.46 12.11 -23.61
N ARG A 92 3.57 12.81 -23.46
CA ARG A 92 4.00 13.76 -24.49
C ARG A 92 5.03 14.72 -23.92
N ALA A 93 5.94 14.17 -23.11
CA ALA A 93 6.98 14.98 -22.50
C ALA A 93 6.41 16.35 -22.12
N SER A 94 7.30 17.33 -22.06
CA SER A 94 6.89 18.67 -21.70
C SER A 94 6.54 18.74 -20.21
N LYS A 95 7.33 18.04 -19.42
CA LYS A 95 7.11 18.00 -17.98
C LYS A 95 7.58 19.33 -17.37
N LYS A 96 6.97 19.68 -16.25
CA LYS A 96 7.31 20.91 -15.56
C LYS A 96 8.05 20.58 -14.26
N PRO A 97 9.39 20.79 -14.29
CA PRO A 97 10.21 20.52 -13.13
C PRO A 97 10.03 21.60 -12.06
N LYS A 98 9.33 21.23 -11.01
CA LYS A 98 9.08 22.16 -9.91
C LYS A 98 9.76 21.64 -8.64
N GLY B 1 -16.11 20.98 5.57
CA GLY B 1 -17.42 20.40 5.35
C GLY B 1 -17.54 19.02 5.97
N SER B 2 -18.31 18.16 5.31
CA SER B 2 -18.51 16.81 5.78
C SER B 2 -19.20 16.83 7.15
N LYS B 3 -19.70 15.67 7.55
CA LYS B 3 -20.38 15.54 8.83
C LYS B 3 -20.44 14.07 9.21
N ASN B 4 -19.42 13.63 9.94
CA ASN B 4 -19.34 12.25 10.38
C ASN B 4 -19.23 11.33 9.16
N CYS B 5 -18.43 10.29 9.33
CA CYS B 5 -18.23 9.32 8.25
C CYS B 5 -17.58 8.07 8.84
N PRO B 6 -18.43 7.04 9.08
CA PRO B 6 -17.94 5.79 9.64
C PRO B 6 -17.19 4.97 8.58
N ASP B 7 -15.88 4.93 8.75
CA ASP B 7 -15.04 4.19 7.81
C ASP B 7 -13.74 3.79 8.52
N PRO B 8 -13.55 2.45 8.65
CA PRO B 8 -12.36 1.91 9.30
C PRO B 8 -11.14 2.03 8.39
N GLU B 9 -11.22 1.37 7.25
CA GLU B 9 -10.13 1.40 6.29
C GLU B 9 -10.68 1.32 4.87
N LEU B 10 -11.79 2.02 4.66
CA LEU B 10 -12.42 2.04 3.35
C LEU B 10 -11.69 3.04 2.45
N CYS B 11 -11.59 4.27 2.94
CA CYS B 11 -10.93 5.32 2.20
C CYS B 11 -9.55 4.80 1.77
N ARG B 12 -9.05 3.85 2.53
CA ARG B 12 -7.75 3.26 2.24
C ARG B 12 -7.88 2.21 1.14
N GLN B 13 -8.76 1.25 1.38
CA GLN B 13 -8.99 0.18 0.43
C GLN B 13 -9.51 0.76 -0.89
N SER B 14 -9.87 2.03 -0.85
CA SER B 14 -10.39 2.70 -2.03
C SER B 14 -9.25 3.41 -2.76
N PHE B 15 -8.53 4.24 -2.01
CA PHE B 15 -7.42 4.98 -2.58
C PHE B 15 -6.39 4.04 -3.22
N ARG B 16 -6.37 2.82 -2.71
CA ARG B 16 -5.45 1.81 -3.21
C ARG B 16 -5.48 1.79 -4.75
N ARG B 17 -6.56 2.32 -5.30
CA ARG B 17 -6.72 2.37 -6.74
C ARG B 17 -7.26 3.73 -7.16
N PHE B 18 -6.69 4.77 -6.60
CA PHE B 18 -7.10 6.13 -6.90
C PHE B 18 -7.44 6.28 -8.38
N CYS B 19 -6.64 5.61 -9.21
CA CYS B 19 -6.83 5.65 -10.65
C CYS B 19 -6.05 6.85 -11.20
N TYR B 20 -5.03 6.54 -11.97
CA TYR B 20 -4.20 7.58 -12.57
C TYR B 20 -5.06 8.64 -13.25
N GLN B 21 -5.75 8.22 -14.30
CA GLN B 21 -6.61 9.13 -15.04
C GLN B 21 -7.67 9.74 -14.11
N GLU B 22 -7.29 10.82 -13.46
CA GLU B 22 -8.19 11.51 -12.55
C GLU B 22 -7.62 12.88 -12.18
N VAL B 23 -6.39 12.87 -11.71
CA VAL B 23 -5.73 14.11 -11.32
C VAL B 23 -5.16 14.79 -12.56
N SER B 24 -4.69 16.01 -12.37
CA SER B 24 -4.12 16.78 -13.47
C SER B 24 -3.23 15.89 -14.33
N GLY B 25 -2.60 14.92 -13.67
CA GLY B 25 -1.73 13.99 -14.37
C GLY B 25 -0.85 13.22 -13.38
N PRO B 26 0.47 13.19 -13.69
CA PRO B 26 1.42 12.50 -12.84
C PRO B 26 1.70 13.29 -11.56
N GLN B 27 2.20 14.49 -11.74
CA GLN B 27 2.51 15.36 -10.61
C GLN B 27 1.33 15.40 -9.64
N GLU B 28 0.15 15.56 -10.19
CA GLU B 28 -1.06 15.62 -9.39
C GLU B 28 -1.42 14.22 -8.87
N ALA B 29 -0.72 13.23 -9.42
CA ALA B 29 -0.96 11.85 -9.03
C ALA B 29 -0.56 11.66 -7.57
N LEU B 30 0.74 11.79 -7.34
CA LEU B 30 1.27 11.63 -5.99
C LEU B 30 0.76 12.78 -5.11
N SER B 31 0.40 13.87 -5.76
CA SER B 31 -0.11 15.03 -5.05
C SER B 31 -1.38 14.66 -4.28
N GLN B 32 -2.36 14.15 -5.02
CA GLN B 32 -3.62 13.75 -4.42
C GLN B 32 -3.41 12.58 -3.45
N LEU B 33 -2.63 11.62 -3.91
CA LEU B 33 -2.34 10.45 -3.09
C LEU B 33 -1.51 10.86 -1.88
N ARG B 34 -0.76 11.95 -2.07
CA ARG B 34 0.10 12.47 -1.00
C ARG B 34 -0.76 12.99 0.16
N GLN B 35 -1.83 13.69 -0.21
CA GLN B 35 -2.74 14.24 0.78
C GLN B 35 -3.51 13.12 1.49
N LEU B 36 -3.95 12.16 0.69
CA LEU B 36 -4.71 11.04 1.22
C LEU B 36 -3.78 10.16 2.05
N CYS B 37 -2.53 10.04 1.58
CA CYS B 37 -1.55 9.23 2.26
C CYS B 37 -1.18 9.93 3.57
N ARG B 38 -0.60 11.12 3.43
CA ARG B 38 -0.20 11.89 4.59
C ARG B 38 -1.32 11.93 5.63
N GLN B 39 -2.55 11.90 5.12
CA GLN B 39 -3.72 11.92 5.99
C GLN B 39 -4.08 10.50 6.44
N TRP B 40 -3.63 9.53 5.65
CA TRP B 40 -3.89 8.14 5.95
C TRP B 40 -3.24 7.81 7.30
N LEU B 41 -1.94 8.08 7.36
CA LEU B 41 -1.20 7.83 8.59
C LEU B 41 -1.18 9.09 9.45
N GLN B 42 -0.71 10.17 8.85
CA GLN B 42 -0.64 11.44 9.54
C GLN B 42 -0.41 11.22 11.03
N PRO B 43 0.74 10.57 11.35
CA PRO B 43 1.10 10.28 12.72
C PRO B 43 1.58 11.55 13.43
N GLU B 44 1.28 11.62 14.72
CA GLU B 44 1.67 12.76 15.52
C GLU B 44 2.79 12.37 16.50
N LEU B 45 3.08 11.08 16.51
CA LEU B 45 4.12 10.56 17.40
C LEU B 45 4.30 9.06 17.13
N HIS B 46 3.18 8.40 16.90
CA HIS B 46 3.20 6.96 16.63
C HIS B 46 4.43 6.62 15.78
N THR B 47 5.42 6.04 16.44
CA THR B 47 6.64 5.65 15.75
C THR B 47 6.34 4.65 14.64
N LYS B 48 7.36 3.89 14.28
CA LYS B 48 7.22 2.90 13.23
C LYS B 48 6.21 1.83 13.67
N GLU B 49 5.78 1.95 14.91
CA GLU B 49 4.82 1.00 15.47
C GLU B 49 3.52 1.05 14.67
N GLN B 50 2.88 2.21 14.69
CA GLN B 50 1.63 2.39 13.97
C GLN B 50 1.87 2.30 12.46
N ILE B 51 2.93 2.96 12.02
CA ILE B 51 3.28 2.96 10.61
C ILE B 51 3.37 1.52 10.11
N LEU B 52 4.04 0.69 10.88
CA LEU B 52 4.19 -0.71 10.52
C LEU B 52 2.82 -1.35 10.36
N GLU B 53 2.00 -1.21 11.40
CA GLU B 53 0.67 -1.76 11.38
C GLU B 53 -0.19 -1.06 10.33
N LEU B 54 0.36 0.03 9.80
CA LEU B 54 -0.35 0.80 8.79
C LEU B 54 -0.32 0.03 7.46
N LEU B 55 0.88 -0.10 6.92
CA LEU B 55 1.06 -0.81 5.66
C LEU B 55 0.77 -2.30 5.87
N VAL B 56 0.99 -2.74 7.11
CA VAL B 56 0.77 -4.13 7.46
C VAL B 56 -0.73 -4.43 7.39
N MET B 57 -1.52 -3.47 7.84
CA MET B 57 -2.97 -3.63 7.84
C MET B 57 -3.52 -3.60 6.40
N GLU B 58 -3.48 -2.41 5.81
CA GLU B 58 -3.97 -2.24 4.46
C GLU B 58 -3.52 -3.41 3.58
N GLN B 59 -2.29 -3.86 3.83
CA GLN B 59 -1.73 -4.97 3.08
C GLN B 59 -2.42 -6.28 3.46
N PHE B 60 -2.34 -6.58 4.76
CA PHE B 60 -2.95 -7.80 5.27
C PHE B 60 -4.35 -8.01 4.69
N LEU B 61 -5.03 -6.90 4.45
CA LEU B 61 -6.37 -6.95 3.89
C LEU B 61 -6.29 -7.32 2.42
N THR B 62 -5.40 -6.65 1.71
CA THR B 62 -5.21 -6.91 0.29
C THR B 62 -4.93 -8.39 0.05
N ILE B 63 -4.30 -9.01 1.04
CA ILE B 63 -3.96 -10.42 0.95
C ILE B 63 -5.18 -11.26 1.34
N LEU B 64 -5.92 -10.75 2.32
CA LEU B 64 -7.11 -11.44 2.79
C LEU B 64 -8.15 -11.48 1.67
N PRO B 65 -9.13 -12.40 1.83
CA PRO B 65 -10.19 -12.56 0.85
C PRO B 65 -11.20 -11.41 0.94
N GLU B 66 -12.38 -11.67 0.40
CA GLU B 66 -13.44 -10.67 0.40
C GLU B 66 -14.18 -10.69 1.74
N GLU B 67 -14.13 -11.85 2.38
CA GLU B 67 -14.79 -12.02 3.67
C GLU B 67 -14.52 -10.80 4.57
N ILE B 68 -13.28 -10.36 4.53
CA ILE B 68 -12.88 -9.21 5.34
C ILE B 68 -13.52 -7.95 4.78
N GLN B 69 -13.52 -7.85 3.45
CA GLN B 69 -14.10 -6.70 2.78
C GLN B 69 -15.58 -6.56 3.17
N ALA B 70 -16.17 -7.68 3.53
CA ALA B 70 -17.58 -7.69 3.93
C ALA B 70 -17.69 -7.25 5.38
N ARG B 71 -16.85 -7.84 6.22
CA ARG B 71 -16.84 -7.51 7.64
C ARG B 71 -16.33 -6.09 7.86
N VAL B 72 -15.67 -5.57 6.84
CA VAL B 72 -15.12 -4.22 6.90
C VAL B 72 -16.19 -3.22 6.47
N ARG B 73 -16.73 -3.45 5.29
CA ARG B 73 -17.76 -2.59 4.75
C ARG B 73 -18.94 -2.49 5.72
N HIS B 74 -19.22 -3.60 6.37
CA HIS B 74 -20.32 -3.66 7.32
C HIS B 74 -19.76 -3.97 8.72
N ARG B 75 -20.66 -4.00 9.69
CA ARG B 75 -20.28 -4.29 11.06
C ARG B 75 -19.29 -3.23 11.56
N CYS B 76 -18.81 -3.46 12.77
CA CYS B 76 -17.85 -2.54 13.37
C CYS B 76 -16.64 -3.34 13.83
N LEU B 77 -15.55 -3.19 13.09
CA LEU B 77 -14.31 -3.89 13.41
C LEU B 77 -13.70 -3.28 14.67
N MET B 78 -12.89 -4.09 15.35
CA MET B 78 -12.24 -3.65 16.56
C MET B 78 -10.71 -3.70 16.42
N SER B 79 -10.20 -4.92 16.35
CA SER B 79 -8.77 -5.12 16.21
C SER B 79 -8.48 -6.06 15.04
N SER B 80 -7.30 -5.90 14.45
CA SER B 80 -6.90 -6.72 13.33
C SER B 80 -6.97 -8.20 13.71
N LYS B 81 -6.82 -8.45 15.01
CA LYS B 81 -6.87 -9.80 15.53
C LYS B 81 -8.23 -10.43 15.19
N GLU B 82 -9.26 -9.60 15.28
CA GLU B 82 -10.61 -10.05 14.99
C GLU B 82 -10.74 -10.42 13.51
N ILE B 83 -10.14 -9.57 12.68
CA ILE B 83 -10.19 -9.79 11.24
C ILE B 83 -9.57 -11.15 10.92
N VAL B 84 -8.36 -11.35 11.40
CA VAL B 84 -7.64 -12.59 11.17
C VAL B 84 -8.52 -13.76 11.61
N THR B 85 -9.10 -13.62 12.80
CA THR B 85 -9.95 -14.65 13.35
C THR B 85 -11.13 -14.92 12.41
N LEU B 86 -11.70 -13.84 11.90
CA LEU B 86 -12.83 -13.94 10.99
C LEU B 86 -12.48 -14.89 9.85
N VAL B 87 -11.30 -14.65 9.28
CA VAL B 87 -10.83 -15.48 8.17
C VAL B 87 -10.72 -16.94 8.63
N GLU B 88 -10.15 -17.10 9.82
CA GLU B 88 -9.97 -18.42 10.39
C GLU B 88 -11.32 -19.11 10.56
N ASP B 89 -12.31 -18.31 10.92
CA ASP B 89 -13.66 -18.83 11.12
C ASP B 89 -14.21 -19.33 9.78
N PHE B 90 -13.94 -18.55 8.74
CA PHE B 90 -14.41 -18.91 7.41
C PHE B 90 -13.78 -20.23 6.94
N HIS B 91 -12.52 -20.40 7.32
CA HIS B 91 -11.79 -21.61 6.95
C HIS B 91 -12.42 -22.82 7.63
N ARG B 92 -12.61 -22.69 8.94
CA ARG B 92 -13.19 -23.76 9.72
C ARG B 92 -13.15 -23.42 11.21
N ALA B 93 -13.96 -22.43 11.59
CA ALA B 93 -14.02 -22.00 12.97
C ALA B 93 -15.28 -21.16 13.17
N SER B 94 -15.85 -21.29 14.37
CA SER B 94 -17.06 -20.55 14.71
C SER B 94 -16.69 -19.31 15.51
N LYS B 95 -16.32 -18.25 14.78
CA LYS B 95 -15.95 -17.00 15.43
C LYS B 95 -16.17 -15.86 14.44
N LYS B 96 -17.05 -14.94 14.83
CA LYS B 96 -17.36 -13.80 14.00
C LYS B 96 -17.49 -12.55 14.88
N PRO B 97 -17.31 -11.37 14.24
CA PRO B 97 -17.41 -10.10 14.96
C PRO B 97 -18.88 -9.75 15.25
N LYS B 98 -19.05 -8.84 16.18
CA LYS B 98 -20.39 -8.42 16.56
C LYS B 98 -21.19 -9.62 17.04
N GLY A 1 24.74 -17.83 -9.27
CA GLY A 1 23.48 -17.08 -9.23
C GLY A 1 23.52 -15.88 -10.18
N SER A 2 22.47 -15.09 -10.11
CA SER A 2 22.36 -13.91 -10.96
C SER A 2 21.02 -13.20 -10.72
N LYS A 3 21.12 -11.94 -10.33
CA LYS A 3 19.93 -11.14 -10.07
C LYS A 3 19.76 -10.10 -11.18
N ASN A 4 20.89 -9.59 -11.64
CA ASN A 4 20.88 -8.59 -12.70
C ASN A 4 19.80 -7.56 -12.40
N CYS A 5 20.19 -6.52 -11.68
CA CYS A 5 19.27 -5.46 -11.32
C CYS A 5 17.96 -6.10 -10.85
N PRO A 6 17.97 -6.59 -9.58
CA PRO A 6 16.80 -7.22 -9.01
C PRO A 6 15.75 -6.18 -8.63
N ASP A 7 14.50 -6.63 -8.64
CA ASP A 7 13.39 -5.75 -8.30
C ASP A 7 13.50 -5.34 -6.83
N PRO A 8 13.54 -3.99 -6.61
CA PRO A 8 13.65 -3.45 -5.27
C PRO A 8 12.31 -3.57 -4.52
N GLU A 9 11.88 -4.81 -4.36
CA GLU A 9 10.63 -5.08 -3.67
C GLU A 9 10.39 -6.59 -3.57
N LEU A 10 11.45 -7.32 -3.26
CA LEU A 10 11.37 -8.76 -3.14
C LEU A 10 10.66 -9.11 -1.83
N CYS A 11 11.22 -8.63 -0.73
CA CYS A 11 10.66 -8.88 0.58
C CYS A 11 9.23 -8.35 0.60
N ARG A 12 9.01 -7.31 -0.19
CA ARG A 12 7.69 -6.69 -0.26
C ARG A 12 6.69 -7.68 -0.87
N GLN A 13 6.98 -8.08 -2.10
CA GLN A 13 6.11 -9.01 -2.80
C GLN A 13 5.98 -10.32 -2.02
N SER A 14 7.00 -10.58 -1.20
CA SER A 14 7.02 -11.79 -0.39
C SER A 14 5.88 -11.74 0.64
N PHE A 15 5.99 -10.78 1.55
CA PHE A 15 4.99 -10.62 2.59
C PHE A 15 3.67 -10.11 2.01
N ARG A 16 3.78 -9.53 0.81
CA ARG A 16 2.61 -9.00 0.14
C ARG A 16 1.78 -10.12 -0.46
N ARG A 17 2.46 -11.23 -0.75
CA ARG A 17 1.79 -12.38 -1.33
C ARG A 17 1.90 -13.59 -0.38
N PHE A 18 1.83 -13.29 0.91
CA PHE A 18 1.92 -14.33 1.91
C PHE A 18 0.82 -15.36 1.73
N CYS A 19 -0.40 -14.86 1.52
CA CYS A 19 -1.54 -15.73 1.33
C CYS A 19 -1.35 -16.98 2.18
N TYR A 20 -1.65 -16.85 3.46
CA TYR A 20 -1.51 -17.96 4.38
C TYR A 20 -0.41 -18.93 3.91
N GLN A 21 0.68 -18.35 3.46
CA GLN A 21 1.81 -19.14 2.99
C GLN A 21 3.06 -18.85 3.82
N GLU A 22 3.05 -19.37 5.05
CA GLU A 22 4.17 -19.17 5.95
C GLU A 22 3.82 -19.69 7.35
N VAL A 23 2.94 -18.94 8.02
CA VAL A 23 2.51 -19.31 9.35
C VAL A 23 1.37 -20.32 9.26
N SER A 24 1.36 -21.26 10.19
CA SER A 24 0.34 -22.28 10.23
C SER A 24 -0.75 -21.91 11.24
N GLY A 25 -0.64 -20.69 11.76
CA GLY A 25 -1.59 -20.19 12.73
C GLY A 25 -2.42 -19.05 12.16
N PRO A 26 -3.46 -18.65 12.93
CA PRO A 26 -4.33 -17.57 12.50
C PRO A 26 -3.65 -16.21 12.67
N GLN A 27 -3.68 -15.71 13.89
CA GLN A 27 -3.07 -14.43 14.20
C GLN A 27 -1.64 -14.39 13.68
N GLU A 28 -1.07 -15.58 13.50
CA GLU A 28 0.29 -15.69 13.02
C GLU A 28 0.41 -15.11 11.61
N ALA A 29 -0.75 -14.84 11.02
CA ALA A 29 -0.81 -14.29 9.68
C ALA A 29 -0.18 -12.90 9.68
N LEU A 30 -0.83 -11.99 10.41
CA LEU A 30 -0.35 -10.62 10.50
C LEU A 30 0.92 -10.60 11.35
N SER A 31 1.12 -11.66 12.11
CA SER A 31 2.29 -11.78 12.98
C SER A 31 3.56 -11.75 12.13
N GLN A 32 3.62 -12.66 11.17
CA GLN A 32 4.76 -12.75 10.29
C GLN A 32 4.85 -11.52 9.38
N LEU A 33 3.69 -11.13 8.87
CA LEU A 33 3.61 -9.97 7.99
C LEU A 33 3.93 -8.70 8.80
N ARG A 34 3.58 -8.75 10.07
CA ARG A 34 3.83 -7.62 10.96
C ARG A 34 5.33 -7.33 11.04
N GLN A 35 6.10 -8.39 11.25
CA GLN A 35 7.54 -8.25 11.35
C GLN A 35 8.13 -7.86 9.99
N LEU A 36 7.53 -8.40 8.94
CA LEU A 36 7.99 -8.11 7.59
C LEU A 36 7.81 -6.62 7.30
N CYS A 37 6.56 -6.18 7.38
CA CYS A 37 6.24 -4.79 7.14
C CYS A 37 7.02 -3.93 8.13
N ARG A 38 6.99 -4.36 9.39
CA ARG A 38 7.69 -3.64 10.44
C ARG A 38 9.10 -3.26 9.98
N GLN A 39 9.74 -4.20 9.30
CA GLN A 39 11.08 -3.96 8.81
C GLN A 39 11.04 -3.26 7.46
N TRP A 40 9.85 -3.27 6.85
CA TRP A 40 9.66 -2.64 5.56
C TRP A 40 9.77 -1.12 5.77
N LEU A 41 8.93 -0.61 6.64
CA LEU A 41 8.92 0.81 6.94
C LEU A 41 9.73 1.08 8.20
N GLN A 42 10.09 -0.01 8.86
CA GLN A 42 10.87 0.08 10.10
C GLN A 42 11.56 1.44 10.18
N PRO A 43 11.27 2.16 11.30
CA PRO A 43 11.86 3.47 11.52
C PRO A 43 13.33 3.35 11.92
N GLU A 44 13.86 4.46 12.44
CA GLU A 44 15.24 4.49 12.87
C GLU A 44 16.15 4.89 11.71
N LEU A 45 15.56 4.89 10.52
CA LEU A 45 16.31 5.26 9.32
C LEU A 45 15.47 6.23 8.48
N HIS A 46 14.30 6.56 9.01
CA HIS A 46 13.41 7.47 8.33
C HIS A 46 12.13 7.66 9.15
N THR A 47 11.32 8.61 8.72
CA THR A 47 10.07 8.89 9.40
C THR A 47 8.89 8.77 8.44
N LYS A 48 7.80 9.45 8.80
CA LYS A 48 6.60 9.42 7.98
C LYS A 48 6.95 9.89 6.56
N GLU A 49 8.15 10.45 6.44
CA GLU A 49 8.62 10.93 5.15
C GLU A 49 8.75 9.78 4.15
N GLN A 50 9.56 8.81 4.54
CA GLN A 50 9.78 7.64 3.70
C GLN A 50 8.48 6.87 3.51
N ILE A 51 7.80 6.64 4.62
CA ILE A 51 6.54 5.92 4.59
C ILE A 51 5.58 6.61 3.63
N LEU A 52 5.43 7.91 3.83
CA LEU A 52 4.54 8.71 3.00
C LEU A 52 4.90 8.47 1.52
N GLU A 53 6.19 8.49 1.25
CA GLU A 53 6.67 8.28 -0.11
C GLU A 53 6.45 6.83 -0.54
N LEU A 54 6.23 5.98 0.46
CA LEU A 54 6.00 4.57 0.21
C LEU A 54 4.66 4.39 -0.51
N LEU A 55 3.60 4.78 0.18
CA LEU A 55 2.26 4.68 -0.38
C LEU A 55 2.14 5.62 -1.58
N VAL A 56 2.74 6.79 -1.43
CA VAL A 56 2.70 7.79 -2.48
C VAL A 56 3.35 7.21 -3.74
N MET A 57 4.41 6.47 -3.54
CA MET A 57 5.13 5.85 -4.65
C MET A 57 4.26 4.80 -5.34
N GLU A 58 4.03 3.70 -4.64
CA GLU A 58 3.23 2.62 -5.17
C GLU A 58 2.04 3.18 -5.96
N GLN A 59 1.54 4.30 -5.49
CA GLN A 59 0.41 4.95 -6.13
C GLN A 59 0.87 5.70 -7.38
N PHE A 60 1.77 6.65 -7.17
CA PHE A 60 2.29 7.44 -8.26
C PHE A 60 2.73 6.54 -9.43
N LEU A 61 2.97 5.28 -9.10
CA LEU A 61 3.39 4.31 -10.10
C LEU A 61 2.15 3.67 -10.73
N THR A 62 1.18 3.39 -9.88
CA THR A 62 -0.06 2.78 -10.34
C THR A 62 -0.83 3.73 -11.25
N ILE A 63 -0.71 5.01 -10.94
CA ILE A 63 -1.38 6.04 -11.72
C ILE A 63 -0.77 6.11 -13.11
N LEU A 64 0.55 6.05 -13.15
CA LEU A 64 1.27 6.10 -14.42
C LEU A 64 1.29 4.71 -15.04
N PRO A 65 1.05 4.67 -16.38
CA PRO A 65 1.05 3.42 -17.10
C PRO A 65 2.47 2.88 -17.30
N GLU A 66 2.62 1.58 -17.08
CA GLU A 66 3.91 0.95 -17.23
C GLU A 66 4.69 1.60 -18.38
N GLU A 67 3.95 2.10 -19.34
CA GLU A 67 4.55 2.76 -20.49
C GLU A 67 5.74 3.61 -20.06
N ILE A 68 5.62 4.19 -18.87
CA ILE A 68 6.66 5.03 -18.34
C ILE A 68 7.78 4.14 -17.77
N GLN A 69 7.37 3.12 -17.05
CA GLN A 69 8.32 2.20 -16.44
C GLN A 69 9.25 1.63 -17.52
N ALA A 70 8.74 1.60 -18.74
CA ALA A 70 9.52 1.08 -19.86
C ALA A 70 10.31 2.22 -20.50
N ARG A 71 9.62 3.35 -20.68
CA ARG A 71 10.24 4.52 -21.28
C ARG A 71 11.36 5.04 -20.37
N VAL A 72 11.39 4.51 -19.16
CA VAL A 72 12.41 4.92 -18.20
C VAL A 72 13.47 3.82 -18.09
N ARG A 73 13.03 2.65 -17.66
CA ARG A 73 13.93 1.53 -17.51
C ARG A 73 13.79 0.58 -18.70
N HIS A 74 12.58 0.51 -19.23
CA HIS A 74 12.31 -0.35 -20.37
C HIS A 74 11.87 -1.73 -19.87
N ARG A 75 11.75 -1.85 -18.56
CA ARG A 75 11.33 -3.09 -17.94
C ARG A 75 10.26 -2.84 -16.89
N CYS A 76 10.66 -2.08 -15.86
CA CYS A 76 9.74 -1.75 -14.78
C CYS A 76 10.17 -0.40 -14.20
N LEU A 77 9.62 -0.11 -13.03
CA LEU A 77 9.93 1.14 -12.34
C LEU A 77 11.44 1.36 -12.35
N MET A 78 11.84 2.59 -12.06
CA MET A 78 13.25 2.94 -12.02
C MET A 78 13.51 4.07 -11.03
N SER A 79 13.20 5.28 -11.47
CA SER A 79 13.39 6.45 -10.63
C SER A 79 12.15 7.34 -10.67
N SER A 80 11.67 7.69 -9.48
CA SER A 80 10.49 8.52 -9.37
C SER A 80 10.67 9.80 -10.21
N LYS A 81 11.86 10.38 -10.11
CA LYS A 81 12.17 11.58 -10.85
C LYS A 81 12.20 11.26 -12.34
N GLU A 82 12.75 10.10 -12.66
CA GLU A 82 12.85 9.68 -14.05
C GLU A 82 11.45 9.35 -14.60
N ILE A 83 10.62 8.81 -13.72
CA ILE A 83 9.26 8.45 -14.11
C ILE A 83 8.50 9.71 -14.52
N VAL A 84 8.23 10.55 -13.54
CA VAL A 84 7.51 11.78 -13.77
C VAL A 84 8.23 12.58 -14.87
N THR A 85 9.53 12.33 -14.98
CA THR A 85 10.33 13.01 -15.98
C THR A 85 9.82 12.70 -17.39
N LEU A 86 9.78 11.42 -17.69
CA LEU A 86 9.31 10.97 -18.99
C LEU A 86 7.87 11.45 -19.21
N VAL A 87 7.10 11.38 -18.14
CA VAL A 87 5.70 11.81 -18.20
C VAL A 87 5.64 13.28 -18.61
N GLU A 88 6.64 14.03 -18.14
CA GLU A 88 6.70 15.45 -18.44
C GLU A 88 7.21 15.66 -19.86
N ASP A 89 7.99 14.69 -20.34
CA ASP A 89 8.55 14.76 -21.67
C ASP A 89 7.43 14.58 -22.70
N PHE A 90 6.62 13.55 -22.47
CA PHE A 90 5.51 13.25 -23.37
C PHE A 90 4.37 14.24 -23.16
N HIS A 91 4.13 14.56 -21.89
CA HIS A 91 3.06 15.49 -21.54
C HIS A 91 3.42 16.89 -22.04
N ARG A 92 4.71 17.15 -22.09
CA ARG A 92 5.21 18.45 -22.53
C ARG A 92 6.66 18.65 -22.08
N ALA A 93 7.56 17.98 -22.77
CA ALA A 93 8.97 18.08 -22.46
C ALA A 93 9.39 19.55 -22.45
N SER A 94 9.44 20.12 -23.64
CA SER A 94 9.82 21.52 -23.78
C SER A 94 11.08 21.80 -22.95
N LYS A 95 12.07 20.94 -23.11
CA LYS A 95 13.32 21.08 -22.39
C LYS A 95 14.30 20.01 -22.87
N LYS A 96 15.54 20.13 -22.39
CA LYS A 96 16.58 19.19 -22.76
C LYS A 96 16.12 17.77 -22.43
N PRO A 97 16.66 16.80 -23.21
CA PRO A 97 16.32 15.40 -23.01
C PRO A 97 17.00 14.84 -21.76
N LYS A 98 16.19 14.61 -20.74
CA LYS A 98 16.69 14.08 -19.49
C LYS A 98 16.24 12.63 -19.34
N GLY B 1 -28.67 16.19 5.04
CA GLY B 1 -28.19 14.97 5.67
C GLY B 1 -28.55 14.96 7.16
N SER B 2 -27.69 14.31 7.94
CA SER B 2 -27.91 14.21 9.36
C SER B 2 -26.64 13.71 10.05
N LYS B 3 -26.47 12.39 10.04
CA LYS B 3 -25.31 11.79 10.66
C LYS B 3 -24.51 11.03 9.58
N ASN B 4 -23.50 10.31 10.06
CA ASN B 4 -22.65 9.54 9.15
C ASN B 4 -21.90 8.48 9.95
N CYS B 5 -21.63 7.37 9.30
CA CYS B 5 -20.90 6.27 9.93
C CYS B 5 -19.70 5.91 9.05
N PRO B 6 -18.67 6.78 9.11
CA PRO B 6 -17.46 6.56 8.34
C PRO B 6 -16.61 5.45 8.94
N ASP B 7 -15.49 5.17 8.28
CA ASP B 7 -14.59 4.13 8.75
C ASP B 7 -13.17 4.72 8.85
N PRO B 8 -12.36 4.11 9.76
CA PRO B 8 -11.00 4.55 9.95
C PRO B 8 -10.10 4.09 8.81
N GLU B 9 -10.50 4.46 7.59
CA GLU B 9 -9.74 4.08 6.41
C GLU B 9 -10.52 4.45 5.15
N LEU B 10 -11.17 5.61 5.21
CA LEU B 10 -11.95 6.08 4.07
C LEU B 10 -11.03 6.85 3.12
N CYS B 11 -10.27 7.77 3.69
CA CYS B 11 -9.35 8.57 2.89
C CYS B 11 -8.37 7.63 2.20
N ARG B 12 -8.08 6.53 2.87
CA ARG B 12 -7.16 5.54 2.33
C ARG B 12 -7.85 4.70 1.26
N GLN B 13 -8.98 4.13 1.65
CA GLN B 13 -9.76 3.29 0.73
C GLN B 13 -10.28 4.14 -0.44
N SER B 14 -10.15 5.45 -0.29
CA SER B 14 -10.61 6.36 -1.32
C SER B 14 -9.46 6.67 -2.29
N PHE B 15 -8.46 7.35 -1.78
CA PHE B 15 -7.30 7.71 -2.59
C PHE B 15 -6.71 6.47 -3.26
N ARG B 16 -6.80 5.36 -2.56
CA ARG B 16 -6.27 4.10 -3.08
C ARG B 16 -6.50 4.01 -4.58
N ARG B 17 -5.49 4.39 -5.33
CA ARG B 17 -5.58 4.36 -6.79
C ARG B 17 -6.19 5.66 -7.32
N PHE B 18 -5.42 6.73 -7.17
CA PHE B 18 -5.86 8.04 -7.62
C PHE B 18 -6.49 7.95 -9.01
N CYS B 19 -5.71 7.40 -9.94
CA CYS B 19 -6.18 7.25 -11.31
C CYS B 19 -5.72 8.47 -12.11
N TYR B 20 -4.54 8.96 -11.75
CA TYR B 20 -3.98 10.12 -12.42
C TYR B 20 -5.08 11.06 -12.93
N GLN B 21 -5.82 11.62 -11.98
CA GLN B 21 -6.90 12.53 -12.31
C GLN B 21 -6.47 13.48 -13.43
N GLU B 22 -5.15 13.67 -13.54
CA GLU B 22 -4.60 14.54 -14.55
C GLU B 22 -4.35 15.94 -13.97
N VAL B 23 -3.49 15.98 -12.97
CA VAL B 23 -3.16 17.24 -12.32
C VAL B 23 -2.68 18.24 -13.38
N SER B 24 -2.32 17.70 -14.53
CA SER B 24 -1.84 18.53 -15.62
C SER B 24 -0.33 18.71 -15.52
N GLY B 25 0.15 18.75 -14.29
CA GLY B 25 1.58 18.91 -14.04
C GLY B 25 2.28 17.56 -13.95
N PRO B 26 3.64 17.61 -13.99
CA PRO B 26 4.44 16.40 -13.92
C PRO B 26 4.46 15.85 -12.49
N GLN B 27 5.33 16.44 -11.68
CA GLN B 27 5.46 16.01 -10.28
C GLN B 27 4.14 16.22 -9.54
N GLU B 28 3.25 16.98 -10.17
CA GLU B 28 1.95 17.26 -9.59
C GLU B 28 1.25 15.96 -9.19
N ALA B 29 1.69 14.88 -9.83
CA ALA B 29 1.11 13.57 -9.57
C ALA B 29 1.35 13.21 -8.09
N LEU B 30 2.61 13.25 -7.70
CA LEU B 30 2.99 12.93 -6.34
C LEU B 30 2.43 13.99 -5.40
N SER B 31 2.24 15.18 -5.95
CA SER B 31 1.72 16.29 -5.17
C SER B 31 0.34 15.93 -4.62
N GLN B 32 -0.55 15.53 -5.52
CA GLN B 32 -1.90 15.16 -5.13
C GLN B 32 -1.87 13.93 -4.22
N LEU B 33 -1.16 12.91 -4.67
CA LEU B 33 -1.04 11.68 -3.90
C LEU B 33 -0.38 11.98 -2.56
N ARG B 34 0.81 12.54 -2.63
CA ARG B 34 1.54 12.88 -1.42
C ARG B 34 0.60 13.48 -0.37
N GLN B 35 -0.32 14.30 -0.85
CA GLN B 35 -1.28 14.93 0.03
C GLN B 35 -2.26 13.89 0.59
N LEU B 36 -2.73 13.03 -0.31
CA LEU B 36 -3.67 11.99 0.08
C LEU B 36 -2.99 11.05 1.08
N CYS B 37 -1.86 10.51 0.67
CA CYS B 37 -1.11 9.60 1.51
C CYS B 37 -0.82 10.30 2.84
N ARG B 38 -0.21 11.47 2.73
CA ARG B 38 0.13 12.24 3.90
C ARG B 38 -1.05 12.28 4.88
N GLN B 39 -2.24 12.35 4.31
CA GLN B 39 -3.45 12.39 5.12
C GLN B 39 -3.89 10.97 5.47
N TRP B 40 -3.36 10.02 4.72
CA TRP B 40 -3.70 8.62 4.94
C TRP B 40 -3.13 8.20 6.30
N LEU B 41 -1.82 8.39 6.44
CA LEU B 41 -1.15 8.05 7.68
C LEU B 41 -1.18 9.25 8.63
N GLN B 42 -0.73 10.38 8.11
CA GLN B 42 -0.70 11.61 8.90
C GLN B 42 -0.42 11.29 10.37
N PRO B 43 0.89 11.47 10.75
CA PRO B 43 1.31 11.20 12.11
C PRO B 43 0.84 12.31 13.05
N GLU B 44 1.51 12.39 14.20
CA GLU B 44 1.18 13.41 15.18
C GLU B 44 0.21 12.83 16.23
N LEU B 45 -0.39 11.70 15.87
CA LEU B 45 -1.34 11.05 16.75
C LEU B 45 -1.05 9.54 16.77
N HIS B 46 0.06 9.17 16.15
CA HIS B 46 0.46 7.78 16.08
C HIS B 46 1.81 7.66 15.39
N THR B 47 2.62 6.75 15.91
CA THR B 47 3.96 6.54 15.36
C THR B 47 3.89 5.52 14.21
N LYS B 48 5.03 4.90 13.95
CA LYS B 48 5.12 3.92 12.88
C LYS B 48 4.21 2.73 13.20
N GLU B 49 3.62 2.78 14.39
CA GLU B 49 2.73 1.72 14.83
C GLU B 49 1.50 1.65 13.92
N GLN B 50 0.91 2.81 13.68
CA GLN B 50 -0.27 2.88 12.83
C GLN B 50 0.09 2.51 11.39
N ILE B 51 1.20 3.09 10.92
CA ILE B 51 1.67 2.83 9.57
C ILE B 51 2.04 1.35 9.43
N LEU B 52 2.93 0.92 10.30
CA LEU B 52 3.37 -0.47 10.29
C LEU B 52 2.15 -1.39 10.19
N GLU B 53 1.15 -1.08 10.99
CA GLU B 53 -0.08 -1.86 10.99
C GLU B 53 -0.82 -1.70 9.66
N LEU B 54 -0.59 -0.56 9.02
CA LEU B 54 -1.22 -0.27 7.75
C LEU B 54 -0.94 -1.41 6.77
N LEU B 55 0.34 -1.74 6.65
CA LEU B 55 0.76 -2.81 5.76
C LEU B 55 0.22 -4.15 6.28
N VAL B 56 0.35 -4.32 7.59
CA VAL B 56 -0.10 -5.55 8.21
C VAL B 56 -1.58 -5.76 7.88
N MET B 57 -2.31 -4.67 7.85
CA MET B 57 -3.73 -4.72 7.54
C MET B 57 -3.97 -5.09 6.07
N GLU B 58 -3.68 -4.13 5.21
CA GLU B 58 -3.85 -4.35 3.78
C GLU B 58 -3.30 -5.72 3.37
N GLN B 59 -2.27 -6.14 4.09
CA GLN B 59 -1.65 -7.43 3.83
C GLN B 59 -2.46 -8.55 4.46
N PHE B 60 -2.52 -8.52 5.78
CA PHE B 60 -3.26 -9.54 6.52
C PHE B 60 -4.61 -9.82 5.86
N LEU B 61 -5.09 -8.83 5.12
CA LEU B 61 -6.36 -8.97 4.43
C LEU B 61 -6.13 -9.63 3.07
N THR B 62 -5.13 -9.14 2.36
CA THR B 62 -4.80 -9.67 1.05
C THR B 62 -4.36 -11.13 1.17
N ILE B 63 -4.07 -11.54 2.40
CA ILE B 63 -3.64 -12.90 2.66
C ILE B 63 -4.87 -13.78 2.88
N LEU B 64 -5.92 -13.16 3.38
CA LEU B 64 -7.16 -13.87 3.65
C LEU B 64 -8.00 -13.91 2.38
N PRO B 65 -8.84 -14.97 2.26
CA PRO B 65 -9.70 -15.14 1.11
C PRO B 65 -10.88 -14.17 1.16
N GLU B 66 -12.04 -14.73 1.50
CA GLU B 66 -13.25 -13.92 1.59
C GLU B 66 -13.55 -13.57 3.05
N GLU B 67 -12.92 -14.33 3.95
CA GLU B 67 -13.11 -14.11 5.37
C GLU B 67 -13.22 -12.61 5.67
N ILE B 68 -12.25 -11.86 5.18
CA ILE B 68 -12.24 -10.43 5.38
C ILE B 68 -13.38 -9.80 4.59
N GLN B 69 -13.57 -10.31 3.38
CA GLN B 69 -14.63 -9.80 2.52
C GLN B 69 -15.99 -9.92 3.22
N ALA B 70 -16.07 -10.89 4.12
CA ALA B 70 -17.30 -11.12 4.86
C ALA B 70 -17.39 -10.13 6.02
N ARG B 71 -16.26 -9.95 6.69
CA ARG B 71 -16.19 -9.05 7.82
C ARG B 71 -16.51 -7.61 7.37
N VAL B 72 -16.27 -7.36 6.09
CA VAL B 72 -16.53 -6.05 5.53
C VAL B 72 -17.93 -6.02 4.92
N ARG B 73 -18.33 -7.16 4.39
CA ARG B 73 -19.64 -7.28 3.78
C ARG B 73 -20.73 -6.89 4.79
N HIS B 74 -20.67 -7.51 5.95
CA HIS B 74 -21.64 -7.24 7.00
C HIS B 74 -20.91 -6.85 8.29
N ARG B 75 -21.64 -6.19 9.17
CA ARG B 75 -21.07 -5.75 10.44
C ARG B 75 -19.90 -4.80 10.21
N CYS B 76 -19.68 -3.93 11.17
CA CYS B 76 -18.60 -2.97 11.08
C CYS B 76 -17.51 -3.38 12.05
N LEU B 77 -17.87 -3.44 13.33
CA LEU B 77 -16.93 -3.82 14.36
C LEU B 77 -16.19 -5.09 13.94
N MET B 78 -14.87 -5.03 14.00
CA MET B 78 -14.04 -6.16 13.62
C MET B 78 -12.55 -5.81 13.76
N SER B 79 -12.07 -5.83 14.99
CA SER B 79 -10.68 -5.53 15.25
C SER B 79 -9.78 -6.60 14.64
N SER B 80 -8.53 -6.23 14.41
CA SER B 80 -7.57 -7.16 13.83
C SER B 80 -7.77 -8.55 14.40
N LYS B 81 -7.58 -8.67 15.71
CA LYS B 81 -7.73 -9.94 16.38
C LYS B 81 -9.10 -10.52 16.04
N GLU B 82 -10.06 -9.63 15.81
CA GLU B 82 -11.40 -10.05 15.46
C GLU B 82 -11.41 -10.73 14.09
N ILE B 83 -10.82 -10.05 13.13
CA ILE B 83 -10.76 -10.58 11.77
C ILE B 83 -10.15 -11.98 11.80
N VAL B 84 -8.90 -12.03 12.25
CA VAL B 84 -8.20 -13.30 12.33
C VAL B 84 -9.08 -14.33 13.04
N THR B 85 -9.84 -13.84 14.00
CA THR B 85 -10.74 -14.71 14.75
C THR B 85 -11.80 -15.31 13.84
N LEU B 86 -12.31 -14.47 12.93
CA LEU B 86 -13.32 -14.91 11.99
C LEU B 86 -12.77 -16.06 11.15
N VAL B 87 -11.51 -15.92 10.77
CA VAL B 87 -10.86 -16.94 9.96
C VAL B 87 -10.76 -18.24 10.77
N GLU B 88 -10.38 -18.09 12.03
CA GLU B 88 -10.24 -19.23 12.91
C GLU B 88 -11.60 -19.90 13.12
N ASP B 89 -12.64 -19.08 13.13
CA ASP B 89 -13.99 -19.57 13.33
C ASP B 89 -14.43 -20.36 12.09
N PHE B 90 -13.98 -19.88 10.94
CA PHE B 90 -14.32 -20.53 9.68
C PHE B 90 -13.59 -21.86 9.54
N HIS B 91 -12.36 -21.88 10.05
CA HIS B 91 -11.55 -23.09 9.99
C HIS B 91 -12.13 -24.15 10.91
N ARG B 92 -12.54 -23.70 12.10
CA ARG B 92 -13.12 -24.60 13.08
C ARG B 92 -13.42 -23.85 14.37
N ALA B 93 -14.42 -22.99 14.30
CA ALA B 93 -14.82 -22.21 15.45
C ALA B 93 -15.06 -23.13 16.65
N SER B 94 -15.34 -22.53 17.79
CA SER B 94 -15.59 -23.29 19.00
C SER B 94 -17.04 -23.10 19.45
N LYS B 95 -17.42 -21.83 19.58
CA LYS B 95 -18.78 -21.50 20.01
C LYS B 95 -19.23 -20.24 19.27
N LYS B 96 -18.53 -19.15 19.53
CA LYS B 96 -18.85 -17.88 18.91
C LYS B 96 -20.21 -17.39 19.42
N PRO B 97 -20.15 -16.54 20.48
CA PRO B 97 -21.36 -16.01 21.08
C PRO B 97 -21.96 -14.91 20.19
N LYS B 98 -23.28 -14.83 20.22
CA LYS B 98 -23.99 -13.85 19.42
C LYS B 98 -23.38 -13.78 18.03
N GLY A 1 31.93 -4.50 -11.81
CA GLY A 1 30.66 -3.79 -11.86
C GLY A 1 29.51 -4.74 -12.18
N SER A 2 29.00 -5.38 -11.15
CA SER A 2 27.91 -6.32 -11.30
C SER A 2 26.90 -6.16 -10.16
N LYS A 3 26.11 -5.10 -10.26
CA LYS A 3 25.10 -4.82 -9.24
C LYS A 3 23.78 -4.48 -9.93
N ASN A 4 22.74 -5.21 -9.52
CA ASN A 4 21.41 -5.00 -10.07
C ASN A 4 20.41 -5.86 -9.33
N CYS A 5 19.54 -5.20 -8.59
CA CYS A 5 18.52 -5.90 -7.81
C CYS A 5 17.30 -4.98 -7.68
N PRO A 6 16.63 -4.76 -8.84
CA PRO A 6 15.45 -3.90 -8.86
C PRO A 6 14.24 -4.62 -8.25
N ASP A 7 13.26 -3.82 -7.85
CA ASP A 7 12.05 -4.37 -7.26
C ASP A 7 10.87 -3.44 -7.58
N PRO A 8 10.29 -3.65 -8.79
CA PRO A 8 9.16 -2.84 -9.22
C PRO A 8 7.88 -3.26 -8.49
N GLU A 9 7.94 -3.22 -7.17
CA GLU A 9 6.81 -3.60 -6.35
C GLU A 9 6.48 -5.08 -6.53
N LEU A 10 7.52 -5.84 -6.87
CA LEU A 10 7.36 -7.27 -7.06
C LEU A 10 7.11 -7.95 -5.72
N CYS A 11 7.95 -7.59 -4.74
CA CYS A 11 7.83 -8.16 -3.42
C CYS A 11 6.60 -7.55 -2.74
N ARG A 12 6.25 -6.35 -3.20
CA ARG A 12 5.10 -5.65 -2.65
C ARG A 12 3.81 -6.42 -2.95
N GLN A 13 3.59 -6.66 -4.23
CA GLN A 13 2.41 -7.39 -4.66
C GLN A 13 2.54 -8.87 -4.32
N SER A 14 3.76 -9.38 -4.47
CA SER A 14 4.02 -10.78 -4.18
C SER A 14 3.59 -11.11 -2.75
N PHE A 15 4.32 -10.57 -1.80
CA PHE A 15 4.02 -10.80 -0.40
C PHE A 15 2.60 -10.33 -0.05
N ARG A 16 2.23 -9.20 -0.63
CA ARG A 16 0.91 -8.64 -0.40
C ARG A 16 -0.16 -9.72 -0.54
N ARG A 17 0.06 -10.62 -1.50
CA ARG A 17 -0.87 -11.70 -1.74
C ARG A 17 -0.16 -13.05 -1.59
N PHE A 18 0.56 -13.19 -0.50
CA PHE A 18 1.29 -14.42 -0.23
C PHE A 18 1.33 -14.72 1.27
N CYS A 19 0.56 -13.94 2.02
CA CYS A 19 0.51 -14.11 3.46
C CYS A 19 -0.22 -15.43 3.76
N TYR A 20 -1.46 -15.51 3.29
CA TYR A 20 -2.26 -16.70 3.50
C TYR A 20 -1.77 -17.85 2.62
N GLN A 21 -0.74 -17.56 1.83
CA GLN A 21 -0.19 -18.55 0.93
C GLN A 21 1.04 -19.21 1.57
N GLU A 22 1.41 -18.70 2.73
CA GLU A 22 2.56 -19.23 3.45
C GLU A 22 2.14 -19.73 4.83
N VAL A 23 1.56 -18.84 5.60
CA VAL A 23 1.11 -19.18 6.94
C VAL A 23 -0.35 -19.65 6.87
N SER A 24 -0.60 -20.78 7.52
CA SER A 24 -1.94 -21.34 7.54
C SER A 24 -2.60 -21.09 8.90
N GLY A 25 -2.42 -19.86 9.38
CA GLY A 25 -2.99 -19.48 10.66
C GLY A 25 -3.43 -18.01 10.64
N PRO A 26 -4.06 -17.59 11.78
CA PRO A 26 -4.52 -16.22 11.90
C PRO A 26 -3.37 -15.25 12.14
N GLN A 27 -3.05 -15.04 13.40
CA GLN A 27 -1.98 -14.14 13.77
C GLN A 27 -0.74 -14.42 12.91
N GLU A 28 -0.62 -15.67 12.50
CA GLU A 28 0.50 -16.09 11.67
C GLU A 28 0.56 -15.25 10.39
N ALA A 29 -0.61 -14.78 9.98
CA ALA A 29 -0.70 -13.97 8.78
C ALA A 29 0.13 -12.71 8.96
N LEU A 30 -0.31 -11.86 9.88
CA LEU A 30 0.40 -10.61 10.15
C LEU A 30 1.88 -10.92 10.43
N SER A 31 2.11 -12.14 10.89
CA SER A 31 3.47 -12.57 11.20
C SER A 31 4.36 -12.40 9.97
N GLN A 32 4.01 -13.14 8.93
CA GLN A 32 4.78 -13.09 7.69
C GLN A 32 4.76 -11.67 7.11
N LEU A 33 3.55 -11.16 6.93
CA LEU A 33 3.37 -9.82 6.38
C LEU A 33 4.19 -8.83 7.21
N ARG A 34 3.82 -8.72 8.48
CA ARG A 34 4.52 -7.82 9.39
C ARG A 34 6.01 -7.80 9.09
N GLN A 35 6.53 -8.98 8.74
CA GLN A 35 7.94 -9.11 8.42
C GLN A 35 8.27 -8.35 7.13
N LEU A 36 7.48 -8.63 6.10
CA LEU A 36 7.68 -7.99 4.81
C LEU A 36 7.41 -6.49 4.95
N CYS A 37 6.21 -6.18 5.43
CA CYS A 37 5.82 -4.79 5.62
C CYS A 37 6.96 -4.06 6.33
N ARG A 38 7.31 -4.58 7.50
CA ARG A 38 8.37 -3.98 8.29
C ARG A 38 9.62 -3.78 7.43
N GLN A 39 9.82 -4.70 6.50
CA GLN A 39 10.96 -4.64 5.62
C GLN A 39 10.67 -3.69 4.44
N TRP A 40 9.39 -3.41 4.26
CA TRP A 40 8.97 -2.53 3.19
C TRP A 40 9.42 -1.11 3.52
N LEU A 41 9.01 -0.66 4.70
CA LEU A 41 9.37 0.67 5.16
C LEU A 41 10.66 0.60 5.99
N GLN A 42 10.62 -0.26 7.00
CA GLN A 42 11.77 -0.43 7.87
C GLN A 42 12.48 0.91 8.08
N PRO A 43 11.75 1.85 8.72
CA PRO A 43 12.29 3.17 8.99
C PRO A 43 13.29 3.12 10.16
N GLU A 44 14.53 3.48 9.84
CA GLU A 44 15.58 3.48 10.84
C GLU A 44 15.83 4.90 11.35
N LEU A 45 15.00 5.82 10.87
CA LEU A 45 15.13 7.21 11.26
C LEU A 45 14.11 8.05 10.48
N HIS A 46 13.85 7.61 9.26
CA HIS A 46 12.90 8.31 8.41
C HIS A 46 11.51 8.28 9.05
N THR A 47 11.05 9.45 9.47
CA THR A 47 9.74 9.56 10.10
C THR A 47 8.65 9.12 9.13
N LYS A 48 7.43 9.59 9.41
CA LYS A 48 6.29 9.26 8.57
C LYS A 48 6.50 9.86 7.18
N GLU A 49 7.56 10.65 7.05
CA GLU A 49 7.87 11.29 5.80
C GLU A 49 8.13 10.24 4.71
N GLN A 50 9.02 9.32 5.05
CA GLN A 50 9.37 8.25 4.12
C GLN A 50 8.20 7.28 3.95
N ILE A 51 7.61 6.92 5.07
CA ILE A 51 6.48 6.00 5.07
C ILE A 51 5.40 6.55 4.13
N LEU A 52 4.98 7.77 4.40
CA LEU A 52 3.96 8.41 3.61
C LEU A 52 4.34 8.34 2.13
N GLU A 53 5.56 8.81 1.84
CA GLU A 53 6.06 8.80 0.49
C GLU A 53 6.27 7.36 0.01
N LEU A 54 6.19 6.44 0.94
CA LEU A 54 6.37 5.03 0.63
C LEU A 54 5.15 4.53 -0.15
N LEU A 55 3.99 4.59 0.52
CA LEU A 55 2.76 4.15 -0.10
C LEU A 55 2.42 5.06 -1.28
N VAL A 56 2.84 6.32 -1.15
CA VAL A 56 2.59 7.30 -2.19
C VAL A 56 3.36 6.90 -3.45
N MET A 57 4.58 6.43 -3.24
CA MET A 57 5.42 6.02 -4.35
C MET A 57 4.88 4.76 -5.02
N GLU A 58 4.96 3.66 -4.29
CA GLU A 58 4.47 2.39 -4.81
C GLU A 58 3.17 2.59 -5.59
N GLN A 59 2.36 3.51 -5.09
CA GLN A 59 1.09 3.80 -5.73
C GLN A 59 1.29 4.80 -6.88
N PHE A 60 2.20 5.74 -6.65
CA PHE A 60 2.49 6.75 -7.65
C PHE A 60 2.80 6.10 -9.00
N LEU A 61 3.33 4.89 -8.94
CA LEU A 61 3.67 4.16 -10.14
C LEU A 61 2.49 3.28 -10.56
N THR A 62 1.98 2.54 -9.58
CA THR A 62 0.86 1.65 -9.82
C THR A 62 -0.20 2.35 -10.67
N ILE A 63 -0.30 3.66 -10.49
CA ILE A 63 -1.26 4.45 -11.23
C ILE A 63 -0.75 4.66 -12.66
N LEU A 64 0.56 4.82 -12.77
CA LEU A 64 1.18 5.02 -14.07
C LEU A 64 1.21 3.68 -14.83
N PRO A 65 1.46 3.79 -16.15
CA PRO A 65 1.52 2.61 -17.00
C PRO A 65 2.83 1.84 -16.79
N GLU A 66 3.25 1.14 -17.83
CA GLU A 66 4.47 0.37 -17.77
C GLU A 66 5.67 1.23 -18.17
N GLU A 67 5.37 2.47 -18.53
CA GLU A 67 6.40 3.40 -18.93
C GLU A 67 7.48 3.52 -17.85
N ILE A 68 7.03 3.87 -16.65
CA ILE A 68 7.93 4.01 -15.53
C ILE A 68 8.51 2.64 -15.16
N GLN A 69 7.68 1.62 -15.34
CA GLN A 69 8.09 0.25 -15.03
C GLN A 69 9.29 -0.14 -15.88
N ALA A 70 9.36 0.45 -17.06
CA ALA A 70 10.46 0.18 -17.97
C ALA A 70 11.68 0.99 -17.56
N ARG A 71 11.44 2.28 -17.33
CA ARG A 71 12.52 3.17 -16.94
C ARG A 71 13.17 2.67 -15.64
N VAL A 72 12.34 2.15 -14.76
CA VAL A 72 12.83 1.64 -13.49
C VAL A 72 13.56 0.33 -13.72
N ARG A 73 12.94 -0.53 -14.52
CA ARG A 73 13.53 -1.83 -14.83
C ARG A 73 15.00 -1.66 -15.20
N HIS A 74 15.28 -0.61 -15.95
CA HIS A 74 16.64 -0.32 -16.37
C HIS A 74 17.48 0.11 -15.16
N ARG A 75 18.35 1.07 -15.41
CA ARG A 75 19.22 1.58 -14.36
C ARG A 75 19.30 3.10 -14.44
N CYS A 76 20.22 3.66 -13.65
CA CYS A 76 20.41 5.09 -13.63
C CYS A 76 19.59 5.67 -12.47
N LEU A 77 20.11 6.75 -11.91
CA LEU A 77 19.43 7.41 -10.80
C LEU A 77 18.31 8.29 -11.33
N MET A 78 17.42 8.69 -10.43
CA MET A 78 16.31 9.54 -10.80
C MET A 78 15.19 9.45 -9.77
N SER A 79 15.12 10.47 -8.92
CA SER A 79 14.10 10.52 -7.89
C SER A 79 12.71 10.58 -8.53
N SER A 80 11.70 10.35 -7.70
CA SER A 80 10.32 10.39 -8.16
C SER A 80 10.12 11.55 -9.12
N LYS A 81 10.65 12.70 -8.73
CA LYS A 81 10.54 13.90 -9.55
C LYS A 81 10.86 13.54 -11.00
N GLU A 82 11.88 12.73 -11.17
CA GLU A 82 12.29 12.31 -12.50
C GLU A 82 11.26 11.37 -13.11
N ILE A 83 10.77 10.45 -12.27
CA ILE A 83 9.77 9.50 -12.72
C ILE A 83 8.62 10.24 -13.41
N VAL A 84 7.93 11.05 -12.63
CA VAL A 84 6.82 11.82 -13.14
C VAL A 84 7.28 12.64 -14.35
N THR A 85 8.52 13.11 -14.27
CA THR A 85 9.09 13.90 -15.34
C THR A 85 9.05 13.12 -16.66
N LEU A 86 9.34 11.82 -16.55
CA LEU A 86 9.34 10.96 -17.71
C LEU A 86 7.92 10.83 -18.25
N VAL A 87 6.99 10.58 -17.33
CA VAL A 87 5.59 10.43 -17.70
C VAL A 87 5.09 11.73 -18.31
N GLU A 88 5.59 12.84 -17.77
CA GLU A 88 5.20 14.15 -18.25
C GLU A 88 5.64 14.33 -19.71
N ASP A 89 6.89 14.00 -19.96
CA ASP A 89 7.44 14.13 -21.30
C ASP A 89 6.62 13.28 -22.26
N PHE A 90 6.23 12.11 -21.79
CA PHE A 90 5.44 11.20 -22.60
C PHE A 90 4.12 11.85 -23.05
N HIS A 91 3.43 12.44 -22.09
CA HIS A 91 2.18 13.11 -22.37
C HIS A 91 2.39 14.18 -23.44
N ARG A 92 3.28 15.11 -23.12
CA ARG A 92 3.58 16.20 -24.05
C ARG A 92 4.59 17.16 -23.41
N ALA A 93 5.81 16.65 -23.21
CA ALA A 93 6.87 17.46 -22.63
C ALA A 93 8.22 16.94 -23.12
N SER A 94 9.20 17.83 -23.08
CA SER A 94 10.54 17.48 -23.52
C SER A 94 11.53 17.64 -22.36
N LYS A 95 11.59 16.60 -21.53
CA LYS A 95 12.48 16.62 -20.38
C LYS A 95 13.36 15.37 -20.41
N LYS A 96 14.66 15.59 -20.29
CA LYS A 96 15.61 14.48 -20.29
C LYS A 96 15.03 13.30 -19.51
N PRO A 97 14.65 12.25 -20.27
CA PRO A 97 14.08 11.06 -19.67
C PRO A 97 15.15 10.22 -18.99
N LYS A 98 14.87 9.85 -17.75
CA LYS A 98 15.81 9.05 -16.98
C LYS A 98 15.09 7.83 -16.40
N GLY B 1 -32.29 8.72 6.08
CA GLY B 1 -30.93 8.22 6.13
C GLY B 1 -29.95 9.35 6.45
N SER B 2 -28.81 8.97 7.00
CA SER B 2 -27.77 9.93 7.35
C SER B 2 -26.55 9.21 7.90
N LYS B 3 -25.81 8.59 6.99
CA LYS B 3 -24.61 7.85 7.37
C LYS B 3 -23.38 8.63 6.90
N ASN B 4 -22.37 8.62 7.74
CA ASN B 4 -21.12 9.31 7.43
C ASN B 4 -20.24 9.38 8.68
N CYS B 5 -18.96 9.15 8.48
CA CYS B 5 -18.01 9.17 9.56
C CYS B 5 -16.63 8.80 9.02
N PRO B 6 -15.60 9.56 9.48
CA PRO B 6 -14.24 9.32 9.05
C PRO B 6 -13.66 8.07 9.71
N ASP B 7 -12.72 7.44 9.01
CA ASP B 7 -12.08 6.24 9.53
C ASP B 7 -10.82 5.95 8.71
N PRO B 8 -9.68 5.81 9.43
CA PRO B 8 -8.41 5.53 8.79
C PRO B 8 -8.34 4.07 8.32
N GLU B 9 -8.99 3.81 7.19
CA GLU B 9 -9.01 2.48 6.63
C GLU B 9 -9.81 2.46 5.32
N LEU B 10 -10.88 3.24 5.32
CA LEU B 10 -11.74 3.33 4.14
C LEU B 10 -11.05 4.18 3.07
N CYS B 11 -10.64 5.38 3.48
CA CYS B 11 -9.97 6.29 2.57
C CYS B 11 -8.76 5.56 1.97
N ARG B 12 -8.29 4.57 2.71
CA ARG B 12 -7.14 3.80 2.27
C ARG B 12 -7.56 2.78 1.21
N GLN B 13 -8.53 1.96 1.57
CA GLN B 13 -9.03 0.94 0.65
C GLN B 13 -9.64 1.60 -0.58
N SER B 14 -9.83 2.90 -0.49
CA SER B 14 -10.42 3.66 -1.59
C SER B 14 -9.30 4.23 -2.47
N PHE B 15 -8.32 4.83 -1.81
CA PHE B 15 -7.20 5.43 -2.52
C PHE B 15 -6.47 4.38 -3.37
N ARG B 16 -6.46 3.16 -2.85
CA ARG B 16 -5.81 2.06 -3.54
C ARG B 16 -6.19 2.06 -5.02
N ARG B 17 -5.21 2.40 -5.85
CA ARG B 17 -5.43 2.45 -7.28
C ARG B 17 -6.06 3.78 -7.69
N PHE B 18 -5.35 4.85 -7.36
CA PHE B 18 -5.82 6.18 -7.67
C PHE B 18 -6.10 6.33 -9.17
N CYS B 19 -5.43 5.49 -9.95
CA CYS B 19 -5.60 5.50 -11.39
C CYS B 19 -5.09 6.85 -11.91
N TYR B 20 -4.26 6.78 -12.94
CA TYR B 20 -3.71 7.98 -13.54
C TYR B 20 -4.80 8.83 -14.21
N GLN B 21 -5.83 8.14 -14.68
CA GLN B 21 -6.94 8.81 -15.33
C GLN B 21 -7.49 9.92 -14.43
N GLU B 22 -7.27 9.75 -13.14
CA GLU B 22 -7.72 10.73 -12.16
C GLU B 22 -7.28 12.13 -12.56
N VAL B 23 -6.05 12.45 -12.21
CA VAL B 23 -5.49 13.75 -12.52
C VAL B 23 -4.94 13.74 -13.94
N SER B 24 -4.11 12.74 -14.21
CA SER B 24 -3.51 12.60 -15.53
C SER B 24 -2.23 13.44 -15.62
N GLY B 25 -2.09 14.34 -14.65
CA GLY B 25 -0.93 15.21 -14.61
C GLY B 25 0.28 14.48 -14.01
N PRO B 26 1.42 15.21 -13.95
CA PRO B 26 2.65 14.65 -13.41
C PRO B 26 2.58 14.54 -11.88
N GLN B 27 3.06 15.59 -11.23
CA GLN B 27 3.06 15.64 -9.78
C GLN B 27 1.62 15.54 -9.25
N GLU B 28 0.69 15.76 -10.15
CA GLU B 28 -0.73 15.71 -9.78
C GLU B 28 -1.08 14.33 -9.23
N ALA B 29 -0.33 13.33 -9.69
CA ALA B 29 -0.56 11.96 -9.26
C ALA B 29 -0.29 11.86 -7.75
N LEU B 30 0.94 12.16 -7.39
CA LEU B 30 1.35 12.11 -5.98
C LEU B 30 0.48 13.07 -5.17
N SER B 31 -0.05 14.06 -5.87
CA SER B 31 -0.90 15.05 -5.23
C SER B 31 -2.10 14.37 -4.57
N GLN B 32 -2.92 13.77 -5.40
CA GLN B 32 -4.11 13.07 -4.92
C GLN B 32 -3.71 11.94 -3.97
N LEU B 33 -2.69 11.19 -4.39
CA LEU B 33 -2.21 10.08 -3.58
C LEU B 33 -1.71 10.61 -2.24
N ARG B 34 -0.61 11.34 -2.30
CA ARG B 34 -0.01 11.91 -1.11
C ARG B 34 -1.09 12.37 -0.14
N GLN B 35 -2.21 12.79 -0.72
CA GLN B 35 -3.34 13.27 0.08
C GLN B 35 -3.97 12.10 0.83
N LEU B 36 -4.42 11.11 0.07
CA LEU B 36 -5.05 9.94 0.65
C LEU B 36 -4.00 9.13 1.42
N CYS B 37 -2.75 9.32 1.04
CA CYS B 37 -1.65 8.62 1.67
C CYS B 37 -1.44 9.22 3.06
N ARG B 38 -1.04 10.49 3.06
CA ARG B 38 -0.79 11.20 4.30
C ARG B 38 -1.95 10.96 5.28
N GLN B 39 -3.14 10.82 4.72
CA GLN B 39 -4.33 10.60 5.53
C GLN B 39 -4.51 9.10 5.80
N TRP B 40 -3.87 8.31 4.95
CA TRP B 40 -3.96 6.86 5.08
C TRP B 40 -3.36 6.47 6.44
N LEU B 41 -2.14 6.92 6.66
CA LEU B 41 -1.45 6.63 7.91
C LEU B 41 -1.59 7.83 8.85
N GLN B 42 -1.24 8.99 8.33
CA GLN B 42 -1.32 10.22 9.10
C GLN B 42 -1.09 9.92 10.58
N PRO B 43 0.14 9.45 10.90
CA PRO B 43 0.50 9.12 12.27
C PRO B 43 0.75 10.39 13.09
N GLU B 44 0.09 10.44 14.24
CA GLU B 44 0.23 11.58 15.12
C GLU B 44 1.22 11.28 16.25
N LEU B 45 1.83 10.10 16.14
CA LEU B 45 2.81 9.68 17.14
C LEU B 45 3.13 8.20 16.92
N HIS B 46 2.12 7.45 16.54
CA HIS B 46 2.28 6.03 16.30
C HIS B 46 3.53 5.80 15.43
N THR B 47 4.54 5.22 16.06
CA THR B 47 5.79 4.94 15.37
C THR B 47 5.54 4.01 14.18
N LYS B 48 6.61 3.34 13.75
CA LYS B 48 6.52 2.43 12.63
C LYS B 48 5.61 1.25 13.01
N GLU B 49 5.19 1.25 14.27
CA GLU B 49 4.32 0.20 14.77
C GLU B 49 2.98 0.21 14.01
N GLN B 50 2.31 1.35 14.08
CA GLN B 50 1.04 1.50 13.41
C GLN B 50 1.21 1.39 11.89
N ILE B 51 2.25 2.02 11.40
CA ILE B 51 2.55 2.00 9.98
C ILE B 51 2.74 0.56 9.53
N LEU B 52 3.57 -0.16 10.27
CA LEU B 52 3.84 -1.55 9.95
C LEU B 52 2.52 -2.31 9.81
N GLU B 53 1.61 -2.02 10.73
CA GLU B 53 0.31 -2.67 10.73
C GLU B 53 -0.54 -2.11 9.58
N LEU B 54 -0.18 -0.92 9.13
CA LEU B 54 -0.90 -0.28 8.05
C LEU B 54 -0.78 -1.13 6.78
N LEU B 55 0.46 -1.41 6.41
CA LEU B 55 0.73 -2.21 5.22
C LEU B 55 0.23 -3.64 5.46
N VAL B 56 0.54 -4.14 6.65
CA VAL B 56 0.14 -5.49 7.01
C VAL B 56 -1.38 -5.62 6.90
N MET B 57 -2.06 -4.51 7.15
CA MET B 57 -3.50 -4.49 7.08
C MET B 57 -3.99 -4.62 5.64
N GLU B 58 -3.78 -3.57 4.87
CA GLU B 58 -4.19 -3.56 3.48
C GLU B 58 -3.82 -4.89 2.81
N GLN B 59 -2.68 -5.42 3.22
CA GLN B 59 -2.20 -6.68 2.68
C GLN B 59 -2.98 -7.85 3.30
N PHE B 60 -2.86 -7.96 4.61
CA PHE B 60 -3.54 -9.02 5.33
C PHE B 60 -5.01 -9.15 4.90
N LEU B 61 -5.52 -8.05 4.34
CA LEU B 61 -6.89 -8.02 3.88
C LEU B 61 -6.97 -8.67 2.49
N THR B 62 -5.95 -8.41 1.69
CA THR B 62 -5.89 -8.95 0.35
C THR B 62 -5.64 -10.47 0.40
N ILE B 63 -4.98 -10.88 1.48
CA ILE B 63 -4.66 -12.29 1.66
C ILE B 63 -5.94 -13.05 2.02
N LEU B 64 -6.72 -12.44 2.91
CA LEU B 64 -7.96 -13.05 3.35
C LEU B 64 -9.04 -12.82 2.28
N PRO B 65 -10.17 -13.57 2.45
CA PRO B 65 -11.28 -13.46 1.51
C PRO B 65 -12.06 -12.16 1.74
N GLU B 66 -13.29 -12.16 1.25
CA GLU B 66 -14.14 -10.99 1.39
C GLU B 66 -14.91 -11.05 2.71
N GLU B 67 -14.82 -12.20 3.36
CA GLU B 67 -15.49 -12.41 4.63
C GLU B 67 -15.09 -11.31 5.62
N ILE B 68 -13.79 -11.09 5.72
CA ILE B 68 -13.25 -10.08 6.62
C ILE B 68 -13.69 -8.69 6.13
N GLN B 69 -13.69 -8.53 4.83
CA GLN B 69 -14.08 -7.27 4.22
C GLN B 69 -15.55 -6.97 4.53
N ALA B 70 -16.32 -8.03 4.74
CA ALA B 70 -17.73 -7.90 5.04
C ALA B 70 -17.89 -7.46 6.50
N ARG B 71 -17.14 -8.13 7.37
CA ARG B 71 -17.20 -7.82 8.79
C ARG B 71 -16.64 -6.42 9.05
N VAL B 72 -15.74 -6.01 8.18
CA VAL B 72 -15.12 -4.70 8.30
C VAL B 72 -16.08 -3.63 7.75
N ARG B 73 -16.75 -3.99 6.67
CA ARG B 73 -17.69 -3.08 6.04
C ARG B 73 -18.80 -2.72 7.02
N HIS B 74 -19.30 -3.73 7.71
CA HIS B 74 -20.37 -3.53 8.68
C HIS B 74 -19.93 -2.49 9.72
N ARG B 75 -20.23 -1.24 9.43
CA ARG B 75 -19.87 -0.16 10.33
C ARG B 75 -20.15 -0.56 11.78
N CYS B 76 -19.09 -0.98 12.46
CA CYS B 76 -19.21 -1.40 13.84
C CYS B 76 -17.79 -1.57 14.42
N LEU B 77 -17.26 -2.77 14.23
CA LEU B 77 -15.93 -3.08 14.72
C LEU B 77 -14.91 -2.83 13.60
N MET B 78 -13.64 -2.73 14.00
CA MET B 78 -12.57 -2.50 13.05
C MET B 78 -11.22 -2.52 13.74
N SER B 79 -10.82 -3.72 14.16
CA SER B 79 -9.55 -3.90 14.84
C SER B 79 -8.77 -5.04 14.18
N SER B 80 -7.50 -4.77 13.94
CA SER B 80 -6.63 -5.76 13.32
C SER B 80 -6.84 -7.12 13.98
N LYS B 81 -6.58 -7.16 15.28
CA LYS B 81 -6.73 -8.39 16.04
C LYS B 81 -8.14 -8.93 15.83
N GLU B 82 -9.03 -8.05 15.41
CA GLU B 82 -10.41 -8.43 15.17
C GLU B 82 -10.53 -9.21 13.86
N ILE B 83 -10.09 -8.56 12.79
CA ILE B 83 -10.15 -9.18 11.47
C ILE B 83 -9.56 -10.59 11.55
N VAL B 84 -8.44 -10.70 12.26
CA VAL B 84 -7.78 -11.98 12.41
C VAL B 84 -8.64 -12.90 13.28
N THR B 85 -9.14 -12.34 14.36
CA THR B 85 -9.98 -13.08 15.28
C THR B 85 -11.13 -13.75 14.53
N LEU B 86 -11.68 -13.01 13.58
CA LEU B 86 -12.79 -13.51 12.77
C LEU B 86 -12.28 -14.65 11.89
N VAL B 87 -11.18 -14.38 11.20
CA VAL B 87 -10.58 -15.37 10.32
C VAL B 87 -10.36 -16.67 11.09
N GLU B 88 -10.04 -16.52 12.37
CA GLU B 88 -9.81 -17.67 13.22
C GLU B 88 -11.13 -18.32 13.63
N ASP B 89 -12.09 -17.47 13.97
CA ASP B 89 -13.40 -17.94 14.38
C ASP B 89 -14.01 -18.78 13.25
N PHE B 90 -13.58 -18.47 12.03
CA PHE B 90 -14.08 -19.18 10.86
C PHE B 90 -13.27 -20.44 10.62
N HIS B 91 -11.95 -20.32 10.78
CA HIS B 91 -11.06 -21.45 10.58
C HIS B 91 -11.24 -22.45 11.72
N ARG B 92 -11.95 -22.02 12.75
CA ARG B 92 -12.21 -22.87 13.89
C ARG B 92 -13.65 -23.40 13.87
N ALA B 93 -14.59 -22.45 13.92
CA ALA B 93 -16.00 -22.80 13.90
C ALA B 93 -16.40 -23.19 12.47
N SER B 94 -17.70 -23.29 12.26
CA SER B 94 -18.23 -23.63 10.96
C SER B 94 -19.63 -23.02 10.78
N LYS B 95 -19.74 -21.77 11.18
CA LYS B 95 -21.01 -21.06 11.07
C LYS B 95 -20.76 -19.56 11.19
N LYS B 96 -21.37 -18.82 10.27
CA LYS B 96 -21.22 -17.36 10.26
C LYS B 96 -21.89 -16.80 9.01
N PRO B 97 -21.42 -17.29 7.83
CA PRO B 97 -21.96 -16.85 6.56
C PRO B 97 -23.34 -17.45 6.30
N LYS B 98 -24.20 -16.66 5.70
CA LYS B 98 -25.54 -17.11 5.39
C LYS B 98 -25.48 -18.48 4.72
N GLY A 1 23.30 -2.73 -22.64
CA GLY A 1 22.12 -3.23 -23.34
C GLY A 1 21.95 -4.73 -23.13
N SER A 2 21.86 -5.12 -21.87
CA SER A 2 21.70 -6.53 -21.52
C SER A 2 21.39 -6.66 -20.03
N LYS A 3 20.44 -7.53 -19.73
CA LYS A 3 20.03 -7.77 -18.35
C LYS A 3 18.88 -8.77 -18.33
N ASN A 4 19.02 -9.77 -17.47
CA ASN A 4 18.01 -10.79 -17.33
C ASN A 4 17.79 -11.09 -15.85
N CYS A 5 16.57 -11.52 -15.53
CA CYS A 5 16.23 -11.84 -14.17
C CYS A 5 14.78 -12.33 -14.13
N PRO A 6 14.46 -13.14 -13.10
CA PRO A 6 13.12 -13.68 -12.94
C PRO A 6 12.15 -12.61 -12.43
N ASP A 7 10.87 -12.88 -12.59
CA ASP A 7 9.84 -11.95 -12.15
C ASP A 7 10.26 -11.34 -10.82
N PRO A 8 10.79 -10.09 -10.90
CA PRO A 8 11.23 -9.37 -9.71
C PRO A 8 10.03 -8.86 -8.91
N GLU A 9 9.15 -9.78 -8.56
CA GLU A 9 7.97 -9.43 -7.80
C GLU A 9 7.25 -10.69 -7.31
N LEU A 10 8.05 -11.73 -7.06
CA LEU A 10 7.51 -12.98 -6.59
C LEU A 10 7.43 -12.97 -5.06
N CYS A 11 8.43 -12.35 -4.45
CA CYS A 11 8.49 -12.25 -3.00
C CYS A 11 7.35 -11.35 -2.54
N ARG A 12 7.10 -10.31 -3.33
CA ARG A 12 6.05 -9.37 -3.00
C ARG A 12 4.68 -9.97 -3.33
N GLN A 13 4.60 -10.56 -4.51
CA GLN A 13 3.35 -11.18 -4.95
C GLN A 13 3.09 -12.46 -4.16
N SER A 14 4.13 -12.94 -3.50
CA SER A 14 4.03 -14.15 -2.71
C SER A 14 3.44 -13.84 -1.34
N PHE A 15 4.12 -12.94 -0.63
CA PHE A 15 3.69 -12.55 0.69
C PHE A 15 2.29 -11.90 0.64
N ARG A 16 2.05 -11.19 -0.44
CA ARG A 16 0.77 -10.53 -0.62
C ARG A 16 -0.30 -11.54 -1.07
N ARG A 17 0.10 -12.42 -1.96
CA ARG A 17 -0.80 -13.44 -2.47
C ARG A 17 -0.71 -14.70 -1.61
N PHE A 18 -0.30 -14.51 -0.36
CA PHE A 18 -0.17 -15.61 0.57
C PHE A 18 -1.47 -16.40 0.67
N CYS A 19 -2.48 -15.74 1.22
CA CYS A 19 -3.78 -16.37 1.38
C CYS A 19 -3.74 -17.27 2.61
N TYR A 20 -4.84 -17.27 3.35
CA TYR A 20 -4.93 -18.08 4.55
C TYR A 20 -4.93 -19.58 4.20
N GLN A 21 -3.91 -19.98 3.48
CA GLN A 21 -3.78 -21.38 3.07
C GLN A 21 -2.36 -21.88 3.34
N GLU A 22 -1.63 -21.09 4.11
CA GLU A 22 -0.26 -21.45 4.45
C GLU A 22 -0.02 -21.26 5.95
N VAL A 23 -0.16 -20.02 6.39
CA VAL A 23 0.03 -19.70 7.79
C VAL A 23 -0.69 -20.74 8.65
N SER A 24 -1.96 -20.91 8.37
CA SER A 24 -2.77 -21.87 9.11
C SER A 24 -3.26 -21.24 10.41
N GLY A 25 -2.38 -20.47 11.03
CA GLY A 25 -2.70 -19.82 12.29
C GLY A 25 -3.48 -18.52 12.04
N PRO A 26 -4.08 -18.00 13.14
CA PRO A 26 -4.86 -16.78 13.06
C PRO A 26 -3.93 -15.55 12.94
N GLN A 27 -3.48 -15.09 14.09
CA GLN A 27 -2.60 -13.93 14.13
C GLN A 27 -1.29 -14.24 13.42
N GLU A 28 -1.11 -15.52 13.09
CA GLU A 28 0.10 -15.95 12.42
C GLU A 28 0.10 -15.46 10.97
N ALA A 29 -1.10 -15.28 10.43
CA ALA A 29 -1.25 -14.81 9.08
C ALA A 29 -0.46 -13.52 8.88
N LEU A 30 -0.92 -12.48 9.55
CA LEU A 30 -0.26 -11.19 9.48
C LEU A 30 1.18 -11.31 10.01
N SER A 31 1.31 -12.07 11.10
CA SER A 31 2.60 -12.28 11.71
C SER A 31 3.69 -12.33 10.64
N GLN A 32 3.54 -13.28 9.73
CA GLN A 32 4.50 -13.46 8.67
C GLN A 32 4.54 -12.20 7.79
N LEU A 33 3.36 -11.72 7.44
CA LEU A 33 3.26 -10.53 6.61
C LEU A 33 3.83 -9.34 7.37
N ARG A 34 3.87 -9.47 8.69
CA ARG A 34 4.39 -8.42 9.53
C ARG A 34 5.89 -8.25 9.31
N GLN A 35 6.58 -9.37 9.33
CA GLN A 35 8.03 -9.36 9.13
C GLN A 35 8.37 -8.86 7.73
N LEU A 36 7.53 -9.24 6.77
CA LEU A 36 7.73 -8.84 5.39
C LEU A 36 7.46 -7.34 5.26
N CYS A 37 6.28 -6.93 5.73
CA CYS A 37 5.90 -5.53 5.67
C CYS A 37 6.97 -4.70 6.38
N ARG A 38 7.18 -5.03 7.65
CA ARG A 38 8.17 -4.33 8.44
C ARG A 38 9.50 -4.25 7.70
N GLN A 39 9.77 -5.30 6.93
CA GLN A 39 11.00 -5.36 6.14
C GLN A 39 10.85 -4.58 4.84
N TRP A 40 9.60 -4.30 4.50
CA TRP A 40 9.29 -3.57 3.29
C TRP A 40 9.60 -2.09 3.54
N LEU A 41 8.98 -1.56 4.59
CA LEU A 41 9.18 -0.17 4.95
C LEU A 41 10.48 -0.04 5.74
N GLN A 42 10.54 -0.76 6.84
CA GLN A 42 11.71 -0.74 7.71
C GLN A 42 12.32 0.67 7.71
N PRO A 43 11.78 1.52 8.62
CA PRO A 43 12.27 2.89 8.75
C PRO A 43 13.62 2.93 9.45
N GLU A 44 13.57 3.28 10.74
CA GLU A 44 14.77 3.36 11.54
C GLU A 44 15.50 4.67 11.26
N LEU A 45 14.98 5.42 10.30
CA LEU A 45 15.58 6.69 9.93
C LEU A 45 14.56 7.50 9.12
N HIS A 46 13.30 7.21 9.36
CA HIS A 46 12.23 7.91 8.66
C HIS A 46 10.88 7.57 9.32
N THR A 47 9.98 8.54 9.28
CA THR A 47 8.66 8.37 9.86
C THR A 47 7.63 8.11 8.77
N LYS A 48 6.37 8.37 9.11
CA LYS A 48 5.28 8.18 8.18
C LYS A 48 5.56 8.99 6.91
N GLU A 49 6.54 9.88 7.01
CA GLU A 49 6.92 10.72 5.88
C GLU A 49 7.33 9.84 4.70
N GLN A 50 8.35 9.03 4.93
CA GLN A 50 8.85 8.14 3.89
C GLN A 50 7.79 7.11 3.51
N ILE A 51 7.17 6.55 4.54
CA ILE A 51 6.14 5.54 4.33
C ILE A 51 5.06 6.11 3.42
N LEU A 52 4.59 7.30 3.76
CA LEU A 52 3.56 7.96 2.98
C LEU A 52 4.02 8.05 1.52
N GLU A 53 5.24 8.52 1.34
CA GLU A 53 5.80 8.65 0.01
C GLU A 53 6.10 7.28 -0.58
N LEU A 54 6.00 6.27 0.27
CA LEU A 54 6.26 4.90 -0.15
C LEU A 54 5.12 4.43 -1.06
N LEU A 55 3.92 4.42 -0.49
CA LEU A 55 2.74 4.00 -1.23
C LEU A 55 2.46 5.01 -2.35
N VAL A 56 2.76 6.26 -2.06
CA VAL A 56 2.54 7.33 -3.02
C VAL A 56 3.40 7.07 -4.26
N MET A 57 4.63 6.66 -4.02
CA MET A 57 5.55 6.38 -5.11
C MET A 57 5.09 5.15 -5.90
N GLU A 58 5.18 4.00 -5.25
CA GLU A 58 4.78 2.75 -5.89
C GLU A 58 3.55 2.98 -6.79
N GLN A 59 2.62 3.76 -6.28
CA GLN A 59 1.40 4.07 -7.02
C GLN A 59 1.70 5.09 -8.11
N PHE A 60 2.40 6.14 -7.71
CA PHE A 60 2.75 7.19 -8.65
C PHE A 60 3.31 6.62 -9.95
N LEU A 61 3.91 5.44 -9.83
CA LEU A 61 4.48 4.77 -10.98
C LEU A 61 3.39 3.97 -11.69
N THR A 62 2.64 3.22 -10.90
CA THR A 62 1.57 2.40 -11.44
C THR A 62 0.62 3.25 -12.28
N ILE A 63 0.54 4.53 -11.93
CA ILE A 63 -0.32 5.45 -12.64
C ILE A 63 0.32 5.81 -13.98
N LEU A 64 1.64 5.89 -13.98
CA LEU A 64 2.38 6.21 -15.19
C LEU A 64 2.63 4.92 -15.98
N PRO A 65 2.99 5.11 -17.28
CA PRO A 65 3.27 3.98 -18.15
C PRO A 65 4.63 3.36 -17.83
N GLU A 66 5.14 2.58 -18.78
CA GLU A 66 6.42 1.93 -18.61
C GLU A 66 7.56 2.94 -18.82
N GLU A 67 7.23 4.02 -19.51
CA GLU A 67 8.21 5.06 -19.77
C GLU A 67 9.06 5.32 -18.53
N ILE A 68 8.38 5.41 -17.39
CA ILE A 68 9.05 5.66 -16.13
C ILE A 68 9.86 4.42 -15.74
N GLN A 69 9.24 3.26 -15.91
CA GLN A 69 9.87 2.00 -15.58
C GLN A 69 11.22 1.88 -16.31
N ALA A 70 11.29 2.56 -17.44
CA ALA A 70 12.51 2.54 -18.24
C ALA A 70 13.49 3.59 -17.70
N ARG A 71 12.95 4.77 -17.43
CA ARG A 71 13.76 5.86 -16.92
C ARG A 71 14.39 5.47 -15.57
N VAL A 72 13.73 4.53 -14.90
CA VAL A 72 14.22 4.07 -13.61
C VAL A 72 15.17 2.90 -13.82
N ARG A 73 14.77 1.99 -14.71
CA ARG A 73 15.57 0.83 -15.01
C ARG A 73 17.02 1.24 -15.32
N HIS A 74 17.13 2.28 -16.14
CA HIS A 74 18.45 2.78 -16.52
C HIS A 74 19.36 2.78 -15.30
N ARG A 75 18.81 3.22 -14.18
CA ARG A 75 19.57 3.28 -12.94
C ARG A 75 18.67 3.73 -11.78
N CYS A 76 18.47 5.02 -11.70
CA CYS A 76 17.63 5.59 -10.65
C CYS A 76 17.74 7.11 -10.72
N LEU A 77 16.57 7.76 -10.61
CA LEU A 77 16.52 9.20 -10.66
C LEU A 77 16.67 9.77 -9.25
N MET A 78 17.36 10.89 -9.17
CA MET A 78 17.59 11.54 -7.89
C MET A 78 16.28 11.68 -7.11
N SER A 79 15.29 12.25 -7.77
CA SER A 79 13.99 12.44 -7.16
C SER A 79 12.89 11.91 -8.07
N SER A 80 11.65 12.15 -7.66
CA SER A 80 10.50 11.70 -8.43
C SER A 80 10.09 12.79 -9.43
N LYS A 81 10.63 13.98 -9.22
CA LYS A 81 10.32 15.11 -10.08
C LYS A 81 10.72 14.78 -11.51
N GLU A 82 11.87 14.14 -11.64
CA GLU A 82 12.37 13.75 -12.95
C GLU A 82 11.42 12.77 -13.62
N ILE A 83 10.78 11.95 -12.79
CA ILE A 83 9.84 10.97 -13.29
C ILE A 83 8.62 11.68 -13.87
N VAL A 84 7.94 12.42 -13.01
CA VAL A 84 6.75 13.16 -13.43
C VAL A 84 7.12 14.09 -14.59
N THR A 85 8.40 14.44 -14.64
CA THR A 85 8.89 15.31 -15.69
C THR A 85 8.80 14.61 -17.05
N LEU A 86 9.43 13.44 -17.12
CA LEU A 86 9.43 12.68 -18.35
C LEU A 86 7.99 12.38 -18.78
N VAL A 87 7.15 12.15 -17.78
CA VAL A 87 5.75 11.86 -18.03
C VAL A 87 5.09 13.09 -18.65
N GLU A 88 5.41 14.25 -18.10
CA GLU A 88 4.86 15.50 -18.58
C GLU A 88 5.45 15.84 -19.95
N ASP A 89 6.65 15.35 -20.18
CA ASP A 89 7.34 15.59 -21.44
C ASP A 89 6.67 14.76 -22.54
N PHE A 90 6.40 13.51 -22.23
CA PHE A 90 5.77 12.61 -23.18
C PHE A 90 4.35 13.07 -23.51
N HIS A 91 3.62 13.41 -22.46
CA HIS A 91 2.25 13.86 -22.62
C HIS A 91 2.22 15.12 -23.50
N ARG A 92 3.06 16.06 -23.14
CA ARG A 92 3.16 17.31 -23.88
C ARG A 92 4.06 18.31 -23.14
N ALA A 93 5.34 18.00 -23.13
CA ALA A 93 6.31 18.86 -22.47
C ALA A 93 5.93 20.32 -22.69
N SER A 94 5.63 20.99 -21.59
CA SER A 94 5.25 22.40 -21.65
C SER A 94 5.93 23.17 -20.51
N LYS A 95 7.24 23.16 -20.52
CA LYS A 95 8.01 23.85 -19.50
C LYS A 95 7.33 25.19 -19.18
N LYS A 96 6.78 25.27 -17.99
CA LYS A 96 6.11 26.48 -17.56
C LYS A 96 5.96 26.46 -16.03
N PRO A 97 6.20 27.65 -15.42
CA PRO A 97 6.11 27.78 -13.97
C PRO A 97 4.65 27.81 -13.52
N LYS A 98 4.42 27.29 -12.33
CA LYS A 98 3.08 27.24 -11.77
C LYS A 98 3.14 26.65 -10.36
N GLY B 1 10.76 -13.84 0.75
CA GLY B 1 11.64 -12.77 1.23
C GLY B 1 11.20 -11.41 0.69
N SER B 2 12.19 -10.65 0.24
CA SER B 2 11.91 -9.33 -0.31
C SER B 2 13.21 -8.72 -0.86
N LYS B 3 13.12 -8.29 -2.10
CA LYS B 3 14.27 -7.68 -2.76
C LYS B 3 13.82 -7.06 -4.09
N ASN B 4 12.87 -6.15 -4.00
CA ASN B 4 12.35 -5.48 -5.17
C ASN B 4 11.11 -4.68 -4.78
N CYS B 5 10.77 -3.72 -5.64
CA CYS B 5 9.62 -2.88 -5.41
C CYS B 5 8.44 -3.77 -5.03
N PRO B 6 8.10 -3.76 -3.71
CA PRO B 6 7.00 -4.56 -3.22
C PRO B 6 5.65 -3.94 -3.60
N ASP B 7 4.60 -4.43 -2.94
CA ASP B 7 3.27 -3.94 -3.21
C ASP B 7 2.89 -4.22 -4.67
N PRO B 8 2.33 -5.44 -4.89
CA PRO B 8 1.94 -5.85 -6.22
C PRO B 8 0.64 -5.13 -6.65
N GLU B 9 -0.47 -5.79 -6.36
CA GLU B 9 -1.77 -5.23 -6.70
C GLU B 9 -2.41 -4.56 -5.49
N LEU B 10 -1.61 -4.45 -4.42
CA LEU B 10 -2.07 -3.83 -3.20
C LEU B 10 -2.40 -2.36 -3.46
N CYS B 11 -1.55 -1.74 -4.28
CA CYS B 11 -1.74 -0.34 -4.62
C CYS B 11 -2.93 -0.23 -5.58
N ARG B 12 -3.20 -1.33 -6.27
CA ARG B 12 -4.30 -1.36 -7.22
C ARG B 12 -5.63 -1.21 -6.48
N GLN B 13 -5.85 -2.09 -5.52
CA GLN B 13 -7.08 -2.06 -4.74
C GLN B 13 -7.01 -0.95 -3.69
N SER B 14 -5.85 -0.87 -3.03
CA SER B 14 -5.65 0.13 -2.00
C SER B 14 -6.16 1.50 -2.48
N PHE B 15 -5.76 1.84 -3.71
CA PHE B 15 -6.16 3.11 -4.30
C PHE B 15 -7.38 2.93 -5.19
N ARG B 16 -7.18 2.20 -6.28
CA ARG B 16 -8.25 1.94 -7.22
C ARG B 16 -7.74 2.09 -8.66
N ARG B 17 -6.51 2.57 -8.77
CA ARG B 17 -5.89 2.77 -10.07
C ARG B 17 -6.08 4.22 -10.53
N PHE B 18 -5.33 5.11 -9.90
CA PHE B 18 -5.40 6.52 -10.24
C PHE B 18 -5.03 6.76 -11.70
N CYS B 19 -4.20 5.87 -12.22
CA CYS B 19 -3.77 5.97 -13.60
C CYS B 19 -4.23 7.31 -14.16
N TYR B 20 -3.41 8.33 -13.97
CA TYR B 20 -3.73 9.67 -14.44
C TYR B 20 -5.21 9.76 -14.82
N GLN B 21 -6.06 9.58 -13.81
CA GLN B 21 -7.50 9.64 -14.02
C GLN B 21 -8.08 10.87 -13.32
N GLU B 22 -7.75 10.99 -12.04
CA GLU B 22 -8.23 12.11 -11.24
C GLU B 22 -7.68 13.43 -11.79
N VAL B 23 -6.36 13.56 -11.72
CA VAL B 23 -5.70 14.76 -12.19
C VAL B 23 -5.22 14.52 -13.63
N SER B 24 -4.74 15.60 -14.24
CA SER B 24 -4.25 15.52 -15.61
C SER B 24 -2.87 16.20 -15.71
N GLY B 25 -2.33 16.56 -14.54
CA GLY B 25 -1.04 17.21 -14.49
C GLY B 25 0.04 16.23 -14.01
N PRO B 26 1.28 16.76 -13.88
CA PRO B 26 2.41 15.96 -13.45
C PRO B 26 2.33 15.68 -11.95
N GLN B 27 3.02 16.52 -11.18
CA GLN B 27 3.04 16.37 -9.74
C GLN B 27 1.62 16.18 -9.21
N GLU B 28 0.65 16.63 -10.00
CA GLU B 28 -0.75 16.51 -9.62
C GLU B 28 -1.09 15.05 -9.31
N ALA B 29 -0.34 14.15 -9.94
CA ALA B 29 -0.55 12.74 -9.73
C ALA B 29 -0.33 12.39 -8.26
N LEU B 30 0.86 12.72 -7.79
CA LEU B 30 1.21 12.45 -6.40
C LEU B 30 0.25 13.19 -5.48
N SER B 31 -0.28 14.29 -6.00
CA SER B 31 -1.22 15.09 -5.24
C SER B 31 -2.41 14.24 -4.79
N GLN B 32 -3.11 13.69 -5.78
CA GLN B 32 -4.26 12.86 -5.51
C GLN B 32 -3.86 11.66 -4.66
N LEU B 33 -2.86 10.93 -5.14
CA LEU B 33 -2.38 9.75 -4.43
C LEU B 33 -1.95 10.17 -3.02
N ARG B 34 -0.94 11.02 -2.96
CA ARG B 34 -0.43 11.49 -1.68
C ARG B 34 -1.58 11.69 -0.70
N GLN B 35 -2.72 12.10 -1.23
CA GLN B 35 -3.89 12.33 -0.41
C GLN B 35 -4.46 10.99 0.09
N LEU B 36 -4.62 10.07 -0.84
CA LEU B 36 -5.15 8.76 -0.51
C LEU B 36 -4.12 8.00 0.34
N CYS B 37 -2.86 8.22 0.01
CA CYS B 37 -1.78 7.57 0.73
C CYS B 37 -1.83 8.03 2.19
N ARG B 38 -1.54 9.30 2.38
CA ARG B 38 -1.55 9.88 3.73
C ARG B 38 -2.83 9.50 4.45
N GLN B 39 -3.91 9.40 3.69
CA GLN B 39 -5.20 9.05 4.26
C GLN B 39 -5.30 7.54 4.47
N TRP B 40 -4.41 6.83 3.78
CA TRP B 40 -4.37 5.38 3.90
C TRP B 40 -3.65 5.02 5.19
N LEU B 41 -2.43 5.54 5.32
CA LEU B 41 -1.62 5.28 6.50
C LEU B 41 -2.16 6.12 7.67
N GLN B 42 -2.05 7.43 7.50
CA GLN B 42 -2.51 8.36 8.53
C GLN B 42 -2.31 7.74 9.91
N PRO B 43 -1.04 7.75 10.38
CA PRO B 43 -0.70 7.21 11.68
C PRO B 43 -1.16 8.14 12.80
N GLU B 44 -0.60 9.35 12.78
CA GLU B 44 -0.94 10.34 13.79
C GLU B 44 -0.05 10.17 15.02
N LEU B 45 1.24 10.38 14.81
CA LEU B 45 2.20 10.24 15.89
C LEU B 45 2.48 8.76 16.15
N HIS B 46 1.93 7.93 15.27
CA HIS B 46 2.11 6.49 15.38
C HIS B 46 3.39 6.08 14.65
N THR B 47 4.27 5.43 15.39
CA THR B 47 5.53 4.97 14.82
C THR B 47 5.27 3.95 13.71
N LYS B 48 6.29 3.16 13.42
CA LYS B 48 6.19 2.14 12.39
C LYS B 48 5.21 1.06 12.84
N GLU B 49 4.73 1.22 14.06
CA GLU B 49 3.78 0.27 14.61
C GLU B 49 2.50 0.22 13.77
N GLN B 50 1.86 1.37 13.68
CA GLN B 50 0.63 1.48 12.91
C GLN B 50 0.93 1.28 11.42
N ILE B 51 2.00 1.90 10.97
CA ILE B 51 2.40 1.79 9.58
C ILE B 51 2.57 0.31 9.21
N LEU B 52 3.39 -0.36 10.00
CA LEU B 52 3.65 -1.78 9.78
C LEU B 52 2.32 -2.53 9.68
N GLU B 53 1.44 -2.23 10.62
CA GLU B 53 0.13 -2.86 10.65
C GLU B 53 -0.71 -2.41 9.45
N LEU B 54 -0.29 -1.30 8.87
CA LEU B 54 -1.00 -0.75 7.71
C LEU B 54 -0.89 -1.74 6.55
N LEU B 55 0.34 -2.01 6.14
CA LEU B 55 0.59 -2.93 5.05
C LEU B 55 0.14 -4.34 5.46
N VAL B 56 0.47 -4.70 6.69
CA VAL B 56 0.11 -6.01 7.21
C VAL B 56 -1.41 -6.17 7.16
N MET B 57 -2.10 -5.05 7.35
CA MET B 57 -3.55 -5.04 7.33
C MET B 57 -4.08 -5.35 5.93
N GLU B 58 -3.89 -4.37 5.05
CA GLU B 58 -4.35 -4.52 3.67
C GLU B 58 -3.96 -5.90 3.13
N GLN B 59 -2.80 -6.37 3.56
CA GLN B 59 -2.31 -7.66 3.12
C GLN B 59 -3.04 -8.78 3.87
N PHE B 60 -2.86 -8.79 5.18
CA PHE B 60 -3.50 -9.80 6.01
C PHE B 60 -4.96 -10.01 5.60
N LEU B 61 -5.60 -8.90 5.25
CA LEU B 61 -6.99 -8.94 4.84
C LEU B 61 -7.09 -9.63 3.48
N THR B 62 -6.19 -9.25 2.59
CA THR B 62 -6.17 -9.82 1.25
C THR B 62 -6.11 -11.34 1.32
N ILE B 63 -5.54 -11.83 2.41
CA ILE B 63 -5.43 -13.27 2.61
C ILE B 63 -6.67 -13.79 3.32
N LEU B 64 -7.14 -13.01 4.28
CA LEU B 64 -8.31 -13.37 5.05
C LEU B 64 -9.50 -13.53 4.11
N PRO B 65 -10.58 -14.18 4.63
CA PRO B 65 -11.78 -14.40 3.84
C PRO B 65 -12.59 -13.11 3.70
N GLU B 66 -13.86 -13.28 3.40
CA GLU B 66 -14.75 -12.14 3.24
C GLU B 66 -15.33 -11.72 4.59
N GLU B 67 -15.55 -12.70 5.43
CA GLU B 67 -16.09 -12.45 6.76
C GLU B 67 -15.44 -11.20 7.37
N ILE B 68 -14.13 -11.11 7.18
CA ILE B 68 -13.38 -9.98 7.69
C ILE B 68 -13.75 -8.73 6.90
N GLN B 69 -13.79 -8.88 5.58
CA GLN B 69 -14.12 -7.78 4.70
C GLN B 69 -15.37 -7.06 5.21
N ALA B 70 -16.25 -7.83 5.84
CA ALA B 70 -17.48 -7.28 6.37
C ALA B 70 -17.21 -6.64 7.74
N ARG B 71 -16.43 -7.35 8.54
CA ARG B 71 -16.08 -6.87 9.87
C ARG B 71 -15.33 -5.54 9.77
N VAL B 72 -14.47 -5.45 8.77
CA VAL B 72 -13.68 -4.24 8.56
C VAL B 72 -14.57 -3.18 7.91
N ARG B 73 -15.37 -3.62 6.95
CA ARG B 73 -16.26 -2.71 6.24
C ARG B 73 -17.04 -1.86 7.24
N HIS B 74 -17.53 -2.51 8.28
CA HIS B 74 -18.29 -1.81 9.31
C HIS B 74 -18.65 -2.79 10.44
N ARG B 75 -17.92 -2.68 11.53
CA ARG B 75 -18.15 -3.54 12.68
C ARG B 75 -17.27 -3.11 13.85
N CYS B 76 -17.05 -1.81 13.94
CA CYS B 76 -16.23 -1.26 15.01
C CYS B 76 -14.82 -1.86 14.89
N LEU B 77 -14.01 -1.20 14.07
CA LEU B 77 -12.65 -1.65 13.86
C LEU B 77 -11.68 -0.67 14.53
N MET B 78 -10.45 -1.13 14.73
CA MET B 78 -9.43 -0.32 15.34
C MET B 78 -8.10 -1.07 15.45
N SER B 79 -8.21 -2.37 15.68
CA SER B 79 -7.04 -3.21 15.80
C SER B 79 -7.16 -4.41 14.87
N SER B 80 -6.03 -4.79 14.28
CA SER B 80 -6.01 -5.93 13.37
C SER B 80 -6.25 -7.23 14.15
N LYS B 81 -5.90 -7.19 15.42
CA LYS B 81 -6.07 -8.36 16.28
C LYS B 81 -7.55 -8.74 16.31
N GLU B 82 -8.40 -7.73 16.23
CA GLU B 82 -9.84 -7.95 16.24
C GLU B 82 -10.26 -8.76 15.00
N ILE B 83 -9.61 -8.46 13.89
CA ILE B 83 -9.90 -9.14 12.64
C ILE B 83 -9.47 -10.60 12.75
N VAL B 84 -8.26 -10.79 13.26
CA VAL B 84 -7.71 -12.13 13.42
C VAL B 84 -8.63 -12.94 14.34
N THR B 85 -8.91 -12.36 15.51
CA THR B 85 -9.77 -13.01 16.48
C THR B 85 -11.11 -13.36 15.86
N LEU B 86 -11.58 -12.47 15.00
CA LEU B 86 -12.85 -12.67 14.33
C LEU B 86 -12.81 -13.97 13.53
N VAL B 87 -11.77 -14.08 12.70
CA VAL B 87 -11.61 -15.26 11.88
C VAL B 87 -11.54 -16.49 12.77
N GLU B 88 -10.85 -16.35 13.90
CA GLU B 88 -10.70 -17.44 14.84
C GLU B 88 -12.08 -17.90 15.32
N ASP B 89 -12.95 -16.94 15.56
CA ASP B 89 -14.29 -17.23 16.02
C ASP B 89 -15.04 -18.01 14.94
N PHE B 90 -14.79 -17.62 13.69
CA PHE B 90 -15.43 -18.27 12.56
C PHE B 90 -15.01 -19.73 12.46
N HIS B 91 -13.72 -19.96 12.65
CA HIS B 91 -13.18 -21.31 12.58
C HIS B 91 -13.83 -22.18 13.66
N ARG B 92 -13.86 -21.63 14.87
CA ARG B 92 -14.45 -22.35 15.99
C ARG B 92 -14.13 -21.62 17.30
N ALA B 93 -14.77 -20.47 17.47
CA ALA B 93 -14.57 -19.68 18.68
C ALA B 93 -15.67 -18.61 18.76
N SER B 94 -15.64 -17.88 19.86
CA SER B 94 -16.63 -16.83 20.08
C SER B 94 -15.91 -15.54 20.49
N LYS B 95 -15.12 -15.64 21.54
CA LYS B 95 -14.38 -14.49 22.05
C LYS B 95 -15.36 -13.46 22.59
N LYS B 96 -15.28 -13.23 23.89
CA LYS B 96 -16.16 -12.27 24.54
C LYS B 96 -16.21 -10.99 23.71
N PRO B 97 -17.37 -10.79 23.03
CA PRO B 97 -17.56 -9.61 22.20
C PRO B 97 -17.80 -8.37 23.06
N LYS B 98 -17.39 -7.22 22.52
CA LYS B 98 -17.56 -5.96 23.22
C LYS B 98 -18.98 -5.89 23.81
N GLY A 1 19.97 7.70 -11.62
CA GLY A 1 20.43 7.13 -10.37
C GLY A 1 21.84 7.58 -10.05
N SER A 2 22.31 7.17 -8.87
CA SER A 2 23.64 7.54 -8.43
C SER A 2 24.50 6.27 -8.24
N LYS A 3 24.04 5.42 -7.32
CA LYS A 3 24.74 4.19 -7.04
C LYS A 3 23.84 3.28 -6.20
N ASN A 4 22.85 2.70 -6.88
CA ASN A 4 21.91 1.82 -6.21
C ASN A 4 20.90 1.30 -7.23
N CYS A 5 20.14 0.29 -6.81
CA CYS A 5 19.14 -0.30 -7.67
C CYS A 5 17.86 -0.49 -6.86
N PRO A 6 17.18 0.66 -6.57
CA PRO A 6 15.96 0.62 -5.79
C PRO A 6 14.79 0.12 -6.64
N ASP A 7 13.69 -0.17 -5.96
CA ASP A 7 12.50 -0.67 -6.64
C ASP A 7 11.35 -0.76 -5.64
N PRO A 8 10.90 0.44 -5.17
CA PRO A 8 9.81 0.51 -4.22
C PRO A 8 8.47 0.23 -4.90
N GLU A 9 8.35 -0.98 -5.41
CA GLU A 9 7.12 -1.39 -6.09
C GLU A 9 7.13 -2.89 -6.36
N LEU A 10 8.30 -3.38 -6.76
CA LEU A 10 8.46 -4.79 -7.06
C LEU A 10 8.41 -5.59 -5.75
N CYS A 11 9.22 -5.17 -4.80
CA CYS A 11 9.28 -5.83 -3.50
C CYS A 11 7.95 -5.56 -2.77
N ARG A 12 7.37 -4.42 -3.08
CA ARG A 12 6.11 -4.03 -2.47
C ARG A 12 5.00 -5.01 -2.86
N GLN A 13 4.97 -5.34 -4.14
CA GLN A 13 3.98 -6.26 -4.66
C GLN A 13 4.39 -7.71 -4.37
N SER A 14 5.70 -7.90 -4.23
CA SER A 14 6.23 -9.22 -3.95
C SER A 14 5.70 -9.73 -2.60
N PHE A 15 5.82 -8.87 -1.60
CA PHE A 15 5.35 -9.21 -0.27
C PHE A 15 3.84 -9.06 -0.15
N ARG A 16 3.35 -7.94 -0.68
CA ARG A 16 1.92 -7.66 -0.63
C ARG A 16 1.15 -8.75 -1.38
N ARG A 17 1.87 -9.47 -2.23
CA ARG A 17 1.27 -10.54 -3.01
C ARG A 17 1.82 -11.90 -2.57
N PHE A 18 2.01 -12.02 -1.26
CA PHE A 18 2.52 -13.26 -0.70
C PHE A 18 1.45 -14.35 -0.69
N CYS A 19 0.23 -13.94 -0.38
CA CYS A 19 -0.89 -14.87 -0.35
C CYS A 19 -0.83 -15.64 0.97
N TYR A 20 -1.98 -15.73 1.62
CA TYR A 20 -2.07 -16.43 2.89
C TYR A 20 -1.28 -17.74 2.85
N GLN A 21 -1.28 -18.35 1.67
CA GLN A 21 -0.57 -19.61 1.49
C GLN A 21 0.75 -19.59 2.26
N GLU A 22 1.45 -18.49 2.14
CA GLU A 22 2.73 -18.33 2.82
C GLU A 22 2.68 -18.98 4.21
N VAL A 23 1.80 -18.44 5.05
CA VAL A 23 1.63 -18.95 6.39
C VAL A 23 0.33 -19.76 6.47
N SER A 24 0.40 -20.84 7.24
CA SER A 24 -0.75 -21.71 7.41
C SER A 24 -1.54 -21.29 8.66
N GLY A 25 -1.55 -20.00 8.91
CA GLY A 25 -2.26 -19.47 10.07
C GLY A 25 -2.76 -18.04 9.80
N PRO A 26 -3.64 -17.56 10.70
CA PRO A 26 -4.20 -16.22 10.57
C PRO A 26 -3.17 -15.16 10.98
N GLN A 27 -2.97 -15.05 12.29
CA GLN A 27 -2.03 -14.09 12.81
C GLN A 27 -0.68 -14.22 12.11
N GLU A 28 -0.48 -15.38 11.50
CA GLU A 28 0.75 -15.65 10.78
C GLU A 28 0.80 -14.84 9.48
N ALA A 29 -0.37 -14.38 9.06
CA ALA A 29 -0.48 -13.60 7.85
C ALA A 29 0.26 -12.28 8.02
N LEU A 30 -0.28 -11.44 8.89
CA LEU A 30 0.32 -10.15 9.16
C LEU A 30 1.72 -10.36 9.76
N SER A 31 1.91 -11.54 10.32
CA SER A 31 3.19 -11.87 10.93
C SER A 31 4.31 -11.75 9.89
N GLN A 32 4.19 -12.56 8.85
CA GLN A 32 5.18 -12.55 7.78
C GLN A 32 5.23 -11.18 7.11
N LEU A 33 4.05 -10.65 6.83
CA LEU A 33 3.94 -9.35 6.19
C LEU A 33 4.51 -8.27 7.13
N ARG A 34 4.40 -8.54 8.42
CA ARG A 34 4.90 -7.61 9.42
C ARG A 34 6.41 -7.45 9.29
N GLN A 35 7.07 -8.56 8.97
CA GLN A 35 8.51 -8.56 8.81
C GLN A 35 8.90 -7.85 7.51
N LEU A 36 8.24 -8.25 6.43
CA LEU A 36 8.51 -7.67 5.13
C LEU A 36 8.20 -6.17 5.18
N CYS A 37 7.03 -5.84 5.71
CA CYS A 37 6.62 -4.46 5.82
C CYS A 37 7.68 -3.70 6.62
N ARG A 38 7.95 -4.19 7.81
CA ARG A 38 8.93 -3.57 8.68
C ARG A 38 10.21 -3.27 7.89
N GLN A 39 10.53 -4.16 6.96
CA GLN A 39 11.70 -3.99 6.13
C GLN A 39 11.40 -3.07 4.95
N TRP A 40 10.12 -2.93 4.66
CA TRP A 40 9.69 -2.07 3.56
C TRP A 40 10.07 -0.64 3.90
N LEU A 41 9.59 -0.18 5.05
CA LEU A 41 9.87 1.17 5.51
C LEU A 41 11.09 1.14 6.44
N GLN A 42 10.99 0.31 7.46
CA GLN A 42 12.08 0.18 8.42
C GLN A 42 12.82 1.51 8.56
N PRO A 43 12.07 2.52 9.08
CA PRO A 43 12.63 3.85 9.28
C PRO A 43 13.56 3.88 10.49
N GLU A 44 14.74 4.45 10.29
CA GLU A 44 15.72 4.53 11.36
C GLU A 44 15.70 5.94 11.98
N LEU A 45 14.92 6.82 11.35
CA LEU A 45 14.81 8.18 11.83
C LEU A 45 13.82 8.95 10.95
N HIS A 46 13.86 8.63 9.66
CA HIS A 46 12.98 9.28 8.70
C HIS A 46 11.55 9.31 9.26
N THR A 47 11.14 10.49 9.66
CA THR A 47 9.81 10.67 10.22
C THR A 47 8.74 10.30 9.18
N LYS A 48 7.57 10.88 9.35
CA LYS A 48 6.46 10.63 8.44
C LYS A 48 6.86 11.07 7.03
N GLU A 49 8.02 11.70 6.95
CA GLU A 49 8.53 12.18 5.67
C GLU A 49 8.70 11.01 4.69
N GLN A 50 9.56 10.07 5.09
CA GLN A 50 9.81 8.91 4.27
C GLN A 50 8.57 8.02 4.20
N ILE A 51 7.96 7.82 5.36
CA ILE A 51 6.77 7.00 5.44
C ILE A 51 5.72 7.52 4.45
N LEU A 52 5.55 8.83 4.46
CA LEU A 52 4.60 9.47 3.57
C LEU A 52 4.93 9.12 2.12
N GLU A 53 6.18 9.43 1.75
CA GLU A 53 6.64 9.16 0.40
C GLU A 53 6.55 7.66 0.10
N LEU A 54 6.43 6.88 1.17
CA LEU A 54 6.33 5.44 1.03
C LEU A 54 4.99 5.08 0.41
N LEU A 55 3.93 5.49 1.08
CA LEU A 55 2.58 5.22 0.61
C LEU A 55 2.37 5.92 -0.74
N VAL A 56 2.79 7.18 -0.79
CA VAL A 56 2.66 7.97 -1.99
C VAL A 56 3.28 7.22 -3.17
N MET A 57 4.42 6.61 -2.90
CA MET A 57 5.13 5.85 -3.92
C MET A 57 4.29 4.65 -4.39
N GLU A 58 4.13 3.69 -3.50
CA GLU A 58 3.36 2.50 -3.80
C GLU A 58 2.07 2.88 -4.52
N GLN A 59 1.53 4.03 -4.14
CA GLN A 59 0.29 4.51 -4.73
C GLN A 59 0.56 5.06 -6.14
N PHE A 60 1.28 6.16 -6.18
CA PHE A 60 1.61 6.80 -7.45
C PHE A 60 2.02 5.76 -8.49
N LEU A 61 2.69 4.73 -8.01
CA LEU A 61 3.16 3.66 -8.88
C LEU A 61 1.95 2.82 -9.34
N THR A 62 1.10 2.51 -8.38
CA THR A 62 -0.09 1.73 -8.67
C THR A 62 -0.98 2.45 -9.68
N ILE A 63 -0.91 3.78 -9.64
CA ILE A 63 -1.70 4.59 -10.54
C ILE A 63 -0.99 4.68 -11.90
N LEU A 64 0.31 4.94 -11.83
CA LEU A 64 1.11 5.05 -13.04
C LEU A 64 0.95 3.78 -13.87
N PRO A 65 1.11 3.93 -15.21
CA PRO A 65 0.99 2.81 -16.12
C PRO A 65 2.22 1.91 -16.04
N GLU A 66 2.06 0.70 -16.55
CA GLU A 66 3.15 -0.26 -16.55
C GLU A 66 4.46 0.42 -16.97
N GLU A 67 4.31 1.55 -17.65
CA GLU A 67 5.47 2.31 -18.11
C GLU A 67 6.55 2.31 -17.04
N ILE A 68 6.12 2.48 -15.79
CA ILE A 68 7.04 2.51 -14.68
C ILE A 68 7.61 1.11 -14.44
N GLN A 69 6.73 0.12 -14.56
CA GLN A 69 7.13 -1.26 -14.38
C GLN A 69 8.25 -1.63 -15.35
N ALA A 70 8.29 -0.90 -16.46
CA ALA A 70 9.31 -1.13 -17.48
C ALA A 70 10.56 -0.35 -17.12
N ARG A 71 10.36 0.91 -16.78
CA ARG A 71 11.47 1.78 -16.42
C ARG A 71 12.17 1.25 -15.17
N VAL A 72 11.42 0.50 -14.38
CA VAL A 72 11.95 -0.07 -13.16
C VAL A 72 12.56 -1.43 -13.45
N ARG A 73 11.81 -2.23 -14.21
CA ARG A 73 12.27 -3.56 -14.57
C ARG A 73 13.71 -3.50 -15.12
N HIS A 74 13.93 -2.52 -15.99
CA HIS A 74 15.24 -2.35 -16.59
C HIS A 74 16.27 -2.10 -15.49
N ARG A 75 17.46 -1.68 -15.92
CA ARG A 75 18.54 -1.39 -14.99
C ARG A 75 19.21 -0.06 -15.34
N CYS A 76 18.59 1.01 -14.87
CA CYS A 76 19.11 2.34 -15.12
C CYS A 76 18.58 3.27 -14.02
N LEU A 77 18.30 4.51 -14.44
CA LEU A 77 17.79 5.51 -13.51
C LEU A 77 16.64 4.90 -12.70
N MET A 78 16.32 5.56 -11.60
CA MET A 78 15.24 5.11 -10.73
C MET A 78 15.00 6.10 -9.59
N SER A 79 14.44 7.25 -9.96
CA SER A 79 14.15 8.28 -8.99
C SER A 79 12.68 8.69 -9.08
N SER A 80 12.09 8.95 -7.93
CA SER A 80 10.69 9.36 -7.87
C SER A 80 10.41 10.37 -8.97
N LYS A 81 11.05 11.52 -8.87
CA LYS A 81 10.87 12.58 -9.85
C LYS A 81 11.10 12.02 -11.25
N GLU A 82 11.84 10.92 -11.29
CA GLU A 82 12.14 10.27 -12.56
C GLU A 82 10.90 9.56 -13.10
N ILE A 83 10.24 8.82 -12.22
CA ILE A 83 9.04 8.10 -12.60
C ILE A 83 8.00 9.08 -13.14
N VAL A 84 7.82 10.16 -12.40
CA VAL A 84 6.87 11.18 -12.79
C VAL A 84 7.28 11.78 -14.15
N THR A 85 8.59 12.00 -14.27
CA THR A 85 9.13 12.57 -15.49
C THR A 85 8.86 11.65 -16.68
N LEU A 86 9.00 10.35 -16.43
CA LEU A 86 8.77 9.36 -17.45
C LEU A 86 7.31 9.42 -17.91
N VAL A 87 6.42 9.49 -16.94
CA VAL A 87 5.01 9.55 -17.21
C VAL A 87 4.71 10.82 -18.01
N GLU A 88 5.40 11.89 -17.64
CA GLU A 88 5.22 13.16 -18.32
C GLU A 88 5.73 13.08 -19.75
N ASP A 89 6.74 12.25 -19.94
CA ASP A 89 7.33 12.07 -21.26
C ASP A 89 6.33 11.34 -22.16
N PHE A 90 5.71 10.32 -21.60
CA PHE A 90 4.73 9.54 -22.33
C PHE A 90 3.44 10.32 -22.55
N HIS A 91 3.16 11.21 -21.60
CA HIS A 91 1.97 12.03 -21.67
C HIS A 91 2.21 13.23 -22.59
N ARG A 92 3.49 13.56 -22.75
CA ARG A 92 3.88 14.68 -23.59
C ARG A 92 5.25 15.22 -23.17
N ALA A 93 6.28 14.47 -23.53
CA ALA A 93 7.64 14.86 -23.20
C ALA A 93 7.95 16.21 -23.86
N SER A 94 9.23 16.40 -24.13
CA SER A 94 9.68 17.63 -24.76
C SER A 94 9.56 18.80 -23.76
N LYS A 95 9.50 18.44 -22.49
CA LYS A 95 9.38 19.43 -21.43
C LYS A 95 9.97 18.87 -20.14
N LYS A 96 10.59 19.76 -19.37
CA LYS A 96 11.20 19.35 -18.12
C LYS A 96 10.92 20.43 -17.06
N PRO A 97 9.62 20.48 -16.63
CA PRO A 97 9.21 21.45 -15.63
C PRO A 97 9.71 21.05 -14.24
N LYS A 98 10.70 21.78 -13.76
CA LYS A 98 11.27 21.51 -12.45
C LYS A 98 10.45 22.24 -11.38
N GLY B 1 -25.58 21.51 3.21
CA GLY B 1 -24.27 20.93 3.06
C GLY B 1 -23.65 20.60 4.41
N SER B 2 -23.35 19.31 4.59
CA SER B 2 -22.77 18.85 5.84
C SER B 2 -22.55 17.34 5.78
N LYS B 3 -21.62 16.87 6.61
CA LYS B 3 -21.30 15.46 6.66
C LYS B 3 -20.23 15.22 7.73
N ASN B 4 -19.92 13.95 7.92
CA ASN B 4 -18.91 13.57 8.91
C ASN B 4 -17.82 12.75 8.22
N CYS B 5 -16.72 12.58 8.93
CA CYS B 5 -15.60 11.81 8.40
C CYS B 5 -15.96 10.33 8.46
N PRO B 6 -15.52 9.59 7.42
CA PRO B 6 -15.79 8.16 7.35
C PRO B 6 -14.89 7.38 8.31
N ASP B 7 -15.12 6.08 8.36
CA ASP B 7 -14.34 5.21 9.24
C ASP B 7 -12.95 5.00 8.64
N PRO B 8 -12.02 4.51 9.50
CA PRO B 8 -10.66 4.25 9.06
C PRO B 8 -10.59 2.98 8.20
N GLU B 9 -10.78 3.17 6.91
CA GLU B 9 -10.74 2.06 5.98
C GLU B 9 -11.33 2.49 4.63
N LEU B 10 -12.26 3.43 4.69
CA LEU B 10 -12.91 3.93 3.49
C LEU B 10 -11.97 4.89 2.77
N CYS B 11 -11.49 5.87 3.51
CA CYS B 11 -10.59 6.86 2.96
C CYS B 11 -9.38 6.13 2.36
N ARG B 12 -9.07 4.99 2.94
CA ARG B 12 -7.95 4.19 2.48
C ARG B 12 -8.35 3.39 1.23
N GLN B 13 -9.45 2.66 1.37
CA GLN B 13 -9.95 1.86 0.26
C GLN B 13 -10.37 2.75 -0.90
N SER B 14 -10.42 4.04 -0.62
CA SER B 14 -10.80 5.01 -1.64
C SER B 14 -9.56 5.53 -2.37
N PHE B 15 -8.73 6.24 -1.61
CA PHE B 15 -7.50 6.79 -2.16
C PHE B 15 -6.67 5.71 -2.85
N ARG B 16 -6.74 4.51 -2.29
CA ARG B 16 -6.00 3.38 -2.84
C ARG B 16 -6.34 3.20 -4.32
N ARG B 17 -5.38 2.66 -5.06
CA ARG B 17 -5.57 2.42 -6.48
C ARG B 17 -6.20 3.65 -7.15
N PHE B 18 -5.75 4.82 -6.70
CA PHE B 18 -6.25 6.06 -7.25
C PHE B 18 -6.39 5.99 -8.77
N CYS B 19 -5.27 5.66 -9.41
CA CYS B 19 -5.25 5.55 -10.86
C CYS B 19 -5.38 6.95 -11.44
N TYR B 20 -4.36 7.34 -12.19
CA TYR B 20 -4.34 8.65 -12.82
C TYR B 20 -5.75 9.06 -13.26
N GLN B 21 -6.08 10.32 -12.96
CA GLN B 21 -7.39 10.84 -13.31
C GLN B 21 -7.63 12.18 -12.61
N GLU B 22 -8.07 12.09 -11.37
CA GLU B 22 -8.34 13.28 -10.58
C GLU B 22 -7.39 14.41 -10.98
N VAL B 23 -6.11 14.16 -10.75
CA VAL B 23 -5.09 15.14 -11.08
C VAL B 23 -4.67 14.97 -12.54
N SER B 24 -4.56 16.10 -13.23
CA SER B 24 -4.18 16.09 -14.62
C SER B 24 -2.73 16.57 -14.77
N GLY B 25 -1.95 16.31 -13.73
CA GLY B 25 -0.55 16.71 -13.73
C GLY B 25 0.35 15.56 -13.27
N PRO B 26 1.68 15.77 -13.44
CA PRO B 26 2.64 14.76 -13.05
C PRO B 26 2.81 14.72 -11.53
N GLN B 27 3.50 15.72 -11.01
CA GLN B 27 3.73 15.80 -9.57
C GLN B 27 2.40 15.90 -8.82
N GLU B 28 1.34 16.11 -9.59
CA GLU B 28 0.02 16.22 -9.02
C GLU B 28 -0.48 14.85 -8.54
N ALA B 29 0.12 13.82 -9.12
CA ALA B 29 -0.24 12.45 -8.77
C ALA B 29 0.07 12.21 -7.29
N LEU B 30 1.36 12.22 -6.98
CA LEU B 30 1.80 12.01 -5.62
C LEU B 30 1.31 13.15 -4.73
N SER B 31 1.00 14.27 -5.39
CA SER B 31 0.52 15.44 -4.67
C SER B 31 -0.75 15.09 -3.89
N GLN B 32 -1.74 14.59 -4.62
CA GLN B 32 -3.00 14.21 -4.00
C GLN B 32 -2.80 13.03 -3.06
N LEU B 33 -2.03 12.06 -3.53
CA LEU B 33 -1.75 10.87 -2.73
C LEU B 33 -0.89 11.26 -1.53
N ARG B 34 -0.17 12.35 -1.69
CA ARG B 34 0.69 12.84 -0.63
C ARG B 34 -0.14 13.29 0.57
N GLN B 35 -1.21 14.01 0.28
CA GLN B 35 -2.10 14.50 1.31
C GLN B 35 -2.87 13.34 1.94
N LEU B 36 -3.15 12.34 1.12
CA LEU B 36 -3.88 11.17 1.58
C LEU B 36 -2.94 10.27 2.37
N CYS B 37 -1.71 10.17 1.90
CA CYS B 37 -0.72 9.35 2.55
C CYS B 37 -0.52 9.87 3.98
N ARG B 38 -0.33 11.18 4.07
CA ARG B 38 -0.14 11.82 5.37
C ARG B 38 -1.36 11.59 6.26
N GLN B 39 -2.53 11.78 5.66
CA GLN B 39 -3.77 11.60 6.39
C GLN B 39 -4.10 10.11 6.52
N TRP B 40 -3.28 9.29 5.87
CA TRP B 40 -3.48 7.86 5.90
C TRP B 40 -2.93 7.34 7.23
N LEU B 41 -1.66 7.65 7.48
CA LEU B 41 -1.01 7.22 8.71
C LEU B 41 -1.03 8.37 9.72
N GLN B 42 -0.52 9.51 9.28
CA GLN B 42 -0.47 10.68 10.14
C GLN B 42 0.13 10.33 11.50
N PRO B 43 1.10 11.17 11.94
CA PRO B 43 1.75 10.96 13.22
C PRO B 43 0.82 11.34 14.38
N GLU B 44 -0.24 10.58 14.52
CA GLU B 44 -1.21 10.84 15.58
C GLU B 44 -1.95 9.55 15.95
N LEU B 45 -1.36 8.43 15.53
CA LEU B 45 -1.95 7.14 15.82
C LEU B 45 -0.86 6.19 16.32
N HIS B 46 0.35 6.43 15.84
CA HIS B 46 1.49 5.61 16.23
C HIS B 46 2.62 5.78 15.22
N THR B 47 3.84 5.72 15.74
CA THR B 47 5.02 5.87 14.90
C THR B 47 5.04 4.78 13.81
N LYS B 48 6.24 4.52 13.32
CA LYS B 48 6.43 3.51 12.28
C LYS B 48 5.62 2.27 12.65
N GLU B 49 5.32 2.16 13.94
CA GLU B 49 4.56 1.02 14.44
C GLU B 49 3.22 0.92 13.69
N GLN B 50 2.53 2.03 13.65
CA GLN B 50 1.23 2.08 12.98
C GLN B 50 1.41 1.89 11.47
N ILE B 51 2.37 2.62 10.92
CA ILE B 51 2.65 2.55 9.49
C ILE B 51 2.94 1.09 9.12
N LEU B 52 3.89 0.51 9.83
CA LEU B 52 4.28 -0.87 9.59
C LEU B 52 3.02 -1.76 9.59
N GLU B 53 2.15 -1.48 10.55
CA GLU B 53 0.92 -2.24 10.67
C GLU B 53 -0.09 -1.79 9.61
N LEU B 54 0.23 -0.67 8.98
CA LEU B 54 -0.64 -0.12 7.95
C LEU B 54 -0.53 -0.98 6.69
N LEU B 55 0.68 -1.05 6.16
CA LEU B 55 0.93 -1.82 4.96
C LEU B 55 0.68 -3.30 5.24
N VAL B 56 1.02 -3.70 6.47
CA VAL B 56 0.83 -5.07 6.88
C VAL B 56 -0.66 -5.42 6.84
N MET B 57 -1.46 -4.47 7.30
CA MET B 57 -2.91 -4.66 7.32
C MET B 57 -3.48 -4.73 5.90
N GLU B 58 -3.46 -3.59 5.24
CA GLU B 58 -3.97 -3.51 3.87
C GLU B 58 -3.59 -4.78 3.10
N GLN B 59 -2.40 -5.27 3.38
CA GLN B 59 -1.92 -6.47 2.71
C GLN B 59 -2.69 -7.69 3.20
N PHE B 60 -2.66 -7.89 4.51
CA PHE B 60 -3.35 -9.02 5.11
C PHE B 60 -4.76 -9.17 4.52
N LEU B 61 -5.30 -8.06 4.06
CA LEU B 61 -6.63 -8.05 3.48
C LEU B 61 -6.55 -8.54 2.03
N THR B 62 -5.51 -8.07 1.34
CA THR B 62 -5.31 -8.44 -0.04
C THR B 62 -5.24 -9.98 -0.18
N ILE B 63 -4.80 -10.61 0.89
CA ILE B 63 -4.68 -12.06 0.91
C ILE B 63 -5.97 -12.66 1.47
N LEU B 64 -6.43 -12.07 2.57
CA LEU B 64 -7.63 -12.54 3.22
C LEU B 64 -8.73 -12.76 2.17
N PRO B 65 -9.67 -13.68 2.50
CA PRO B 65 -10.76 -13.99 1.60
C PRO B 65 -11.81 -12.88 1.60
N GLU B 66 -13.00 -13.22 1.15
CA GLU B 66 -14.09 -12.26 1.08
C GLU B 66 -14.71 -12.07 2.47
N GLU B 67 -14.16 -12.81 3.43
CA GLU B 67 -14.65 -12.74 4.79
C GLU B 67 -14.64 -11.29 5.29
N ILE B 68 -13.48 -10.65 5.12
CA ILE B 68 -13.32 -9.27 5.54
C ILE B 68 -14.30 -8.38 4.77
N GLN B 69 -14.52 -8.75 3.52
CA GLN B 69 -15.43 -8.01 2.66
C GLN B 69 -16.85 -8.10 3.20
N ALA B 70 -17.16 -9.24 3.81
CA ALA B 70 -18.47 -9.46 4.37
C ALA B 70 -18.65 -8.60 5.62
N ARG B 71 -17.65 -8.66 6.49
CA ARG B 71 -17.67 -7.90 7.73
C ARG B 71 -17.58 -6.40 7.43
N VAL B 72 -16.91 -6.09 6.33
CA VAL B 72 -16.74 -4.71 5.91
C VAL B 72 -18.10 -4.13 5.52
N ARG B 73 -18.78 -4.85 4.65
CA ARG B 73 -20.09 -4.43 4.18
C ARG B 73 -21.06 -4.30 5.35
N HIS B 74 -20.96 -5.24 6.28
CA HIS B 74 -21.81 -5.24 7.45
C HIS B 74 -21.01 -4.79 8.67
N ARG B 75 -21.21 -3.54 9.05
CA ARG B 75 -20.52 -2.98 10.19
C ARG B 75 -20.24 -4.07 11.23
N CYS B 76 -18.97 -4.18 11.61
CA CYS B 76 -18.56 -5.16 12.59
C CYS B 76 -17.06 -4.99 12.84
N LEU B 77 -16.31 -5.00 11.76
CA LEU B 77 -14.86 -4.85 11.85
C LEU B 77 -14.54 -3.62 12.71
N MET B 78 -13.30 -3.57 13.15
CA MET B 78 -12.84 -2.45 13.98
C MET B 78 -11.35 -2.58 14.29
N SER B 79 -11.00 -3.68 14.94
CA SER B 79 -9.61 -3.92 15.30
C SER B 79 -9.04 -5.05 14.44
N SER B 80 -7.82 -4.84 13.98
CA SER B 80 -7.15 -5.83 13.15
C SER B 80 -7.27 -7.22 13.79
N LYS B 81 -6.93 -7.27 15.07
CA LYS B 81 -7.00 -8.52 15.81
C LYS B 81 -8.34 -9.20 15.53
N GLU B 82 -9.35 -8.38 15.31
CA GLU B 82 -10.68 -8.88 15.03
C GLU B 82 -10.73 -9.55 13.66
N ILE B 83 -10.44 -8.75 12.65
CA ILE B 83 -10.45 -9.24 11.28
C ILE B 83 -9.82 -10.64 11.24
N VAL B 84 -8.62 -10.73 11.80
CA VAL B 84 -7.91 -12.00 11.85
C VAL B 84 -8.75 -13.02 12.61
N THR B 85 -9.34 -12.57 13.70
CA THR B 85 -10.17 -13.43 14.52
C THR B 85 -11.31 -14.02 13.70
N LEU B 86 -11.93 -13.15 12.90
CA LEU B 86 -13.04 -13.57 12.07
C LEU B 86 -12.57 -14.68 11.13
N VAL B 87 -11.42 -14.43 10.50
CA VAL B 87 -10.86 -15.40 9.57
C VAL B 87 -10.69 -16.74 10.29
N GLU B 88 -10.19 -16.66 11.52
CA GLU B 88 -9.97 -17.85 12.32
C GLU B 88 -11.30 -18.53 12.64
N ASP B 89 -12.34 -17.71 12.78
CA ASP B 89 -13.66 -18.22 13.08
C ASP B 89 -14.18 -19.02 11.89
N PHE B 90 -13.76 -18.59 10.71
CA PHE B 90 -14.18 -19.26 9.48
C PHE B 90 -13.16 -20.32 9.06
N HIS B 91 -12.01 -20.28 9.70
CA HIS B 91 -10.94 -21.22 9.40
C HIS B 91 -11.03 -22.40 10.37
N ARG B 92 -11.71 -22.17 11.48
CA ARG B 92 -11.87 -23.20 12.50
C ARG B 92 -12.53 -22.62 13.75
N ALA B 93 -13.49 -21.73 13.51
CA ALA B 93 -14.21 -21.10 14.60
C ALA B 93 -13.20 -20.53 15.60
N SER B 94 -13.74 -19.87 16.62
CA SER B 94 -12.90 -19.26 17.64
C SER B 94 -13.76 -18.45 18.61
N LYS B 95 -14.93 -19.00 18.93
CA LYS B 95 -15.85 -18.35 19.84
C LYS B 95 -16.33 -17.04 19.21
N LYS B 96 -17.52 -16.61 19.62
CA LYS B 96 -18.10 -15.38 19.11
C LYS B 96 -18.61 -14.55 20.27
N PRO B 97 -17.67 -13.75 20.87
CA PRO B 97 -18.02 -12.90 22.00
C PRO B 97 -18.81 -11.68 21.54
N LYS B 98 -20.08 -11.66 21.90
CA LYS B 98 -20.95 -10.56 21.53
C LYS B 98 -21.11 -9.61 22.71
N GLY A 1 21.27 -0.87 -20.34
CA GLY A 1 21.06 -0.79 -18.91
C GLY A 1 21.40 -2.11 -18.23
N SER A 2 21.89 -2.01 -17.01
CA SER A 2 22.26 -3.18 -16.23
C SER A 2 22.79 -2.77 -14.86
N LYS A 3 21.85 -2.69 -13.92
CA LYS A 3 22.19 -2.31 -12.56
C LYS A 3 22.91 -3.47 -11.87
N ASN A 4 22.15 -4.53 -11.64
CA ASN A 4 22.69 -5.71 -11.00
C ASN A 4 22.95 -5.41 -9.52
N CYS A 5 21.86 -5.27 -8.77
CA CYS A 5 21.96 -4.97 -7.35
C CYS A 5 20.58 -5.14 -6.73
N PRO A 6 20.58 -5.37 -5.38
CA PRO A 6 19.33 -5.54 -4.66
C PRO A 6 18.61 -4.21 -4.47
N ASP A 7 17.39 -4.16 -4.99
CA ASP A 7 16.59 -2.95 -4.88
C ASP A 7 15.21 -3.30 -4.31
N PRO A 8 14.56 -2.27 -3.70
CA PRO A 8 13.25 -2.47 -3.11
C PRO A 8 12.17 -2.55 -4.19
N GLU A 9 11.86 -3.78 -4.57
CA GLU A 9 10.85 -4.02 -5.60
C GLU A 9 10.54 -5.51 -5.70
N LEU A 10 11.60 -6.30 -5.77
CA LEU A 10 11.45 -7.74 -5.87
C LEU A 10 10.93 -8.29 -4.55
N CYS A 11 11.59 -7.90 -3.47
CA CYS A 11 11.21 -8.34 -2.14
C CYS A 11 9.89 -7.65 -1.78
N ARG A 12 9.68 -6.49 -2.37
CA ARG A 12 8.47 -5.71 -2.11
C ARG A 12 7.24 -6.50 -2.56
N GLN A 13 7.30 -6.98 -3.80
CA GLN A 13 6.20 -7.75 -4.36
C GLN A 13 6.26 -9.19 -3.87
N SER A 14 7.46 -9.63 -3.55
CA SER A 14 7.67 -10.99 -3.06
C SER A 14 6.82 -11.22 -1.81
N PHE A 15 7.02 -10.35 -0.84
CA PHE A 15 6.28 -10.45 0.41
C PHE A 15 4.84 -9.96 0.25
N ARG A 16 4.72 -8.80 -0.38
CA ARG A 16 3.41 -8.20 -0.60
C ARG A 16 2.47 -9.24 -1.22
N ARG A 17 3.06 -10.23 -1.86
CA ARG A 17 2.28 -11.28 -2.48
C ARG A 17 2.43 -12.59 -1.72
N PHE A 18 2.60 -12.45 -0.41
CA PHE A 18 2.76 -13.62 0.45
C PHE A 18 1.80 -14.74 0.04
N CYS A 19 0.52 -14.41 0.02
CA CYS A 19 -0.50 -15.37 -0.36
C CYS A 19 -0.47 -16.53 0.65
N TYR A 20 -0.67 -16.16 1.92
CA TYR A 20 -0.67 -17.15 2.98
C TYR A 20 0.35 -18.25 2.71
N GLN A 21 0.06 -19.43 3.25
CA GLN A 21 0.94 -20.58 3.07
C GLN A 21 1.87 -20.73 4.27
N GLU A 22 2.85 -19.83 4.34
CA GLU A 22 3.81 -19.86 5.43
C GLU A 22 3.09 -19.66 6.77
N VAL A 23 2.18 -18.70 6.78
CA VAL A 23 1.42 -18.41 7.99
C VAL A 23 1.19 -19.71 8.77
N SER A 24 1.67 -19.70 10.01
CA SER A 24 1.53 -20.87 10.87
C SER A 24 0.32 -20.69 11.79
N GLY A 25 -0.43 -19.62 11.53
CA GLY A 25 -1.61 -19.33 12.33
C GLY A 25 -2.43 -18.19 11.70
N PRO A 26 -3.25 -17.54 12.56
CA PRO A 26 -4.09 -16.45 12.11
C PRO A 26 -3.26 -15.18 11.89
N GLN A 27 -2.93 -14.54 12.99
CA GLN A 27 -2.14 -13.31 12.93
C GLN A 27 -0.77 -13.59 12.30
N GLU A 28 -0.47 -14.88 12.15
CA GLU A 28 0.79 -15.28 11.56
C GLU A 28 1.01 -14.56 10.23
N ALA A 29 -0.09 -14.11 9.65
CA ALA A 29 -0.03 -13.41 8.38
C ALA A 29 0.76 -12.10 8.57
N LEU A 30 0.29 -11.29 9.50
CA LEU A 30 0.95 -10.02 9.78
C LEU A 30 2.35 -10.29 10.33
N SER A 31 2.51 -11.47 10.91
CA SER A 31 3.80 -11.84 11.48
C SER A 31 4.87 -11.85 10.39
N GLN A 32 4.68 -12.73 9.42
CA GLN A 32 5.63 -12.84 8.31
C GLN A 32 5.76 -11.50 7.60
N LEU A 33 4.61 -10.92 7.28
CA LEU A 33 4.60 -9.63 6.59
C LEU A 33 5.29 -8.58 7.46
N ARG A 34 4.70 -8.32 8.61
CA ARG A 34 5.24 -7.34 9.53
C ARG A 34 6.77 -7.40 9.52
N GLN A 35 7.29 -8.60 9.31
CA GLN A 35 8.71 -8.81 9.28
C GLN A 35 9.31 -8.21 8.00
N LEU A 36 8.72 -8.58 6.88
CA LEU A 36 9.17 -8.09 5.58
C LEU A 36 8.85 -6.60 5.48
N CYS A 37 7.67 -6.23 5.99
CA CYS A 37 7.25 -4.85 5.95
C CYS A 37 8.33 -3.99 6.61
N ARG A 38 8.55 -4.26 7.89
CA ARG A 38 9.55 -3.51 8.64
C ARG A 38 10.89 -3.54 7.90
N GLN A 39 11.16 -4.66 7.24
CA GLN A 39 12.39 -4.82 6.49
C GLN A 39 12.32 -4.04 5.17
N TRP A 40 11.10 -3.68 4.80
CA TRP A 40 10.88 -2.94 3.57
C TRP A 40 11.27 -1.48 3.82
N LEU A 41 10.65 -0.89 4.82
CA LEU A 41 10.92 0.48 5.17
C LEU A 41 11.89 0.53 6.35
N GLN A 42 11.50 -0.13 7.43
CA GLN A 42 12.32 -0.18 8.63
C GLN A 42 12.43 1.21 9.26
N PRO A 43 12.43 1.23 10.62
CA PRO A 43 12.52 2.48 11.34
C PRO A 43 13.95 3.03 11.30
N GLU A 44 14.04 4.36 11.37
CA GLU A 44 15.34 5.02 11.34
C GLU A 44 15.15 6.52 11.07
N LEU A 45 14.49 7.18 12.01
CA LEU A 45 14.24 8.60 11.90
C LEU A 45 13.26 8.85 10.74
N HIS A 46 12.67 7.77 10.27
CA HIS A 46 11.72 7.86 9.18
C HIS A 46 10.35 8.29 9.72
N THR A 47 10.11 9.60 9.65
CA THR A 47 8.85 10.14 10.13
C THR A 47 7.70 9.76 9.20
N LYS A 48 6.65 10.55 9.27
CA LYS A 48 5.48 10.31 8.44
C LYS A 48 5.91 10.23 6.97
N GLU A 49 7.11 10.73 6.71
CA GLU A 49 7.66 10.72 5.37
C GLU A 49 7.48 9.34 4.73
N GLN A 50 7.87 8.32 5.48
CA GLN A 50 7.76 6.95 5.00
C GLN A 50 6.28 6.55 4.87
N ILE A 51 5.50 7.01 5.83
CA ILE A 51 4.08 6.71 5.84
C ILE A 51 3.45 7.20 4.53
N LEU A 52 3.52 8.50 4.33
CA LEU A 52 2.96 9.10 3.13
C LEU A 52 3.47 8.34 1.90
N GLU A 53 4.78 8.47 1.67
CA GLU A 53 5.41 7.81 0.54
C GLU A 53 4.80 6.42 0.34
N LEU A 54 4.47 5.79 1.46
CA LEU A 54 3.88 4.45 1.42
C LEU A 54 2.62 4.48 0.56
N LEU A 55 1.59 5.13 1.09
CA LEU A 55 0.33 5.24 0.39
C LEU A 55 0.51 6.11 -0.86
N VAL A 56 1.13 7.27 -0.64
CA VAL A 56 1.37 8.19 -1.73
C VAL A 56 1.92 7.44 -2.94
N MET A 57 2.82 6.51 -2.65
CA MET A 57 3.43 5.71 -3.69
C MET A 57 2.43 4.72 -4.28
N GLU A 58 2.13 3.70 -3.50
CA GLU A 58 1.18 2.68 -3.93
C GLU A 58 0.06 3.30 -4.75
N GLN A 59 -0.38 4.47 -4.31
CA GLN A 59 -1.43 5.18 -5.00
C GLN A 59 -0.88 5.92 -6.21
N PHE A 60 0.24 6.59 -6.01
CA PHE A 60 0.88 7.34 -7.07
C PHE A 60 0.91 6.53 -8.37
N LEU A 61 1.11 5.22 -8.20
CA LEU A 61 1.16 4.33 -9.36
C LEU A 61 -0.26 3.99 -9.80
N THR A 62 -1.08 3.64 -8.82
CA THR A 62 -2.47 3.29 -9.10
C THR A 62 -3.06 4.27 -10.11
N ILE A 63 -2.57 5.50 -10.07
CA ILE A 63 -3.05 6.53 -10.98
C ILE A 63 -2.27 6.44 -12.28
N LEU A 64 -0.97 6.21 -12.16
CA LEU A 64 -0.11 6.12 -13.33
C LEU A 64 -0.50 4.87 -14.14
N PRO A 65 -0.03 4.85 -15.41
CA PRO A 65 -0.32 3.73 -16.29
C PRO A 65 0.51 2.51 -15.93
N GLU A 66 0.68 1.63 -16.90
CA GLU A 66 1.45 0.42 -16.69
C GLU A 66 2.91 0.64 -17.10
N GLU A 67 3.10 1.60 -17.99
CA GLU A 67 4.43 1.91 -18.48
C GLU A 67 5.42 2.00 -17.30
N ILE A 68 4.96 2.65 -16.24
CA ILE A 68 5.78 2.81 -15.05
C ILE A 68 5.93 1.46 -14.35
N GLN A 69 4.84 0.71 -14.36
CA GLN A 69 4.83 -0.61 -13.72
C GLN A 69 5.83 -1.54 -14.42
N ALA A 70 6.16 -1.19 -15.65
CA ALA A 70 7.11 -1.98 -16.42
C ALA A 70 8.52 -1.51 -16.11
N ARG A 71 8.68 -0.20 -16.04
CA ARG A 71 9.98 0.39 -15.75
C ARG A 71 10.39 0.08 -14.31
N VAL A 72 9.38 -0.12 -13.48
CA VAL A 72 9.63 -0.42 -12.07
C VAL A 72 9.80 -1.93 -11.90
N ARG A 73 8.89 -2.67 -12.53
CA ARG A 73 8.94 -4.12 -12.45
C ARG A 73 10.32 -4.63 -12.85
N HIS A 74 10.84 -4.07 -13.94
CA HIS A 74 12.14 -4.46 -14.43
C HIS A 74 13.23 -3.98 -13.47
N ARG A 75 14.04 -4.92 -13.01
CA ARG A 75 15.10 -4.62 -12.08
C ARG A 75 16.03 -3.55 -12.69
N CYS A 76 15.63 -2.29 -12.51
CA CYS A 76 16.40 -1.18 -13.02
C CYS A 76 15.67 0.11 -12.69
N LEU A 77 15.23 0.20 -11.43
CA LEU A 77 14.51 1.37 -10.98
C LEU A 77 15.43 2.20 -10.08
N MET A 78 15.05 3.46 -9.91
CA MET A 78 15.83 4.37 -9.08
C MET A 78 14.99 4.91 -7.92
N SER A 79 14.28 6.00 -8.20
CA SER A 79 13.43 6.61 -7.20
C SER A 79 12.04 6.89 -7.78
N SER A 80 11.20 7.49 -6.95
CA SER A 80 9.85 7.82 -7.38
C SER A 80 9.88 8.87 -8.48
N LYS A 81 10.89 9.73 -8.40
CA LYS A 81 11.05 10.79 -9.39
C LYS A 81 11.23 10.16 -10.77
N GLU A 82 12.06 9.13 -10.81
CA GLU A 82 12.32 8.43 -12.07
C GLU A 82 11.02 7.94 -12.69
N ILE A 83 10.13 7.45 -11.83
CA ILE A 83 8.85 6.94 -12.27
C ILE A 83 8.04 8.09 -12.89
N VAL A 84 7.73 9.07 -12.05
CA VAL A 84 6.97 10.22 -12.50
C VAL A 84 7.67 10.87 -13.69
N THR A 85 8.95 10.53 -13.84
CA THR A 85 9.73 11.06 -14.95
C THR A 85 9.31 10.42 -16.26
N LEU A 86 9.62 9.13 -16.38
CA LEU A 86 9.28 8.39 -17.59
C LEU A 86 7.84 8.72 -18.00
N VAL A 87 6.99 8.83 -16.99
CA VAL A 87 5.59 9.13 -17.23
C VAL A 87 5.46 10.59 -17.71
N GLU A 88 5.99 11.49 -16.91
CA GLU A 88 5.95 12.91 -17.25
C GLU A 88 6.17 13.10 -18.74
N ASP A 89 6.94 12.19 -19.32
CA ASP A 89 7.23 12.25 -20.75
C ASP A 89 6.02 11.75 -21.54
N PHE A 90 5.71 10.48 -21.33
CA PHE A 90 4.58 9.86 -22.02
C PHE A 90 3.26 10.48 -21.55
N HIS A 91 3.36 11.29 -20.51
CA HIS A 91 2.18 11.95 -19.96
C HIS A 91 2.13 13.40 -20.44
N ARG A 92 3.31 13.95 -20.70
CA ARG A 92 3.40 15.33 -21.16
C ARG A 92 4.87 15.71 -21.34
N ALA A 93 5.51 15.09 -22.33
CA ALA A 93 6.90 15.36 -22.61
C ALA A 93 7.47 14.23 -23.47
N SER A 94 8.79 14.20 -23.54
CA SER A 94 9.48 13.17 -24.32
C SER A 94 10.97 13.20 -24.01
N LYS A 95 11.35 12.48 -22.96
CA LYS A 95 12.74 12.41 -22.56
C LYS A 95 13.12 13.72 -21.86
N LYS A 96 13.17 13.66 -20.54
CA LYS A 96 13.52 14.82 -19.75
C LYS A 96 13.48 14.46 -18.26
N PRO A 97 14.65 14.01 -17.75
CA PRO A 97 14.75 13.63 -16.35
C PRO A 97 14.79 14.86 -15.44
N LYS A 98 14.03 14.78 -14.36
CA LYS A 98 13.97 15.88 -13.41
C LYS A 98 14.09 15.33 -11.99
N GLY B 1 -27.38 12.41 -3.89
CA GLY B 1 -26.75 12.92 -2.68
C GLY B 1 -26.79 11.86 -1.56
N SER B 2 -26.18 12.21 -0.44
CA SER B 2 -26.15 11.31 0.71
C SER B 2 -25.60 12.04 1.93
N LYS B 3 -26.08 11.63 3.09
CA LYS B 3 -25.65 12.22 4.35
C LYS B 3 -24.25 11.71 4.70
N ASN B 4 -23.75 12.21 5.82
CA ASN B 4 -22.43 11.81 6.28
C ASN B 4 -22.25 10.30 6.06
N CYS B 5 -21.04 9.94 5.68
CA CYS B 5 -20.72 8.53 5.43
C CYS B 5 -20.19 7.93 6.73
N PRO B 6 -20.85 6.81 7.15
CA PRO B 6 -20.45 6.13 8.37
C PRO B 6 -19.16 5.33 8.15
N ASP B 7 -18.82 4.54 9.16
CA ASP B 7 -17.62 3.72 9.10
C ASP B 7 -16.40 4.63 8.97
N PRO B 8 -15.33 4.28 9.74
CA PRO B 8 -14.10 5.06 9.72
C PRO B 8 -13.30 4.78 8.44
N GLU B 9 -12.30 5.62 8.22
CA GLU B 9 -11.46 5.48 7.04
C GLU B 9 -12.23 5.87 5.79
N LEU B 10 -12.98 6.97 5.90
CA LEU B 10 -13.76 7.46 4.79
C LEU B 10 -12.87 8.31 3.89
N CYS B 11 -12.33 9.37 4.47
CA CYS B 11 -11.46 10.27 3.72
C CYS B 11 -10.43 9.43 2.97
N ARG B 12 -10.10 8.30 3.56
CA ARG B 12 -9.13 7.39 2.96
C ARG B 12 -9.81 6.54 1.87
N GLN B 13 -10.97 6.01 2.22
CA GLN B 13 -11.71 5.17 1.30
C GLN B 13 -12.15 5.99 0.08
N SER B 14 -12.02 7.30 0.22
CA SER B 14 -12.39 8.21 -0.86
C SER B 14 -11.16 8.61 -1.67
N PHE B 15 -10.10 8.97 -0.95
CA PHE B 15 -8.86 9.37 -1.58
C PHE B 15 -8.30 8.24 -2.46
N ARG B 16 -8.47 7.02 -1.97
CA ARG B 16 -7.99 5.86 -2.69
C ARG B 16 -8.21 6.04 -4.20
N ARG B 17 -7.11 6.05 -4.93
CA ARG B 17 -7.16 6.22 -6.37
C ARG B 17 -7.33 7.69 -6.72
N PHE B 18 -6.38 8.49 -6.27
CA PHE B 18 -6.40 9.93 -6.54
C PHE B 18 -6.92 10.21 -7.95
N CYS B 19 -6.61 9.28 -8.85
CA CYS B 19 -7.03 9.42 -10.24
C CYS B 19 -6.10 10.43 -10.92
N TYR B 20 -5.18 9.89 -11.71
CA TYR B 20 -4.23 10.73 -12.43
C TYR B 20 -4.95 11.88 -13.15
N GLN B 21 -6.16 11.59 -13.60
CA GLN B 21 -6.96 12.57 -14.30
C GLN B 21 -7.01 13.88 -13.50
N GLU B 22 -6.89 13.74 -12.19
CA GLU B 22 -6.93 14.90 -11.31
C GLU B 22 -5.93 15.95 -11.78
N VAL B 23 -4.68 15.74 -11.41
CA VAL B 23 -3.62 16.66 -11.78
C VAL B 23 -3.08 16.28 -13.16
N SER B 24 -2.72 17.30 -13.92
CA SER B 24 -2.19 17.08 -15.26
C SER B 24 -0.66 17.10 -15.23
N GLY B 25 -0.12 17.13 -14.01
CA GLY B 25 1.32 17.14 -13.83
C GLY B 25 1.81 15.82 -13.25
N PRO B 26 3.16 15.64 -13.27
CA PRO B 26 3.76 14.43 -12.75
C PRO B 26 3.77 14.44 -11.22
N GLN B 27 4.82 15.03 -10.66
CA GLN B 27 4.95 15.10 -9.23
C GLN B 27 3.63 15.55 -8.59
N GLU B 28 2.83 16.24 -9.40
CA GLU B 28 1.54 16.72 -8.92
C GLU B 28 0.70 15.56 -8.38
N ALA B 29 0.95 14.39 -8.93
CA ALA B 29 0.22 13.19 -8.51
C ALA B 29 0.43 12.98 -7.02
N LEU B 30 1.69 12.89 -6.63
CA LEU B 30 2.05 12.67 -5.24
C LEU B 30 1.59 13.88 -4.41
N SER B 31 1.54 15.02 -5.08
CA SER B 31 1.11 16.26 -4.43
C SER B 31 -0.25 16.04 -3.75
N GLN B 32 -1.26 15.81 -4.59
CA GLN B 32 -2.61 15.59 -4.09
C GLN B 32 -2.63 14.39 -3.14
N LEU B 33 -1.97 13.32 -3.57
CA LEU B 33 -1.92 12.11 -2.77
C LEU B 33 -1.36 12.44 -1.39
N ARG B 34 -0.08 12.81 -1.38
CA ARG B 34 0.58 13.15 -0.13
C ARG B 34 -0.37 13.90 0.80
N GLN B 35 -1.22 14.71 0.18
CA GLN B 35 -2.20 15.49 0.95
C GLN B 35 -3.21 14.56 1.61
N LEU B 36 -3.76 13.67 0.80
CA LEU B 36 -4.74 12.71 1.29
C LEU B 36 -4.04 11.63 2.10
N CYS B 37 -3.12 10.95 1.44
CA CYS B 37 -2.38 9.87 2.09
C CYS B 37 -2.00 10.34 3.50
N ARG B 38 -1.47 11.56 3.57
CA ARG B 38 -1.08 12.13 4.84
C ARG B 38 -2.29 12.30 5.75
N GLN B 39 -3.39 12.75 5.16
CA GLN B 39 -4.61 12.95 5.91
C GLN B 39 -5.28 11.61 6.21
N TRP B 40 -4.70 10.56 5.64
CA TRP B 40 -5.23 9.22 5.83
C TRP B 40 -4.73 8.70 7.19
N LEU B 41 -3.42 8.69 7.33
CA LEU B 41 -2.80 8.23 8.57
C LEU B 41 -2.62 9.41 9.52
N GLN B 42 -1.85 10.39 9.06
CA GLN B 42 -1.60 11.57 9.86
C GLN B 42 -1.45 11.19 11.34
N PRO B 43 -0.43 10.34 11.61
CA PRO B 43 -0.17 9.90 12.97
C PRO B 43 0.49 11.01 13.79
N GLU B 44 1.00 10.61 14.96
CA GLU B 44 1.66 11.55 15.84
C GLU B 44 3.10 11.11 16.10
N LEU B 45 3.33 9.82 15.95
CA LEU B 45 4.65 9.26 16.17
C LEU B 45 5.32 8.99 14.83
N HIS B 46 4.51 8.55 13.88
CA HIS B 46 5.01 8.26 12.55
C HIS B 46 6.02 7.11 12.63
N THR B 47 6.02 6.44 13.76
CA THR B 47 6.93 5.32 13.98
C THR B 47 6.66 4.21 12.96
N LYS B 48 7.43 3.14 13.09
CA LYS B 48 7.28 2.00 12.20
C LYS B 48 5.91 1.37 12.42
N GLU B 49 5.24 1.82 13.47
CA GLU B 49 3.92 1.31 13.81
C GLU B 49 2.96 1.52 12.64
N GLN B 50 2.82 2.78 12.25
CA GLN B 50 1.94 3.13 11.15
C GLN B 50 2.52 2.63 9.83
N ILE B 51 3.82 2.81 9.68
CA ILE B 51 4.51 2.40 8.47
C ILE B 51 4.22 0.92 8.21
N LEU B 52 4.70 0.09 9.13
CA LEU B 52 4.50 -1.35 9.01
C LEU B 52 3.01 -1.63 8.74
N GLU B 53 2.20 -1.28 9.71
CA GLU B 53 0.76 -1.49 9.59
C GLU B 53 0.29 -1.09 8.19
N LEU B 54 0.92 -0.06 7.65
CA LEU B 54 0.57 0.43 6.33
C LEU B 54 0.61 -0.73 5.34
N LEU B 55 1.81 -1.18 5.04
CA LEU B 55 2.01 -2.27 4.10
C LEU B 55 1.51 -3.57 4.75
N VAL B 56 1.90 -3.76 6.00
CA VAL B 56 1.51 -4.95 6.74
C VAL B 56 0.00 -5.15 6.58
N MET B 57 -0.71 -4.05 6.52
CA MET B 57 -2.17 -4.09 6.38
C MET B 57 -2.56 -4.42 4.93
N GLU B 58 -2.43 -3.42 4.07
CA GLU B 58 -2.77 -3.60 2.67
C GLU B 58 -2.30 -4.97 2.18
N GLN B 59 -1.25 -5.47 2.80
CA GLN B 59 -0.71 -6.76 2.43
C GLN B 59 -1.44 -7.88 3.19
N PHE B 60 -1.40 -7.79 4.50
CA PHE B 60 -2.06 -8.77 5.34
C PHE B 60 -3.43 -9.15 4.77
N LEU B 61 -3.97 -8.26 3.97
CA LEU B 61 -5.26 -8.48 3.35
C LEU B 61 -5.07 -9.07 1.95
N THR B 62 -4.17 -8.44 1.20
CA THR B 62 -3.87 -8.88 -0.15
C THR B 62 -3.51 -10.38 -0.15
N ILE B 63 -2.96 -10.82 0.97
CA ILE B 63 -2.57 -12.21 1.11
C ILE B 63 -3.82 -13.08 1.28
N LEU B 64 -4.82 -12.50 1.94
CA LEU B 64 -6.06 -13.20 2.18
C LEU B 64 -6.96 -13.07 0.95
N PRO B 65 -7.96 -13.98 0.86
CA PRO B 65 -8.90 -13.97 -0.25
C PRO B 65 -9.90 -12.83 -0.11
N GLU B 66 -11.01 -12.95 -0.85
CA GLU B 66 -12.05 -11.94 -0.81
C GLU B 66 -12.98 -12.18 0.37
N GLU B 67 -12.70 -13.26 1.10
CA GLU B 67 -13.51 -13.61 2.26
C GLU B 67 -13.58 -12.43 3.22
N ILE B 68 -12.41 -11.92 3.59
CA ILE B 68 -12.33 -10.80 4.50
C ILE B 68 -13.02 -9.58 3.88
N GLN B 69 -12.85 -9.46 2.58
CA GLN B 69 -13.45 -8.36 1.84
C GLN B 69 -14.97 -8.48 1.85
N ALA B 70 -15.44 -9.70 2.01
CA ALA B 70 -16.87 -9.96 2.04
C ALA B 70 -17.43 -9.58 3.42
N ARG B 71 -16.72 -10.01 4.45
CA ARG B 71 -17.13 -9.71 5.81
C ARG B 71 -16.86 -8.24 6.14
N VAL B 72 -16.00 -7.63 5.34
CA VAL B 72 -15.66 -6.24 5.53
C VAL B 72 -16.70 -5.36 4.85
N ARG B 73 -17.08 -5.78 3.64
CA ARG B 73 -18.07 -5.05 2.87
C ARG B 73 -19.44 -5.15 3.53
N HIS B 74 -19.72 -6.33 4.05
CA HIS B 74 -20.99 -6.58 4.71
C HIS B 74 -20.81 -6.50 6.23
N ARG B 75 -20.87 -5.28 6.73
CA ARG B 75 -20.71 -5.05 8.16
C ARG B 75 -20.39 -3.59 8.44
N CYS B 76 -20.14 -3.30 9.70
CA CYS B 76 -19.82 -1.94 10.11
C CYS B 76 -18.35 -1.90 10.54
N LEU B 77 -18.09 -2.47 11.71
CA LEU B 77 -16.75 -2.51 12.25
C LEU B 77 -15.97 -3.66 11.60
N MET B 78 -14.66 -3.58 11.71
CA MET B 78 -13.80 -4.60 11.13
C MET B 78 -12.32 -4.21 11.27
N SER B 79 -11.83 -4.32 12.50
CA SER B 79 -10.44 -3.99 12.78
C SER B 79 -9.53 -5.11 12.29
N SER B 80 -8.29 -4.74 11.98
CA SER B 80 -7.31 -5.70 11.50
C SER B 80 -7.44 -7.00 12.28
N LYS B 81 -7.49 -6.88 13.59
CA LYS B 81 -7.62 -8.04 14.46
C LYS B 81 -8.89 -8.81 14.09
N GLU B 82 -9.96 -8.06 13.89
CA GLU B 82 -11.23 -8.66 13.53
C GLU B 82 -11.11 -9.44 12.23
N ILE B 83 -10.31 -8.90 11.32
CA ILE B 83 -10.10 -9.53 10.03
C ILE B 83 -9.46 -10.90 10.25
N VAL B 84 -8.27 -10.90 10.82
CA VAL B 84 -7.54 -12.13 11.08
C VAL B 84 -8.43 -13.06 11.91
N THR B 85 -9.36 -12.45 12.64
CA THR B 85 -10.27 -13.21 13.47
C THR B 85 -11.29 -13.96 12.61
N LEU B 86 -11.85 -13.24 11.64
CA LEU B 86 -12.83 -13.83 10.75
C LEU B 86 -12.19 -14.98 9.98
N VAL B 87 -10.94 -14.78 9.60
CA VAL B 87 -10.21 -15.79 8.86
C VAL B 87 -9.95 -16.99 9.77
N GLU B 88 -9.59 -16.69 11.01
CA GLU B 88 -9.31 -17.73 11.99
C GLU B 88 -10.57 -18.58 12.23
N ASP B 89 -11.67 -17.88 12.47
CA ASP B 89 -12.93 -18.55 12.72
C ASP B 89 -13.24 -19.52 11.57
N PHE B 90 -13.27 -18.96 10.37
CA PHE B 90 -13.55 -19.75 9.19
C PHE B 90 -12.72 -21.03 9.19
N HIS B 91 -11.41 -20.86 9.23
CA HIS B 91 -10.50 -22.00 9.23
C HIS B 91 -11.02 -23.06 10.21
N ARG B 92 -11.02 -22.69 11.48
CA ARG B 92 -11.48 -23.59 12.53
C ARG B 92 -11.20 -23.00 13.91
N ALA B 93 -11.96 -21.97 14.23
CA ALA B 93 -11.82 -21.30 15.51
C ALA B 93 -13.14 -21.36 16.27
N SER B 94 -14.21 -21.03 15.56
CA SER B 94 -15.54 -21.03 16.13
C SER B 94 -16.58 -20.74 15.06
N LYS B 95 -16.62 -19.48 14.64
CA LYS B 95 -17.56 -19.06 13.61
C LYS B 95 -17.49 -17.55 13.46
N LYS B 96 -18.26 -17.04 12.49
CA LYS B 96 -18.29 -15.62 12.23
C LYS B 96 -19.39 -15.31 11.21
N PRO B 97 -20.62 -15.06 11.73
CA PRO B 97 -21.74 -14.76 10.87
C PRO B 97 -21.65 -13.34 10.31
N LYS B 98 -22.18 -13.17 9.10
CA LYS B 98 -22.15 -11.88 8.45
C LYS B 98 -20.74 -11.30 8.53
N GLY A 1 14.89 14.14 -5.45
CA GLY A 1 15.48 13.83 -4.16
C GLY A 1 16.63 12.84 -4.29
N SER A 2 16.29 11.56 -4.26
CA SER A 2 17.28 10.51 -4.38
C SER A 2 16.67 9.16 -4.03
N LYS A 3 16.82 8.22 -4.94
CA LYS A 3 16.29 6.89 -4.75
C LYS A 3 17.44 5.88 -4.68
N ASN A 4 17.18 4.79 -3.98
CA ASN A 4 18.19 3.74 -3.83
C ASN A 4 17.51 2.37 -3.93
N CYS A 5 17.70 1.73 -5.07
CA CYS A 5 17.12 0.42 -5.28
C CYS A 5 15.63 0.49 -4.98
N PRO A 6 14.89 1.23 -5.84
CA PRO A 6 13.46 1.39 -5.67
C PRO A 6 12.71 0.11 -6.07
N ASP A 7 11.39 0.20 -6.04
CA ASP A 7 10.55 -0.93 -6.39
C ASP A 7 9.17 -0.42 -6.81
N PRO A 8 8.72 -0.90 -8.01
CA PRO A 8 7.43 -0.50 -8.53
C PRO A 8 6.30 -1.22 -7.78
N GLU A 9 6.54 -2.48 -7.46
CA GLU A 9 5.56 -3.27 -6.74
C GLU A 9 6.22 -4.49 -6.11
N LEU A 10 7.31 -4.22 -5.40
CA LEU A 10 8.04 -5.28 -4.72
C LEU A 10 7.26 -5.74 -3.49
N CYS A 11 7.05 -4.81 -2.59
CA CYS A 11 6.32 -5.10 -1.36
C CYS A 11 4.87 -5.46 -1.74
N ARG A 12 4.32 -4.67 -2.64
CA ARG A 12 2.96 -4.88 -3.09
C ARG A 12 2.79 -6.32 -3.59
N GLN A 13 3.79 -6.79 -4.31
CA GLN A 13 3.78 -8.14 -4.85
C GLN A 13 4.07 -9.15 -3.75
N SER A 14 4.93 -8.75 -2.82
CA SER A 14 5.30 -9.60 -1.71
C SER A 14 4.04 -10.11 -0.99
N PHE A 15 3.12 -9.19 -0.76
CA PHE A 15 1.88 -9.52 -0.08
C PHE A 15 0.89 -10.17 -1.06
N ARG A 16 0.58 -9.45 -2.12
CA ARG A 16 -0.34 -9.94 -3.13
C ARG A 16 0.08 -11.35 -3.59
N ARG A 17 1.34 -11.67 -3.33
CA ARG A 17 1.87 -12.97 -3.71
C ARG A 17 1.83 -13.93 -2.52
N PHE A 18 1.32 -13.42 -1.41
CA PHE A 18 1.21 -14.22 -0.20
C PHE A 18 -0.03 -15.10 -0.23
N CYS A 19 -1.19 -14.44 -0.21
CA CYS A 19 -2.45 -15.15 -0.24
C CYS A 19 -2.53 -16.04 1.00
N TYR A 20 -3.65 -15.94 1.70
CA TYR A 20 -3.86 -16.73 2.90
C TYR A 20 -3.52 -18.19 2.65
N GLN A 21 -3.78 -18.63 1.43
CA GLN A 21 -3.50 -20.01 1.05
C GLN A 21 -2.14 -20.45 1.60
N GLU A 22 -1.21 -19.50 1.61
CA GLU A 22 0.13 -19.77 2.10
C GLU A 22 0.10 -20.07 3.60
N VAL A 23 0.08 -19.00 4.38
CA VAL A 23 0.05 -19.13 5.82
C VAL A 23 -1.05 -20.13 6.22
N SER A 24 -0.69 -21.03 7.12
CA SER A 24 -1.62 -22.04 7.59
C SER A 24 -2.28 -21.58 8.89
N GLY A 25 -1.68 -20.56 9.50
CA GLY A 25 -2.20 -20.02 10.73
C GLY A 25 -3.04 -18.77 10.48
N PRO A 26 -3.66 -18.26 11.58
CA PRO A 26 -4.49 -17.07 11.49
C PRO A 26 -3.64 -15.81 11.34
N GLN A 27 -3.23 -15.27 12.47
CA GLN A 27 -2.40 -14.07 12.48
C GLN A 27 -1.07 -14.33 11.77
N GLU A 28 -0.82 -15.61 11.54
CA GLU A 28 0.42 -16.01 10.88
C GLU A 28 0.62 -15.21 9.59
N ALA A 29 -0.50 -14.92 8.94
CA ALA A 29 -0.47 -14.16 7.70
C ALA A 29 0.30 -12.86 7.92
N LEU A 30 -0.23 -12.04 8.81
CA LEU A 30 0.39 -10.76 9.13
C LEU A 30 1.85 -11.00 9.54
N SER A 31 2.09 -12.18 10.09
CA SER A 31 3.42 -12.54 10.53
C SER A 31 4.43 -12.32 9.39
N GLN A 32 4.22 -13.07 8.32
CA GLN A 32 5.10 -12.97 7.16
C GLN A 32 4.97 -11.59 6.51
N LEU A 33 3.72 -11.22 6.25
CA LEU A 33 3.43 -9.93 5.63
C LEU A 33 4.07 -8.82 6.47
N ARG A 34 3.66 -8.75 7.72
CA ARG A 34 4.19 -7.74 8.63
C ARG A 34 5.70 -7.60 8.45
N GLN A 35 6.35 -8.74 8.28
CA GLN A 35 7.79 -8.76 8.10
C GLN A 35 8.18 -7.91 6.89
N LEU A 36 7.39 -8.04 5.83
CA LEU A 36 7.64 -7.29 4.62
C LEU A 36 7.25 -5.83 4.82
N CYS A 37 6.26 -5.63 5.68
CA CYS A 37 5.79 -4.29 5.98
C CYS A 37 6.91 -3.53 6.69
N ARG A 38 7.30 -4.05 7.85
CA ARG A 38 8.35 -3.42 8.62
C ARG A 38 9.60 -3.22 7.75
N GLN A 39 9.82 -4.16 6.86
CA GLN A 39 10.97 -4.10 5.97
C GLN A 39 10.68 -3.14 4.80
N TRP A 40 9.40 -2.89 4.60
CA TRP A 40 8.97 -2.00 3.53
C TRP A 40 9.39 -0.59 3.89
N LEU A 41 8.95 -0.15 5.06
CA LEU A 41 9.28 1.18 5.54
C LEU A 41 10.58 1.13 6.34
N GLN A 42 10.58 0.27 7.35
CA GLN A 42 11.75 0.11 8.19
C GLN A 42 12.40 1.47 8.47
N PRO A 43 11.60 2.37 9.10
CA PRO A 43 12.09 3.70 9.42
C PRO A 43 13.05 3.67 10.61
N GLU A 44 14.18 4.33 10.43
CA GLU A 44 15.19 4.38 11.47
C GLU A 44 15.24 5.77 12.09
N LEU A 45 14.44 6.67 11.53
CA LEU A 45 14.39 8.04 12.02
C LEU A 45 13.41 8.84 11.16
N HIS A 46 13.41 8.53 9.87
CA HIS A 46 12.52 9.21 8.94
C HIS A 46 11.11 9.26 9.52
N THR A 47 10.69 10.48 9.86
CA THR A 47 9.37 10.68 10.43
C THR A 47 8.29 10.23 9.43
N LYS A 48 7.11 10.78 9.61
CA LYS A 48 5.98 10.44 8.74
C LYS A 48 6.27 10.94 7.33
N GLU A 49 7.39 11.66 7.20
CA GLU A 49 7.79 12.20 5.92
C GLU A 49 8.03 11.07 4.92
N GLN A 50 8.94 10.18 5.29
CA GLN A 50 9.28 9.05 4.44
C GLN A 50 8.08 8.12 4.29
N ILE A 51 7.35 7.96 5.40
CA ILE A 51 6.18 7.11 5.40
C ILE A 51 5.18 7.62 4.38
N LEU A 52 4.91 8.92 4.45
CA LEU A 52 3.96 9.54 3.55
C LEU A 52 4.42 9.32 2.11
N GLU A 53 5.73 9.48 1.91
CA GLU A 53 6.31 9.30 0.58
C GLU A 53 6.40 7.81 0.25
N LEU A 54 6.22 6.99 1.26
CA LEU A 54 6.27 5.55 1.08
C LEU A 54 4.99 5.08 0.37
N LEU A 55 3.86 5.41 0.98
CA LEU A 55 2.58 5.03 0.43
C LEU A 55 2.34 5.80 -0.88
N VAL A 56 2.89 7.01 -0.92
CA VAL A 56 2.75 7.85 -2.10
C VAL A 56 3.54 7.23 -3.26
N MET A 57 4.72 6.73 -2.92
CA MET A 57 5.58 6.12 -3.92
C MET A 57 4.96 4.82 -4.46
N GLU A 58 4.92 3.82 -3.59
CA GLU A 58 4.36 2.53 -3.96
C GLU A 58 3.07 2.73 -4.76
N GLN A 59 2.28 3.69 -4.31
CA GLN A 59 1.02 3.99 -4.97
C GLN A 59 1.27 4.73 -6.29
N PHE A 60 2.05 5.79 -6.20
CA PHE A 60 2.36 6.58 -7.38
C PHE A 60 2.71 5.68 -8.57
N LEU A 61 3.38 4.57 -8.25
CA LEU A 61 3.78 3.63 -9.28
C LEU A 61 2.55 2.83 -9.73
N THR A 62 1.77 2.41 -8.76
CA THR A 62 0.56 1.65 -9.05
C THR A 62 -0.33 2.40 -10.04
N ILE A 63 -0.20 3.72 -10.03
CA ILE A 63 -0.98 4.55 -10.93
C ILE A 63 -0.23 4.71 -12.25
N LEU A 64 1.09 4.88 -12.13
CA LEU A 64 1.92 5.04 -13.31
C LEU A 64 1.89 3.76 -14.14
N PRO A 65 1.95 3.95 -15.48
CA PRO A 65 1.92 2.82 -16.40
C PRO A 65 3.26 2.08 -16.41
N GLU A 66 3.48 1.32 -17.46
CA GLU A 66 4.71 0.56 -17.60
C GLU A 66 5.90 1.50 -17.74
N GLU A 67 5.59 2.79 -17.88
CA GLU A 67 6.61 3.81 -18.02
C GLU A 67 7.72 3.59 -16.97
N ILE A 68 7.29 3.47 -15.73
CA ILE A 68 8.21 3.27 -14.63
C ILE A 68 8.89 1.90 -14.78
N GLN A 69 8.17 1.00 -15.43
CA GLN A 69 8.69 -0.35 -15.66
C GLN A 69 9.76 -0.32 -16.75
N ALA A 70 9.71 0.72 -17.57
CA ALA A 70 10.67 0.87 -18.65
C ALA A 70 11.93 1.53 -18.12
N ARG A 71 11.74 2.52 -17.26
CA ARG A 71 12.85 3.24 -16.68
C ARG A 71 13.62 2.33 -15.71
N VAL A 72 12.89 1.40 -15.11
CA VAL A 72 13.49 0.48 -14.16
C VAL A 72 14.19 -0.64 -14.92
N ARG A 73 13.47 -1.19 -15.90
CA ARG A 73 14.02 -2.27 -16.71
C ARG A 73 15.26 -1.80 -17.45
N HIS A 74 15.19 -0.57 -17.95
CA HIS A 74 16.30 0.01 -18.67
C HIS A 74 17.47 0.27 -17.71
N ARG A 75 17.39 1.39 -17.02
CA ARG A 75 18.42 1.76 -16.07
C ARG A 75 17.93 1.56 -14.63
N CYS A 76 18.74 1.99 -13.69
CA CYS A 76 18.41 1.87 -12.29
C CYS A 76 18.06 3.27 -11.75
N LEU A 77 19.06 4.14 -11.79
CA LEU A 77 18.88 5.51 -11.32
C LEU A 77 17.61 6.09 -11.93
N MET A 78 16.99 6.99 -11.18
CA MET A 78 15.77 7.63 -11.64
C MET A 78 14.90 8.08 -10.45
N SER A 79 15.13 9.30 -10.04
CA SER A 79 14.39 9.86 -8.91
C SER A 79 12.90 9.94 -9.27
N SER A 80 12.07 9.80 -8.25
CA SER A 80 10.63 9.85 -8.43
C SER A 80 10.27 10.95 -9.44
N LYS A 81 10.67 12.17 -9.09
CA LYS A 81 10.40 13.31 -9.95
C LYS A 81 10.71 12.94 -11.40
N GLU A 82 11.75 12.13 -11.56
CA GLU A 82 12.16 11.69 -12.89
C GLU A 82 11.12 10.72 -13.47
N ILE A 83 10.63 9.86 -12.60
CA ILE A 83 9.64 8.88 -13.00
C ILE A 83 8.44 9.59 -13.63
N VAL A 84 7.81 10.45 -12.83
CA VAL A 84 6.66 11.20 -13.29
C VAL A 84 7.02 11.97 -14.56
N THR A 85 8.27 12.42 -14.59
CA THR A 85 8.76 13.17 -15.73
C THR A 85 8.68 12.32 -17.01
N LEU A 86 9.13 11.09 -16.89
CA LEU A 86 9.11 10.17 -18.01
C LEU A 86 7.66 9.91 -18.43
N VAL A 87 6.79 9.89 -17.44
CA VAL A 87 5.37 9.66 -17.68
C VAL A 87 4.78 10.87 -18.43
N GLU A 88 5.22 12.05 -18.00
CA GLU A 88 4.75 13.28 -18.61
C GLU A 88 5.22 13.37 -20.06
N ASP A 89 6.39 12.82 -20.31
CA ASP A 89 6.97 12.82 -21.65
C ASP A 89 6.18 11.87 -22.54
N PHE A 90 5.84 10.73 -21.96
CA PHE A 90 5.08 9.72 -22.69
C PHE A 90 3.64 10.18 -22.95
N HIS A 91 3.17 11.05 -22.05
CA HIS A 91 1.83 11.57 -22.16
C HIS A 91 1.80 12.74 -23.14
N ARG A 92 2.83 13.57 -23.05
CA ARG A 92 2.95 14.73 -23.92
C ARG A 92 4.20 15.53 -23.57
N ALA A 93 5.34 14.95 -23.89
CA ALA A 93 6.61 15.61 -23.60
C ALA A 93 6.65 16.97 -24.29
N SER A 94 7.50 17.85 -23.78
CA SER A 94 7.63 19.18 -24.33
C SER A 94 8.57 20.02 -23.47
N LYS A 95 9.79 19.50 -23.32
CA LYS A 95 10.80 20.19 -22.53
C LYS A 95 12.12 19.41 -22.62
N LYS A 96 12.18 18.33 -21.85
CA LYS A 96 13.37 17.50 -21.83
C LYS A 96 12.98 16.07 -21.44
N PRO A 97 13.10 15.15 -22.43
CA PRO A 97 12.77 13.76 -22.21
C PRO A 97 13.86 13.06 -21.39
N LYS A 98 13.45 12.53 -20.23
CA LYS A 98 14.37 11.84 -19.36
C LYS A 98 13.94 10.38 -19.22
N GLY B 1 -28.02 0.82 -3.84
CA GLY B 1 -27.36 2.11 -3.79
C GLY B 1 -27.32 2.66 -2.36
N SER B 2 -26.83 3.88 -2.25
CA SER B 2 -26.73 4.53 -0.95
C SER B 2 -25.77 3.75 -0.05
N LYS B 3 -24.63 4.36 0.21
CA LYS B 3 -23.61 3.75 1.05
C LYS B 3 -22.55 4.78 1.41
N ASN B 4 -22.43 5.05 2.70
CA ASN B 4 -21.45 6.02 3.18
C ASN B 4 -21.43 5.98 4.71
N CYS B 5 -20.21 5.88 5.24
CA CYS B 5 -20.03 5.83 6.68
C CYS B 5 -18.53 5.77 6.97
N PRO B 6 -18.18 5.95 8.28
CA PRO B 6 -16.80 5.92 8.69
C PRO B 6 -16.26 4.48 8.70
N ASP B 7 -14.97 4.38 9.00
CA ASP B 7 -14.32 3.08 9.04
C ASP B 7 -12.95 3.21 9.71
N PRO B 8 -12.30 2.04 9.93
CA PRO B 8 -10.98 2.03 10.56
C PRO B 8 -9.90 2.49 9.58
N GLU B 9 -10.27 2.49 8.31
CA GLU B 9 -9.34 2.91 7.27
C GLU B 9 -10.05 2.95 5.91
N LEU B 10 -11.03 3.82 5.82
CA LEU B 10 -11.79 3.97 4.59
C LEU B 10 -10.99 4.80 3.59
N CYS B 11 -10.51 5.94 4.06
CA CYS B 11 -9.72 6.83 3.24
C CYS B 11 -8.59 6.02 2.60
N ARG B 12 -8.19 4.97 3.31
CA ARG B 12 -7.13 4.11 2.83
C ARG B 12 -7.66 3.13 1.78
N GLN B 13 -8.72 2.43 2.15
CA GLN B 13 -9.33 1.46 1.25
C GLN B 13 -9.90 2.18 0.02
N SER B 14 -9.94 3.50 0.11
CA SER B 14 -10.46 4.30 -0.99
C SER B 14 -9.32 4.72 -1.91
N PHE B 15 -8.36 5.42 -1.32
CA PHE B 15 -7.21 5.90 -2.07
C PHE B 15 -6.51 4.75 -2.79
N ARG B 16 -6.59 3.58 -2.17
CA ARG B 16 -5.97 2.39 -2.74
C ARG B 16 -6.17 2.36 -4.25
N ARG B 17 -5.12 2.71 -4.97
CA ARG B 17 -5.16 2.72 -6.42
C ARG B 17 -5.78 4.03 -6.92
N PHE B 18 -5.14 5.14 -6.56
CA PHE B 18 -5.61 6.45 -6.95
C PHE B 18 -5.89 6.50 -8.46
N CYS B 19 -5.11 5.72 -9.20
CA CYS B 19 -5.25 5.67 -10.64
C CYS B 19 -5.00 7.07 -11.19
N TYR B 20 -4.06 7.13 -12.14
CA TYR B 20 -3.72 8.40 -12.76
C TYR B 20 -4.96 9.08 -13.33
N GLN B 21 -5.92 8.26 -13.73
CA GLN B 21 -7.15 8.77 -14.30
C GLN B 21 -7.59 10.05 -13.57
N GLU B 22 -7.30 10.08 -12.27
CA GLU B 22 -7.65 11.22 -11.46
C GLU B 22 -6.96 12.48 -11.99
N VAL B 23 -5.67 12.56 -11.73
CA VAL B 23 -4.88 13.70 -12.18
C VAL B 23 -4.10 13.32 -13.43
N SER B 24 -4.18 14.18 -14.43
CA SER B 24 -3.49 13.95 -15.68
C SER B 24 -2.12 14.65 -15.66
N GLY B 25 -1.80 15.21 -14.50
CA GLY B 25 -0.53 15.90 -14.33
C GLY B 25 0.56 14.94 -13.84
N PRO B 26 1.81 15.47 -13.82
CA PRO B 26 2.95 14.68 -13.38
C PRO B 26 2.95 14.52 -11.86
N GLN B 27 3.50 15.52 -11.19
CA GLN B 27 3.57 15.50 -9.75
C GLN B 27 2.16 15.51 -9.14
N GLU B 28 1.18 15.75 -10.01
CA GLU B 28 -0.20 15.79 -9.58
C GLU B 28 -0.61 14.45 -8.96
N ALA B 29 0.03 13.40 -9.45
CA ALA B 29 -0.25 12.05 -8.96
C ALA B 29 0.07 11.99 -7.46
N LEU B 30 1.34 12.22 -7.15
CA LEU B 30 1.78 12.18 -5.77
C LEU B 30 1.00 13.22 -4.96
N SER B 31 0.55 14.25 -5.66
CA SER B 31 -0.21 15.31 -5.02
C SER B 31 -1.43 14.73 -4.31
N GLN B 32 -2.27 14.08 -5.10
CA GLN B 32 -3.48 13.47 -4.55
C GLN B 32 -3.12 12.42 -3.50
N LEU B 33 -2.13 11.61 -3.83
CA LEU B 33 -1.68 10.56 -2.93
C LEU B 33 -1.20 11.21 -1.62
N ARG B 34 -0.11 11.94 -1.73
CA ARG B 34 0.47 12.61 -0.56
C ARG B 34 -0.64 13.05 0.39
N GLN B 35 -1.72 13.55 -0.20
CA GLN B 35 -2.85 14.01 0.59
C GLN B 35 -3.54 12.82 1.28
N LEU B 36 -3.78 11.78 0.50
CA LEU B 36 -4.43 10.60 1.01
C LEU B 36 -3.45 9.85 1.92
N CYS B 37 -2.31 9.49 1.33
CA CYS B 37 -1.29 8.77 2.07
C CYS B 37 -1.19 9.37 3.47
N ARG B 38 -1.14 10.69 3.51
CA ARG B 38 -1.05 11.39 4.78
C ARG B 38 -2.29 11.11 5.64
N GLN B 39 -3.45 11.26 5.02
CA GLN B 39 -4.70 11.01 5.71
C GLN B 39 -4.92 9.51 5.89
N TRP B 40 -3.99 8.74 5.37
CA TRP B 40 -4.08 7.30 5.47
C TRP B 40 -3.50 6.87 6.82
N LEU B 41 -2.28 7.32 7.08
CA LEU B 41 -1.61 7.01 8.32
C LEU B 41 -1.87 8.13 9.33
N GLN B 42 -1.39 9.31 8.99
CA GLN B 42 -1.56 10.47 9.84
C GLN B 42 -1.67 10.03 11.31
N PRO B 43 -0.48 9.75 11.91
CA PRO B 43 -0.43 9.33 13.30
C PRO B 43 -0.67 10.50 14.25
N GLU B 44 -1.13 10.17 15.44
CA GLU B 44 -1.41 11.18 16.44
C GLU B 44 -0.38 11.12 17.57
N LEU B 45 0.48 10.11 17.48
CA LEU B 45 1.52 9.92 18.48
C LEU B 45 2.25 8.61 18.20
N HIS B 46 1.49 7.62 17.78
CA HIS B 46 2.06 6.32 17.47
C HIS B 46 3.13 6.46 16.39
N THR B 47 4.33 6.03 16.74
CA THR B 47 5.46 6.10 15.83
C THR B 47 5.15 5.31 14.55
N LYS B 48 6.21 4.94 13.85
CA LYS B 48 6.08 4.18 12.63
C LYS B 48 5.28 2.91 12.90
N GLU B 49 5.18 2.58 14.18
CA GLU B 49 4.45 1.39 14.59
C GLU B 49 3.07 1.35 13.95
N GLN B 50 2.39 2.49 14.03
CA GLN B 50 1.06 2.61 13.46
C GLN B 50 1.12 2.37 11.94
N ILE B 51 2.23 2.79 11.35
CA ILE B 51 2.41 2.62 9.91
C ILE B 51 2.71 1.16 9.61
N LEU B 52 3.69 0.62 10.33
CA LEU B 52 4.08 -0.77 10.14
C LEU B 52 2.83 -1.65 10.13
N GLU B 53 1.89 -1.31 11.00
CA GLU B 53 0.65 -2.05 11.10
C GLU B 53 -0.30 -1.67 9.96
N LEU B 54 -0.14 -0.44 9.49
CA LEU B 54 -0.97 0.06 8.40
C LEU B 54 -0.84 -0.89 7.21
N LEU B 55 0.40 -1.16 6.83
CA LEU B 55 0.66 -2.05 5.71
C LEU B 55 0.25 -3.48 6.08
N VAL B 56 0.73 -3.92 7.24
CA VAL B 56 0.41 -5.25 7.71
C VAL B 56 -1.05 -5.56 7.44
N MET B 57 -1.89 -4.57 7.71
CA MET B 57 -3.32 -4.72 7.50
C MET B 57 -3.66 -4.71 6.00
N GLU B 58 -3.59 -3.53 5.42
CA GLU B 58 -3.89 -3.38 4.00
C GLU B 58 -3.45 -4.62 3.24
N GLN B 59 -2.25 -5.09 3.56
CA GLN B 59 -1.71 -6.27 2.91
C GLN B 59 -2.41 -7.52 3.42
N PHE B 60 -2.26 -7.77 4.70
CA PHE B 60 -2.88 -8.94 5.31
C PHE B 60 -4.27 -9.19 4.74
N LEU B 61 -4.98 -8.10 4.47
CA LEU B 61 -6.31 -8.19 3.92
C LEU B 61 -6.23 -8.66 2.47
N THR B 62 -5.30 -8.05 1.74
CA THR B 62 -5.11 -8.39 0.34
C THR B 62 -4.98 -9.91 0.17
N ILE B 63 -4.52 -10.55 1.23
CA ILE B 63 -4.34 -12.00 1.23
C ILE B 63 -5.61 -12.66 1.77
N LEU B 64 -6.22 -12.00 2.73
CA LEU B 64 -7.44 -12.52 3.35
C LEU B 64 -8.50 -12.70 2.26
N PRO B 65 -9.54 -13.53 2.60
CA PRO B 65 -10.62 -13.78 1.67
C PRO B 65 -11.56 -12.58 1.59
N GLU B 66 -12.78 -12.85 1.14
CA GLU B 66 -13.78 -11.82 1.01
C GLU B 66 -14.56 -11.65 2.33
N GLU B 67 -14.67 -12.76 3.04
CA GLU B 67 -15.38 -12.75 4.31
C GLU B 67 -14.97 -11.53 5.15
N ILE B 68 -13.67 -11.26 5.14
CA ILE B 68 -13.14 -10.14 5.89
C ILE B 68 -13.68 -8.84 5.31
N GLN B 69 -13.69 -8.78 3.98
CA GLN B 69 -14.18 -7.60 3.30
C GLN B 69 -15.62 -7.29 3.72
N ALA B 70 -16.38 -8.36 3.93
CA ALA B 70 -17.77 -8.22 4.34
C ALA B 70 -17.82 -7.67 5.77
N ARG B 71 -16.90 -8.15 6.59
CA ARG B 71 -16.83 -7.72 7.98
C ARG B 71 -16.37 -6.26 8.05
N VAL B 72 -15.21 -6.01 7.48
CA VAL B 72 -14.66 -4.67 7.48
C VAL B 72 -15.71 -3.68 6.95
N ARG B 73 -16.50 -4.18 6.00
CA ARG B 73 -17.54 -3.35 5.41
C ARG B 73 -18.62 -3.04 6.44
N HIS B 74 -19.04 -4.07 7.16
CA HIS B 74 -20.06 -3.91 8.18
C HIS B 74 -19.53 -4.40 9.52
N ARG B 75 -19.31 -3.46 10.43
CA ARG B 75 -18.81 -3.79 11.75
C ARG B 75 -18.10 -2.57 12.35
N CYS B 76 -17.41 -2.83 13.47
CA CYS B 76 -16.69 -1.76 14.15
C CYS B 76 -15.22 -2.18 14.26
N LEU B 77 -14.75 -2.86 13.23
CA LEU B 77 -13.37 -3.32 13.21
C LEU B 77 -12.45 -2.16 13.56
N MET B 78 -11.22 -2.51 13.90
CA MET B 78 -10.22 -1.51 14.26
C MET B 78 -8.83 -2.15 14.42
N SER B 79 -8.84 -3.36 14.92
CA SER B 79 -7.59 -4.09 15.13
C SER B 79 -7.51 -5.27 14.16
N SER B 80 -6.31 -5.49 13.64
CA SER B 80 -6.09 -6.58 12.71
C SER B 80 -6.33 -7.92 13.40
N LYS B 81 -6.21 -7.90 14.72
CA LYS B 81 -6.42 -9.10 15.50
C LYS B 81 -7.87 -9.54 15.38
N GLU B 82 -8.73 -8.57 15.16
CA GLU B 82 -10.16 -8.84 15.01
C GLU B 82 -10.43 -9.57 13.69
N ILE B 83 -9.93 -8.99 12.62
CA ILE B 83 -10.10 -9.57 11.31
C ILE B 83 -9.59 -11.02 11.31
N VAL B 84 -8.39 -11.18 11.84
CA VAL B 84 -7.79 -12.50 11.92
C VAL B 84 -8.72 -13.44 12.68
N THR B 85 -9.18 -12.96 13.84
CA THR B 85 -10.08 -13.76 14.66
C THR B 85 -11.28 -14.23 13.85
N LEU B 86 -11.82 -13.31 13.06
CA LEU B 86 -12.96 -13.61 12.23
C LEU B 86 -12.64 -14.81 11.33
N VAL B 87 -11.49 -14.72 10.68
CA VAL B 87 -11.05 -15.78 9.79
C VAL B 87 -10.91 -17.08 10.60
N GLU B 88 -10.34 -16.94 11.78
CA GLU B 88 -10.13 -18.09 12.65
C GLU B 88 -11.48 -18.70 13.05
N ASP B 89 -12.46 -17.83 13.25
CA ASP B 89 -13.80 -18.28 13.61
C ASP B 89 -14.38 -19.12 12.48
N PHE B 90 -14.08 -18.70 11.26
CA PHE B 90 -14.58 -19.41 10.09
C PHE B 90 -13.97 -20.81 10.00
N HIS B 91 -12.67 -20.87 10.23
CA HIS B 91 -11.95 -22.13 10.18
C HIS B 91 -12.57 -23.11 11.18
N ARG B 92 -12.68 -22.65 12.42
CA ARG B 92 -13.25 -23.47 13.47
C ARG B 92 -13.13 -22.76 14.82
N ALA B 93 -13.86 -21.67 14.96
CA ALA B 93 -13.84 -20.89 16.19
C ALA B 93 -15.10 -20.03 16.27
N SER B 94 -15.33 -19.49 17.45
CA SER B 94 -16.49 -18.65 17.68
C SER B 94 -16.17 -17.59 18.73
N LYS B 95 -15.43 -16.57 18.30
CA LYS B 95 -15.06 -15.48 19.18
C LYS B 95 -14.93 -14.19 18.38
N LYS B 96 -15.40 -13.11 18.99
CA LYS B 96 -15.35 -11.81 18.34
C LYS B 96 -15.87 -10.74 19.30
N PRO B 97 -14.92 -10.18 20.09
CA PRO B 97 -15.27 -9.14 21.07
C PRO B 97 -15.55 -7.81 20.37
N LYS B 98 -16.58 -7.13 20.84
CA LYS B 98 -16.96 -5.85 20.28
C LYS B 98 -15.73 -4.96 20.18
N GLY A 1 21.79 9.68 -17.63
CA GLY A 1 21.85 8.44 -18.39
C GLY A 1 22.78 7.44 -17.72
N SER A 2 22.39 7.03 -16.52
CA SER A 2 23.18 6.06 -15.76
C SER A 2 22.49 5.78 -14.42
N LYS A 3 21.87 4.62 -14.34
CA LYS A 3 21.18 4.22 -13.12
C LYS A 3 21.19 2.69 -13.02
N ASN A 4 21.44 2.21 -11.80
CA ASN A 4 21.48 0.79 -11.55
C ASN A 4 21.72 0.53 -10.07
N CYS A 5 20.65 0.19 -9.36
CA CYS A 5 20.74 -0.08 -7.94
C CYS A 5 19.41 -0.69 -7.49
N PRO A 6 19.41 -1.21 -6.24
CA PRO A 6 18.23 -1.82 -5.67
C PRO A 6 17.21 -0.76 -5.25
N ASP A 7 16.08 -1.23 -4.74
CA ASP A 7 15.02 -0.34 -4.30
C ASP A 7 13.84 -1.16 -3.79
N PRO A 8 13.03 -0.53 -2.91
CA PRO A 8 11.87 -1.19 -2.36
C PRO A 8 10.73 -1.27 -3.38
N GLU A 9 10.69 -2.40 -4.07
CA GLU A 9 9.66 -2.62 -5.08
C GLU A 9 9.36 -4.12 -5.22
N LEU A 10 10.43 -4.90 -5.30
CA LEU A 10 10.30 -6.34 -5.45
C LEU A 10 9.82 -6.93 -4.12
N CYS A 11 10.50 -6.54 -3.05
CA CYS A 11 10.17 -7.01 -1.72
C CYS A 11 8.78 -6.46 -1.35
N ARG A 12 8.44 -5.34 -1.99
CA ARG A 12 7.16 -4.71 -1.73
C ARG A 12 6.02 -5.57 -2.26
N GLN A 13 6.07 -5.84 -3.56
CA GLN A 13 5.05 -6.66 -4.20
C GLN A 13 5.11 -8.09 -3.67
N SER A 14 6.31 -8.52 -3.33
CA SER A 14 6.51 -9.86 -2.81
C SER A 14 5.74 -10.03 -1.49
N PHE A 15 6.20 -9.33 -0.48
CA PHE A 15 5.58 -9.40 0.83
C PHE A 15 4.12 -8.92 0.76
N ARG A 16 3.85 -8.09 -0.25
CA ARG A 16 2.52 -7.55 -0.43
C ARG A 16 1.50 -8.68 -0.57
N ARG A 17 1.80 -9.58 -1.50
CA ARG A 17 0.93 -10.72 -1.76
C ARG A 17 1.66 -12.02 -1.46
N PHE A 18 2.26 -12.09 -0.28
CA PHE A 18 2.99 -13.27 0.13
C PHE A 18 2.47 -13.81 1.46
N CYS A 19 1.80 -12.93 2.19
CA CYS A 19 1.25 -13.30 3.49
C CYS A 19 0.69 -14.72 3.38
N TYR A 20 -0.45 -14.82 2.70
CA TYR A 20 -1.10 -16.11 2.51
C TYR A 20 -0.29 -17.00 1.58
N GLN A 21 0.71 -17.64 2.15
CA GLN A 21 1.57 -18.53 1.39
C GLN A 21 2.68 -19.09 2.28
N GLU A 22 3.10 -18.27 3.25
CA GLU A 22 4.15 -18.67 4.16
C GLU A 22 3.55 -19.09 5.51
N VAL A 23 2.71 -18.21 6.04
CA VAL A 23 2.06 -18.47 7.32
C VAL A 23 0.81 -19.32 7.09
N SER A 24 0.65 -20.33 7.92
CA SER A 24 -0.49 -21.22 7.82
C SER A 24 -1.47 -20.94 8.96
N GLY A 25 -1.37 -19.74 9.51
CA GLY A 25 -2.24 -19.33 10.61
C GLY A 25 -2.86 -17.96 10.34
N PRO A 26 -3.77 -17.55 11.25
CA PRO A 26 -4.43 -16.26 11.12
C PRO A 26 -3.50 -15.13 11.50
N GLN A 27 -3.37 -14.91 12.80
CA GLN A 27 -2.51 -13.85 13.31
C GLN A 27 -1.12 -13.97 12.69
N GLU A 28 -0.83 -15.14 12.14
CA GLU A 28 0.45 -15.39 11.52
C GLU A 28 0.58 -14.57 10.23
N ALA A 29 -0.55 -14.10 9.75
CA ALA A 29 -0.58 -13.31 8.53
C ALA A 29 0.15 -11.99 8.77
N LEU A 30 -0.48 -11.13 9.56
CA LEU A 30 0.10 -9.84 9.87
C LEU A 30 1.44 -10.03 10.57
N SER A 31 1.59 -11.22 11.15
CA SER A 31 2.82 -11.55 11.86
C SER A 31 4.01 -11.48 10.90
N GLN A 32 3.93 -12.26 9.84
CA GLN A 32 4.99 -12.29 8.85
C GLN A 32 5.17 -10.90 8.22
N LEU A 33 4.04 -10.27 7.93
CA LEU A 33 4.06 -8.95 7.33
C LEU A 33 4.53 -7.93 8.36
N ARG A 34 4.32 -8.27 9.63
CA ARG A 34 4.71 -7.40 10.72
C ARG A 34 6.23 -7.21 10.73
N GLN A 35 6.92 -8.33 10.53
CA GLN A 35 8.38 -8.30 10.52
C GLN A 35 8.89 -7.70 9.20
N LEU A 36 8.28 -8.16 8.12
CA LEU A 36 8.67 -7.68 6.79
C LEU A 36 8.43 -6.17 6.72
N CYS A 37 7.30 -5.75 7.26
CA CYS A 37 6.95 -4.33 7.26
C CYS A 37 7.99 -3.59 8.10
N ARG A 38 8.12 -4.02 9.34
CA ARG A 38 9.06 -3.39 10.25
C ARG A 38 10.39 -3.14 9.54
N GLN A 39 10.79 -4.10 8.73
CA GLN A 39 12.04 -4.00 7.99
C GLN A 39 11.80 -3.26 6.67
N TRP A 40 10.53 -3.18 6.29
CA TRP A 40 10.17 -2.50 5.06
C TRP A 40 10.57 -1.03 5.19
N LEU A 41 10.08 -0.42 6.26
CA LEU A 41 10.38 0.99 6.51
C LEU A 41 11.54 1.10 7.49
N GLN A 42 11.41 0.36 8.59
CA GLN A 42 12.45 0.36 9.61
C GLN A 42 13.11 1.74 9.69
N PRO A 43 12.45 2.65 10.45
CA PRO A 43 12.97 4.00 10.62
C PRO A 43 14.15 4.02 11.58
N GLU A 44 15.34 4.09 11.00
CA GLU A 44 16.55 4.13 11.79
C GLU A 44 17.25 5.48 11.66
N LEU A 45 16.62 6.36 10.89
CA LEU A 45 17.16 7.69 10.68
C LEU A 45 16.12 8.54 9.94
N HIS A 46 15.45 7.91 8.99
CA HIS A 46 14.44 8.61 8.20
C HIS A 46 13.11 8.58 8.96
N THR A 47 12.66 9.77 9.32
CA THR A 47 11.41 9.91 10.05
C THR A 47 10.24 9.35 9.22
N LYS A 48 9.04 9.80 9.56
CA LYS A 48 7.85 9.36 8.85
C LYS A 48 7.89 9.88 7.41
N GLU A 49 8.91 10.68 7.13
CA GLU A 49 9.08 11.24 5.81
C GLU A 49 9.23 10.12 4.77
N GLN A 50 10.10 9.18 5.09
CA GLN A 50 10.34 8.06 4.19
C GLN A 50 9.06 7.24 4.01
N ILE A 51 8.38 7.01 5.13
CA ILE A 51 7.14 6.25 5.10
C ILE A 51 6.10 6.98 4.25
N LEU A 52 5.99 8.27 4.51
CA LEU A 52 5.05 9.10 3.77
C LEU A 52 5.24 8.88 2.28
N GLU A 53 6.50 8.88 1.86
CA GLU A 53 6.83 8.69 0.46
C GLU A 53 6.58 7.23 0.06
N LEU A 54 6.48 6.38 1.07
CA LEU A 54 6.25 4.96 0.83
C LEU A 54 4.87 4.78 0.18
N LEU A 55 3.85 5.20 0.92
CA LEU A 55 2.49 5.08 0.42
C LEU A 55 2.33 5.96 -0.82
N VAL A 56 2.87 7.17 -0.73
CA VAL A 56 2.79 8.10 -1.84
C VAL A 56 3.31 7.42 -3.11
N MET A 57 4.37 6.65 -2.95
CA MET A 57 4.97 5.95 -4.06
C MET A 57 4.07 4.82 -4.54
N GLU A 58 4.01 3.76 -3.75
CA GLU A 58 3.19 2.62 -4.09
C GLU A 58 1.83 3.07 -4.63
N GLN A 59 1.40 4.24 -4.15
CA GLN A 59 0.13 4.78 -4.57
C GLN A 59 0.24 5.34 -6.00
N PHE A 60 1.12 6.31 -6.15
CA PHE A 60 1.34 6.92 -7.46
C PHE A 60 1.41 5.87 -8.56
N LEU A 61 1.99 4.73 -8.20
CA LEU A 61 2.12 3.62 -9.15
C LEU A 61 0.74 3.02 -9.41
N THR A 62 0.02 2.78 -8.32
CA THR A 62 -1.31 2.21 -8.42
C THR A 62 -2.20 3.06 -9.34
N ILE A 63 -1.89 4.34 -9.39
CA ILE A 63 -2.64 5.26 -10.22
C ILE A 63 -2.11 5.21 -11.65
N LEU A 64 -0.80 5.07 -11.76
CA LEU A 64 -0.16 5.01 -13.06
C LEU A 64 -0.57 3.72 -13.76
N PRO A 65 -0.40 3.72 -15.11
CA PRO A 65 -0.76 2.56 -15.91
C PRO A 65 0.27 1.44 -15.74
N GLU A 66 0.26 0.53 -16.71
CA GLU A 66 1.19 -0.59 -16.68
C GLU A 66 2.54 -0.18 -17.25
N GLU A 67 2.50 0.79 -18.17
CA GLU A 67 3.71 1.28 -18.79
C GLU A 67 4.82 1.46 -17.74
N ILE A 68 4.45 2.08 -16.64
CA ILE A 68 5.39 2.32 -15.56
C ILE A 68 5.79 0.98 -14.93
N GLN A 69 4.79 0.12 -14.76
CA GLN A 69 5.02 -1.18 -14.18
C GLN A 69 6.11 -1.93 -14.96
N ALA A 70 6.18 -1.62 -16.25
CA ALA A 70 7.16 -2.26 -17.10
C ALA A 70 8.53 -1.58 -16.91
N ARG A 71 8.50 -0.26 -16.89
CA ARG A 71 9.72 0.52 -16.70
C ARG A 71 10.26 0.31 -15.29
N VAL A 72 9.43 -0.27 -14.44
CA VAL A 72 9.82 -0.52 -13.07
C VAL A 72 10.44 -1.91 -12.97
N ARG A 73 9.67 -2.90 -13.40
CA ARG A 73 10.12 -4.29 -13.37
C ARG A 73 11.46 -4.41 -14.10
N HIS A 74 11.65 -3.55 -15.09
CA HIS A 74 12.86 -3.56 -15.88
C HIS A 74 14.06 -3.24 -14.97
N ARG A 75 14.19 -1.95 -14.67
CA ARG A 75 15.27 -1.49 -13.82
C ARG A 75 15.52 0.00 -14.03
N CYS A 76 14.93 0.79 -13.14
CA CYS A 76 15.07 2.23 -13.23
C CYS A 76 14.30 2.85 -12.06
N LEU A 77 14.59 2.36 -10.87
CA LEU A 77 13.93 2.86 -9.67
C LEU A 77 14.93 3.69 -8.86
N MET A 78 14.40 4.73 -8.23
CA MET A 78 15.23 5.61 -7.42
C MET A 78 14.46 6.87 -7.01
N SER A 79 13.93 7.55 -8.02
CA SER A 79 13.17 8.76 -7.78
C SER A 79 11.82 8.69 -8.50
N SER A 80 10.78 9.06 -7.77
CA SER A 80 9.44 9.03 -8.33
C SER A 80 9.34 10.02 -9.51
N LYS A 81 10.25 10.98 -9.51
CA LYS A 81 10.28 11.98 -10.56
C LYS A 81 10.56 11.30 -11.90
N GLU A 82 11.27 10.19 -11.82
CA GLU A 82 11.61 9.43 -13.01
C GLU A 82 10.36 8.78 -13.61
N ILE A 83 9.69 8.00 -12.78
CA ILE A 83 8.48 7.32 -13.22
C ILE A 83 7.51 8.35 -13.82
N VAL A 84 7.34 9.45 -13.10
CA VAL A 84 6.45 10.50 -13.56
C VAL A 84 6.92 11.00 -14.92
N THR A 85 8.23 11.18 -15.04
CA THR A 85 8.81 11.65 -16.28
C THR A 85 8.48 10.69 -17.43
N LEU A 86 8.58 9.41 -17.13
CA LEU A 86 8.29 8.38 -18.12
C LEU A 86 6.87 8.56 -18.64
N VAL A 87 5.94 8.70 -17.70
CA VAL A 87 4.55 8.89 -18.05
C VAL A 87 4.40 10.11 -18.95
N GLU A 88 5.16 11.15 -18.61
CA GLU A 88 5.13 12.38 -19.38
C GLU A 88 5.66 12.13 -20.79
N ASP A 89 6.70 11.32 -20.87
CA ASP A 89 7.31 11.00 -22.15
C ASP A 89 6.26 10.34 -23.05
N PHE A 90 5.46 9.47 -22.46
CA PHE A 90 4.43 8.77 -23.19
C PHE A 90 3.31 9.74 -23.61
N HIS A 91 3.02 10.67 -22.73
CA HIS A 91 1.98 11.66 -23.00
C HIS A 91 2.44 12.59 -24.13
N ARG A 92 3.73 12.89 -24.11
CA ARG A 92 4.30 13.76 -25.12
C ARG A 92 5.59 14.40 -24.61
N ALA A 93 6.62 13.57 -24.53
CA ALA A 93 7.91 14.03 -24.06
C ALA A 93 8.99 13.00 -24.44
N SER A 94 10.19 13.51 -24.70
CA SER A 94 11.30 12.66 -25.08
C SER A 94 12.38 12.71 -24.00
N LYS A 95 12.22 11.85 -23.00
CA LYS A 95 13.17 11.78 -21.90
C LYS A 95 14.11 10.59 -22.12
N LYS A 96 14.87 10.28 -21.08
CA LYS A 96 15.80 9.18 -21.13
C LYS A 96 15.70 8.35 -19.85
N PRO A 97 14.54 7.64 -19.71
CA PRO A 97 14.30 6.82 -18.55
C PRO A 97 15.14 5.54 -18.60
N LYS A 98 16.15 5.48 -17.75
CA LYS A 98 17.02 4.32 -17.69
C LYS A 98 16.21 3.10 -17.28
N GLY B 1 -13.60 20.54 4.87
CA GLY B 1 -13.97 19.14 4.98
C GLY B 1 -15.35 18.98 5.61
N SER B 2 -15.73 17.73 5.84
CA SER B 2 -17.02 17.43 6.43
C SER B 2 -16.98 16.07 7.12
N LYS B 3 -17.01 16.10 8.44
CA LYS B 3 -16.98 14.87 9.22
C LYS B 3 -17.97 13.87 8.64
N ASN B 4 -17.44 12.80 8.09
CA ASN B 4 -18.27 11.76 7.50
C ASN B 4 -17.97 10.42 8.19
N CYS B 5 -16.70 10.05 8.18
CA CYS B 5 -16.27 8.80 8.79
C CYS B 5 -14.79 8.94 9.17
N PRO B 6 -14.56 9.28 10.47
CA PRO B 6 -13.21 9.44 10.97
C PRO B 6 -12.54 8.08 11.17
N ASP B 7 -12.08 7.51 10.07
CA ASP B 7 -11.42 6.22 10.11
C ASP B 7 -10.16 6.25 9.22
N PRO B 8 -9.06 5.67 9.76
CA PRO B 8 -7.81 5.63 9.02
C PRO B 8 -7.86 4.59 7.90
N GLU B 9 -8.72 3.60 8.09
CA GLU B 9 -8.87 2.54 7.11
C GLU B 9 -9.74 3.03 5.94
N LEU B 10 -10.71 3.86 6.29
CA LEU B 10 -11.62 4.40 5.29
C LEU B 10 -10.91 5.48 4.49
N CYS B 11 -10.40 6.47 5.21
CA CYS B 11 -9.69 7.57 4.58
C CYS B 11 -8.59 6.99 3.69
N ARG B 12 -8.16 5.79 4.03
CA ARG B 12 -7.12 5.11 3.28
C ARG B 12 -7.69 4.55 1.97
N GLN B 13 -8.71 3.72 2.12
CA GLN B 13 -9.35 3.10 0.97
C GLN B 13 -9.96 4.19 0.07
N SER B 14 -10.01 5.40 0.61
CA SER B 14 -10.56 6.52 -0.14
C SER B 14 -9.43 7.29 -0.84
N PHE B 15 -8.32 7.41 -0.12
CA PHE B 15 -7.16 8.11 -0.65
C PHE B 15 -6.57 7.38 -1.84
N ARG B 16 -6.26 6.10 -1.63
CA ARG B 16 -5.68 5.27 -2.67
C ARG B 16 -6.77 4.83 -3.65
N ARG B 17 -7.03 5.67 -4.63
CA ARG B 17 -8.04 5.37 -5.63
C ARG B 17 -8.19 6.54 -6.60
N PHE B 18 -7.06 7.19 -6.88
CA PHE B 18 -7.05 8.31 -7.79
C PHE B 18 -7.12 7.84 -9.24
N CYS B 19 -6.22 6.94 -9.58
CA CYS B 19 -6.17 6.41 -10.93
C CYS B 19 -6.17 7.59 -11.91
N TYR B 20 -5.06 8.31 -11.93
CA TYR B 20 -4.93 9.46 -12.80
C TYR B 20 -6.31 10.01 -13.20
N GLN B 21 -6.78 10.94 -12.39
CA GLN B 21 -8.08 11.56 -12.65
C GLN B 21 -8.28 12.75 -11.71
N GLU B 22 -7.77 12.61 -10.50
CA GLU B 22 -7.89 13.68 -9.51
C GLU B 22 -7.10 14.91 -9.95
N VAL B 23 -5.80 14.71 -10.13
CA VAL B 23 -4.93 15.79 -10.56
C VAL B 23 -4.90 15.85 -12.09
N SER B 24 -4.62 14.70 -12.68
CA SER B 24 -4.56 14.61 -14.13
C SER B 24 -3.15 14.96 -14.62
N GLY B 25 -2.40 15.61 -13.75
CA GLY B 25 -1.04 16.01 -14.07
C GLY B 25 -0.05 14.89 -13.73
N PRO B 26 1.23 15.13 -14.12
CA PRO B 26 2.28 14.16 -13.87
C PRO B 26 2.70 14.18 -12.40
N GLN B 27 3.64 15.06 -12.09
CA GLN B 27 4.14 15.19 -10.73
C GLN B 27 2.98 15.50 -9.77
N GLU B 28 1.84 15.84 -10.36
CA GLU B 28 0.66 16.15 -9.58
C GLU B 28 0.04 14.87 -9.00
N ALA B 29 0.46 13.75 -9.57
CA ALA B 29 -0.04 12.46 -9.12
C ALA B 29 0.35 12.25 -7.66
N LEU B 30 1.63 12.00 -7.45
CA LEU B 30 2.14 11.78 -6.10
C LEU B 30 1.90 13.03 -5.25
N SER B 31 1.71 14.15 -5.95
CA SER B 31 1.48 15.42 -5.28
C SER B 31 0.23 15.32 -4.40
N GLN B 32 -0.85 14.86 -5.01
CA GLN B 32 -2.11 14.70 -4.31
C GLN B 32 -2.01 13.60 -3.26
N LEU B 33 -1.39 12.50 -3.67
CA LEU B 33 -1.22 11.36 -2.78
C LEU B 33 -0.19 11.72 -1.71
N ARG B 34 0.63 12.70 -2.02
CA ARG B 34 1.66 13.15 -1.10
C ARG B 34 1.03 13.78 0.15
N GLN B 35 0.12 14.70 -0.10
CA GLN B 35 -0.57 15.39 0.98
C GLN B 35 -1.53 14.43 1.69
N LEU B 36 -2.16 13.58 0.89
CA LEU B 36 -3.10 12.62 1.43
C LEU B 36 -2.34 11.61 2.30
N CYS B 37 -1.20 11.18 1.79
CA CYS B 37 -0.38 10.21 2.50
C CYS B 37 -0.01 10.81 3.86
N ARG B 38 0.62 11.97 3.80
CA ARG B 38 1.03 12.66 5.02
C ARG B 38 -0.11 12.70 6.02
N GLN B 39 -1.32 12.87 5.50
CA GLN B 39 -2.49 12.94 6.34
C GLN B 39 -3.01 11.52 6.62
N TRP B 40 -2.51 10.58 5.85
CA TRP B 40 -2.91 9.19 6.01
C TRP B 40 -2.35 8.68 7.35
N LEU B 41 -1.04 8.83 7.50
CA LEU B 41 -0.38 8.40 8.71
C LEU B 41 -0.29 9.57 9.68
N GLN B 42 0.27 10.66 9.19
CA GLN B 42 0.42 11.86 9.99
C GLN B 42 0.77 11.48 11.44
N PRO B 43 2.10 11.56 11.76
CA PRO B 43 2.56 11.22 13.09
C PRO B 43 2.23 12.34 14.08
N GLU B 44 2.03 11.94 15.32
CA GLU B 44 1.71 12.90 16.37
C GLU B 44 1.17 12.17 17.61
N LEU B 45 0.57 11.01 17.37
CA LEU B 45 0.02 10.22 18.44
C LEU B 45 0.38 8.74 18.22
N HIS B 46 1.39 8.53 17.39
CA HIS B 46 1.84 7.19 17.08
C HIS B 46 3.20 7.24 16.36
N THR B 47 3.98 6.20 16.56
CA THR B 47 5.29 6.13 15.94
C THR B 47 5.27 5.13 14.78
N LYS B 48 6.46 4.62 14.45
CA LYS B 48 6.58 3.67 13.37
C LYS B 48 5.71 2.45 13.65
N GLU B 49 5.21 2.40 14.88
CA GLU B 49 4.36 1.29 15.30
C GLU B 49 3.08 1.27 14.45
N GLN B 50 2.42 2.42 14.40
CA GLN B 50 1.18 2.54 13.64
C GLN B 50 1.47 2.36 12.14
N ILE B 51 2.50 3.04 11.68
CA ILE B 51 2.88 2.96 10.27
C ILE B 51 3.15 1.50 9.91
N LEU B 52 3.95 0.86 10.76
CA LEU B 52 4.30 -0.54 10.53
C LEU B 52 3.03 -1.36 10.35
N GLU B 53 2.07 -1.12 11.25
CA GLU B 53 0.81 -1.83 11.21
C GLU B 53 0.00 -1.38 9.98
N LEU B 54 0.42 -0.27 9.41
CA LEU B 54 -0.25 0.27 8.23
C LEU B 54 -0.04 -0.68 7.05
N LEU B 55 1.22 -0.80 6.66
CA LEU B 55 1.57 -1.66 5.54
C LEU B 55 1.22 -3.11 5.89
N VAL B 56 1.45 -3.45 7.15
CA VAL B 56 1.16 -4.80 7.63
C VAL B 56 -0.30 -5.13 7.35
N MET B 57 -1.16 -4.16 7.63
CA MET B 57 -2.59 -4.34 7.42
C MET B 57 -2.92 -4.39 5.93
N GLU B 58 -2.73 -3.24 5.27
CA GLU B 58 -3.00 -3.14 3.86
C GLU B 58 -2.66 -4.45 3.15
N GLN B 59 -1.58 -5.06 3.60
CA GLN B 59 -1.13 -6.32 3.03
C GLN B 59 -2.04 -7.46 3.47
N PHE B 60 -2.13 -7.63 4.78
CA PHE B 60 -2.97 -8.67 5.35
C PHE B 60 -4.33 -8.73 4.66
N LEU B 61 -4.71 -7.59 4.09
CA LEU B 61 -5.99 -7.50 3.39
C LEU B 61 -5.82 -8.00 1.96
N THR B 62 -4.72 -7.57 1.34
CA THR B 62 -4.43 -7.97 -0.03
C THR B 62 -4.27 -9.49 -0.12
N ILE B 63 -3.63 -10.05 0.89
CA ILE B 63 -3.40 -11.48 0.94
C ILE B 63 -4.73 -12.20 1.14
N LEU B 64 -5.52 -11.66 2.06
CA LEU B 64 -6.82 -12.24 2.36
C LEU B 64 -7.72 -12.11 1.13
N PRO B 65 -8.71 -13.04 1.05
CA PRO B 65 -9.65 -13.03 -0.06
C PRO B 65 -10.67 -11.91 0.08
N GLU B 66 -11.77 -12.05 -0.66
CA GLU B 66 -12.82 -11.06 -0.62
C GLU B 66 -13.69 -11.24 0.63
N GLU B 67 -13.42 -12.32 1.34
CA GLU B 67 -14.16 -12.63 2.55
C GLU B 67 -14.17 -11.42 3.49
N ILE B 68 -12.99 -10.87 3.72
CA ILE B 68 -12.85 -9.72 4.59
C ILE B 68 -13.52 -8.51 3.92
N GLN B 69 -13.47 -8.50 2.60
CA GLN B 69 -14.06 -7.41 1.84
C GLN B 69 -15.58 -7.46 1.95
N ALA B 70 -16.09 -8.66 2.22
CA ALA B 70 -17.52 -8.85 2.34
C ALA B 70 -17.98 -8.40 3.74
N ARG B 71 -17.21 -8.82 4.73
CA ARG B 71 -17.52 -8.47 6.11
C ARG B 71 -17.31 -6.97 6.33
N VAL B 72 -16.36 -6.41 5.60
CA VAL B 72 -16.06 -5.00 5.70
C VAL B 72 -17.15 -4.19 5.01
N ARG B 73 -17.46 -4.60 3.78
CA ARG B 73 -18.48 -3.93 3.00
C ARG B 73 -19.80 -3.88 3.78
N HIS B 74 -20.12 -5.00 4.42
CA HIS B 74 -21.34 -5.09 5.20
C HIS B 74 -21.00 -5.00 6.69
N ARG B 75 -21.86 -5.62 7.50
CA ARG B 75 -21.67 -5.62 8.94
C ARG B 75 -21.32 -4.22 9.43
N CYS B 76 -20.99 -4.14 10.71
CA CYS B 76 -20.65 -2.87 11.32
C CYS B 76 -19.31 -3.04 12.06
N LEU B 77 -19.39 -3.67 13.22
CA LEU B 77 -18.21 -3.90 14.02
C LEU B 77 -17.42 -5.08 13.45
N MET B 78 -16.11 -5.03 13.65
CA MET B 78 -15.24 -6.08 13.15
C MET B 78 -13.78 -5.62 13.17
N SER B 79 -13.16 -5.76 14.33
CA SER B 79 -11.77 -5.37 14.50
C SER B 79 -10.87 -6.29 13.66
N SER B 80 -9.62 -5.87 13.53
CA SER B 80 -8.65 -6.64 12.76
C SER B 80 -8.76 -8.13 13.13
N LYS B 81 -8.73 -8.40 14.42
CA LYS B 81 -8.83 -9.76 14.91
C LYS B 81 -10.08 -10.42 14.32
N GLU B 82 -11.08 -9.59 14.06
CA GLU B 82 -12.34 -10.07 13.51
C GLU B 82 -12.14 -10.50 12.05
N ILE B 83 -11.21 -9.82 11.38
CA ILE B 83 -10.92 -10.12 9.99
C ILE B 83 -10.22 -11.48 9.91
N VAL B 84 -9.09 -11.58 10.59
CA VAL B 84 -8.32 -12.81 10.60
C VAL B 84 -9.15 -13.92 11.24
N THR B 85 -10.11 -13.50 12.05
CA THR B 85 -10.98 -14.45 12.74
C THR B 85 -11.91 -15.13 11.75
N LEU B 86 -12.57 -14.30 10.94
CA LEU B 86 -13.50 -14.80 9.94
C LEU B 86 -12.75 -15.69 8.95
N VAL B 87 -11.55 -15.24 8.60
CA VAL B 87 -10.72 -15.98 7.66
C VAL B 87 -10.11 -17.19 8.38
N GLU B 88 -10.06 -17.09 9.70
CA GLU B 88 -9.51 -18.16 10.51
C GLU B 88 -10.42 -19.38 10.49
N ASP B 89 -11.72 -19.11 10.58
CA ASP B 89 -12.71 -20.16 10.58
C ASP B 89 -13.00 -20.59 9.14
N PHE B 90 -12.91 -19.62 8.24
CA PHE B 90 -13.15 -19.88 6.83
C PHE B 90 -11.99 -20.65 6.21
N HIS B 91 -10.79 -20.29 6.62
CA HIS B 91 -9.59 -20.94 6.12
C HIS B 91 -9.11 -21.98 7.13
N ARG B 92 -9.75 -21.99 8.29
CA ARG B 92 -9.40 -22.93 9.33
C ARG B 92 -10.56 -23.06 10.33
N ALA B 93 -11.71 -23.42 9.80
CA ALA B 93 -12.90 -23.58 10.63
C ALA B 93 -12.53 -24.39 11.87
N SER B 94 -12.53 -25.71 11.71
CA SER B 94 -12.21 -26.60 12.80
C SER B 94 -13.33 -26.58 13.84
N LYS B 95 -13.57 -25.40 14.39
CA LYS B 95 -14.61 -25.24 15.39
C LYS B 95 -15.98 -25.31 14.72
N LYS B 96 -16.37 -24.20 14.12
CA LYS B 96 -17.65 -24.12 13.44
C LYS B 96 -17.57 -24.89 12.11
N PRO B 97 -18.66 -25.62 11.80
CA PRO B 97 -18.72 -26.40 10.57
C PRO B 97 -18.94 -25.49 9.36
N LYS B 98 -18.31 -25.86 8.26
CA LYS B 98 -18.43 -25.09 7.04
C LYS B 98 -17.68 -25.81 5.91
N GLY A 1 21.33 -7.20 -26.85
CA GLY A 1 21.51 -8.17 -25.77
C GLY A 1 20.28 -8.19 -24.85
N SER A 2 20.25 -9.19 -23.99
CA SER A 2 19.16 -9.34 -23.05
C SER A 2 19.69 -9.74 -21.67
N LYS A 3 20.23 -8.75 -20.97
CA LYS A 3 20.77 -8.99 -19.64
C LYS A 3 19.68 -8.75 -18.60
N ASN A 4 19.15 -9.84 -18.08
CA ASN A 4 18.11 -9.77 -17.07
C ASN A 4 17.64 -11.18 -16.71
N CYS A 5 16.69 -11.24 -15.79
CA CYS A 5 16.16 -12.52 -15.35
C CYS A 5 15.35 -12.28 -14.07
N PRO A 6 16.03 -11.67 -13.06
CA PRO A 6 15.39 -11.39 -11.79
C PRO A 6 14.44 -10.20 -11.91
N ASP A 7 13.73 -9.93 -10.82
CA ASP A 7 12.79 -8.82 -10.79
C ASP A 7 12.99 -8.03 -9.50
N PRO A 8 12.84 -6.68 -9.63
CA PRO A 8 13.00 -5.80 -8.49
C PRO A 8 11.78 -5.87 -7.57
N GLU A 9 11.48 -7.09 -7.14
CA GLU A 9 10.34 -7.31 -6.25
C GLU A 9 10.07 -8.81 -6.11
N LEU A 10 11.14 -9.57 -6.04
CA LEU A 10 11.04 -11.02 -5.90
C LEU A 10 10.57 -11.34 -4.48
N CYS A 11 11.26 -10.76 -3.52
CA CYS A 11 10.92 -10.99 -2.13
C CYS A 11 9.64 -10.23 -1.80
N ARG A 12 9.47 -9.10 -2.49
CA ARG A 12 8.29 -8.27 -2.29
C ARG A 12 7.03 -9.03 -2.71
N GLN A 13 7.18 -9.82 -3.77
CA GLN A 13 6.07 -10.59 -4.29
C GLN A 13 6.04 -11.97 -3.63
N SER A 14 7.20 -12.41 -3.17
CA SER A 14 7.31 -13.70 -2.52
C SER A 14 6.64 -13.66 -1.15
N PHE A 15 6.65 -12.47 -0.55
CA PHE A 15 6.06 -12.29 0.76
C PHE A 15 4.61 -11.78 0.63
N ARG A 16 4.45 -10.79 -0.24
CA ARG A 16 3.13 -10.21 -0.46
C ARG A 16 2.20 -11.25 -1.08
N ARG A 17 2.81 -12.28 -1.64
CA ARG A 17 2.04 -13.34 -2.27
C ARG A 17 1.91 -14.54 -1.33
N PHE A 18 1.89 -14.24 -0.05
CA PHE A 18 1.76 -15.28 0.97
C PHE A 18 0.60 -16.22 0.65
N CYS A 19 -0.61 -15.72 0.87
CA CYS A 19 -1.81 -16.49 0.62
C CYS A 19 -2.01 -17.45 1.79
N TYR A 20 -1.71 -16.96 2.98
CA TYR A 20 -1.86 -17.77 4.18
C TYR A 20 -1.36 -19.20 3.95
N GLN A 21 -0.44 -19.32 3.00
CA GLN A 21 0.13 -20.61 2.67
C GLN A 21 1.18 -21.01 3.72
N GLU A 22 2.07 -20.07 4.00
CA GLU A 22 3.12 -20.31 4.97
C GLU A 22 2.55 -20.25 6.40
N VAL A 23 2.04 -19.07 6.74
CA VAL A 23 1.47 -18.85 8.05
C VAL A 23 0.67 -20.10 8.47
N SER A 24 0.46 -20.22 9.77
CA SER A 24 -0.28 -21.35 10.30
C SER A 24 -1.17 -20.89 11.46
N GLY A 25 -1.27 -19.58 11.60
CA GLY A 25 -2.08 -19.00 12.66
C GLY A 25 -2.85 -17.77 12.16
N PRO A 26 -3.53 -17.10 13.13
CA PRO A 26 -4.31 -15.91 12.80
C PRO A 26 -3.38 -14.71 12.55
N GLN A 27 -3.09 -13.99 13.62
CA GLN A 27 -2.24 -12.83 13.54
C GLN A 27 -0.88 -13.21 12.94
N GLU A 28 -0.61 -14.51 12.95
CA GLU A 28 0.64 -15.02 12.42
C GLU A 28 0.85 -14.51 10.98
N ALA A 29 -0.26 -14.20 10.34
CA ALA A 29 -0.22 -13.72 8.97
C ALA A 29 0.61 -12.43 8.92
N LEU A 30 0.21 -11.47 9.73
CA LEU A 30 0.90 -10.20 9.80
C LEU A 30 2.29 -10.40 10.41
N SER A 31 2.41 -11.49 11.15
CA SER A 31 3.68 -11.80 11.79
C SER A 31 4.78 -11.92 10.74
N GLN A 32 4.60 -12.88 9.84
CA GLN A 32 5.57 -13.10 8.78
C GLN A 32 5.60 -11.91 7.82
N LEU A 33 4.41 -11.47 7.43
CA LEU A 33 4.28 -10.35 6.51
C LEU A 33 4.98 -9.13 7.12
N ARG A 34 4.67 -8.88 8.39
CA ARG A 34 5.26 -7.76 9.10
C ARG A 34 6.79 -7.83 9.04
N GLN A 35 7.29 -9.05 9.09
CA GLN A 35 8.72 -9.27 9.04
C GLN A 35 9.30 -8.74 7.73
N LEU A 36 8.72 -9.18 6.64
CA LEU A 36 9.16 -8.77 5.32
C LEU A 36 8.81 -7.30 5.11
N CYS A 37 7.67 -6.91 5.66
CA CYS A 37 7.21 -5.53 5.55
C CYS A 37 8.28 -4.62 6.15
N ARG A 38 8.52 -4.82 7.43
CA ARG A 38 9.52 -4.03 8.14
C ARG A 38 10.87 -4.11 7.42
N GLN A 39 11.07 -5.21 6.72
CA GLN A 39 12.30 -5.42 6.00
C GLN A 39 12.26 -4.69 4.65
N TRP A 40 11.05 -4.38 4.22
CA TRP A 40 10.86 -3.68 2.96
C TRP A 40 11.33 -2.24 3.14
N LEU A 41 10.76 -1.58 4.13
CA LEU A 41 11.12 -0.19 4.42
C LEU A 41 12.18 -0.18 5.51
N GLN A 42 11.87 -0.83 6.62
CA GLN A 42 12.78 -0.89 7.74
C GLN A 42 13.37 0.49 8.03
N PRO A 43 12.47 1.43 8.41
CA PRO A 43 12.89 2.79 8.71
C PRO A 43 13.59 2.86 10.06
N GLU A 44 14.44 3.87 10.21
CA GLU A 44 15.18 4.07 11.44
C GLU A 44 14.86 5.43 12.05
N LEU A 45 13.99 6.17 11.35
CA LEU A 45 13.61 7.49 11.80
C LEU A 45 12.53 8.05 10.87
N HIS A 46 12.70 7.75 9.59
CA HIS A 46 11.76 8.21 8.58
C HIS A 46 10.35 8.28 9.19
N THR A 47 9.88 9.51 9.37
CA THR A 47 8.56 9.73 9.95
C THR A 47 7.47 9.30 8.95
N LYS A 48 6.29 9.85 9.16
CA LYS A 48 5.16 9.54 8.30
C LYS A 48 5.61 9.59 6.84
N GLU A 49 6.68 10.33 6.61
CA GLU A 49 7.23 10.48 5.27
C GLU A 49 7.23 9.12 4.55
N GLN A 50 7.72 8.11 5.25
CA GLN A 50 7.78 6.77 4.70
C GLN A 50 6.37 6.20 4.53
N ILE A 51 5.51 6.55 5.48
CA ILE A 51 4.14 6.08 5.45
C ILE A 51 3.44 6.65 4.21
N LEU A 52 3.35 7.97 4.18
CA LEU A 52 2.71 8.65 3.05
C LEU A 52 3.24 8.06 1.74
N GLU A 53 4.55 8.02 1.63
CA GLU A 53 5.18 7.49 0.43
C GLU A 53 4.66 6.08 0.14
N LEU A 54 4.44 5.33 1.21
CA LEU A 54 3.93 3.97 1.08
C LEU A 54 2.66 3.98 0.24
N LEU A 55 1.63 4.62 0.79
CA LEU A 55 0.35 4.72 0.11
C LEU A 55 0.52 5.55 -1.17
N VAL A 56 1.14 6.71 -1.01
CA VAL A 56 1.37 7.59 -2.13
C VAL A 56 2.00 6.80 -3.28
N MET A 57 2.80 5.81 -2.91
CA MET A 57 3.47 4.98 -3.90
C MET A 57 2.47 4.05 -4.60
N GLU A 58 1.99 3.07 -3.86
CA GLU A 58 1.03 2.12 -4.39
C GLU A 58 -0.05 2.85 -5.20
N GLN A 59 -0.34 4.06 -4.76
CA GLN A 59 -1.35 4.87 -5.43
C GLN A 59 -0.76 5.55 -6.66
N PHE A 60 0.27 6.36 -6.42
CA PHE A 60 0.93 7.07 -7.50
C PHE A 60 1.35 6.11 -8.61
N LEU A 61 1.40 4.83 -8.26
CA LEU A 61 1.78 3.81 -9.22
C LEU A 61 0.53 3.30 -9.94
N THR A 62 -0.52 3.10 -9.15
CA THR A 62 -1.79 2.61 -9.70
C THR A 62 -2.40 3.67 -10.63
N ILE A 63 -2.12 4.92 -10.32
CA ILE A 63 -2.64 6.03 -11.11
C ILE A 63 -1.97 6.01 -12.48
N LEU A 64 -0.67 5.80 -12.47
CA LEU A 64 0.10 5.76 -13.71
C LEU A 64 -0.02 4.38 -14.34
N PRO A 65 0.25 4.32 -15.66
CA PRO A 65 0.19 3.06 -16.39
C PRO A 65 1.39 2.17 -16.07
N GLU A 66 1.61 1.20 -16.94
CA GLU A 66 2.72 0.28 -16.76
C GLU A 66 4.02 0.91 -17.29
N GLU A 67 3.87 2.07 -17.90
CA GLU A 67 5.02 2.77 -18.46
C GLU A 67 6.11 2.90 -17.39
N ILE A 68 5.72 3.43 -16.24
CA ILE A 68 6.65 3.62 -15.15
C ILE A 68 7.13 2.25 -14.65
N GLN A 69 6.22 1.30 -14.67
CA GLN A 69 6.52 -0.05 -14.23
C GLN A 69 7.59 -0.68 -15.13
N ALA A 70 7.66 -0.17 -16.36
CA ALA A 70 8.61 -0.66 -17.33
C ALA A 70 9.98 0.00 -17.07
N ARG A 71 9.93 1.31 -16.91
CA ARG A 71 11.15 2.07 -16.66
C ARG A 71 11.71 1.73 -15.28
N VAL A 72 10.84 1.23 -14.42
CA VAL A 72 11.23 0.87 -13.07
C VAL A 72 11.78 -0.56 -13.08
N ARG A 73 11.09 -1.43 -13.80
CA ARG A 73 11.48 -2.81 -13.90
C ARG A 73 12.89 -2.93 -14.47
N HIS A 74 13.14 -2.14 -15.51
CA HIS A 74 14.44 -2.13 -16.15
C HIS A 74 15.51 -1.72 -15.14
N ARG A 75 15.46 -0.46 -14.75
CA ARG A 75 16.42 0.08 -13.79
C ARG A 75 16.41 1.60 -13.82
N CYS A 76 17.25 2.19 -12.98
CA CYS A 76 17.34 3.63 -12.90
C CYS A 76 16.30 4.12 -11.89
N LEU A 77 15.98 3.25 -10.95
CA LEU A 77 14.99 3.58 -9.93
C LEU A 77 15.72 4.02 -8.66
N MET A 78 14.99 4.68 -7.78
CA MET A 78 15.54 5.15 -6.53
C MET A 78 14.61 6.14 -5.84
N SER A 79 14.12 7.10 -6.64
CA SER A 79 13.23 8.11 -6.12
C SER A 79 11.98 8.20 -7.01
N SER A 80 10.84 8.40 -6.36
CA SER A 80 9.58 8.50 -7.07
C SER A 80 9.60 9.72 -8.00
N LYS A 81 10.56 10.60 -7.75
CA LYS A 81 10.70 11.80 -8.55
C LYS A 81 11.02 11.42 -9.99
N GLU A 82 12.00 10.53 -10.12
CA GLU A 82 12.41 10.07 -11.44
C GLU A 82 11.23 9.46 -12.18
N ILE A 83 10.33 8.86 -11.42
CA ILE A 83 9.15 8.24 -11.99
C ILE A 83 8.24 9.31 -12.56
N VAL A 84 7.71 10.14 -11.67
CA VAL A 84 6.82 11.21 -12.07
C VAL A 84 7.46 12.00 -13.22
N THR A 85 8.78 11.95 -13.26
CA THR A 85 9.52 12.65 -14.29
C THR A 85 9.32 11.96 -15.65
N LEU A 86 9.50 10.65 -15.64
CA LEU A 86 9.33 9.87 -16.86
C LEU A 86 7.91 10.07 -17.39
N VAL A 87 6.96 10.07 -16.47
CA VAL A 87 5.57 10.24 -16.82
C VAL A 87 5.38 11.61 -17.49
N GLU A 88 6.01 12.61 -16.89
CA GLU A 88 5.92 13.97 -17.41
C GLU A 88 6.61 14.06 -18.79
N ASP A 89 7.70 13.31 -18.91
CA ASP A 89 8.45 13.30 -20.16
C ASP A 89 7.62 12.62 -21.25
N PHE A 90 6.95 11.55 -20.85
CA PHE A 90 6.12 10.80 -21.78
C PHE A 90 4.87 11.60 -22.17
N HIS A 91 4.16 12.04 -21.16
CA HIS A 91 2.95 12.83 -21.39
C HIS A 91 3.26 13.99 -22.31
N ARG A 92 4.41 14.61 -22.07
CA ARG A 92 4.83 15.75 -22.87
C ARG A 92 5.96 16.50 -22.17
N ALA A 93 7.15 15.93 -22.22
CA ALA A 93 8.31 16.53 -21.60
C ALA A 93 8.37 18.02 -21.97
N SER A 94 9.38 18.69 -21.44
CA SER A 94 9.56 20.11 -21.70
C SER A 94 10.73 20.65 -20.87
N LYS A 95 10.87 20.10 -19.68
CA LYS A 95 11.94 20.51 -18.78
C LYS A 95 11.92 19.65 -17.54
N LYS A 96 11.76 20.30 -16.39
CA LYS A 96 11.71 19.61 -15.12
C LYS A 96 10.87 20.40 -14.13
N PRO A 97 9.61 19.93 -13.94
CA PRO A 97 8.68 20.59 -13.03
C PRO A 97 9.05 20.29 -11.58
N LYS A 98 8.53 21.12 -10.69
CA LYS A 98 8.79 20.96 -9.27
C LYS A 98 7.68 21.65 -8.46
N GLY B 1 1.67 -4.84 -5.05
CA GLY B 1 2.39 -5.76 -5.91
C GLY B 1 2.47 -5.23 -7.34
N SER B 2 2.63 -6.15 -8.27
CA SER B 2 2.72 -5.80 -9.67
C SER B 2 3.30 -6.96 -10.49
N LYS B 3 3.18 -6.85 -11.79
CA LYS B 3 3.68 -7.89 -12.68
C LYS B 3 2.89 -9.18 -12.46
N ASN B 4 1.58 -9.04 -12.46
CA ASN B 4 0.71 -10.18 -12.25
C ASN B 4 -0.75 -9.70 -12.17
N CYS B 5 -1.18 -9.04 -13.23
CA CYS B 5 -2.53 -8.52 -13.29
C CYS B 5 -2.88 -7.90 -11.94
N PRO B 6 -2.20 -6.76 -11.63
CA PRO B 6 -2.42 -6.07 -10.38
C PRO B 6 -3.75 -5.32 -10.39
N ASP B 7 -4.74 -5.92 -9.75
CA ASP B 7 -6.07 -5.32 -9.68
C ASP B 7 -6.79 -5.80 -8.42
N PRO B 8 -6.20 -5.43 -7.25
CA PRO B 8 -6.77 -5.83 -5.97
C PRO B 8 -8.01 -5.00 -5.65
N GLU B 9 -7.98 -3.75 -6.09
CA GLU B 9 -9.09 -2.84 -5.85
C GLU B 9 -9.02 -2.26 -4.45
N LEU B 10 -7.97 -2.64 -3.74
CA LEU B 10 -7.76 -2.16 -2.38
C LEU B 10 -7.33 -0.69 -2.42
N CYS B 11 -6.30 -0.42 -3.20
CA CYS B 11 -5.79 0.92 -3.34
C CYS B 11 -6.85 1.78 -4.03
N ARG B 12 -7.60 1.13 -4.91
CA ARG B 12 -8.66 1.81 -5.64
C ARG B 12 -9.76 2.25 -4.69
N GLN B 13 -10.06 1.38 -3.74
CA GLN B 13 -11.10 1.66 -2.75
C GLN B 13 -10.60 2.69 -1.74
N SER B 14 -9.50 2.32 -1.07
CA SER B 14 -8.93 3.20 -0.07
C SER B 14 -8.94 4.65 -0.56
N PHE B 15 -8.38 4.86 -1.74
CA PHE B 15 -8.33 6.18 -2.33
C PHE B 15 -9.61 6.49 -3.09
N ARG B 16 -9.77 5.79 -4.21
CA ARG B 16 -10.95 5.99 -5.05
C ARG B 16 -10.60 5.77 -6.52
N ARG B 17 -9.30 5.80 -6.80
CA ARG B 17 -8.82 5.61 -8.15
C ARG B 17 -8.59 6.95 -8.83
N PHE B 18 -7.54 7.63 -8.40
CA PHE B 18 -7.21 8.93 -8.96
C PHE B 18 -6.94 8.83 -10.46
N CYS B 19 -6.07 7.89 -10.81
CA CYS B 19 -5.72 7.68 -12.21
C CYS B 19 -5.60 9.05 -12.88
N TYR B 20 -4.62 9.82 -12.42
CA TYR B 20 -4.40 11.15 -12.96
C TYR B 20 -5.72 11.84 -13.30
N GLN B 21 -6.72 11.55 -12.48
CA GLN B 21 -8.04 12.13 -12.68
C GLN B 21 -8.35 13.13 -11.56
N GLU B 22 -7.69 14.28 -11.64
CA GLU B 22 -7.88 15.32 -10.65
C GLU B 22 -6.97 16.51 -10.94
N VAL B 23 -5.67 16.27 -10.80
CA VAL B 23 -4.69 17.31 -11.05
C VAL B 23 -4.13 17.15 -12.46
N SER B 24 -3.80 15.91 -12.80
CA SER B 24 -3.26 15.61 -14.12
C SER B 24 -1.73 15.81 -14.10
N GLY B 25 -1.32 16.86 -13.42
CA GLY B 25 0.10 17.17 -13.33
C GLY B 25 0.90 15.96 -12.84
N PRO B 26 2.26 16.13 -12.84
CA PRO B 26 3.14 15.06 -12.40
C PRO B 26 3.12 14.92 -10.88
N GLN B 27 4.02 15.65 -10.24
CA GLN B 27 4.12 15.62 -8.80
C GLN B 27 2.76 15.90 -8.16
N GLU B 28 1.93 16.61 -8.91
CA GLU B 28 0.59 16.95 -8.44
C GLU B 28 -0.18 15.68 -8.07
N ALA B 29 0.17 14.61 -8.76
CA ALA B 29 -0.49 13.32 -8.53
C ALA B 29 -0.34 12.95 -7.06
N LEU B 30 0.91 12.92 -6.61
CA LEU B 30 1.21 12.58 -5.23
C LEU B 30 0.64 13.66 -4.30
N SER B 31 0.50 14.85 -4.86
CA SER B 31 -0.02 15.97 -4.10
C SER B 31 -1.39 15.63 -3.53
N GLN B 32 -2.32 15.33 -4.43
CA GLN B 32 -3.67 14.97 -4.04
C GLN B 32 -3.66 13.68 -3.23
N LEU B 33 -3.03 12.66 -3.80
CA LEU B 33 -2.93 11.37 -3.15
C LEU B 33 -2.34 11.55 -1.75
N ARG B 34 -1.12 12.05 -1.72
CA ARG B 34 -0.44 12.28 -0.46
C ARG B 34 -1.40 12.83 0.58
N GLN B 35 -2.24 13.76 0.13
CA GLN B 35 -3.21 14.37 1.01
C GLN B 35 -4.15 13.32 1.60
N LEU B 36 -4.53 12.37 0.73
CA LEU B 36 -5.42 11.31 1.15
C LEU B 36 -4.63 10.25 1.92
N CYS B 37 -3.39 10.08 1.50
CA CYS B 37 -2.50 9.11 2.13
C CYS B 37 -2.32 9.52 3.60
N ARG B 38 -1.76 10.70 3.78
CA ARG B 38 -1.53 11.22 5.12
C ARG B 38 -2.84 11.29 5.90
N GLN B 39 -3.90 11.62 5.19
CA GLN B 39 -5.21 11.72 5.79
C GLN B 39 -5.80 10.34 6.03
N TRP B 40 -5.16 9.35 5.42
CA TRP B 40 -5.61 7.98 5.57
C TRP B 40 -5.12 7.45 6.91
N LEU B 41 -3.81 7.56 7.12
CA LEU B 41 -3.21 7.11 8.36
C LEU B 41 -3.18 8.26 9.36
N GLN B 42 -2.50 9.33 8.97
CA GLN B 42 -2.39 10.50 9.81
C GLN B 42 -2.29 10.09 11.29
N PRO B 43 -1.20 9.34 11.60
CA PRO B 43 -0.97 8.87 12.96
C PRO B 43 -0.48 10.01 13.86
N GLU B 44 -0.12 9.65 15.07
CA GLU B 44 0.36 10.63 16.03
C GLU B 44 1.81 10.35 16.39
N LEU B 45 2.20 9.10 16.23
CA LEU B 45 3.56 8.69 16.53
C LEU B 45 4.33 8.45 15.23
N HIS B 46 3.65 8.77 14.13
CA HIS B 46 4.25 8.59 12.82
C HIS B 46 5.52 7.77 12.93
N THR B 47 5.35 6.52 13.37
CA THR B 47 6.47 5.62 13.53
C THR B 47 6.41 4.50 12.49
N LYS B 48 7.46 3.69 12.48
CA LYS B 48 7.53 2.58 11.55
C LYS B 48 6.30 1.68 11.71
N GLU B 49 5.62 1.86 12.84
CA GLU B 49 4.43 1.09 13.14
C GLU B 49 3.44 1.19 11.98
N GLN B 50 3.12 2.42 11.62
CA GLN B 50 2.18 2.67 10.55
C GLN B 50 2.76 2.16 9.22
N ILE B 51 4.07 2.28 9.10
CA ILE B 51 4.74 1.84 7.88
C ILE B 51 4.43 0.36 7.64
N LEU B 52 4.79 -0.46 8.62
CA LEU B 52 4.54 -1.88 8.53
C LEU B 52 3.05 -2.13 8.27
N GLU B 53 2.25 -1.77 9.25
CA GLU B 53 0.81 -1.95 9.15
C GLU B 53 0.34 -1.61 7.73
N LEU B 54 1.03 -0.67 7.13
CA LEU B 54 0.70 -0.24 5.77
C LEU B 54 0.81 -1.44 4.83
N LEU B 55 2.05 -1.86 4.60
CA LEU B 55 2.30 -2.99 3.72
C LEU B 55 1.70 -4.25 4.33
N VAL B 56 1.89 -4.39 5.63
CA VAL B 56 1.37 -5.54 6.34
C VAL B 56 -0.14 -5.66 6.09
N MET B 57 -0.78 -4.52 5.94
CA MET B 57 -2.20 -4.48 5.69
C MET B 57 -2.53 -4.96 4.28
N GLU B 58 -2.17 -4.12 3.31
CA GLU B 58 -2.42 -4.45 1.91
C GLU B 58 -2.10 -5.93 1.65
N GLN B 59 -1.04 -6.40 2.30
CA GLN B 59 -0.63 -7.78 2.14
C GLN B 59 -1.55 -8.70 2.95
N PHE B 60 -1.57 -8.47 4.25
CA PHE B 60 -2.40 -9.28 5.14
C PHE B 60 -3.80 -9.45 4.58
N LEU B 61 -4.17 -8.53 3.69
CA LEU B 61 -5.48 -8.56 3.08
C LEU B 61 -5.43 -9.44 1.82
N THR B 62 -4.33 -9.29 1.08
CA THR B 62 -4.14 -10.07 -0.13
C THR B 62 -3.99 -11.55 0.19
N ILE B 63 -3.58 -11.81 1.42
CA ILE B 63 -3.40 -13.19 1.87
C ILE B 63 -4.75 -13.76 2.30
N LEU B 64 -5.52 -12.93 2.98
CA LEU B 64 -6.83 -13.34 3.45
C LEU B 64 -7.81 -13.39 2.27
N PRO B 65 -8.81 -14.30 2.38
CA PRO B 65 -9.81 -14.46 1.34
C PRO B 65 -10.80 -13.31 1.35
N GLU B 66 -11.96 -13.57 0.76
CA GLU B 66 -13.01 -12.55 0.70
C GLU B 66 -13.61 -12.33 2.09
N GLU B 67 -13.68 -13.41 2.85
CA GLU B 67 -14.23 -13.35 4.19
C GLU B 67 -13.80 -12.05 4.88
N ILE B 68 -12.57 -11.63 4.58
CA ILE B 68 -12.04 -10.42 5.16
C ILE B 68 -12.56 -9.21 4.38
N GLN B 69 -12.55 -9.33 3.07
CA GLN B 69 -13.02 -8.26 2.21
C GLN B 69 -14.50 -7.99 2.47
N ALA B 70 -15.16 -8.98 3.07
CA ALA B 70 -16.57 -8.86 3.39
C ALA B 70 -16.72 -8.21 4.76
N ARG B 71 -16.03 -8.77 5.72
CA ARG B 71 -16.08 -8.26 7.09
C ARG B 71 -15.57 -6.82 7.14
N VAL B 72 -14.83 -6.45 6.10
CA VAL B 72 -14.28 -5.11 6.02
C VAL B 72 -15.18 -4.26 5.11
N ARG B 73 -15.69 -4.90 4.06
CA ARG B 73 -16.56 -4.21 3.12
C ARG B 73 -17.74 -3.58 3.85
N HIS B 74 -18.28 -4.32 4.81
CA HIS B 74 -19.42 -3.85 5.59
C HIS B 74 -19.09 -2.47 6.17
N ARG B 75 -20.08 -1.91 6.86
CA ARG B 75 -19.91 -0.60 7.47
C ARG B 75 -20.23 -0.68 8.96
N CYS B 76 -19.19 -0.62 9.76
CA CYS B 76 -19.34 -0.68 11.21
C CYS B 76 -17.95 -0.75 11.84
N LEU B 77 -17.48 -1.98 12.03
CA LEU B 77 -16.17 -2.20 12.62
C LEU B 77 -15.10 -2.06 11.53
N MET B 78 -13.88 -1.86 11.99
CA MET B 78 -12.75 -1.70 11.08
C MET B 78 -11.44 -1.56 11.84
N SER B 79 -11.03 -2.66 12.47
CA SER B 79 -9.79 -2.65 13.24
C SER B 79 -8.91 -3.83 12.82
N SER B 80 -7.63 -3.56 12.68
CA SER B 80 -6.68 -4.59 12.28
C SER B 80 -6.94 -5.88 13.06
N LYS B 81 -6.85 -5.76 14.37
CA LYS B 81 -7.08 -6.91 15.24
C LYS B 81 -8.46 -7.50 14.95
N GLU B 82 -9.32 -6.66 14.39
CA GLU B 82 -10.67 -7.08 14.06
C GLU B 82 -10.64 -8.04 12.87
N ILE B 83 -9.91 -7.64 11.84
CA ILE B 83 -9.80 -8.44 10.63
C ILE B 83 -9.24 -9.83 11.00
N VAL B 84 -8.09 -9.79 11.68
CA VAL B 84 -7.45 -11.02 12.10
C VAL B 84 -8.41 -11.85 12.94
N THR B 85 -9.18 -11.15 13.75
CA THR B 85 -10.15 -11.79 14.63
C THR B 85 -11.13 -12.64 13.79
N LEU B 86 -11.63 -12.02 12.73
CA LEU B 86 -12.57 -12.70 11.86
C LEU B 86 -11.91 -13.95 11.26
N VAL B 87 -10.69 -13.76 10.78
CA VAL B 87 -9.94 -14.85 10.19
C VAL B 87 -9.83 -15.99 11.21
N GLU B 88 -9.65 -15.61 12.46
CA GLU B 88 -9.54 -16.60 13.54
C GLU B 88 -10.91 -17.16 13.88
N ASP B 89 -11.93 -16.37 13.59
CA ASP B 89 -13.30 -16.78 13.87
C ASP B 89 -13.72 -17.86 12.88
N PHE B 90 -13.18 -17.73 11.67
CA PHE B 90 -13.50 -18.69 10.61
C PHE B 90 -12.46 -19.80 10.55
N HIS B 91 -11.33 -19.54 11.19
CA HIS B 91 -10.24 -20.52 11.23
C HIS B 91 -10.35 -21.36 12.49
N ARG B 92 -11.08 -20.84 13.46
CA ARG B 92 -11.27 -21.53 14.73
C ARG B 92 -12.06 -20.67 15.70
N ALA B 93 -13.14 -20.09 15.18
CA ALA B 93 -13.98 -19.23 15.99
C ALA B 93 -13.12 -18.39 16.93
N SER B 94 -13.64 -18.16 18.12
CA SER B 94 -12.93 -17.36 19.11
C SER B 94 -13.02 -15.88 18.77
N LYS B 95 -14.26 -15.42 18.62
CA LYS B 95 -14.49 -14.02 18.29
C LYS B 95 -14.71 -13.23 19.58
N LYS B 96 -14.12 -12.04 19.60
CA LYS B 96 -14.24 -11.17 20.77
C LYS B 96 -14.99 -9.90 20.37
N PRO B 97 -15.76 -9.36 21.36
CA PRO B 97 -16.54 -8.16 21.13
C PRO B 97 -15.65 -6.92 21.13
N LYS B 98 -16.18 -5.85 20.57
CA LYS B 98 -15.43 -4.60 20.50
C LYS B 98 -15.98 -3.62 21.53
N GLY A 1 24.91 -8.17 -22.43
CA GLY A 1 24.16 -9.42 -22.41
C GLY A 1 24.21 -10.05 -21.01
N SER A 2 23.10 -9.94 -20.31
CA SER A 2 22.99 -10.49 -18.97
C SER A 2 21.57 -11.03 -18.73
N LYS A 3 21.44 -11.78 -17.66
CA LYS A 3 20.15 -12.37 -17.31
C LYS A 3 20.07 -12.54 -15.79
N ASN A 4 20.25 -11.42 -15.09
CA ASN A 4 20.20 -11.44 -13.63
C ASN A 4 20.32 -10.00 -13.12
N CYS A 5 19.28 -9.57 -12.41
CA CYS A 5 19.27 -8.23 -11.85
C CYS A 5 18.01 -8.08 -11.00
N PRO A 6 18.21 -8.02 -9.66
CA PRO A 6 17.11 -7.87 -8.73
C PRO A 6 16.56 -6.45 -8.75
N ASP A 7 15.33 -6.31 -8.26
CA ASP A 7 14.68 -5.01 -8.22
C ASP A 7 14.31 -4.68 -6.77
N PRO A 8 13.97 -3.39 -6.54
CA PRO A 8 13.60 -2.94 -5.22
C PRO A 8 12.18 -3.41 -4.86
N GLU A 9 11.38 -3.61 -5.90
CA GLU A 9 10.01 -4.05 -5.72
C GLU A 9 9.94 -5.58 -5.71
N LEU A 10 11.12 -6.20 -5.64
CA LEU A 10 11.21 -7.64 -5.62
C LEU A 10 10.82 -8.15 -4.23
N CYS A 11 11.37 -7.50 -3.21
CA CYS A 11 11.10 -7.86 -1.84
C CYS A 11 9.69 -7.38 -1.48
N ARG A 12 9.30 -6.28 -2.12
CA ARG A 12 8.00 -5.71 -1.87
C ARG A 12 6.89 -6.63 -2.41
N GLN A 13 7.14 -7.13 -3.61
CA GLN A 13 6.18 -8.02 -4.25
C GLN A 13 6.31 -9.43 -3.68
N SER A 14 7.53 -9.76 -3.25
CA SER A 14 7.80 -11.07 -2.68
C SER A 14 6.96 -11.28 -1.42
N PHE A 15 7.07 -10.31 -0.51
CA PHE A 15 6.33 -10.39 0.74
C PHE A 15 4.86 -10.01 0.53
N ARG A 16 4.66 -8.95 -0.24
CA ARG A 16 3.32 -8.47 -0.53
C ARG A 16 2.44 -9.64 -1.01
N ARG A 17 3.06 -10.55 -1.74
CA ARG A 17 2.36 -11.70 -2.27
C ARG A 17 2.61 -12.93 -1.39
N PHE A 18 2.73 -12.67 -0.09
CA PHE A 18 2.97 -13.74 0.86
C PHE A 18 2.19 -15.00 0.49
N CYS A 19 0.88 -14.83 0.38
CA CYS A 19 0.01 -15.94 0.03
C CYS A 19 -0.36 -16.68 1.32
N TYR A 20 -1.60 -16.47 1.75
CA TYR A 20 -2.08 -17.11 2.96
C TYR A 20 -1.83 -18.62 2.92
N GLN A 21 -0.73 -19.01 3.53
CA GLN A 21 -0.35 -20.42 3.58
C GLN A 21 0.92 -20.61 4.40
N GLU A 22 1.87 -19.71 4.17
CA GLU A 22 3.14 -19.77 4.89
C GLU A 22 2.90 -20.11 6.35
N VAL A 23 2.25 -19.19 7.05
CA VAL A 23 1.95 -19.39 8.46
C VAL A 23 0.66 -20.18 8.60
N SER A 24 0.64 -21.05 9.61
CA SER A 24 -0.54 -21.87 9.86
C SER A 24 -1.42 -21.21 10.91
N GLY A 25 -1.11 -19.95 11.19
CA GLY A 25 -1.87 -19.20 12.18
C GLY A 25 -2.45 -17.93 11.57
N PRO A 26 -3.34 -17.26 12.36
CA PRO A 26 -3.97 -16.04 11.91
C PRO A 26 -2.99 -14.86 11.96
N GLN A 27 -2.86 -14.31 13.16
CA GLN A 27 -1.95 -13.17 13.36
C GLN A 27 -0.59 -13.47 12.74
N GLU A 28 -0.30 -14.76 12.60
CA GLU A 28 0.97 -15.19 12.03
C GLU A 28 1.16 -14.55 10.65
N ALA A 29 0.04 -14.22 10.02
CA ALA A 29 0.08 -13.62 8.71
C ALA A 29 0.86 -12.30 8.78
N LEU A 30 0.43 -11.44 9.69
CA LEU A 30 1.08 -10.15 9.87
C LEU A 30 2.49 -10.37 10.41
N SER A 31 2.68 -11.50 11.07
CA SER A 31 3.97 -11.84 11.64
C SER A 31 5.03 -11.85 10.55
N GLN A 32 4.83 -12.72 9.57
CA GLN A 32 5.77 -12.84 8.46
C GLN A 32 5.84 -11.52 7.69
N LEU A 33 4.67 -11.00 7.34
CA LEU A 33 4.59 -9.75 6.61
C LEU A 33 5.27 -8.65 7.42
N ARG A 34 4.67 -8.34 8.55
CA ARG A 34 5.21 -7.30 9.42
C ARG A 34 6.74 -7.35 9.42
N GLN A 35 7.26 -8.55 9.29
CA GLN A 35 8.70 -8.74 9.27
C GLN A 35 9.30 -8.14 8.00
N LEU A 36 8.76 -8.57 6.86
CA LEU A 36 9.23 -8.09 5.58
C LEU A 36 8.85 -6.61 5.43
N CYS A 37 7.76 -6.24 6.08
CA CYS A 37 7.28 -4.87 6.02
C CYS A 37 8.33 -3.97 6.66
N ARG A 38 8.53 -4.17 7.96
CA ARG A 38 9.51 -3.39 8.70
C ARG A 38 10.86 -3.40 7.97
N GLN A 39 11.13 -4.52 7.32
CA GLN A 39 12.38 -4.68 6.59
C GLN A 39 12.28 -3.99 5.22
N TRP A 40 11.05 -3.70 4.83
CA TRP A 40 10.82 -3.05 3.55
C TRP A 40 11.23 -1.58 3.69
N LEU A 41 10.62 -0.93 4.67
CA LEU A 41 10.92 0.48 4.91
C LEU A 41 12.13 0.59 5.85
N GLN A 42 11.97 0.01 7.03
CA GLN A 42 13.03 0.04 8.03
C GLN A 42 13.77 1.38 7.98
N PRO A 43 12.99 2.47 8.14
CA PRO A 43 13.55 3.81 8.11
C PRO A 43 14.29 4.11 9.41
N GLU A 44 14.76 5.34 9.52
CA GLU A 44 15.49 5.78 10.71
C GLU A 44 14.76 6.93 11.38
N LEU A 45 13.84 7.53 10.64
CA LEU A 45 13.07 8.65 11.16
C LEU A 45 11.62 8.22 11.34
N HIS A 46 11.33 7.00 10.90
CA HIS A 46 9.99 6.46 11.00
C HIS A 46 9.00 7.60 11.29
N THR A 47 9.01 8.58 10.41
CA THR A 47 8.12 9.72 10.55
C THR A 47 6.95 9.61 9.57
N LYS A 48 5.88 10.31 9.91
CA LYS A 48 4.69 10.30 9.07
C LYS A 48 5.10 10.40 7.59
N GLU A 49 6.26 11.01 7.38
CA GLU A 49 6.78 11.17 6.03
C GLU A 49 6.76 9.83 5.29
N GLN A 50 7.36 8.84 5.94
CA GLN A 50 7.42 7.50 5.36
C GLN A 50 6.01 6.92 5.22
N ILE A 51 5.16 7.28 6.17
CA ILE A 51 3.79 6.79 6.17
C ILE A 51 3.09 7.26 4.89
N LEU A 52 3.22 8.56 4.63
CA LEU A 52 2.61 9.14 3.44
C LEU A 52 3.16 8.46 2.20
N GLU A 53 4.45 8.68 1.97
CA GLU A 53 5.12 8.09 0.82
C GLU A 53 4.61 6.67 0.58
N LEU A 54 4.37 5.97 1.67
CA LEU A 54 3.87 4.60 1.60
C LEU A 54 2.60 4.57 0.76
N LEU A 55 1.55 5.18 1.29
CA LEU A 55 0.28 5.22 0.60
C LEU A 55 0.44 5.99 -0.71
N VAL A 56 0.98 7.19 -0.60
CA VAL A 56 1.21 8.04 -1.76
C VAL A 56 1.82 7.20 -2.88
N MET A 57 2.72 6.32 -2.48
CA MET A 57 3.40 5.45 -3.44
C MET A 57 2.41 4.46 -4.07
N GLU A 58 2.00 3.49 -3.26
CA GLU A 58 1.06 2.49 -3.73
C GLU A 58 -0.08 3.14 -4.51
N GLN A 59 -0.37 4.37 -4.15
CA GLN A 59 -1.42 5.12 -4.81
C GLN A 59 -0.95 5.63 -6.17
N PHE A 60 0.01 6.55 -6.12
CA PHE A 60 0.56 7.13 -7.33
C PHE A 60 0.81 6.06 -8.39
N LEU A 61 1.11 4.85 -7.91
CA LEU A 61 1.37 3.74 -8.81
C LEU A 61 0.03 3.20 -9.33
N THR A 62 -0.92 3.07 -8.42
CA THR A 62 -2.23 2.56 -8.78
C THR A 62 -2.93 3.53 -9.73
N ILE A 63 -2.64 4.81 -9.55
CA ILE A 63 -3.22 5.84 -10.39
C ILE A 63 -2.43 5.96 -11.69
N LEU A 64 -1.12 5.83 -11.55
CA LEU A 64 -0.23 5.91 -12.70
C LEU A 64 -0.63 4.86 -13.73
N PRO A 65 -0.14 5.07 -14.98
CA PRO A 65 -0.44 4.14 -16.07
C PRO A 65 0.36 2.85 -15.92
N GLU A 66 0.42 2.11 -17.02
CA GLU A 66 1.14 0.84 -17.03
C GLU A 66 2.62 1.08 -17.36
N GLU A 67 2.86 2.11 -18.17
CA GLU A 67 4.21 2.44 -18.57
C GLU A 67 5.15 2.41 -17.36
N ILE A 68 4.59 2.73 -16.21
CA ILE A 68 5.37 2.73 -14.98
C ILE A 68 5.73 1.29 -14.61
N GLN A 69 4.76 0.41 -14.79
CA GLN A 69 4.95 -1.00 -14.47
C GLN A 69 5.95 -1.63 -15.44
N ALA A 70 5.97 -1.08 -16.66
CA ALA A 70 6.87 -1.57 -17.69
C ALA A 70 8.31 -1.20 -17.32
N ARG A 71 8.47 0.04 -16.90
CA ARG A 71 9.79 0.53 -16.52
C ARG A 71 10.26 -0.16 -15.24
N VAL A 72 9.30 -0.53 -14.41
CA VAL A 72 9.60 -1.20 -13.15
C VAL A 72 10.18 -2.58 -13.45
N ARG A 73 9.44 -3.35 -14.24
CA ARG A 73 9.87 -4.68 -14.61
C ARG A 73 11.18 -4.62 -15.41
N HIS A 74 11.19 -3.75 -16.40
CA HIS A 74 12.37 -3.59 -17.24
C HIS A 74 13.55 -3.16 -16.37
N ARG A 75 13.85 -1.87 -16.42
CA ARG A 75 14.95 -1.33 -15.65
C ARG A 75 14.89 -1.82 -14.20
N CYS A 76 15.90 -1.45 -13.44
CA CYS A 76 15.98 -1.86 -12.04
C CYS A 76 15.97 -0.59 -11.18
N LEU A 77 16.96 0.25 -11.41
CA LEU A 77 17.09 1.49 -10.67
C LEU A 77 16.06 2.50 -11.19
N MET A 78 15.40 3.17 -10.25
CA MET A 78 14.40 4.16 -10.62
C MET A 78 13.47 4.44 -9.43
N SER A 79 13.89 5.37 -8.59
CA SER A 79 13.11 5.75 -7.42
C SER A 79 11.79 6.40 -7.86
N SER A 80 10.95 6.65 -6.88
CA SER A 80 9.65 7.28 -7.15
C SER A 80 9.83 8.46 -8.11
N LYS A 81 10.75 9.34 -7.73
CA LYS A 81 11.02 10.52 -8.54
C LYS A 81 11.26 10.09 -9.99
N GLU A 82 11.79 8.88 -10.14
CA GLU A 82 12.07 8.35 -11.46
C GLU A 82 10.76 8.01 -12.19
N ILE A 83 9.86 7.40 -11.43
CA ILE A 83 8.57 7.01 -11.97
C ILE A 83 7.85 8.24 -12.53
N VAL A 84 7.70 9.23 -11.66
CA VAL A 84 7.04 10.47 -12.04
C VAL A 84 7.74 11.05 -13.27
N THR A 85 9.06 10.99 -13.25
CA THR A 85 9.86 11.50 -14.35
C THR A 85 9.49 10.79 -15.65
N LEU A 86 9.40 9.47 -15.55
CA LEU A 86 9.06 8.66 -16.71
C LEU A 86 7.74 9.15 -17.31
N VAL A 87 6.77 9.34 -16.42
CA VAL A 87 5.45 9.80 -16.85
C VAL A 87 5.59 11.19 -17.48
N GLU A 88 6.38 12.02 -16.82
CA GLU A 88 6.61 13.38 -17.31
C GLU A 88 7.31 13.35 -18.66
N ASP A 89 8.06 12.28 -18.88
CA ASP A 89 8.79 12.11 -20.12
C ASP A 89 7.80 11.85 -21.25
N PHE A 90 6.99 10.83 -21.06
CA PHE A 90 6.00 10.46 -22.06
C PHE A 90 5.09 11.64 -22.40
N HIS A 91 4.74 12.39 -21.37
CA HIS A 91 3.89 13.55 -21.54
C HIS A 91 4.59 14.58 -22.44
N ARG A 92 5.80 14.92 -22.06
CA ARG A 92 6.60 15.88 -22.81
C ARG A 92 7.81 16.31 -22.01
N ALA A 93 8.41 15.35 -21.31
CA ALA A 93 9.58 15.63 -20.50
C ALA A 93 9.45 17.02 -19.88
N SER A 94 10.61 17.63 -19.63
CA SER A 94 10.65 18.95 -19.05
C SER A 94 10.55 20.01 -20.15
N LYS A 95 9.48 19.92 -20.93
CA LYS A 95 9.26 20.85 -22.01
C LYS A 95 7.93 21.57 -21.80
N LYS A 96 7.67 21.91 -20.54
CA LYS A 96 6.43 22.60 -20.19
C LYS A 96 6.48 22.99 -18.71
N PRO A 97 6.89 24.25 -18.46
CA PRO A 97 6.98 24.75 -17.11
C PRO A 97 5.58 25.06 -16.54
N LYS A 98 5.24 24.33 -15.48
CA LYS A 98 3.94 24.51 -14.84
C LYS A 98 4.10 25.45 -13.65
N GLY B 1 -28.93 8.83 -4.35
CA GLY B 1 -28.88 7.49 -4.90
C GLY B 1 -29.10 6.43 -3.81
N SER B 2 -28.07 5.62 -3.61
CA SER B 2 -28.13 4.58 -2.60
C SER B 2 -26.83 4.54 -1.81
N LYS B 3 -26.49 5.68 -1.22
CA LYS B 3 -25.28 5.78 -0.44
C LYS B 3 -25.51 6.77 0.71
N ASN B 4 -25.21 6.31 1.92
CA ASN B 4 -25.38 7.13 3.10
C ASN B 4 -24.53 6.55 4.25
N CYS B 5 -24.63 5.24 4.41
CA CYS B 5 -23.88 4.56 5.45
C CYS B 5 -22.44 5.05 5.41
N PRO B 6 -22.04 5.78 6.49
CA PRO B 6 -20.70 6.30 6.58
C PRO B 6 -19.69 5.20 6.92
N ASP B 7 -18.43 5.49 6.68
CA ASP B 7 -17.36 4.54 6.95
C ASP B 7 -16.16 5.27 7.53
N PRO B 8 -15.45 4.57 8.46
CA PRO B 8 -14.28 5.15 9.10
C PRO B 8 -13.08 5.16 8.14
N GLU B 9 -13.32 4.64 6.94
CA GLU B 9 -12.28 4.58 5.93
C GLU B 9 -12.86 4.89 4.55
N LEU B 10 -13.69 5.92 4.49
CA LEU B 10 -14.31 6.33 3.26
C LEU B 10 -13.32 7.17 2.44
N CYS B 11 -12.91 8.28 3.04
CA CYS B 11 -11.97 9.18 2.40
C CYS B 11 -10.78 8.36 1.91
N ARG B 12 -10.50 7.28 2.64
CA ARG B 12 -9.40 6.41 2.28
C ARG B 12 -9.78 5.50 1.12
N GLN B 13 -10.94 4.88 1.25
CA GLN B 13 -11.44 3.98 0.21
C GLN B 13 -11.75 4.77 -1.06
N SER B 14 -11.74 6.08 -0.92
CA SER B 14 -12.02 6.96 -2.05
C SER B 14 -10.71 7.34 -2.75
N PHE B 15 -9.86 8.04 -2.00
CA PHE B 15 -8.58 8.46 -2.54
C PHE B 15 -7.80 7.28 -3.12
N ARG B 16 -8.04 6.12 -2.55
CA ARG B 16 -7.38 4.91 -3.00
C ARG B 16 -7.68 4.66 -4.48
N ARG B 17 -6.81 5.21 -5.32
CA ARG B 17 -6.97 5.06 -6.75
C ARG B 17 -7.88 6.16 -7.31
N PHE B 18 -7.39 7.39 -7.20
CA PHE B 18 -8.15 8.54 -7.69
C PHE B 18 -8.15 8.58 -9.22
N CYS B 19 -7.17 7.92 -9.80
CA CYS B 19 -7.04 7.87 -11.25
C CYS B 19 -6.41 9.19 -11.71
N TYR B 20 -5.23 9.07 -12.30
CA TYR B 20 -4.51 10.23 -12.78
C TYR B 20 -5.45 11.18 -13.54
N GLN B 21 -6.56 10.62 -14.01
CA GLN B 21 -7.54 11.40 -14.73
C GLN B 21 -7.62 12.82 -14.16
N GLU B 22 -7.44 12.91 -12.85
CA GLU B 22 -7.48 14.19 -12.17
C GLU B 22 -6.16 14.93 -12.34
N VAL B 23 -5.21 14.57 -11.49
CA VAL B 23 -3.89 15.20 -11.54
C VAL B 23 -3.45 15.32 -13.00
N SER B 24 -2.93 16.50 -13.32
CA SER B 24 -2.46 16.76 -14.67
C SER B 24 -0.95 17.03 -14.66
N GLY B 25 -0.36 16.85 -13.49
CA GLY B 25 1.07 17.08 -13.33
C GLY B 25 1.76 15.82 -12.82
N PRO B 26 3.12 15.89 -12.76
CA PRO B 26 3.91 14.76 -12.30
C PRO B 26 3.82 14.62 -10.78
N GLN B 27 4.57 15.47 -10.09
CA GLN B 27 4.58 15.44 -8.64
C GLN B 27 3.19 15.80 -8.09
N GLU B 28 2.32 16.22 -9.00
CA GLU B 28 0.97 16.58 -8.61
C GLU B 28 0.16 15.35 -8.24
N ALA B 29 0.57 14.21 -8.80
CA ALA B 29 -0.10 12.96 -8.54
C ALA B 29 0.04 12.61 -7.05
N LEU B 30 1.27 12.30 -6.67
CA LEU B 30 1.55 11.96 -5.29
C LEU B 30 1.21 13.14 -4.39
N SER B 31 1.19 14.33 -4.99
CA SER B 31 0.89 15.54 -4.26
C SER B 31 -0.50 15.44 -3.63
N GLN B 32 -1.50 15.37 -4.50
CA GLN B 32 -2.88 15.26 -4.05
C GLN B 32 -3.06 14.02 -3.18
N LEU B 33 -2.36 12.96 -3.54
CA LEU B 33 -2.43 11.72 -2.81
C LEU B 33 -1.73 11.88 -1.46
N ARG B 34 -0.75 12.77 -1.44
CA ARG B 34 0.00 13.03 -0.23
C ARG B 34 -0.92 13.61 0.84
N GLN B 35 -1.72 14.57 0.44
CA GLN B 35 -2.65 15.21 1.35
C GLN B 35 -3.76 14.24 1.76
N LEU B 36 -4.27 13.54 0.77
CA LEU B 36 -5.32 12.57 1.01
C LEU B 36 -4.83 11.50 1.98
N CYS B 37 -3.77 10.82 1.57
CA CYS B 37 -3.18 9.78 2.39
C CYS B 37 -2.85 10.37 3.77
N ARG B 38 -2.25 11.56 3.73
CA ARG B 38 -1.88 12.25 4.95
C ARG B 38 -3.05 12.25 5.94
N GLN B 39 -4.25 12.44 5.39
CA GLN B 39 -5.45 12.46 6.21
C GLN B 39 -5.95 11.05 6.45
N TRP B 40 -5.49 10.13 5.62
CA TRP B 40 -5.88 8.73 5.73
C TRP B 40 -5.42 8.23 7.11
N LEU B 41 -4.12 8.40 7.35
CA LEU B 41 -3.54 7.96 8.61
C LEU B 41 -3.37 9.17 9.53
N GLN B 42 -2.72 10.19 9.00
CA GLN B 42 -2.48 11.41 9.75
C GLN B 42 -2.27 11.08 11.22
N PRO B 43 -1.19 10.28 11.48
CA PRO B 43 -0.87 9.89 12.84
C PRO B 43 -0.24 11.04 13.62
N GLU B 44 1.09 11.06 13.62
CA GLU B 44 1.83 12.09 14.32
C GLU B 44 3.23 11.61 14.67
N LEU B 45 4.05 11.44 13.63
CA LEU B 45 5.41 10.98 13.81
C LEU B 45 5.41 9.48 14.10
N HIS B 46 4.24 8.89 13.92
CA HIS B 46 4.09 7.45 14.15
C HIS B 46 5.33 6.72 13.67
N THR B 47 5.96 6.01 14.59
CA THR B 47 7.17 5.26 14.28
C THR B 47 6.87 4.20 13.21
N LYS B 48 7.74 3.21 13.15
CA LYS B 48 7.58 2.13 12.18
C LYS B 48 6.29 1.38 12.46
N GLU B 49 5.69 1.72 13.60
CA GLU B 49 4.43 1.09 14.00
C GLU B 49 3.37 1.28 12.92
N GLN B 50 3.18 2.54 12.54
CA GLN B 50 2.20 2.87 11.53
C GLN B 50 2.68 2.42 10.14
N ILE B 51 3.94 2.73 9.87
CA ILE B 51 4.54 2.37 8.60
C ILE B 51 4.28 0.89 8.32
N LEU B 52 4.51 0.08 9.34
CA LEU B 52 4.30 -1.36 9.21
C LEU B 52 2.81 -1.64 9.00
N GLU B 53 2.04 -1.39 10.05
CA GLU B 53 0.61 -1.61 9.98
C GLU B 53 0.06 -1.18 8.62
N LEU B 54 0.70 -0.18 8.06
CA LEU B 54 0.30 0.33 6.75
C LEU B 54 0.41 -0.78 5.71
N LEU B 55 1.65 -1.11 5.37
CA LEU B 55 1.90 -2.15 4.40
C LEU B 55 1.50 -3.51 4.98
N VAL B 56 1.75 -3.65 6.28
CA VAL B 56 1.41 -4.88 6.97
C VAL B 56 -0.08 -5.17 6.80
N MET B 57 -0.87 -4.10 6.82
CA MET B 57 -2.31 -4.23 6.68
C MET B 57 -2.68 -4.54 5.23
N GLU B 58 -2.59 -3.51 4.39
CA GLU B 58 -2.93 -3.66 2.99
C GLU B 58 -2.44 -5.02 2.47
N GLN B 59 -1.36 -5.50 3.06
CA GLN B 59 -0.80 -6.78 2.68
C GLN B 59 -1.49 -7.91 3.44
N PHE B 60 -1.47 -7.79 4.76
CA PHE B 60 -2.08 -8.79 5.62
C PHE B 60 -3.46 -9.19 5.09
N LEU B 61 -4.04 -8.31 4.29
CA LEU B 61 -5.35 -8.56 3.72
C LEU B 61 -5.18 -9.15 2.31
N THR B 62 -4.30 -8.52 1.55
CA THR B 62 -4.03 -8.97 0.19
C THR B 62 -3.77 -10.48 0.17
N ILE B 63 -3.25 -10.97 1.29
CA ILE B 63 -2.95 -12.39 1.42
C ILE B 63 -4.24 -13.16 1.67
N LEU B 64 -5.15 -12.51 2.39
CA LEU B 64 -6.43 -13.13 2.72
C LEU B 64 -7.36 -13.01 1.51
N PRO B 65 -8.45 -13.82 1.55
CA PRO B 65 -9.43 -13.82 0.47
C PRO B 65 -10.30 -12.57 0.54
N GLU B 66 -11.42 -12.64 -0.17
CA GLU B 66 -12.36 -11.52 -0.20
C GLU B 66 -13.19 -11.49 1.07
N GLU B 67 -13.18 -12.61 1.78
CA GLU B 67 -13.92 -12.71 3.02
C GLU B 67 -13.71 -11.47 3.88
N ILE B 68 -12.45 -11.11 4.05
CA ILE B 68 -12.09 -9.95 4.84
C ILE B 68 -12.56 -8.69 4.11
N GLN B 69 -12.43 -8.73 2.79
CA GLN B 69 -12.83 -7.59 1.97
C GLN B 69 -14.34 -7.33 2.13
N ALA B 70 -15.05 -8.37 2.53
CA ALA B 70 -16.48 -8.26 2.72
C ALA B 70 -16.77 -7.68 4.11
N ARG B 71 -16.17 -8.31 5.10
CA ARG B 71 -16.35 -7.87 6.48
C ARG B 71 -15.74 -6.47 6.68
N VAL B 72 -14.85 -6.11 5.76
CA VAL B 72 -14.20 -4.82 5.80
C VAL B 72 -15.00 -3.82 4.97
N ARG B 73 -15.50 -4.30 3.85
CA ARG B 73 -16.28 -3.45 2.95
C ARG B 73 -17.48 -2.86 3.70
N HIS B 74 -18.15 -3.73 4.45
CA HIS B 74 -19.31 -3.30 5.21
C HIS B 74 -19.87 -4.49 6.00
N ARG B 75 -19.84 -4.35 7.32
CA ARG B 75 -20.33 -5.41 8.19
C ARG B 75 -20.18 -4.99 9.65
N CYS B 76 -18.94 -4.75 10.05
CA CYS B 76 -18.65 -4.35 11.42
C CYS B 76 -17.13 -4.37 11.61
N LEU B 77 -16.45 -3.64 10.74
CA LEU B 77 -15.00 -3.56 10.81
C LEU B 77 -14.59 -2.54 11.86
N MET B 78 -13.34 -2.61 12.26
CA MET B 78 -12.81 -1.70 13.27
C MET B 78 -11.32 -1.93 13.50
N SER B 79 -11.01 -3.07 14.12
CA SER B 79 -9.63 -3.42 14.39
C SER B 79 -9.23 -4.64 13.57
N SER B 80 -8.01 -4.60 13.06
CA SER B 80 -7.49 -5.69 12.25
C SER B 80 -7.54 -6.99 13.06
N LYS B 81 -7.68 -6.85 14.36
CA LYS B 81 -7.75 -8.00 15.24
C LYS B 81 -8.95 -8.87 14.85
N GLU B 82 -10.08 -8.21 14.68
CA GLU B 82 -11.31 -8.90 14.30
C GLU B 82 -11.16 -9.51 12.91
N ILE B 83 -10.36 -8.84 12.09
CA ILE B 83 -10.14 -9.30 10.73
C ILE B 83 -9.48 -10.68 10.77
N VAL B 84 -8.30 -10.73 11.35
CA VAL B 84 -7.55 -11.97 11.46
C VAL B 84 -8.41 -13.01 12.20
N THR B 85 -9.27 -12.50 13.07
CA THR B 85 -10.14 -13.36 13.84
C THR B 85 -11.15 -14.06 12.93
N LEU B 86 -11.69 -13.29 12.01
CA LEU B 86 -12.66 -13.83 11.06
C LEU B 86 -11.99 -14.89 10.19
N VAL B 87 -10.83 -14.52 9.64
CA VAL B 87 -10.08 -15.42 8.79
C VAL B 87 -9.66 -16.64 9.60
N GLU B 88 -9.51 -16.44 10.90
CA GLU B 88 -9.12 -17.50 11.79
C GLU B 88 -10.23 -18.55 11.91
N ASP B 89 -11.36 -18.10 12.46
CA ASP B 89 -12.50 -18.98 12.63
C ASP B 89 -13.03 -19.40 11.26
N PHE B 90 -12.51 -18.74 10.23
CA PHE B 90 -12.92 -19.03 8.87
C PHE B 90 -12.25 -20.30 8.35
N HIS B 91 -10.95 -20.20 8.11
CA HIS B 91 -10.18 -21.33 7.61
C HIS B 91 -9.96 -22.33 8.75
N ARG B 92 -10.34 -21.91 9.95
CA ARG B 92 -10.19 -22.76 11.12
C ARG B 92 -11.56 -23.26 11.59
N ALA B 93 -12.39 -22.31 11.99
CA ALA B 93 -13.72 -22.64 12.47
C ALA B 93 -13.61 -23.58 13.68
N SER B 94 -14.67 -23.61 14.48
CA SER B 94 -14.70 -24.45 15.65
C SER B 94 -15.96 -24.17 16.47
N LYS B 95 -17.07 -24.01 15.76
CA LYS B 95 -18.33 -23.73 16.40
C LYS B 95 -19.47 -23.90 15.39
N LYS B 96 -20.68 -23.90 15.90
CA LYS B 96 -21.86 -24.06 15.06
C LYS B 96 -21.81 -23.02 13.94
N PRO B 97 -22.35 -23.41 12.75
CA PRO B 97 -22.37 -22.52 11.61
C PRO B 97 -23.45 -21.44 11.77
N LYS B 98 -22.99 -20.23 12.05
CA LYS B 98 -23.90 -19.12 12.23
C LYS B 98 -25.09 -19.57 13.07
N GLY A 1 23.61 5.54 -13.85
CA GLY A 1 23.42 4.24 -13.24
C GLY A 1 23.40 4.33 -11.72
N SER A 2 23.19 3.18 -11.08
CA SER A 2 23.15 3.13 -9.63
C SER A 2 23.26 1.67 -9.16
N LYS A 3 22.32 0.86 -9.64
CA LYS A 3 22.30 -0.55 -9.28
C LYS A 3 22.07 -0.68 -7.77
N ASN A 4 21.09 -1.49 -7.42
CA ASN A 4 20.76 -1.71 -6.03
C ASN A 4 19.50 -2.59 -5.95
N CYS A 5 19.30 -3.16 -4.76
CA CYS A 5 18.16 -4.02 -4.53
C CYS A 5 16.89 -3.23 -4.86
N PRO A 6 16.22 -3.64 -5.97
CA PRO A 6 15.00 -2.99 -6.40
C PRO A 6 13.83 -3.37 -5.51
N ASP A 7 12.68 -2.80 -5.81
CA ASP A 7 11.47 -3.07 -5.05
C ASP A 7 10.25 -2.76 -5.91
N PRO A 8 10.02 -3.64 -6.92
CA PRO A 8 8.89 -3.48 -7.81
C PRO A 8 7.57 -3.87 -7.13
N GLU A 9 6.50 -3.79 -7.90
CA GLU A 9 5.19 -4.14 -7.38
C GLU A 9 5.01 -5.67 -7.36
N LEU A 10 6.02 -6.35 -7.86
CA LEU A 10 5.99 -7.80 -7.90
C LEU A 10 6.23 -8.36 -6.50
N CYS A 11 7.34 -7.95 -5.92
CA CYS A 11 7.69 -8.39 -4.58
C CYS A 11 6.57 -7.98 -3.61
N ARG A 12 5.94 -6.87 -3.95
CA ARG A 12 4.85 -6.35 -3.13
C ARG A 12 3.67 -7.32 -3.16
N GLN A 13 3.20 -7.59 -4.37
CA GLN A 13 2.07 -8.50 -4.55
C GLN A 13 2.46 -9.92 -4.14
N SER A 14 3.76 -10.15 -4.09
CA SER A 14 4.29 -11.45 -3.73
C SER A 14 4.13 -11.68 -2.22
N PHE A 15 4.47 -10.64 -1.47
CA PHE A 15 4.38 -10.71 -0.02
C PHE A 15 2.93 -10.50 0.45
N ARG A 16 2.19 -9.73 -0.34
CA ARG A 16 0.81 -9.46 -0.03
C ARG A 16 -0.04 -10.73 -0.14
N ARG A 17 0.27 -11.51 -1.17
CA ARG A 17 -0.44 -12.76 -1.40
C ARG A 17 0.47 -13.95 -1.12
N PHE A 18 1.21 -13.84 -0.02
CA PHE A 18 2.13 -14.89 0.37
C PHE A 18 1.87 -15.32 1.82
N CYS A 19 1.35 -14.39 2.59
CA CYS A 19 1.06 -14.66 4.00
C CYS A 19 0.50 -16.07 4.11
N TYR A 20 -0.78 -16.19 3.79
CA TYR A 20 -1.44 -17.49 3.85
C TYR A 20 -0.69 -18.54 3.03
N GLN A 21 0.17 -18.04 2.15
CA GLN A 21 0.96 -18.92 1.30
C GLN A 21 2.23 -19.37 2.03
N GLU A 22 2.36 -18.90 3.26
CA GLU A 22 3.51 -19.26 4.07
C GLU A 22 3.06 -19.76 5.44
N VAL A 23 2.41 -18.88 6.18
CA VAL A 23 1.91 -19.23 7.50
C VAL A 23 0.53 -19.85 7.37
N SER A 24 0.14 -20.58 8.41
CA SER A 24 -1.16 -21.24 8.43
C SER A 24 -1.88 -20.93 9.74
N GLY A 25 -1.25 -20.09 10.54
CA GLY A 25 -1.81 -19.71 11.83
C GLY A 25 -2.57 -18.38 11.73
N PRO A 26 -3.22 -18.00 12.86
CA PRO A 26 -3.98 -16.76 12.91
C PRO A 26 -3.05 -15.55 13.00
N GLN A 27 -2.61 -15.28 14.22
CA GLN A 27 -1.71 -14.15 14.46
C GLN A 27 -0.44 -14.32 13.64
N GLU A 28 -0.25 -15.53 13.11
CA GLU A 28 0.92 -15.82 12.32
C GLU A 28 0.83 -15.14 10.95
N ALA A 29 -0.39 -14.75 10.61
CA ALA A 29 -0.63 -14.08 9.34
C ALA A 29 0.11 -12.74 9.32
N LEU A 30 -0.42 -11.80 10.08
CA LEU A 30 0.18 -10.47 10.16
C LEU A 30 1.60 -10.59 10.70
N SER A 31 1.85 -11.70 11.39
CA SER A 31 3.16 -11.94 11.96
C SER A 31 4.22 -11.94 10.86
N GLN A 32 4.02 -12.79 9.88
CA GLN A 32 4.94 -12.89 8.76
C GLN A 32 4.95 -11.60 7.95
N LEU A 33 3.74 -11.09 7.70
CA LEU A 33 3.59 -9.86 6.95
C LEU A 33 4.15 -8.69 7.77
N ARG A 34 4.16 -8.88 9.08
CA ARG A 34 4.67 -7.86 9.97
C ARG A 34 6.16 -7.67 9.78
N GLN A 35 6.86 -8.78 9.67
CA GLN A 35 8.30 -8.76 9.47
C GLN A 35 8.64 -8.27 8.06
N LEU A 36 7.93 -8.82 7.08
CA LEU A 36 8.14 -8.44 5.71
C LEU A 36 7.82 -6.95 5.53
N CYS A 37 6.66 -6.56 6.04
CA CYS A 37 6.23 -5.18 5.94
C CYS A 37 7.34 -4.30 6.53
N ARG A 38 7.63 -4.54 7.79
CA ARG A 38 8.66 -3.77 8.48
C ARG A 38 9.92 -3.67 7.62
N GLN A 39 10.17 -4.73 6.86
CA GLN A 39 11.32 -4.77 5.98
C GLN A 39 11.02 -4.03 4.68
N TRP A 40 9.74 -3.88 4.40
CA TRP A 40 9.30 -3.20 3.19
C TRP A 40 9.60 -1.70 3.36
N LEU A 41 9.07 -1.15 4.44
CA LEU A 41 9.26 0.27 4.73
C LEU A 41 10.61 0.45 5.44
N GLN A 42 10.74 -0.20 6.58
CA GLN A 42 11.96 -0.12 7.36
C GLN A 42 12.68 1.20 7.07
N PRO A 43 12.02 2.32 7.46
CA PRO A 43 12.59 3.64 7.24
C PRO A 43 13.73 3.91 8.24
N GLU A 44 14.55 4.88 7.88
CA GLU A 44 15.68 5.25 8.73
C GLU A 44 15.23 6.28 9.77
N LEU A 45 14.58 7.34 9.29
CA LEU A 45 14.10 8.38 10.17
C LEU A 45 12.60 8.21 10.40
N HIS A 46 12.07 7.14 9.82
CA HIS A 46 10.65 6.84 9.96
C HIS A 46 9.83 8.09 9.64
N THR A 47 10.48 9.03 8.98
CA THR A 47 9.82 10.27 8.60
C THR A 47 8.65 9.99 7.65
N LYS A 48 7.63 10.84 7.77
CA LYS A 48 6.45 10.69 6.92
C LYS A 48 6.87 10.74 5.46
N GLU A 49 8.13 11.08 5.23
CA GLU A 49 8.65 11.17 3.88
C GLU A 49 8.71 9.79 3.25
N GLN A 50 9.21 8.83 4.02
CA GLN A 50 9.33 7.46 3.54
C GLN A 50 7.94 6.80 3.49
N ILE A 51 7.15 7.08 4.51
CA ILE A 51 5.81 6.52 4.59
C ILE A 51 4.95 7.10 3.47
N LEU A 52 4.77 8.41 3.52
CA LEU A 52 3.97 9.10 2.52
C LEU A 52 4.41 8.64 1.13
N GLU A 53 5.71 8.57 0.93
CA GLU A 53 6.26 8.14 -0.33
C GLU A 53 5.92 6.67 -0.60
N LEU A 54 5.71 5.94 0.49
CA LEU A 54 5.39 4.53 0.41
C LEU A 54 4.09 4.36 -0.38
N LEU A 55 3.03 4.97 0.14
CA LEU A 55 1.73 4.89 -0.50
C LEU A 55 1.73 5.79 -1.74
N VAL A 56 2.21 7.01 -1.55
CA VAL A 56 2.27 7.96 -2.64
C VAL A 56 2.92 7.30 -3.86
N MET A 57 3.80 6.37 -3.58
CA MET A 57 4.50 5.65 -4.64
C MET A 57 3.57 4.65 -5.33
N GLU A 58 3.23 3.59 -4.59
CA GLU A 58 2.36 2.57 -5.13
C GLU A 58 1.14 3.21 -5.82
N GLN A 59 0.75 4.36 -5.30
CA GLN A 59 -0.38 5.08 -5.87
C GLN A 59 0.05 5.85 -7.12
N PHE A 60 1.00 6.74 -6.92
CA PHE A 60 1.50 7.54 -8.04
C PHE A 60 1.84 6.67 -9.24
N LEU A 61 2.05 5.40 -8.97
CA LEU A 61 2.38 4.45 -10.02
C LEU A 61 1.09 3.87 -10.60
N THR A 62 0.16 3.56 -9.70
CA THR A 62 -1.11 3.00 -10.10
C THR A 62 -1.81 3.93 -11.10
N ILE A 63 -1.59 5.22 -10.91
CA ILE A 63 -2.19 6.21 -11.80
C ILE A 63 -1.44 6.22 -13.12
N LEU A 64 -0.12 6.18 -13.04
CA LEU A 64 0.71 6.19 -14.22
C LEU A 64 0.51 4.88 -14.98
N PRO A 65 0.90 4.90 -16.29
CA PRO A 65 0.77 3.73 -17.13
C PRO A 65 1.85 2.69 -16.80
N GLU A 66 2.08 1.79 -17.74
CA GLU A 66 3.07 0.74 -17.55
C GLU A 66 4.46 1.27 -17.88
N GLU A 67 4.48 2.34 -18.67
CA GLU A 67 5.74 2.96 -19.06
C GLU A 67 6.66 3.11 -17.85
N ILE A 68 6.08 3.59 -16.76
CA ILE A 68 6.84 3.79 -15.53
C ILE A 68 7.19 2.43 -14.93
N GLN A 69 6.22 1.53 -14.99
CA GLN A 69 6.41 0.19 -14.45
C GLN A 69 7.60 -0.49 -15.13
N ALA A 70 7.86 -0.06 -16.36
CA ALA A 70 8.97 -0.61 -17.13
C ALA A 70 10.27 0.06 -16.70
N ARG A 71 10.25 1.38 -16.71
CA ARG A 71 11.41 2.16 -16.32
C ARG A 71 11.72 1.95 -14.84
N VAL A 72 10.74 1.40 -14.12
CA VAL A 72 10.90 1.14 -12.71
C VAL A 72 11.44 -0.28 -12.51
N ARG A 73 10.84 -1.21 -13.24
CA ARG A 73 11.25 -2.60 -13.15
C ARG A 73 12.74 -2.73 -13.47
N HIS A 74 13.18 -1.95 -14.45
CA HIS A 74 14.57 -1.98 -14.85
C HIS A 74 15.46 -1.73 -13.63
N ARG A 75 16.75 -1.55 -13.91
CA ARG A 75 17.72 -1.31 -12.85
C ARG A 75 18.20 0.14 -12.90
N CYS A 76 17.38 1.03 -12.37
CA CYS A 76 17.71 2.45 -12.35
C CYS A 76 16.80 3.14 -11.34
N LEU A 77 16.41 2.38 -10.32
CA LEU A 77 15.54 2.91 -9.29
C LEU A 77 16.31 3.93 -8.45
N MET A 78 15.60 4.96 -8.03
CA MET A 78 16.21 6.01 -7.22
C MET A 78 15.14 6.86 -6.54
N SER A 79 14.55 7.76 -7.33
CA SER A 79 13.52 8.64 -6.82
C SER A 79 12.28 8.58 -7.73
N SER A 80 11.18 9.11 -7.22
CA SER A 80 9.93 9.11 -7.96
C SER A 80 9.92 10.29 -8.94
N LYS A 81 10.84 11.22 -8.72
CA LYS A 81 10.95 12.39 -9.57
C LYS A 81 11.25 11.93 -11.00
N GLU A 82 12.13 10.97 -11.11
CA GLU A 82 12.51 10.44 -12.41
C GLU A 82 11.30 9.82 -13.11
N ILE A 83 10.48 9.15 -12.32
CA ILE A 83 9.29 8.50 -12.84
C ILE A 83 8.38 9.57 -13.47
N VAL A 84 7.96 10.50 -12.63
CA VAL A 84 7.09 11.58 -13.08
C VAL A 84 7.77 12.32 -14.24
N THR A 85 9.09 12.25 -14.25
CA THR A 85 9.86 12.91 -15.30
C THR A 85 9.67 12.20 -16.64
N LEU A 86 9.83 10.89 -16.60
CA LEU A 86 9.67 10.08 -17.80
C LEU A 86 8.27 10.31 -18.39
N VAL A 87 7.28 10.23 -17.52
CA VAL A 87 5.90 10.44 -17.93
C VAL A 87 5.74 11.87 -18.44
N GLU A 88 6.40 12.79 -17.76
CA GLU A 88 6.32 14.19 -18.13
C GLU A 88 6.86 14.39 -19.55
N ASP A 89 8.02 13.78 -19.80
CA ASP A 89 8.64 13.88 -21.12
C ASP A 89 7.74 13.25 -22.16
N PHE A 90 7.01 12.23 -21.74
CA PHE A 90 6.09 11.53 -22.63
C PHE A 90 4.94 12.43 -23.04
N HIS A 91 4.45 13.20 -22.07
CA HIS A 91 3.34 14.10 -22.32
C HIS A 91 3.78 15.19 -23.31
N ARG A 92 4.96 15.73 -23.06
CA ARG A 92 5.51 16.77 -23.91
C ARG A 92 6.78 17.36 -23.29
N ALA A 93 7.83 16.56 -23.31
CA ALA A 93 9.11 16.99 -22.77
C ALA A 93 9.51 18.32 -23.39
N SER A 94 9.89 19.25 -22.54
CA SER A 94 10.30 20.57 -22.99
C SER A 94 10.87 21.38 -21.83
N LYS A 95 11.51 20.66 -20.91
CA LYS A 95 12.10 21.29 -19.75
C LYS A 95 12.81 20.24 -18.90
N LYS A 96 13.09 20.61 -17.66
CA LYS A 96 13.76 19.70 -16.75
C LYS A 96 13.25 19.95 -15.33
N PRO A 97 11.97 19.56 -15.10
CA PRO A 97 11.35 19.73 -13.80
C PRO A 97 11.88 18.70 -12.80
N LYS A 98 11.66 18.99 -11.53
CA LYS A 98 12.10 18.10 -10.47
C LYS A 98 10.98 17.12 -10.13
N GLY B 1 -27.14 18.03 -3.51
CA GLY B 1 -27.36 17.03 -2.48
C GLY B 1 -26.10 16.20 -2.24
N SER B 2 -26.06 15.04 -2.89
CA SER B 2 -24.91 14.15 -2.75
C SER B 2 -24.79 13.68 -1.29
N LYS B 3 -23.99 12.65 -1.11
CA LYS B 3 -23.77 12.10 0.21
C LYS B 3 -22.47 11.30 0.23
N ASN B 4 -21.96 11.07 1.43
CA ASN B 4 -20.72 10.33 1.60
C ASN B 4 -20.47 10.10 3.09
N CYS B 5 -19.67 9.08 3.37
CA CYS B 5 -19.33 8.75 4.75
C CYS B 5 -17.81 8.78 4.89
N PRO B 6 -17.34 9.70 5.78
CA PRO B 6 -15.91 9.84 6.01
C PRO B 6 -15.38 8.70 6.87
N ASP B 7 -14.48 7.92 6.29
CA ASP B 7 -13.89 6.80 6.99
C ASP B 7 -12.43 6.65 6.57
N PRO B 8 -11.67 5.88 7.38
CA PRO B 8 -10.26 5.66 7.12
C PRO B 8 -10.08 4.66 5.98
N GLU B 9 -10.78 3.54 6.08
CA GLU B 9 -10.70 2.50 5.07
C GLU B 9 -11.34 2.99 3.76
N LEU B 10 -12.26 3.94 3.90
CA LEU B 10 -12.94 4.50 2.75
C LEU B 10 -11.99 5.44 2.02
N CYS B 11 -11.43 6.38 2.78
CA CYS B 11 -10.51 7.35 2.21
C CYS B 11 -9.31 6.59 1.63
N ARG B 12 -9.09 5.40 2.16
CA ARG B 12 -7.99 4.57 1.70
C ARG B 12 -8.29 3.99 0.32
N GLN B 13 -9.30 3.13 0.29
CA GLN B 13 -9.69 2.50 -0.96
C GLN B 13 -10.25 3.55 -1.93
N SER B 14 -10.47 4.74 -1.40
CA SER B 14 -11.00 5.82 -2.20
C SER B 14 -9.87 6.49 -3.00
N PHE B 15 -8.89 6.98 -2.27
CA PHE B 15 -7.75 7.62 -2.87
C PHE B 15 -6.87 6.61 -3.63
N ARG B 16 -7.04 5.36 -3.25
CA ARG B 16 -6.27 4.29 -3.88
C ARG B 16 -6.72 4.09 -5.33
N ARG B 17 -6.67 5.17 -6.08
CA ARG B 17 -7.08 5.13 -7.48
C ARG B 17 -7.47 6.52 -7.97
N PHE B 18 -6.59 7.48 -7.71
CA PHE B 18 -6.83 8.85 -8.11
C PHE B 18 -7.26 8.93 -9.58
N CYS B 19 -6.45 8.33 -10.44
CA CYS B 19 -6.73 8.32 -11.86
C CYS B 19 -5.93 9.45 -12.52
N TYR B 20 -4.83 9.05 -13.14
CA TYR B 20 -3.98 10.02 -13.81
C TYR B 20 -4.77 10.86 -14.82
N GLN B 21 -5.36 11.94 -14.32
CA GLN B 21 -6.14 12.82 -15.15
C GLN B 21 -5.47 14.19 -15.27
N GLU B 22 -4.14 14.17 -15.23
CA GLU B 22 -3.36 15.39 -15.32
C GLU B 22 -3.85 16.41 -14.29
N VAL B 23 -3.11 16.49 -13.19
CA VAL B 23 -3.46 17.41 -12.12
C VAL B 23 -2.72 18.73 -12.34
N SER B 24 -2.79 19.23 -13.57
CA SER B 24 -2.13 20.48 -13.92
C SER B 24 -0.71 20.20 -14.41
N GLY B 25 -0.23 19.01 -14.09
CA GLY B 25 1.11 18.61 -14.49
C GLY B 25 1.41 17.17 -14.08
N PRO B 26 2.69 16.75 -14.27
CA PRO B 26 3.11 15.42 -13.91
C PRO B 26 3.25 15.26 -12.40
N GLN B 27 4.30 15.89 -11.87
CA GLN B 27 4.56 15.83 -10.44
C GLN B 27 3.28 16.12 -9.66
N GLU B 28 2.37 16.83 -10.31
CA GLU B 28 1.11 17.18 -9.69
C GLU B 28 0.40 15.92 -9.18
N ALA B 29 0.76 14.81 -9.77
CA ALA B 29 0.17 13.53 -9.39
C ALA B 29 0.48 13.25 -7.91
N LEU B 30 1.76 13.31 -7.59
CA LEU B 30 2.20 13.06 -6.23
C LEU B 30 1.67 14.18 -5.32
N SER B 31 1.45 15.34 -5.94
CA SER B 31 0.96 16.48 -5.20
C SER B 31 -0.39 16.15 -4.54
N GLN B 32 -1.35 15.81 -5.38
CA GLN B 32 -2.68 15.46 -4.90
C GLN B 32 -2.60 14.23 -3.98
N LEU B 33 -1.96 13.20 -4.50
CA LEU B 33 -1.80 11.97 -3.74
C LEU B 33 -1.13 12.27 -2.41
N ARG B 34 0.11 12.74 -2.51
CA ARG B 34 0.88 13.07 -1.32
C ARG B 34 -0.02 13.69 -0.26
N GLN B 35 -0.96 14.51 -0.73
CA GLN B 35 -1.89 15.18 0.16
C GLN B 35 -2.81 14.15 0.84
N LEU B 36 -3.36 13.27 0.02
CA LEU B 36 -4.25 12.24 0.52
C LEU B 36 -3.45 11.24 1.35
N CYS B 37 -2.26 10.92 0.86
CA CYS B 37 -1.39 9.98 1.54
C CYS B 37 -1.08 10.54 2.94
N ARG B 38 -0.45 11.69 2.95
CA ARG B 38 -0.08 12.33 4.21
C ARG B 38 -1.30 12.37 5.14
N GLN B 39 -2.47 12.57 4.54
CA GLN B 39 -3.69 12.63 5.30
C GLN B 39 -4.16 11.23 5.68
N TRP B 40 -3.65 10.25 4.95
CA TRP B 40 -4.00 8.86 5.19
C TRP B 40 -3.42 8.46 6.54
N LEU B 41 -2.11 8.61 6.64
CA LEU B 41 -1.41 8.25 7.88
C LEU B 41 -1.15 9.54 8.68
N GLN B 42 -0.47 10.48 8.05
CA GLN B 42 -0.16 11.73 8.69
C GLN B 42 0.64 11.49 9.97
N PRO B 43 1.77 12.24 10.10
CA PRO B 43 2.62 12.10 11.27
C PRO B 43 2.00 12.78 12.49
N GLU B 44 2.12 12.12 13.63
CA GLU B 44 1.56 12.65 14.87
C GLU B 44 1.72 11.62 16.00
N LEU B 45 1.77 10.36 15.60
CA LEU B 45 1.91 9.28 16.56
C LEU B 45 1.79 7.94 15.84
N HIS B 46 1.02 7.94 14.77
CA HIS B 46 0.81 6.74 13.98
C HIS B 46 1.94 6.60 12.97
N THR B 47 3.16 6.81 13.44
CA THR B 47 4.32 6.70 12.59
C THR B 47 4.45 5.29 12.03
N LYS B 48 5.67 4.96 11.62
CA LYS B 48 5.93 3.64 11.07
C LYS B 48 5.04 2.60 11.75
N GLU B 49 4.74 2.87 13.02
CA GLU B 49 3.90 1.99 13.80
C GLU B 49 2.61 1.67 13.02
N GLN B 50 1.84 2.71 12.76
CA GLN B 50 0.60 2.55 12.03
C GLN B 50 0.87 2.14 10.58
N ILE B 51 1.97 2.65 10.05
CA ILE B 51 2.35 2.35 8.68
C ILE B 51 2.54 0.83 8.54
N LEU B 52 3.48 0.31 9.31
CA LEU B 52 3.77 -1.11 9.27
C LEU B 52 2.46 -1.89 9.35
N GLU B 53 1.59 -1.45 10.25
CA GLU B 53 0.31 -2.10 10.43
C GLU B 53 -0.61 -1.80 9.24
N LEU B 54 -0.26 -0.75 8.52
CA LEU B 54 -1.05 -0.34 7.36
C LEU B 54 -0.95 -1.43 6.29
N LEU B 55 0.28 -1.69 5.86
CA LEU B 55 0.52 -2.69 4.84
C LEU B 55 0.29 -4.08 5.43
N VAL B 56 0.75 -4.26 6.66
CA VAL B 56 0.59 -5.52 7.35
C VAL B 56 -0.89 -5.88 7.41
N MET B 57 -1.71 -4.86 7.61
CA MET B 57 -3.15 -5.06 7.69
C MET B 57 -3.74 -5.35 6.30
N GLU B 58 -3.77 -4.31 5.48
CA GLU B 58 -4.30 -4.43 4.13
C GLU B 58 -3.93 -5.79 3.54
N GLN B 59 -2.73 -6.25 3.88
CA GLN B 59 -2.24 -7.53 3.39
C GLN B 59 -2.96 -8.67 4.09
N PHE B 60 -2.83 -8.70 5.41
CA PHE B 60 -3.45 -9.74 6.22
C PHE B 60 -4.87 -10.03 5.71
N LEU B 61 -5.46 -9.02 5.09
CA LEU B 61 -6.80 -9.16 4.56
C LEU B 61 -6.74 -9.84 3.18
N THR B 62 -5.85 -9.34 2.36
CA THR B 62 -5.67 -9.90 1.02
C THR B 62 -5.39 -11.40 1.09
N ILE B 63 -4.71 -11.79 2.16
CA ILE B 63 -4.38 -13.19 2.36
C ILE B 63 -5.64 -13.95 2.74
N LEU B 64 -6.44 -13.33 3.59
CA LEU B 64 -7.68 -13.93 4.05
C LEU B 64 -8.71 -13.89 2.92
N PRO B 65 -9.75 -14.76 3.05
CA PRO B 65 -10.80 -14.83 2.05
C PRO B 65 -11.76 -13.63 2.18
N GLU B 66 -12.92 -13.77 1.58
CA GLU B 66 -13.92 -12.71 1.62
C GLU B 66 -14.65 -12.73 2.96
N GLU B 67 -14.61 -13.88 3.61
CA GLU B 67 -15.26 -14.04 4.89
C GLU B 67 -14.96 -12.83 5.79
N ILE B 68 -13.69 -12.48 5.84
CA ILE B 68 -13.26 -11.34 6.65
C ILE B 68 -13.77 -10.04 6.02
N GLN B 69 -13.64 -9.98 4.70
CA GLN B 69 -14.07 -8.81 3.96
C GLN B 69 -15.56 -8.53 4.24
N ALA B 70 -16.25 -9.58 4.64
CA ALA B 70 -17.68 -9.47 4.93
C ALA B 70 -17.86 -8.99 6.38
N ARG B 71 -17.16 -9.66 7.28
CA ARG B 71 -17.23 -9.31 8.69
C ARG B 71 -16.57 -7.96 8.94
N VAL B 72 -15.81 -7.51 7.95
CA VAL B 72 -15.13 -6.24 8.05
C VAL B 72 -15.98 -5.15 7.41
N ARG B 73 -16.29 -5.34 6.13
CA ARG B 73 -17.10 -4.39 5.40
C ARG B 73 -18.36 -4.04 6.19
N HIS B 74 -18.93 -5.07 6.82
CA HIS B 74 -20.13 -4.89 7.61
C HIS B 74 -19.76 -4.41 9.01
N ARG B 75 -20.54 -3.46 9.51
CA ARG B 75 -20.30 -2.90 10.82
C ARG B 75 -20.32 -4.01 11.88
N CYS B 76 -19.21 -4.15 12.58
CA CYS B 76 -19.10 -5.16 13.61
C CYS B 76 -17.61 -5.41 13.88
N LEU B 77 -16.81 -5.20 12.84
CA LEU B 77 -15.37 -5.39 12.96
C LEU B 77 -14.87 -4.68 14.21
N MET B 78 -13.66 -5.06 14.61
CA MET B 78 -13.05 -4.46 15.79
C MET B 78 -11.55 -4.26 15.58
N SER B 79 -10.80 -5.33 15.81
CA SER B 79 -9.35 -5.27 15.66
C SER B 79 -8.88 -6.46 14.82
N SER B 80 -7.73 -6.28 14.18
CA SER B 80 -7.15 -7.32 13.35
C SER B 80 -7.21 -8.66 14.09
N LYS B 81 -7.22 -8.58 15.41
CA LYS B 81 -7.26 -9.77 16.24
C LYS B 81 -8.60 -10.48 16.04
N GLU B 82 -9.65 -9.68 16.03
CA GLU B 82 -10.99 -10.22 15.85
C GLU B 82 -11.12 -10.88 14.48
N ILE B 83 -10.54 -10.22 13.48
CA ILE B 83 -10.59 -10.72 12.12
C ILE B 83 -9.95 -12.12 12.09
N VAL B 84 -8.68 -12.16 12.45
CA VAL B 84 -7.96 -13.42 12.48
C VAL B 84 -8.70 -14.42 13.35
N THR B 85 -9.41 -13.89 14.34
CA THR B 85 -10.17 -14.73 15.25
C THR B 85 -11.28 -15.47 14.50
N LEU B 86 -11.95 -14.74 13.63
CA LEU B 86 -13.03 -15.30 12.84
C LEU B 86 -12.47 -16.39 11.91
N VAL B 87 -11.31 -16.08 11.33
CA VAL B 87 -10.67 -17.01 10.43
C VAL B 87 -10.38 -18.32 11.17
N GLU B 88 -9.97 -18.17 12.42
CA GLU B 88 -9.65 -19.32 13.25
C GLU B 88 -10.92 -20.11 13.56
N ASP B 89 -11.94 -19.39 14.01
CA ASP B 89 -13.21 -20.01 14.34
C ASP B 89 -13.78 -20.69 13.10
N PHE B 90 -13.39 -20.18 11.94
CA PHE B 90 -13.86 -20.71 10.68
C PHE B 90 -13.11 -22.01 10.34
N HIS B 91 -11.81 -21.98 10.56
CA HIS B 91 -10.98 -23.14 10.28
C HIS B 91 -11.23 -24.22 11.33
N ARG B 92 -11.81 -23.80 12.44
CA ARG B 92 -12.11 -24.72 13.53
C ARG B 92 -13.50 -25.32 13.35
N ALA B 93 -14.48 -24.43 13.24
CA ALA B 93 -15.86 -24.86 13.07
C ALA B 93 -16.15 -26.03 14.02
N SER B 94 -17.12 -26.83 13.63
CA SER B 94 -17.51 -27.98 14.44
C SER B 94 -18.26 -27.52 15.68
N LYS B 95 -19.12 -26.52 15.47
CA LYS B 95 -19.91 -25.99 16.56
C LYS B 95 -19.03 -25.08 17.43
N LYS B 96 -19.26 -23.78 17.30
CA LYS B 96 -18.49 -22.81 18.05
C LYS B 96 -19.22 -21.46 18.02
N PRO B 97 -20.10 -21.26 19.04
CA PRO B 97 -20.85 -20.03 19.14
C PRO B 97 -19.98 -18.88 19.64
N LYS B 98 -20.42 -17.66 19.35
CA LYS B 98 -19.68 -16.48 19.75
C LYS B 98 -19.70 -16.37 21.28
N GLY A 1 31.47 -2.03 -8.01
CA GLY A 1 30.02 -1.92 -7.95
C GLY A 1 29.37 -3.28 -8.21
N SER A 2 28.63 -3.76 -7.22
CA SER A 2 27.95 -5.03 -7.32
C SER A 2 26.70 -5.03 -6.46
N LYS A 3 25.55 -5.03 -7.12
CA LYS A 3 24.27 -5.02 -6.41
C LYS A 3 23.21 -5.66 -7.31
N ASN A 4 22.57 -6.70 -6.76
CA ASN A 4 21.53 -7.39 -7.50
C ASN A 4 20.45 -6.40 -7.90
N CYS A 5 20.29 -6.24 -9.21
CA CYS A 5 19.30 -5.34 -9.75
C CYS A 5 17.94 -5.70 -9.15
N PRO A 6 17.56 -6.99 -9.32
CA PRO A 6 16.30 -7.48 -8.81
C PRO A 6 16.35 -7.67 -7.29
N ASP A 7 15.26 -7.29 -6.64
CA ASP A 7 15.17 -7.40 -5.20
C ASP A 7 14.01 -6.56 -4.69
N PRO A 8 14.01 -5.27 -5.11
CA PRO A 8 12.96 -4.34 -4.71
C PRO A 8 11.66 -4.62 -5.47
N GLU A 9 11.22 -5.87 -5.38
CA GLU A 9 9.99 -6.28 -6.06
C GLU A 9 9.82 -7.79 -5.98
N LEU A 10 10.96 -8.48 -5.96
CA LEU A 10 10.95 -9.94 -5.89
C LEU A 10 10.59 -10.37 -4.46
N CYS A 11 11.30 -9.79 -3.51
CA CYS A 11 11.07 -10.11 -2.11
C CYS A 11 9.74 -9.49 -1.69
N ARG A 12 9.38 -8.41 -2.38
CA ARG A 12 8.13 -7.72 -2.09
C ARG A 12 6.94 -8.60 -2.47
N GLN A 13 7.02 -9.16 -3.67
CA GLN A 13 5.96 -10.02 -4.16
C GLN A 13 6.08 -11.41 -3.54
N SER A 14 7.30 -11.77 -3.19
CA SER A 14 7.56 -13.07 -2.59
C SER A 14 6.84 -13.17 -1.24
N PHE A 15 6.98 -12.12 -0.45
CA PHE A 15 6.36 -12.09 0.86
C PHE A 15 4.91 -11.62 0.76
N ARG A 16 4.69 -10.63 -0.10
CA ARG A 16 3.35 -10.09 -0.29
C ARG A 16 2.38 -11.20 -0.66
N ARG A 17 2.91 -12.20 -1.35
CA ARG A 17 2.09 -13.33 -1.79
C ARG A 17 2.11 -14.42 -0.71
N PHE A 18 2.38 -13.99 0.52
CA PHE A 18 2.42 -14.92 1.64
C PHE A 18 1.28 -15.95 1.54
N CYS A 19 0.11 -15.45 1.18
CA CYS A 19 -1.06 -16.31 1.05
C CYS A 19 -1.00 -17.36 2.17
N TYR A 20 -1.22 -16.89 3.39
CA TYR A 20 -1.20 -17.77 4.55
C TYR A 20 -0.33 -19.00 4.27
N GLN A 21 0.85 -18.76 3.72
CA GLN A 21 1.77 -19.84 3.42
C GLN A 21 2.64 -20.16 4.64
N GLU A 22 3.66 -19.33 4.82
CA GLU A 22 4.58 -19.50 5.94
C GLU A 22 3.83 -20.04 7.16
N VAL A 23 3.19 -19.13 7.87
CA VAL A 23 2.44 -19.48 9.06
C VAL A 23 0.96 -19.65 8.69
N SER A 24 0.25 -20.38 9.54
CA SER A 24 -1.17 -20.62 9.30
C SER A 24 -2.00 -19.96 10.42
N GLY A 25 -1.29 -19.35 11.35
CA GLY A 25 -1.94 -18.68 12.46
C GLY A 25 -2.54 -17.34 12.03
N PRO A 26 -3.23 -16.68 12.99
CA PRO A 26 -3.85 -15.39 12.70
C PRO A 26 -2.80 -14.27 12.64
N GLN A 27 -2.52 -13.69 13.80
CA GLN A 27 -1.55 -12.62 13.89
C GLN A 27 -0.22 -13.06 13.26
N GLU A 28 -0.05 -14.37 13.16
CA GLU A 28 1.15 -14.93 12.58
C GLU A 28 1.35 -14.42 11.15
N ALA A 29 0.22 -14.22 10.47
CA ALA A 29 0.25 -13.75 9.10
C ALA A 29 0.99 -12.41 9.05
N LEU A 30 0.55 -11.49 9.90
CA LEU A 30 1.16 -10.17 9.96
C LEU A 30 2.58 -10.29 10.51
N SER A 31 2.79 -11.34 11.29
CA SER A 31 4.10 -11.58 11.89
C SER A 31 5.16 -11.70 10.78
N GLN A 32 4.96 -12.67 9.91
CA GLN A 32 5.88 -12.89 8.81
C GLN A 32 5.89 -11.68 7.87
N LEU A 33 4.69 -11.25 7.51
CA LEU A 33 4.55 -10.11 6.61
C LEU A 33 5.25 -8.89 7.24
N ARG A 34 4.69 -8.45 8.36
CA ARG A 34 5.24 -7.30 9.05
C ARG A 34 6.78 -7.36 9.04
N GLN A 35 7.29 -8.57 9.14
CA GLN A 35 8.73 -8.77 9.13
C GLN A 35 9.34 -8.28 7.82
N LEU A 36 8.73 -8.70 6.72
CA LEU A 36 9.19 -8.31 5.41
C LEU A 36 8.80 -6.85 5.14
N CYS A 37 7.66 -6.47 5.68
CA CYS A 37 7.17 -5.12 5.52
C CYS A 37 8.17 -4.15 6.14
N ARG A 38 8.45 -4.39 7.42
CA ARG A 38 9.40 -3.55 8.14
C ARG A 38 10.75 -3.57 7.44
N GLN A 39 11.09 -4.72 6.89
CA GLN A 39 12.35 -4.87 6.19
C GLN A 39 12.28 -4.23 4.80
N TRP A 40 11.05 -3.99 4.36
CA TRP A 40 10.83 -3.39 3.06
C TRP A 40 11.28 -1.93 3.14
N LEU A 41 10.69 -1.20 4.08
CA LEU A 41 11.02 0.20 4.27
C LEU A 41 12.21 0.32 5.22
N GLN A 42 12.02 -0.20 6.43
CA GLN A 42 13.07 -0.16 7.43
C GLN A 42 14.00 1.03 7.18
N PRO A 43 13.42 2.25 7.32
CA PRO A 43 14.19 3.47 7.10
C PRO A 43 15.12 3.74 8.29
N GLU A 44 14.65 4.60 9.18
CA GLU A 44 15.43 4.96 10.36
C GLU A 44 14.71 6.03 11.16
N LEU A 45 13.38 5.96 11.15
CA LEU A 45 12.57 6.93 11.88
C LEU A 45 11.10 6.71 11.51
N HIS A 46 10.87 6.43 10.23
CA HIS A 46 9.52 6.19 9.75
C HIS A 46 8.62 7.35 10.18
N THR A 47 8.32 8.22 9.24
CA THR A 47 7.46 9.36 9.51
C THR A 47 6.31 9.43 8.50
N LYS A 48 5.35 10.27 8.82
CA LYS A 48 4.18 10.43 7.96
C LYS A 48 4.63 10.38 6.50
N GLU A 49 5.85 10.82 6.27
CA GLU A 49 6.40 10.84 4.92
C GLU A 49 6.43 9.41 4.35
N GLN A 50 6.98 8.50 5.13
CA GLN A 50 7.06 7.11 4.72
C GLN A 50 5.67 6.50 4.61
N ILE A 51 4.82 6.87 5.55
CA ILE A 51 3.45 6.37 5.58
C ILE A 51 2.76 6.74 4.25
N LEU A 52 2.74 8.02 3.97
CA LEU A 52 2.13 8.51 2.74
C LEU A 52 2.72 7.78 1.54
N GLU A 53 4.02 7.98 1.35
CA GLU A 53 4.72 7.34 0.25
C GLU A 53 4.25 5.90 0.08
N LEU A 54 3.96 5.27 1.21
CA LEU A 54 3.50 3.88 1.21
C LEU A 54 2.27 3.77 0.30
N LEU A 55 1.16 4.31 0.81
CA LEU A 55 -0.09 4.26 0.06
C LEU A 55 0.03 5.18 -1.16
N VAL A 56 0.64 6.33 -0.95
CA VAL A 56 0.83 7.29 -2.03
C VAL A 56 1.48 6.60 -3.22
N MET A 57 2.39 5.68 -2.91
CA MET A 57 3.10 4.95 -3.93
C MET A 57 2.15 4.00 -4.67
N GLU A 58 1.78 2.93 -3.99
CA GLU A 58 0.88 1.95 -4.57
C GLU A 58 -0.19 2.63 -5.42
N GLN A 59 -0.68 3.75 -4.91
CA GLN A 59 -1.70 4.51 -5.60
C GLN A 59 -1.09 5.28 -6.78
N PHE A 60 -0.06 6.04 -6.47
CA PHE A 60 0.62 6.83 -7.48
C PHE A 60 0.84 6.01 -8.75
N LEU A 61 0.87 4.70 -8.57
CA LEU A 61 1.08 3.79 -9.69
C LEU A 61 -0.28 3.49 -10.35
N THR A 62 -1.27 3.26 -9.51
CA THR A 62 -2.61 2.96 -9.99
C THR A 62 -3.13 4.11 -10.84
N ILE A 63 -2.68 5.31 -10.51
CA ILE A 63 -3.09 6.49 -11.24
C ILE A 63 -2.34 6.55 -12.58
N LEU A 64 -1.11 6.07 -12.54
CA LEU A 64 -0.28 6.06 -13.74
C LEU A 64 -0.50 4.75 -14.50
N PRO A 65 -0.12 4.78 -15.80
CA PRO A 65 -0.27 3.61 -16.66
C PRO A 65 0.78 2.55 -16.33
N GLU A 66 0.98 1.64 -17.28
CA GLU A 66 1.95 0.58 -17.10
C GLU A 66 3.35 1.06 -17.50
N GLU A 67 3.40 2.32 -17.93
CA GLU A 67 4.66 2.91 -18.34
C GLU A 67 5.69 2.82 -17.21
N ILE A 68 5.27 3.29 -16.04
CA ILE A 68 6.14 3.27 -14.88
C ILE A 68 6.52 1.82 -14.55
N GLN A 69 5.56 0.93 -14.77
CA GLN A 69 5.78 -0.49 -14.51
C GLN A 69 6.84 -1.04 -15.47
N ALA A 70 6.87 -0.47 -16.66
CA ALA A 70 7.82 -0.90 -17.67
C ALA A 70 9.23 -0.47 -17.25
N ARG A 71 9.34 0.80 -16.89
CA ARG A 71 10.62 1.35 -16.46
C ARG A 71 11.02 0.79 -15.10
N VAL A 72 10.01 0.30 -14.38
CA VAL A 72 10.24 -0.26 -13.07
C VAL A 72 10.91 -1.63 -13.21
N ARG A 73 10.38 -2.41 -14.13
CA ARG A 73 10.92 -3.75 -14.38
C ARG A 73 12.16 -3.65 -15.26
N HIS A 74 12.28 -2.54 -15.96
CA HIS A 74 13.41 -2.32 -16.84
C HIS A 74 14.52 -1.61 -16.07
N ARG A 75 14.20 -0.41 -15.61
CA ARG A 75 15.17 0.38 -14.86
C ARG A 75 15.06 0.07 -13.36
N CYS A 76 15.99 0.64 -12.61
CA CYS A 76 16.01 0.43 -11.17
C CYS A 76 15.45 1.68 -10.49
N LEU A 77 14.16 1.62 -10.18
CA LEU A 77 13.50 2.73 -9.53
C LEU A 77 13.38 2.46 -8.03
N MET A 78 13.12 3.52 -7.28
CA MET A 78 12.99 3.41 -5.84
C MET A 78 12.16 4.56 -5.28
N SER A 79 12.36 5.73 -5.86
CA SER A 79 11.64 6.92 -5.42
C SER A 79 10.59 7.31 -6.46
N SER A 80 9.39 7.59 -5.97
CA SER A 80 8.29 7.97 -6.83
C SER A 80 8.70 9.19 -7.67
N LYS A 81 9.73 9.87 -7.22
CA LYS A 81 10.22 11.04 -7.92
C LYS A 81 10.73 10.63 -9.30
N GLU A 82 11.56 9.59 -9.31
CA GLU A 82 12.13 9.10 -10.55
C GLU A 82 11.01 8.64 -11.50
N ILE A 83 10.02 7.98 -10.92
CA ILE A 83 8.89 7.49 -11.70
C ILE A 83 8.14 8.68 -12.29
N VAL A 84 7.62 9.52 -11.41
CA VAL A 84 6.87 10.70 -11.85
C VAL A 84 7.70 11.45 -12.89
N THR A 85 9.01 11.31 -12.78
CA THR A 85 9.92 11.97 -13.71
C THR A 85 9.83 11.34 -15.09
N LEU A 86 9.82 10.01 -15.10
CA LEU A 86 9.75 9.27 -16.35
C LEU A 86 8.47 9.66 -17.09
N VAL A 87 7.38 9.72 -16.34
CA VAL A 87 6.09 10.09 -16.90
C VAL A 87 6.15 11.53 -17.42
N GLU A 88 6.80 12.38 -16.64
CA GLU A 88 6.93 13.78 -17.00
C GLU A 88 7.73 13.91 -18.30
N ASP A 89 8.77 13.09 -18.41
CA ASP A 89 9.61 13.12 -19.59
C ASP A 89 8.81 12.65 -20.80
N PHE A 90 8.15 11.51 -20.63
CA PHE A 90 7.35 10.94 -21.70
C PHE A 90 6.42 12.00 -22.30
N HIS A 91 5.64 12.61 -21.43
CA HIS A 91 4.71 13.65 -21.85
C HIS A 91 5.46 14.72 -22.63
N ARG A 92 6.51 15.23 -22.00
CA ARG A 92 7.32 16.28 -22.63
C ARG A 92 8.24 16.92 -21.58
N ALA A 93 8.77 16.08 -20.71
CA ALA A 93 9.67 16.55 -19.67
C ALA A 93 9.26 17.96 -19.24
N SER A 94 10.01 18.93 -19.73
CA SER A 94 9.74 20.32 -19.42
C SER A 94 9.34 20.46 -17.95
N LYS A 95 10.31 20.20 -17.08
CA LYS A 95 10.08 20.29 -15.64
C LYS A 95 11.21 19.57 -14.91
N LYS A 96 11.00 19.38 -13.62
CA LYS A 96 11.98 18.70 -12.79
C LYS A 96 11.71 19.03 -11.31
N PRO A 97 11.58 20.36 -11.04
CA PRO A 97 11.32 20.83 -9.69
C PRO A 97 9.87 20.55 -9.27
N LYS A 98 9.63 20.64 -7.98
CA LYS A 98 8.30 20.40 -7.44
C LYS A 98 7.49 21.70 -7.50
N GLY B 1 -25.10 9.63 -16.12
CA GLY B 1 -24.00 9.10 -15.34
C GLY B 1 -24.25 7.64 -14.94
N SER B 2 -23.27 7.08 -14.26
CA SER B 2 -23.37 5.69 -13.82
C SER B 2 -22.28 5.40 -12.78
N LYS B 3 -22.68 4.66 -11.75
CA LYS B 3 -21.75 4.29 -10.69
C LYS B 3 -21.64 2.78 -10.62
N ASN B 4 -20.50 2.33 -10.09
CA ASN B 4 -20.26 0.89 -9.95
C ASN B 4 -19.22 0.67 -8.86
N CYS B 5 -19.48 -0.35 -8.05
CA CYS B 5 -18.58 -0.69 -6.97
C CYS B 5 -18.18 -2.16 -7.10
N PRO B 6 -17.04 -2.39 -7.81
CA PRO B 6 -16.55 -3.74 -8.02
C PRO B 6 -15.91 -4.30 -6.75
N ASP B 7 -15.81 -5.62 -6.70
CA ASP B 7 -15.24 -6.29 -5.56
C ASP B 7 -13.73 -6.01 -5.51
N PRO B 8 -13.06 -6.29 -6.66
CA PRO B 8 -11.63 -6.07 -6.77
C PRO B 8 -11.31 -4.58 -6.90
N GLU B 9 -10.75 -4.03 -5.84
CA GLU B 9 -10.39 -2.62 -5.82
C GLU B 9 -10.08 -2.16 -4.39
N LEU B 10 -8.97 -2.67 -3.87
CA LEU B 10 -8.55 -2.32 -2.53
C LEU B 10 -8.00 -0.88 -2.52
N CYS B 11 -6.98 -0.67 -3.33
CA CYS B 11 -6.37 0.64 -3.42
C CYS B 11 -7.34 1.58 -4.13
N ARG B 12 -8.00 1.04 -5.14
CA ARG B 12 -8.97 1.81 -5.90
C ARG B 12 -10.09 2.30 -4.99
N GLN B 13 -10.48 1.45 -4.06
CA GLN B 13 -11.54 1.79 -3.12
C GLN B 13 -11.03 2.78 -2.08
N SER B 14 -9.85 2.48 -1.55
CA SER B 14 -9.24 3.32 -0.55
C SER B 14 -9.31 4.80 -0.99
N PHE B 15 -8.92 5.02 -2.23
CA PHE B 15 -8.93 6.37 -2.79
C PHE B 15 -10.16 6.58 -3.68
N ARG B 16 -10.17 5.88 -4.80
CA ARG B 16 -11.27 5.98 -5.74
C ARG B 16 -10.80 5.59 -7.15
N ARG B 17 -9.80 6.32 -7.62
CA ARG B 17 -9.26 6.07 -8.95
C ARG B 17 -8.89 7.40 -9.62
N PHE B 18 -7.79 7.97 -9.17
CA PHE B 18 -7.32 9.22 -9.73
C PHE B 18 -7.12 9.12 -11.24
N CYS B 19 -6.17 8.28 -11.62
CA CYS B 19 -5.88 8.08 -13.04
C CYS B 19 -5.63 9.45 -13.68
N TYR B 20 -4.73 10.20 -13.06
CA TYR B 20 -4.40 11.53 -13.56
C TYR B 20 -5.66 12.37 -13.76
N GLN B 21 -6.56 12.26 -12.81
CA GLN B 21 -7.81 13.00 -12.87
C GLN B 21 -7.56 14.49 -12.60
N GLU B 22 -7.41 14.82 -11.33
CA GLU B 22 -7.17 16.19 -10.94
C GLU B 22 -5.72 16.58 -11.24
N VAL B 23 -4.84 15.59 -11.16
CA VAL B 23 -3.43 15.82 -11.44
C VAL B 23 -3.28 17.01 -12.39
N SER B 24 -2.63 18.04 -11.89
CA SER B 24 -2.40 19.23 -12.68
C SER B 24 -0.97 19.27 -13.20
N GLY B 25 -0.30 18.14 -13.06
CA GLY B 25 1.08 18.01 -13.51
C GLY B 25 1.59 16.57 -13.32
N PRO B 26 2.94 16.47 -13.20
CA PRO B 26 3.57 15.17 -13.00
C PRO B 26 3.35 14.66 -11.58
N GLN B 27 4.18 15.16 -10.67
CA GLN B 27 4.08 14.76 -9.28
C GLN B 27 2.71 15.12 -8.71
N GLU B 28 1.98 15.92 -9.47
CA GLU B 28 0.66 16.34 -9.06
C GLU B 28 -0.17 15.14 -8.59
N ALA B 29 0.23 13.97 -9.09
CA ALA B 29 -0.46 12.74 -8.74
C ALA B 29 -0.33 12.51 -7.23
N LEU B 30 0.91 12.42 -6.78
CA LEU B 30 1.17 12.20 -5.37
C LEU B 30 0.60 13.36 -4.55
N SER B 31 0.52 14.52 -5.20
CA SER B 31 -0.01 15.70 -4.56
C SER B 31 -1.39 15.42 -3.98
N GLN B 32 -2.33 15.15 -4.89
CA GLN B 32 -3.69 14.87 -4.48
C GLN B 32 -3.73 13.62 -3.60
N LEU B 33 -3.16 12.54 -4.11
CA LEU B 33 -3.12 11.29 -3.37
C LEU B 33 -2.53 11.54 -1.98
N ARG B 34 -1.28 11.98 -1.98
CA ARG B 34 -0.59 12.26 -0.74
C ARG B 34 -1.55 12.92 0.27
N GLN B 35 -2.41 13.77 -0.26
CA GLN B 35 -3.38 14.47 0.57
C GLN B 35 -4.36 13.47 1.20
N LEU B 36 -4.86 12.56 0.37
CA LEU B 36 -5.79 11.56 0.84
C LEU B 36 -5.03 10.50 1.65
N CYS B 37 -3.82 10.21 1.21
CA CYS B 37 -2.98 9.23 1.87
C CYS B 37 -2.85 9.65 3.35
N ARG B 38 -2.36 10.85 3.55
CA ARG B 38 -2.17 11.37 4.89
C ARG B 38 -3.52 11.42 5.63
N GLN B 39 -4.55 11.79 4.88
CA GLN B 39 -5.89 11.88 5.45
C GLN B 39 -6.44 10.49 5.72
N TRP B 40 -5.73 9.49 5.21
CA TRP B 40 -6.15 8.10 5.38
C TRP B 40 -5.58 7.62 6.72
N LEU B 41 -4.27 7.75 6.85
CA LEU B 41 -3.60 7.32 8.08
C LEU B 41 -3.60 8.47 9.08
N GLN B 42 -2.90 9.53 8.73
CA GLN B 42 -2.81 10.70 9.59
C GLN B 42 -2.68 10.27 11.05
N PRO B 43 -1.64 9.43 11.32
CA PRO B 43 -1.41 8.94 12.66
C PRO B 43 -0.80 10.03 13.54
N GLU B 44 -0.39 9.62 14.74
CA GLU B 44 0.21 10.56 15.68
C GLU B 44 1.66 10.16 15.97
N LEU B 45 1.94 8.88 15.75
CA LEU B 45 3.27 8.36 15.99
C LEU B 45 3.95 8.09 14.64
N HIS B 46 3.17 8.22 13.58
CA HIS B 46 3.67 7.99 12.24
C HIS B 46 5.06 7.34 12.32
N THR B 47 5.07 6.13 12.87
CA THR B 47 6.31 5.39 13.01
C THR B 47 6.19 4.01 12.36
N LYS B 48 7.29 3.29 12.37
CA LYS B 48 7.33 1.95 11.79
C LYS B 48 5.98 1.27 12.05
N GLU B 49 5.35 1.66 13.14
CA GLU B 49 4.07 1.09 13.51
C GLU B 49 3.04 1.31 12.40
N GLN B 50 2.89 2.58 12.04
CA GLN B 50 1.95 2.94 10.99
C GLN B 50 2.43 2.41 9.64
N ILE B 51 3.70 2.67 9.36
CA ILE B 51 4.30 2.23 8.10
C ILE B 51 4.07 0.72 7.95
N LEU B 52 4.63 -0.03 8.89
CA LEU B 52 4.49 -1.48 8.86
C LEU B 52 3.03 -1.85 8.61
N GLU B 53 2.20 -1.53 9.58
CA GLU B 53 0.78 -1.82 9.47
C GLU B 53 0.28 -1.53 8.06
N LEU B 54 0.85 -0.50 7.46
CA LEU B 54 0.48 -0.11 6.11
C LEU B 54 0.65 -1.31 5.17
N LEU B 55 1.91 -1.69 4.96
CA LEU B 55 2.23 -2.81 4.11
C LEU B 55 1.59 -4.08 4.68
N VAL B 56 1.83 -4.30 5.95
CA VAL B 56 1.30 -5.48 6.64
C VAL B 56 -0.18 -5.63 6.26
N MET B 57 -0.86 -4.50 6.15
CA MET B 57 -2.27 -4.50 5.81
C MET B 57 -2.48 -4.96 4.36
N GLU B 58 -2.11 -4.08 3.44
CA GLU B 58 -2.25 -4.37 2.02
C GLU B 58 -1.93 -5.84 1.76
N GLN B 59 -0.91 -6.33 2.44
CA GLN B 59 -0.50 -7.72 2.29
C GLN B 59 -1.44 -8.64 3.06
N PHE B 60 -1.44 -8.47 4.38
CA PHE B 60 -2.28 -9.28 5.24
C PHE B 60 -3.69 -9.41 4.66
N LEU B 61 -4.06 -8.44 3.85
CA LEU B 61 -5.37 -8.44 3.22
C LEU B 61 -5.32 -9.30 1.96
N THR B 62 -4.24 -9.17 1.22
CA THR B 62 -4.06 -9.93 0.00
C THR B 62 -3.97 -11.43 0.31
N ILE B 63 -3.47 -11.72 1.50
CA ILE B 63 -3.31 -13.10 1.93
C ILE B 63 -4.69 -13.65 2.34
N LEU B 64 -5.43 -12.84 3.07
CA LEU B 64 -6.74 -13.23 3.53
C LEU B 64 -7.73 -13.20 2.35
N PRO B 65 -8.86 -13.90 2.54
CA PRO B 65 -9.89 -13.96 1.50
C PRO B 65 -10.67 -12.65 1.43
N GLU B 66 -11.86 -12.74 0.86
CA GLU B 66 -12.71 -11.58 0.72
C GLU B 66 -13.59 -11.41 1.96
N GLU B 67 -13.72 -12.49 2.70
CA GLU B 67 -14.52 -12.48 3.91
C GLU B 67 -14.16 -11.27 4.78
N ILE B 68 -12.86 -11.11 4.99
CA ILE B 68 -12.36 -10.02 5.80
C ILE B 68 -12.58 -8.70 5.06
N GLN B 69 -12.43 -8.77 3.74
CA GLN B 69 -12.61 -7.60 2.90
C GLN B 69 -14.04 -7.06 3.05
N ALA B 70 -14.95 -7.96 3.37
CA ALA B 70 -16.34 -7.59 3.54
C ALA B 70 -16.54 -6.98 4.94
N ARG B 71 -16.04 -7.71 5.94
CA ARG B 71 -16.15 -7.26 7.31
C ARG B 71 -15.40 -5.94 7.51
N VAL B 72 -14.36 -5.77 6.70
CA VAL B 72 -13.55 -4.58 6.77
C VAL B 72 -14.19 -3.47 5.93
N ARG B 73 -14.62 -3.87 4.73
CA ARG B 73 -15.26 -2.93 3.82
C ARG B 73 -16.37 -2.15 4.54
N HIS B 74 -17.11 -2.88 5.36
CA HIS B 74 -18.21 -2.28 6.11
C HIS B 74 -17.69 -1.08 6.89
N ARG B 75 -18.54 -0.56 7.76
CA ARG B 75 -18.18 0.59 8.58
C ARG B 75 -18.04 0.18 10.04
N CYS B 76 -16.79 0.02 10.46
CA CYS B 76 -16.51 -0.37 11.83
C CYS B 76 -15.01 -0.69 11.93
N LEU B 77 -14.21 0.17 11.31
CA LEU B 77 -12.77 -0.01 11.33
C LEU B 77 -12.24 0.30 12.72
N MET B 78 -11.33 -0.56 13.18
CA MET B 78 -10.74 -0.39 14.50
C MET B 78 -9.33 -0.96 14.54
N SER B 79 -9.26 -2.27 14.77
CA SER B 79 -7.98 -2.96 14.83
C SER B 79 -8.00 -4.20 13.93
N SER B 80 -6.85 -4.47 13.34
CA SER B 80 -6.72 -5.63 12.46
C SER B 80 -6.85 -6.92 13.27
N LYS B 81 -6.86 -6.76 14.59
CA LYS B 81 -6.97 -7.90 15.48
C LYS B 81 -8.30 -8.62 15.22
N GLU B 82 -9.36 -7.82 15.17
CA GLU B 82 -10.69 -8.36 14.92
C GLU B 82 -10.75 -9.04 13.56
N ILE B 83 -10.01 -8.48 12.62
CA ILE B 83 -9.96 -9.02 11.27
C ILE B 83 -9.37 -10.44 11.32
N VAL B 84 -8.09 -10.51 11.65
CA VAL B 84 -7.40 -11.78 11.73
C VAL B 84 -8.22 -12.74 12.61
N THR B 85 -8.97 -12.15 13.53
CA THR B 85 -9.80 -12.94 14.44
C THR B 85 -10.91 -13.64 13.67
N LEU B 86 -11.56 -12.88 12.79
CA LEU B 86 -12.65 -13.41 12.00
C LEU B 86 -12.11 -14.54 11.11
N VAL B 87 -10.95 -14.31 10.54
CA VAL B 87 -10.32 -15.29 9.67
C VAL B 87 -10.01 -16.54 10.48
N GLU B 88 -9.58 -16.33 11.72
CA GLU B 88 -9.25 -17.43 12.60
C GLU B 88 -10.52 -18.23 12.95
N ASP B 89 -11.60 -17.51 13.14
CA ASP B 89 -12.87 -18.12 13.47
C ASP B 89 -13.38 -18.92 12.27
N PHE B 90 -13.04 -18.43 11.10
CA PHE B 90 -13.45 -19.08 9.86
C PHE B 90 -12.52 -20.24 9.52
N HIS B 91 -11.27 -20.11 9.93
CA HIS B 91 -10.28 -21.13 9.67
C HIS B 91 -10.41 -22.24 10.72
N ARG B 92 -11.02 -21.88 11.84
CA ARG B 92 -11.22 -22.83 12.92
C ARG B 92 -12.61 -23.45 12.83
N ALA B 93 -13.61 -22.60 12.90
CA ALA B 93 -15.00 -23.05 12.83
C ALA B 93 -15.17 -24.28 13.72
N SER B 94 -16.23 -25.02 13.45
CA SER B 94 -16.52 -26.21 14.22
C SER B 94 -17.00 -25.84 15.62
N LYS B 95 -17.60 -24.65 15.71
CA LYS B 95 -18.11 -24.16 16.99
C LYS B 95 -16.95 -23.61 17.81
N LYS B 96 -17.08 -22.35 18.19
CA LYS B 96 -16.06 -21.68 18.97
C LYS B 96 -16.70 -20.57 19.82
N PRO B 97 -17.09 -20.95 21.06
CA PRO B 97 -17.71 -20.00 21.97
C PRO B 97 -16.68 -19.03 22.54
N LYS B 98 -17.11 -17.79 22.73
CA LYS B 98 -16.24 -16.77 23.27
C LYS B 98 -15.99 -17.04 24.76
#